data_3DJC
#
_entry.id   3DJC
#
_cell.length_a   95.394
_cell.length_b   134.571
_cell.length_c   134.404
_cell.angle_alpha   90.00
_cell.angle_beta   93.24
_cell.angle_gamma   90.00
#
_symmetry.space_group_name_H-M   'P 1 21 1'
#
loop_
_entity.id
_entity.type
_entity.pdbx_description
1 polymer 'Type III pantothenate kinase'
2 non-polymer GLYCEROL
3 water water
#
_entity_poly.entity_id   1
_entity_poly.type   'polypeptide(L)'
_entity_poly.pdbx_seq_one_letter_code
;MSLILCIDVGNSHIYGGVFDGDEIKLRFRHTSKVSTSDELGIFLKSVLRENNCSPETIRKIAICSVVPQVDYSLRSACVK
YFSIDPFLLQAGVKTGLNIKYRNPVEVGADRIANAIAATHSFPNQNIIVIDFGTATTFCAISHKKAYLGGAILPGLRLSA
DALSKNTAKLPSVEIIKTESVVGRSTIESIQSGVYYGVLGACKELIQRIHHEAFNGDQILILATGGFASLFDKQGLYDHL
VPDLVLQGIRLAAMMNTAEGHHHHHH
;
_entity_poly.pdbx_strand_id   A,B,C,D,E,F,G,H,I,J,K,L
#
loop_
_chem_comp.id
_chem_comp.type
_chem_comp.name
_chem_comp.formula
GOL non-polymer GLYCEROL 'C3 H8 O3'
#
# COMPACT_ATOMS: atom_id res chain seq x y z
N LEU A 3 -60.08 -9.75 -7.08
CA LEU A 3 -59.43 -9.16 -5.88
C LEU A 3 -57.93 -9.48 -5.78
N ILE A 4 -57.13 -8.42 -5.72
CA ILE A 4 -55.68 -8.51 -5.63
C ILE A 4 -55.23 -8.21 -4.18
N LEU A 5 -54.34 -9.06 -3.66
CA LEU A 5 -53.77 -8.87 -2.33
C LEU A 5 -52.30 -8.42 -2.48
N CYS A 6 -51.98 -7.24 -1.96
CA CYS A 6 -50.62 -6.69 -2.05
C CYS A 6 -49.92 -6.78 -0.70
N ILE A 7 -48.65 -7.14 -0.70
CA ILE A 7 -47.87 -7.29 0.54
C ILE A 7 -46.51 -6.59 0.45
N ASP A 8 -46.25 -5.70 1.40
CA ASP A 8 -44.94 -5.09 1.55
C ASP A 8 -44.26 -5.58 2.83
N VAL A 9 -43.22 -6.38 2.67
CA VAL A 9 -42.45 -6.88 3.81
C VAL A 9 -41.35 -5.90 4.20
N GLY A 10 -41.67 -4.97 5.10
CA GLY A 10 -40.69 -4.06 5.64
C GLY A 10 -39.89 -4.66 6.78
N ASN A 11 -39.03 -3.86 7.38
CA ASN A 11 -38.16 -4.33 8.45
C ASN A 11 -38.85 -4.33 9.81
N SER A 12 -39.69 -3.31 10.03
CA SER A 12 -40.56 -3.28 11.20
C SER A 12 -41.77 -4.20 10.97
N HIS A 13 -42.55 -3.90 9.93
CA HIS A 13 -43.84 -4.54 9.67
C HIS A 13 -43.94 -5.17 8.27
N ILE A 14 -44.59 -6.34 8.21
CA ILE A 14 -45.18 -6.85 6.97
C ILE A 14 -46.52 -6.13 6.79
N TYR A 15 -46.68 -5.40 5.71
CA TYR A 15 -47.86 -4.55 5.53
C TYR A 15 -48.61 -4.92 4.25
N GLY A 16 -49.91 -5.10 4.40
CA GLY A 16 -50.73 -5.61 3.32
C GLY A 16 -52.05 -4.89 3.16
N GLY A 17 -52.65 -5.05 1.98
CA GLY A 17 -53.97 -4.54 1.68
C GLY A 17 -54.64 -5.20 0.49
N VAL A 18 -55.97 -5.30 0.54
CA VAL A 18 -56.75 -5.79 -0.60
C VAL A 18 -57.41 -4.65 -1.38
N PHE A 19 -57.21 -4.66 -2.69
CA PHE A 19 -57.77 -3.67 -3.59
C PHE A 19 -59.03 -4.20 -4.26
N ASP A 20 -60.16 -3.56 -3.95
CA ASP A 20 -61.41 -3.78 -4.64
C ASP A 20 -61.39 -2.89 -5.90
N GLY A 21 -60.75 -3.40 -6.94
CA GLY A 21 -60.49 -2.62 -8.14
C GLY A 21 -59.42 -1.58 -7.90
N ASP A 22 -59.80 -0.31 -8.00
CA ASP A 22 -58.88 0.81 -7.87
C ASP A 22 -58.61 1.17 -6.41
N GLU A 23 -59.61 1.01 -5.56
CA GLU A 23 -59.56 1.47 -4.17
C GLU A 23 -59.33 0.35 -3.15
N ILE A 24 -58.69 0.70 -2.03
CA ILE A 24 -58.42 -0.23 -0.93
C ILE A 24 -59.70 -0.52 -0.12
N LYS A 25 -59.98 -1.80 0.08
CA LYS A 25 -61.14 -2.20 0.87
C LYS A 25 -60.75 -2.51 2.32
N LEU A 26 -59.52 -2.99 2.49
CA LEU A 26 -59.00 -3.37 3.80
C LEU A 26 -57.48 -3.27 3.83
N ARG A 27 -56.92 -2.90 4.98
CA ARG A 27 -55.47 -2.97 5.21
C ARG A 27 -55.15 -3.68 6.53
N PHE A 28 -54.01 -4.37 6.56
CA PHE A 28 -53.56 -5.12 7.75
C PHE A 28 -52.05 -5.05 7.94
N ARG A 29 -51.61 -5.23 9.19
CA ARG A 29 -50.19 -5.22 9.52
C ARG A 29 -49.80 -6.45 10.37
N HIS A 30 -48.62 -7.01 10.08
CA HIS A 30 -48.08 -8.17 10.78
C HIS A 30 -46.61 -7.92 11.07
N THR A 31 -46.16 -8.38 12.24
CA THR A 31 -44.76 -8.31 12.64
C THR A 31 -43.91 -9.10 11.65
N SER A 32 -42.85 -8.48 11.15
CA SER A 32 -41.88 -9.18 10.31
C SER A 32 -40.86 -9.93 11.16
N LYS A 33 -41.34 -10.90 11.92
CA LYS A 33 -40.47 -11.94 12.48
C LYS A 33 -40.13 -13.00 11.43
N VAL A 34 -39.54 -14.10 11.88
CA VAL A 34 -39.27 -15.23 11.02
C VAL A 34 -40.30 -16.33 11.22
N SER A 35 -41.51 -16.12 10.70
CA SER A 35 -42.59 -17.09 10.84
C SER A 35 -42.56 -18.11 9.71
N THR A 36 -43.43 -19.11 9.81
CA THR A 36 -43.50 -20.18 8.82
CA THR A 36 -43.49 -20.17 8.80
C THR A 36 -44.62 -19.91 7.81
N SER A 37 -44.64 -20.70 6.73
CA SER A 37 -45.68 -20.66 5.72
C SER A 37 -47.05 -20.99 6.30
N ASP A 38 -47.06 -21.82 7.33
CA ASP A 38 -48.27 -22.19 8.05
C ASP A 38 -48.72 -21.07 9.00
N GLU A 39 -47.76 -20.44 9.67
CA GLU A 39 -48.03 -19.31 10.56
C GLU A 39 -48.55 -18.09 9.81
N LEU A 40 -47.94 -17.82 8.65
CA LEU A 40 -48.35 -16.72 7.77
C LEU A 40 -49.61 -17.07 6.96
N GLY A 41 -49.86 -18.36 6.75
CA GLY A 41 -51.06 -18.83 6.05
C GLY A 41 -52.33 -18.70 6.88
N ILE A 42 -52.22 -19.10 8.15
CA ILE A 42 -53.30 -18.98 9.13
C ILE A 42 -53.68 -17.52 9.37
N PHE A 43 -52.66 -16.67 9.52
CA PHE A 43 -52.86 -15.23 9.75
C PHE A 43 -53.55 -14.53 8.57
N LEU A 44 -53.07 -14.79 7.36
CA LEU A 44 -53.58 -14.12 6.15
C LEU A 44 -55.04 -14.43 5.89
N LYS A 45 -55.40 -15.70 6.00
CA LYS A 45 -56.80 -16.14 5.86
C LYS A 45 -57.71 -15.55 6.94
N SER A 46 -57.21 -15.57 8.17
CA SER A 46 -57.97 -15.08 9.33
C SER A 46 -58.15 -13.57 9.28
N VAL A 47 -57.12 -12.84 8.86
CA VAL A 47 -57.23 -11.36 8.79
C VAL A 47 -58.21 -10.89 7.72
N LEU A 48 -58.35 -11.68 6.67
CA LEU A 48 -59.43 -11.51 5.71
C LEU A 48 -60.77 -11.89 6.36
N ARG A 49 -60.88 -13.11 6.87
CA ARG A 49 -62.13 -13.65 7.43
C ARG A 49 -62.70 -12.91 8.65
N GLU A 50 -61.83 -12.27 9.43
CA GLU A 50 -62.28 -11.46 10.59
C GLU A 50 -62.49 -9.99 10.22
N ASN A 51 -62.52 -9.69 8.93
CA ASN A 51 -62.72 -8.32 8.44
C ASN A 51 -63.70 -8.25 7.25
N ASN A 52 -64.72 -9.10 7.28
CA ASN A 52 -65.79 -9.18 6.27
C ASN A 52 -65.33 -9.46 4.83
N CYS A 53 -64.17 -10.10 4.72
CA CYS A 53 -63.59 -10.42 3.43
C CYS A 53 -63.27 -11.90 3.38
N SER A 54 -64.01 -12.65 2.57
CA SER A 54 -63.77 -14.09 2.45
C SER A 54 -62.43 -14.37 1.75
N PRO A 55 -61.58 -15.27 2.34
CA PRO A 55 -60.29 -15.65 1.75
C PRO A 55 -60.34 -16.11 0.30
N GLU A 56 -61.41 -16.81 -0.07
CA GLU A 56 -61.59 -17.38 -1.41
CA GLU A 56 -61.56 -17.39 -1.41
C GLU A 56 -61.89 -16.34 -2.50
N THR A 57 -62.26 -15.13 -2.08
CA THR A 57 -62.51 -14.02 -3.02
C THR A 57 -61.19 -13.44 -3.59
N ILE A 58 -60.08 -13.71 -2.91
CA ILE A 58 -58.74 -13.27 -3.35
C ILE A 58 -58.23 -14.10 -4.54
N ARG A 59 -58.05 -13.47 -5.69
CA ARG A 59 -57.62 -14.16 -6.91
C ARG A 59 -56.16 -13.92 -7.30
N LYS A 60 -55.55 -12.88 -6.74
CA LYS A 60 -54.15 -12.54 -7.02
C LYS A 60 -53.39 -12.16 -5.75
N ILE A 61 -52.09 -12.42 -5.74
CA ILE A 61 -51.20 -11.94 -4.68
C ILE A 61 -49.95 -11.29 -5.29
N ALA A 62 -49.58 -10.10 -4.80
CA ALA A 62 -48.36 -9.42 -5.23
C ALA A 62 -47.46 -9.12 -4.02
N ILE A 63 -46.16 -9.31 -4.19
CA ILE A 63 -45.24 -9.33 -3.06
C ILE A 63 -44.14 -8.29 -3.22
N CYS A 64 -44.13 -7.30 -2.34
CA CYS A 64 -43.02 -6.36 -2.25
C CYS A 64 -42.22 -6.58 -0.97
N SER A 65 -40.94 -6.89 -1.13
CA SER A 65 -40.26 -7.83 -0.23
C SER A 65 -38.81 -7.40 0.00
N VAL A 66 -38.57 -6.71 1.11
CA VAL A 66 -37.28 -6.07 1.35
C VAL A 66 -36.48 -6.83 2.40
N VAL A 67 -37.01 -7.99 2.82
CA VAL A 67 -36.36 -8.78 3.86
C VAL A 67 -36.36 -10.27 3.50
N PRO A 68 -35.19 -10.75 3.08
CA PRO A 68 -35.11 -12.02 2.34
C PRO A 68 -35.33 -13.22 3.24
N GLN A 69 -35.05 -13.07 4.53
CA GLN A 69 -35.33 -14.12 5.52
C GLN A 69 -36.82 -14.40 5.67
N VAL A 70 -37.66 -13.44 5.27
CA VAL A 70 -39.12 -13.57 5.27
C VAL A 70 -39.63 -14.22 3.96
N ASP A 71 -38.88 -14.03 2.88
CA ASP A 71 -39.33 -14.34 1.51
C ASP A 71 -39.79 -15.77 1.22
N TYR A 72 -39.08 -16.76 1.75
CA TYR A 72 -39.35 -18.17 1.46
C TYR A 72 -40.71 -18.65 1.99
N SER A 73 -41.01 -18.32 3.24
CA SER A 73 -42.23 -18.80 3.90
CA SER A 73 -42.22 -18.78 3.90
C SER A 73 -43.47 -18.08 3.38
N LEU A 74 -43.31 -16.82 2.97
CA LEU A 74 -44.45 -16.05 2.48
C LEU A 74 -44.96 -16.52 1.13
N ARG A 75 -44.04 -16.87 0.23
CA ARG A 75 -44.39 -17.43 -1.08
C ARG A 75 -45.00 -18.81 -0.90
N SER A 76 -44.45 -19.56 0.05
CA SER A 76 -44.89 -20.93 0.32
C SER A 76 -46.26 -20.96 1.00
N ALA A 77 -46.55 -19.94 1.82
CA ALA A 77 -47.86 -19.75 2.44
C ALA A 77 -48.97 -19.63 1.39
N CYS A 78 -48.70 -18.80 0.39
CA CYS A 78 -49.66 -18.43 -0.64
C CYS A 78 -50.07 -19.60 -1.55
N VAL A 79 -49.11 -20.44 -1.93
CA VAL A 79 -49.40 -21.61 -2.77
C VAL A 79 -50.17 -22.72 -2.04
N LYS A 80 -49.97 -22.80 -0.72
CA LYS A 80 -50.61 -23.80 0.11
C LYS A 80 -52.03 -23.39 0.49
N TYR A 81 -52.21 -22.11 0.84
CA TYR A 81 -53.46 -21.60 1.42
C TYR A 81 -54.35 -20.82 0.47
N PHE A 82 -53.81 -20.44 -0.69
CA PHE A 82 -54.57 -19.65 -1.67
C PHE A 82 -54.44 -20.19 -3.08
N SER A 83 -53.50 -21.13 -3.25
CA SER A 83 -53.18 -21.73 -4.56
C SER A 83 -52.67 -20.73 -5.60
N ILE A 84 -52.19 -19.58 -5.12
CA ILE A 84 -51.65 -18.55 -5.98
C ILE A 84 -50.14 -18.49 -5.78
N ASP A 85 -49.40 -18.77 -6.85
CA ASP A 85 -47.99 -18.42 -6.90
C ASP A 85 -47.96 -16.92 -7.16
N PRO A 86 -47.51 -16.15 -6.16
CA PRO A 86 -47.64 -14.69 -6.22
C PRO A 86 -46.64 -14.02 -7.16
N PHE A 87 -47.00 -12.84 -7.67
CA PHE A 87 -46.05 -12.02 -8.42
C PHE A 87 -45.03 -11.42 -7.44
N LEU A 88 -43.76 -11.44 -7.81
CA LEU A 88 -42.66 -10.94 -6.97
C LEU A 88 -42.01 -9.72 -7.58
N LEU A 89 -41.89 -8.64 -6.79
CA LEU A 89 -41.24 -7.42 -7.28
C LEU A 89 -39.73 -7.49 -7.06
N GLN A 90 -39.02 -8.00 -8.07
CA GLN A 90 -37.58 -8.23 -7.97
C GLN A 90 -36.83 -7.44 -9.05
N ALA A 91 -35.78 -8.06 -9.59
CA ALA A 91 -35.06 -7.50 -10.74
C ALA A 91 -35.40 -8.32 -11.97
N GLY A 92 -35.53 -7.63 -13.11
CA GLY A 92 -35.91 -8.28 -14.36
C GLY A 92 -37.40 -8.21 -14.66
N VAL A 93 -38.18 -7.71 -13.70
CA VAL A 93 -39.61 -7.49 -13.90
C VAL A 93 -39.83 -6.16 -14.62
N LYS A 94 -41.04 -5.96 -15.16
CA LYS A 94 -41.40 -4.68 -15.77
C LYS A 94 -41.66 -3.66 -14.65
N THR A 95 -40.96 -2.53 -14.70
CA THR A 95 -41.14 -1.44 -13.72
C THR A 95 -41.53 -0.13 -14.40
N GLY A 96 -41.09 0.04 -15.65
CA GLY A 96 -41.36 1.26 -16.40
C GLY A 96 -40.37 2.37 -16.14
N LEU A 97 -39.42 2.11 -15.25
CA LEU A 97 -38.45 3.12 -14.80
C LEU A 97 -37.05 2.85 -15.34
N ASN A 98 -36.30 3.93 -15.57
CA ASN A 98 -34.89 3.83 -15.94
C ASN A 98 -34.04 4.02 -14.68
N ILE A 99 -33.53 2.92 -14.12
CA ILE A 99 -32.73 3.00 -12.89
C ILE A 99 -31.30 3.44 -13.21
N LYS A 100 -30.90 4.57 -12.63
CA LYS A 100 -29.57 5.17 -12.85
C LYS A 100 -28.52 4.80 -11.79
N TYR A 101 -28.75 3.68 -11.11
CA TYR A 101 -27.78 3.10 -10.20
C TYR A 101 -26.68 2.40 -10.99
N ARG A 102 -25.49 2.30 -10.39
CA ARG A 102 -24.38 1.55 -10.96
C ARG A 102 -24.72 0.07 -10.96
N ASN A 103 -25.18 -0.40 -9.81
CA ASN A 103 -25.79 -1.70 -9.67
C ASN A 103 -27.26 -1.47 -9.33
N PRO A 104 -28.15 -1.56 -10.34
CA PRO A 104 -29.60 -1.39 -10.19
C PRO A 104 -30.28 -2.41 -9.27
N VAL A 105 -29.60 -3.53 -9.03
CA VAL A 105 -30.04 -4.57 -8.08
C VAL A 105 -30.07 -4.04 -6.64
N GLU A 106 -29.17 -3.10 -6.33
CA GLU A 106 -29.06 -2.47 -5.00
C GLU A 106 -30.29 -1.67 -4.58
N VAL A 107 -31.10 -1.24 -5.55
CA VAL A 107 -32.35 -0.54 -5.26
C VAL A 107 -33.35 -1.53 -4.68
N GLY A 108 -33.81 -1.22 -3.47
CA GLY A 108 -34.85 -2.00 -2.81
C GLY A 108 -36.16 -1.91 -3.55
N ALA A 109 -36.98 -2.95 -3.41
CA ALA A 109 -38.24 -3.08 -4.11
C ALA A 109 -39.29 -2.06 -3.67
N ASP A 110 -39.16 -1.56 -2.44
CA ASP A 110 -40.11 -0.60 -1.89
C ASP A 110 -39.94 0.81 -2.42
N ARG A 111 -38.74 1.13 -2.90
CA ARG A 111 -38.43 2.42 -3.53
C ARG A 111 -38.85 2.42 -4.98
N ILE A 112 -38.71 1.25 -5.60
CA ILE A 112 -39.17 0.99 -6.95
C ILE A 112 -40.71 1.04 -7.00
N ALA A 113 -41.37 0.39 -6.04
CA ALA A 113 -42.82 0.44 -5.90
C ALA A 113 -43.31 1.86 -5.62
N ASN A 114 -42.58 2.57 -4.77
CA ASN A 114 -42.87 3.99 -4.53
C ASN A 114 -42.69 4.84 -5.78
N ALA A 115 -41.69 4.53 -6.60
CA ALA A 115 -41.43 5.29 -7.84
C ALA A 115 -42.40 4.93 -8.96
N ILE A 116 -42.94 3.72 -8.95
CA ILE A 116 -43.93 3.30 -9.94
C ILE A 116 -45.22 4.06 -9.68
N ALA A 117 -45.63 4.08 -8.41
CA ALA A 117 -46.85 4.72 -7.97
C ALA A 117 -46.82 6.26 -7.98
N ALA A 118 -45.64 6.85 -7.79
CA ALA A 118 -45.50 8.30 -7.79
C ALA A 118 -45.60 8.85 -9.21
N THR A 119 -44.99 8.12 -10.15
CA THR A 119 -44.98 8.49 -11.56
C THR A 119 -46.27 8.11 -12.28
N HIS A 120 -47.13 7.36 -11.58
CA HIS A 120 -48.41 6.94 -12.11
C HIS A 120 -49.47 7.92 -11.67
N SER A 121 -49.40 8.31 -10.39
CA SER A 121 -50.29 9.30 -9.80
C SER A 121 -50.01 10.67 -10.37
N PHE A 122 -48.73 11.03 -10.47
CA PHE A 122 -48.33 12.34 -11.00
C PHE A 122 -47.34 12.17 -12.16
N PRO A 123 -47.84 11.74 -13.33
CA PRO A 123 -47.08 11.34 -14.51
C PRO A 123 -45.91 12.23 -14.99
N ASN A 124 -46.18 13.48 -15.33
CA ASN A 124 -45.24 14.28 -16.13
C ASN A 124 -44.25 15.17 -15.39
N GLN A 125 -44.18 15.03 -14.07
CA GLN A 125 -43.39 15.93 -13.25
C GLN A 125 -42.17 15.26 -12.64
N ASN A 126 -41.09 16.03 -12.45
CA ASN A 126 -39.96 15.61 -11.61
C ASN A 126 -40.47 15.46 -10.19
N ILE A 127 -40.11 14.36 -9.53
CA ILE A 127 -40.57 14.08 -8.15
C ILE A 127 -39.41 13.77 -7.21
N ILE A 128 -39.49 14.32 -5.99
CA ILE A 128 -38.71 13.85 -4.85
C ILE A 128 -39.67 13.16 -3.90
N VAL A 129 -39.61 11.83 -3.86
CA VAL A 129 -40.43 11.08 -2.89
C VAL A 129 -39.66 10.87 -1.56
N ILE A 130 -40.35 11.15 -0.44
CA ILE A 130 -39.82 10.96 0.91
C ILE A 130 -40.63 9.89 1.65
N ASP A 131 -39.92 8.94 2.27
CA ASP A 131 -40.58 7.89 3.02
C ASP A 131 -40.21 7.95 4.51
N PHE A 132 -41.01 8.68 5.28
CA PHE A 132 -40.89 8.75 6.75
C PHE A 132 -41.25 7.42 7.43
N GLY A 133 -40.42 6.40 7.25
CA GLY A 133 -40.64 5.10 7.88
C GLY A 133 -39.49 4.71 8.79
N THR A 134 -39.12 3.43 8.78
CA THR A 134 -38.01 2.88 9.57
C THR A 134 -36.74 3.73 9.38
N ALA A 135 -36.31 3.80 8.14
CA ALA A 135 -35.39 4.82 7.67
C ALA A 135 -36.19 5.93 6.98
N THR A 136 -35.64 7.14 6.93
CA THR A 136 -36.25 8.26 6.20
C THR A 136 -35.50 8.43 4.88
N THR A 137 -36.14 8.00 3.79
CA THR A 137 -35.50 8.00 2.48
C THR A 137 -35.94 9.18 1.62
N PHE A 138 -35.05 9.62 0.74
CA PHE A 138 -35.35 10.68 -0.22
C PHE A 138 -34.99 10.11 -1.58
N CYS A 139 -35.97 9.89 -2.45
CA CYS A 139 -35.67 9.40 -3.79
C CYS A 139 -35.89 10.50 -4.83
N ALA A 140 -35.05 10.51 -5.88
CA ALA A 140 -35.18 11.49 -6.97
C ALA A 140 -35.64 10.79 -8.24
N ILE A 141 -36.82 11.18 -8.72
CA ILE A 141 -37.36 10.66 -9.98
C ILE A 141 -37.61 11.79 -10.98
N SER A 142 -36.89 11.76 -12.10
CA SER A 142 -37.11 12.72 -13.17
C SER A 142 -38.42 12.44 -13.91
N HIS A 143 -38.93 13.46 -14.60
CA HIS A 143 -40.24 13.38 -15.26
C HIS A 143 -40.39 12.29 -16.34
N LYS A 144 -39.28 11.95 -17.01
CA LYS A 144 -39.29 10.91 -18.06
C LYS A 144 -39.18 9.47 -17.52
N LYS A 145 -39.32 9.34 -16.19
CA LYS A 145 -39.35 8.07 -15.44
C LYS A 145 -37.97 7.49 -15.12
N ALA A 146 -37.00 8.36 -14.88
CA ALA A 146 -35.65 7.92 -14.51
C ALA A 146 -35.44 7.95 -12.99
N TYR A 147 -35.13 6.79 -12.41
CA TYR A 147 -34.81 6.72 -10.98
C TYR A 147 -33.35 7.08 -10.80
N LEU A 148 -33.11 8.31 -10.38
CA LEU A 148 -31.75 8.87 -10.29
C LEU A 148 -30.95 8.36 -9.09
N GLY A 149 -31.65 8.14 -7.98
CA GLY A 149 -31.02 7.77 -6.71
C GLY A 149 -31.59 8.63 -5.61
N GLY A 150 -30.77 8.92 -4.61
CA GLY A 150 -31.16 9.80 -3.51
C GLY A 150 -30.41 9.60 -2.20
N ALA A 151 -31.07 9.92 -1.07
CA ALA A 151 -30.45 9.88 0.25
C ALA A 151 -31.28 9.10 1.25
N ILE A 152 -30.61 8.61 2.30
CA ILE A 152 -31.29 7.85 3.34
C ILE A 152 -30.81 8.24 4.74
N LEU A 153 -31.78 8.47 5.62
CA LEU A 153 -31.55 8.87 7.00
C LEU A 153 -32.06 7.79 7.95
N PRO A 154 -31.62 7.83 9.23
CA PRO A 154 -32.42 7.12 10.22
C PRO A 154 -33.78 7.78 10.44
N GLY A 155 -34.78 6.98 10.79
CA GLY A 155 -36.10 7.49 11.11
C GLY A 155 -36.12 8.21 12.44
N LEU A 156 -37.29 8.70 12.86
CA LEU A 156 -37.38 9.51 14.06
C LEU A 156 -37.37 8.63 15.30
N ARG A 157 -37.98 7.46 15.19
CA ARG A 157 -37.97 6.47 16.25
C ARG A 157 -36.58 5.83 16.35
N LEU A 158 -36.00 5.57 15.18
CA LEU A 158 -34.66 5.01 15.05
C LEU A 158 -33.59 5.94 15.64
N SER A 159 -33.78 7.25 15.44
CA SER A 159 -32.95 8.27 16.05
C SER A 159 -33.10 8.28 17.57
N ALA A 160 -34.35 8.23 18.03
CA ALA A 160 -34.68 8.26 19.45
C ALA A 160 -34.25 6.99 20.18
N ASP A 161 -34.36 5.84 19.49
CA ASP A 161 -33.96 4.56 20.06
C ASP A 161 -32.44 4.50 20.23
N ALA A 162 -31.71 5.00 19.22
CA ALA A 162 -30.25 4.96 19.20
C ALA A 162 -29.62 5.86 20.25
N LEU A 163 -30.31 6.93 20.63
CA LEU A 163 -29.86 7.79 21.72
C LEU A 163 -29.94 7.08 23.06
N SER A 164 -30.95 6.23 23.25
CA SER A 164 -31.16 5.52 24.51
C SER A 164 -30.47 4.16 24.57
N LYS A 165 -30.10 3.63 23.40
CA LYS A 165 -29.47 2.30 23.32
C LYS A 165 -27.95 2.39 23.43
N ASN A 166 -27.40 3.56 23.11
CA ASN A 166 -25.95 3.77 23.11
C ASN A 166 -25.49 4.85 24.08
N THR A 167 -26.26 5.04 25.16
CA THR A 167 -25.91 5.97 26.23
C THR A 167 -26.36 5.40 27.58
N ALA A 168 -25.54 5.64 28.59
CA ALA A 168 -25.80 5.24 29.97
C ALA A 168 -26.97 6.01 30.60
N LYS A 169 -27.09 7.29 30.27
CA LYS A 169 -28.05 8.17 30.95
C LYS A 169 -29.28 8.59 30.12
N LEU A 170 -29.10 8.72 28.80
CA LEU A 170 -30.21 9.15 27.91
C LEU A 170 -31.37 8.13 27.88
N PRO A 171 -32.58 8.61 28.19
CA PRO A 171 -33.78 7.76 28.27
C PRO A 171 -34.45 7.55 26.90
N SER A 172 -35.42 6.64 26.86
CA SER A 172 -36.21 6.40 25.64
C SER A 172 -37.42 7.33 25.59
N VAL A 173 -37.59 8.00 24.46
CA VAL A 173 -38.57 9.09 24.35
C VAL A 173 -39.73 8.75 23.40
N GLU A 174 -40.82 9.50 23.50
CA GLU A 174 -41.93 9.36 22.55
C GLU A 174 -41.94 10.50 21.54
N ILE A 175 -42.25 10.14 20.29
CA ILE A 175 -42.17 11.05 19.15
C ILE A 175 -43.41 11.95 19.06
N ILE A 176 -43.31 13.16 19.60
CA ILE A 176 -44.39 14.15 19.40
C ILE A 176 -43.89 15.45 18.77
N LYS A 177 -44.84 16.19 18.19
CA LYS A 177 -44.61 17.47 17.53
C LYS A 177 -44.31 18.58 18.56
N THR A 178 -43.03 18.90 18.71
CA THR A 178 -42.59 19.92 19.68
C THR A 178 -42.68 21.30 19.04
N GLU A 179 -42.93 22.31 19.86
CA GLU A 179 -43.04 23.69 19.40
C GLU A 179 -41.93 24.62 19.95
N SER A 180 -41.07 24.07 20.82
CA SER A 180 -39.87 24.77 21.29
C SER A 180 -38.59 23.97 21.04
N VAL A 181 -37.50 24.67 20.75
CA VAL A 181 -36.19 24.01 20.53
C VAL A 181 -35.34 23.95 21.79
N VAL A 182 -35.54 24.93 22.68
CA VAL A 182 -34.78 25.02 23.92
C VAL A 182 -35.43 24.14 24.98
N GLY A 183 -34.96 22.90 25.03
CA GLY A 183 -35.45 21.93 25.98
C GLY A 183 -34.78 22.17 27.32
N ARG A 184 -35.60 22.17 28.37
CA ARG A 184 -35.09 22.32 29.73
C ARG A 184 -35.26 21.04 30.52
N SER A 185 -35.20 19.94 29.76
CA SER A 185 -35.18 18.58 30.30
CA SER A 185 -35.25 18.57 30.27
C SER A 185 -34.55 17.66 29.27
N THR A 186 -34.06 16.50 29.72
CA THR A 186 -33.40 15.53 28.83
C THR A 186 -34.41 15.00 27.80
N ILE A 187 -35.64 14.78 28.26
CA ILE A 187 -36.75 14.33 27.41
C ILE A 187 -37.09 15.36 26.32
N GLU A 188 -37.24 16.62 26.72
CA GLU A 188 -37.47 17.73 25.78
C GLU A 188 -36.32 17.96 24.80
N SER A 189 -35.07 17.82 25.29
CA SER A 189 -33.89 17.95 24.43
C SER A 189 -33.86 16.91 23.29
N ILE A 190 -34.24 15.67 23.60
CA ILE A 190 -34.34 14.62 22.56
C ILE A 190 -35.47 14.91 21.57
N GLN A 191 -36.64 15.26 22.09
CA GLN A 191 -37.81 15.52 21.24
CA GLN A 191 -37.84 15.57 21.28
C GLN A 191 -37.70 16.84 20.44
N SER A 192 -36.93 17.81 20.94
CA SER A 192 -36.65 19.03 20.18
C SER A 192 -35.57 18.76 19.14
N GLY A 193 -34.68 17.82 19.45
CA GLY A 193 -33.63 17.40 18.54
C GLY A 193 -34.16 16.54 17.40
N VAL A 194 -34.88 15.47 17.74
CA VAL A 194 -35.37 14.52 16.73
C VAL A 194 -36.61 15.00 15.97
N TYR A 195 -37.03 16.25 16.21
CA TYR A 195 -38.06 16.87 15.41
C TYR A 195 -37.48 17.94 14.51
N TYR A 196 -36.73 18.87 15.08
CA TYR A 196 -36.18 19.98 14.32
C TYR A 196 -34.92 19.60 13.54
N GLY A 197 -34.30 18.51 13.94
CA GLY A 197 -33.19 17.91 13.21
C GLY A 197 -33.60 17.31 11.88
N VAL A 198 -34.71 16.58 11.86
CA VAL A 198 -35.25 15.97 10.63
C VAL A 198 -35.97 17.01 9.73
N LEU A 199 -36.72 17.90 10.36
CA LEU A 199 -37.34 19.06 9.72
C LEU A 199 -36.29 19.96 9.02
N GLY A 200 -35.12 20.11 9.65
CA GLY A 200 -33.99 20.77 9.02
C GLY A 200 -33.33 19.92 7.96
N ALA A 201 -33.22 18.62 8.22
CA ALA A 201 -32.59 17.66 7.31
C ALA A 201 -33.35 17.54 5.99
N CYS A 202 -34.66 17.33 6.09
CA CYS A 202 -35.56 17.34 4.94
C CYS A 202 -35.45 18.61 4.11
N LYS A 203 -35.48 19.78 4.75
CA LYS A 203 -35.40 21.09 4.05
C LYS A 203 -34.13 21.23 3.23
N GLU A 204 -33.01 20.81 3.83
CA GLU A 204 -31.71 20.83 3.20
C GLU A 204 -31.63 19.86 2.07
N LEU A 205 -32.06 18.62 2.32
CA LEU A 205 -31.99 17.56 1.32
C LEU A 205 -32.93 17.80 0.16
N ILE A 206 -34.05 18.48 0.40
CA ILE A 206 -34.93 18.93 -0.70
C ILE A 206 -34.19 19.89 -1.64
N GLN A 207 -33.66 20.98 -1.09
CA GLN A 207 -32.96 21.98 -1.91
C GLN A 207 -31.62 21.51 -2.48
N ARG A 208 -30.95 20.59 -1.79
CA ARG A 208 -29.72 19.98 -2.33
C ARG A 208 -30.03 19.15 -3.58
N ILE A 209 -31.06 18.31 -3.50
CA ILE A 209 -31.44 17.41 -4.60
C ILE A 209 -32.08 18.18 -5.75
N HIS A 210 -33.12 18.96 -5.44
CA HIS A 210 -33.83 19.84 -6.38
C HIS A 210 -32.90 20.57 -7.37
N HIS A 211 -31.72 20.95 -6.88
CA HIS A 211 -30.77 21.73 -7.66
C HIS A 211 -29.69 20.90 -8.34
N GLU A 212 -29.24 19.82 -7.69
CA GLU A 212 -28.22 18.94 -8.27
C GLU A 212 -28.82 18.00 -9.32
N ALA A 213 -29.94 17.39 -8.98
CA ALA A 213 -30.61 16.45 -9.88
C ALA A 213 -31.48 17.13 -10.93
N PHE A 214 -32.20 18.18 -10.55
CA PHE A 214 -33.20 18.80 -11.44
C PHE A 214 -32.88 20.24 -11.87
N ASN A 215 -31.63 20.66 -11.66
CA ASN A 215 -31.11 21.98 -12.09
C ASN A 215 -31.92 23.19 -11.60
N GLY A 216 -32.63 23.03 -10.49
CA GLY A 216 -33.47 24.09 -9.94
C GLY A 216 -34.82 24.25 -10.62
N ASP A 217 -35.19 23.31 -11.49
CA ASP A 217 -36.49 23.32 -12.19
C ASP A 217 -37.68 23.03 -11.28
N GLN A 218 -38.85 22.82 -11.87
CA GLN A 218 -40.07 22.58 -11.11
C GLN A 218 -40.16 21.13 -10.63
N ILE A 219 -40.59 20.96 -9.38
CA ILE A 219 -40.73 19.63 -8.77
C ILE A 219 -42.03 19.45 -7.98
N LEU A 220 -42.29 18.19 -7.65
CA LEU A 220 -43.37 17.81 -6.78
C LEU A 220 -42.76 16.94 -5.68
N ILE A 221 -43.23 17.10 -4.44
CA ILE A 221 -42.71 16.33 -3.32
C ILE A 221 -43.82 15.45 -2.69
N LEU A 222 -43.61 14.14 -2.74
CA LEU A 222 -44.54 13.16 -2.16
C LEU A 222 -44.04 12.61 -0.85
N ALA A 223 -44.88 12.66 0.19
CA ALA A 223 -44.54 12.08 1.48
C ALA A 223 -45.33 10.80 1.75
N THR A 224 -44.62 9.79 2.23
CA THR A 224 -45.25 8.55 2.69
C THR A 224 -44.51 8.00 3.94
N GLY A 225 -45.04 6.94 4.53
CA GLY A 225 -44.54 6.45 5.82
C GLY A 225 -45.41 6.94 6.98
N GLY A 226 -45.17 6.39 8.16
CA GLY A 226 -45.99 6.68 9.34
C GLY A 226 -45.69 7.96 10.11
N PHE A 227 -44.53 8.56 9.83
CA PHE A 227 -44.13 9.81 10.49
C PHE A 227 -44.38 11.06 9.65
N ALA A 228 -44.91 10.86 8.45
CA ALA A 228 -45.12 11.93 7.48
C ALA A 228 -46.12 12.98 7.94
N SER A 229 -47.11 12.55 8.72
CA SER A 229 -48.20 13.40 9.21
C SER A 229 -47.77 14.51 10.18
N LEU A 230 -46.67 14.28 10.90
CA LEU A 230 -46.11 15.26 11.83
C LEU A 230 -45.56 16.52 11.13
N PHE A 231 -45.18 16.38 9.87
CA PHE A 231 -44.54 17.46 9.13
C PHE A 231 -45.46 18.11 8.09
N ASP A 232 -46.77 17.95 8.28
CA ASP A 232 -47.78 18.44 7.35
C ASP A 232 -47.93 19.98 7.35
N LYS A 233 -47.72 20.60 8.50
CA LYS A 233 -47.90 22.05 8.63
C LYS A 233 -46.69 22.87 8.17
N GLN A 234 -45.57 22.19 7.96
CA GLN A 234 -44.29 22.87 7.75
C GLN A 234 -44.07 23.37 6.32
N GLY A 235 -44.98 23.00 5.42
CA GLY A 235 -44.81 23.30 3.99
C GLY A 235 -43.61 22.56 3.43
N LEU A 236 -43.52 21.28 3.74
CA LEU A 236 -42.36 20.45 3.38
C LEU A 236 -42.59 19.67 2.09
N TYR A 237 -43.85 19.29 1.85
CA TYR A 237 -44.22 18.49 0.69
C TYR A 237 -45.61 18.90 0.18
N ASP A 238 -45.92 18.57 -1.07
CA ASP A 238 -47.18 18.95 -1.70
C ASP A 238 -48.30 17.97 -1.40
N HIS A 239 -47.96 16.68 -1.38
CA HIS A 239 -48.93 15.62 -1.16
C HIS A 239 -48.46 14.56 -0.17
N LEU A 240 -49.36 14.15 0.71
CA LEU A 240 -49.18 12.97 1.56
C LEU A 240 -50.01 11.85 0.94
N VAL A 241 -49.35 10.86 0.36
CA VAL A 241 -50.04 9.64 -0.10
C VAL A 241 -49.61 8.48 0.79
N PRO A 242 -50.45 8.13 1.79
CA PRO A 242 -50.05 7.20 2.86
C PRO A 242 -49.90 5.76 2.39
N ASP A 243 -50.59 5.41 1.30
CA ASP A 243 -50.60 4.05 0.77
C ASP A 243 -49.79 3.87 -0.51
N LEU A 244 -48.74 4.68 -0.67
CA LEU A 244 -47.95 4.71 -1.90
C LEU A 244 -47.21 3.40 -2.26
N VAL A 245 -46.65 2.70 -1.27
CA VAL A 245 -45.97 1.42 -1.54
C VAL A 245 -46.94 0.31 -2.05
N LEU A 246 -48.16 0.27 -1.49
CA LEU A 246 -49.19 -0.72 -1.90
C LEU A 246 -49.81 -0.45 -3.27
N GLN A 247 -49.91 0.84 -3.60
CA GLN A 247 -50.31 1.31 -4.93
C GLN A 247 -49.31 0.82 -6.00
N GLY A 248 -48.03 0.92 -5.68
CA GLY A 248 -46.96 0.50 -6.57
C GLY A 248 -46.81 -0.99 -6.77
N ILE A 249 -47.10 -1.80 -5.73
CA ILE A 249 -47.04 -3.27 -5.87
C ILE A 249 -48.20 -3.74 -6.76
N ARG A 250 -49.34 -3.06 -6.66
CA ARG A 250 -50.50 -3.35 -7.53
C ARG A 250 -50.28 -3.01 -9.00
N LEU A 251 -49.72 -1.82 -9.25
CA LEU A 251 -49.40 -1.35 -10.60
C LEU A 251 -48.34 -2.19 -11.25
N ALA A 252 -47.34 -2.58 -10.45
CA ALA A 252 -46.26 -3.46 -10.92
C ALA A 252 -46.74 -4.88 -11.19
N ALA A 253 -47.76 -5.31 -10.44
CA ALA A 253 -48.43 -6.58 -10.71
C ALA A 253 -49.10 -6.49 -12.05
N MET A 254 -49.84 -5.41 -12.25
CA MET A 254 -50.62 -5.17 -13.45
C MET A 254 -49.77 -4.99 -14.71
N MET A 255 -48.55 -4.48 -14.54
CA MET A 255 -47.56 -4.44 -15.62
C MET A 255 -47.03 -5.81 -16.00
N ASN A 256 -47.20 -6.79 -15.11
CA ASN A 256 -46.58 -8.10 -15.27
C ASN A 256 -47.56 -9.28 -15.42
N THR A 257 -48.86 -8.98 -15.42
CA THR A 257 -49.89 -10.00 -15.64
C THR A 257 -50.02 -10.34 -17.13
N SER B 2 2.91 22.31 37.75
CA SER B 2 1.43 22.43 37.69
C SER B 2 0.85 21.48 36.64
N LEU B 3 1.15 20.19 36.81
CA LEU B 3 0.69 19.13 35.91
C LEU B 3 -0.62 18.49 36.39
N ILE B 4 -1.73 18.92 35.81
CA ILE B 4 -3.05 18.36 36.07
C ILE B 4 -3.46 17.41 34.93
N LEU B 5 -4.01 16.25 35.31
CA LEU B 5 -4.55 15.29 34.35
C LEU B 5 -6.07 15.50 34.28
N CYS B 6 -6.56 15.74 33.07
CA CYS B 6 -7.98 15.96 32.86
C CYS B 6 -8.60 14.79 32.11
N ILE B 7 -9.64 14.21 32.69
CA ILE B 7 -10.27 13.01 32.15
C ILE B 7 -11.74 13.31 31.84
N ASP B 8 -12.14 12.98 30.61
CA ASP B 8 -13.54 13.04 30.21
C ASP B 8 -14.02 11.63 29.90
N VAL B 9 -15.01 11.16 30.65
CA VAL B 9 -15.58 9.85 30.41
C VAL B 9 -16.85 9.99 29.57
N GLY B 10 -16.79 9.47 28.35
CA GLY B 10 -17.93 9.49 27.44
C GLY B 10 -18.48 8.11 27.13
N ASN B 11 -19.44 8.04 26.21
CA ASN B 11 -20.14 6.79 25.91
C ASN B 11 -19.51 5.90 24.83
N SER B 12 -18.39 6.37 24.29
CA SER B 12 -17.61 5.61 23.31
CA SER B 12 -17.61 5.57 23.34
C SER B 12 -16.13 5.62 23.70
N HIS B 13 -15.72 6.71 24.36
CA HIS B 13 -14.32 6.90 24.75
C HIS B 13 -14.10 7.59 26.08
N ILE B 14 -13.19 7.06 26.89
CA ILE B 14 -12.58 7.84 27.96
C ILE B 14 -11.48 8.68 27.29
N TYR B 15 -11.56 10.00 27.46
CA TYR B 15 -10.66 10.92 26.76
C TYR B 15 -9.87 11.74 27.76
N GLY B 16 -8.57 11.50 27.79
CA GLY B 16 -7.69 12.16 28.73
C GLY B 16 -6.70 13.10 28.07
N GLY B 17 -6.26 14.10 28.84
CA GLY B 17 -5.24 15.06 28.43
C GLY B 17 -4.56 15.65 29.65
N VAL B 18 -3.23 15.84 29.56
CA VAL B 18 -2.45 16.45 30.66
C VAL B 18 -2.05 17.89 30.33
N PHE B 19 -2.34 18.78 31.28
CA PHE B 19 -2.15 20.21 31.12
C PHE B 19 -0.99 20.73 31.97
N ASP B 20 0.00 21.32 31.32
CA ASP B 20 1.04 22.08 32.02
C ASP B 20 0.67 23.55 31.89
N GLY B 21 0.11 24.10 32.96
CA GLY B 21 -0.45 25.45 32.95
C GLY B 21 -1.67 25.51 32.04
N ASP B 22 -1.50 26.14 30.89
CA ASP B 22 -2.59 26.34 29.93
C ASP B 22 -2.59 25.23 28.86
N GLU B 23 -1.41 24.77 28.50
CA GLU B 23 -1.19 23.93 27.32
C GLU B 23 -1.23 22.41 27.58
N ILE B 24 -1.84 21.69 26.65
CA ILE B 24 -1.83 20.25 26.63
C ILE B 24 -0.47 19.75 26.12
N LYS B 25 0.23 19.00 26.98
CA LYS B 25 1.51 18.38 26.64
C LYS B 25 1.29 17.01 25.99
N LEU B 26 0.32 16.26 26.51
CA LEU B 26 -0.02 14.94 25.99
C LEU B 26 -1.53 14.74 26.00
N ARG B 27 -2.05 14.07 24.97
CA ARG B 27 -3.43 13.64 24.96
C ARG B 27 -3.53 12.13 24.68
N PHE B 28 -4.56 11.49 25.25
CA PHE B 28 -4.73 10.06 25.11
C PHE B 28 -6.20 9.63 25.11
N ARG B 29 -6.45 8.35 24.86
CA ARG B 29 -7.80 7.84 24.71
C ARG B 29 -7.90 6.38 25.16
N HIS B 30 -9.10 6.01 25.63
CA HIS B 30 -9.39 4.67 26.13
C HIS B 30 -10.87 4.38 25.84
N THR B 31 -11.23 3.10 25.86
CA THR B 31 -12.61 2.67 25.73
C THR B 31 -13.34 2.81 27.07
N SER B 32 -14.58 3.29 27.03
CA SER B 32 -15.48 3.18 28.17
C SER B 32 -16.14 1.81 28.19
N LYS B 33 -15.93 1.06 29.28
CA LYS B 33 -16.40 -0.31 29.41
C LYS B 33 -16.53 -0.72 30.89
N VAL B 34 -16.61 -2.03 31.14
CA VAL B 34 -16.38 -2.56 32.48
C VAL B 34 -14.87 -2.79 32.69
N SER B 35 -14.23 -1.80 33.32
CA SER B 35 -12.82 -1.89 33.71
C SER B 35 -12.68 -1.90 35.23
N THR B 36 -11.64 -2.57 35.73
CA THR B 36 -11.29 -2.50 37.13
C THR B 36 -10.31 -1.34 37.33
N SER B 37 -10.07 -1.00 38.59
CA SER B 37 -9.16 0.09 38.98
C SER B 37 -7.71 -0.24 38.68
N ASP B 38 -7.41 -1.54 38.63
CA ASP B 38 -6.09 -2.02 38.27
C ASP B 38 -5.85 -1.94 36.78
N GLU B 39 -6.82 -2.42 36.00
CA GLU B 39 -6.84 -2.25 34.54
C GLU B 39 -6.65 -0.79 34.14
N LEU B 40 -7.46 0.10 34.71
CA LEU B 40 -7.38 1.53 34.44
C LEU B 40 -6.11 2.18 34.98
N GLY B 41 -5.63 1.67 36.12
CA GLY B 41 -4.43 2.19 36.78
C GLY B 41 -3.14 1.86 36.06
N ILE B 42 -3.03 0.61 35.61
CA ILE B 42 -1.93 0.17 34.76
C ILE B 42 -1.91 1.02 33.50
N PHE B 43 -3.06 1.12 32.83
CA PHE B 43 -3.22 1.93 31.62
C PHE B 43 -2.73 3.37 31.79
N LEU B 44 -3.20 4.05 32.83
CA LEU B 44 -2.87 5.47 33.05
C LEU B 44 -1.38 5.72 33.30
N LYS B 45 -0.73 4.83 34.05
CA LYS B 45 0.71 4.92 34.26
C LYS B 45 1.48 4.55 33.01
N SER B 46 1.01 3.50 32.33
CA SER B 46 1.63 3.02 31.11
C SER B 46 1.52 4.03 29.96
N VAL B 47 0.34 4.62 29.78
CA VAL B 47 0.12 5.67 28.75
C VAL B 47 1.01 6.92 28.95
N LEU B 48 1.29 7.26 30.20
CA LEU B 48 2.09 8.43 30.53
C LEU B 48 3.58 8.19 30.31
N ARG B 49 4.08 7.11 30.95
CA ARG B 49 5.48 6.70 30.87
C ARG B 49 5.96 6.45 29.44
N GLU B 50 5.13 5.80 28.62
CA GLU B 50 5.48 5.50 27.22
C GLU B 50 5.55 6.75 26.34
N ASN B 51 4.79 7.79 26.72
CA ASN B 51 4.83 9.07 26.03
C ASN B 51 5.70 10.12 26.74
N ASN B 52 6.78 9.63 27.35
CA ASN B 52 7.84 10.45 27.96
C ASN B 52 7.37 11.39 29.07
N CYS B 53 6.47 10.88 29.89
CA CYS B 53 5.88 11.66 30.99
C CYS B 53 5.81 10.82 32.27
N SER B 54 6.67 11.13 33.24
CA SER B 54 6.75 10.37 34.48
C SER B 54 5.45 10.52 35.28
N PRO B 55 4.81 9.39 35.65
CA PRO B 55 3.52 9.39 36.35
C PRO B 55 3.58 10.03 37.74
N GLU B 56 4.80 10.20 38.24
CA GLU B 56 5.08 10.79 39.54
C GLU B 56 5.14 12.34 39.46
N THR B 57 4.87 12.89 38.29
CA THR B 57 4.85 14.34 38.09
C THR B 57 3.41 14.86 38.07
N ILE B 58 2.46 13.92 37.99
CA ILE B 58 1.03 14.24 38.07
C ILE B 58 0.66 14.58 39.52
N ARG B 59 0.18 15.80 39.72
CA ARG B 59 -0.09 16.34 41.05
CA ARG B 59 -0.10 16.31 41.05
C ARG B 59 -1.59 16.47 41.30
N LYS B 60 -2.34 16.70 40.23
CA LYS B 60 -3.79 16.87 40.28
C LYS B 60 -4.44 15.97 39.21
N ILE B 61 -5.61 15.44 39.53
CA ILE B 61 -6.43 14.72 38.57
C ILE B 61 -7.86 15.28 38.64
N ALA B 62 -8.47 15.52 37.49
CA ALA B 62 -9.84 16.06 37.44
C ALA B 62 -10.67 15.25 36.45
N ILE B 63 -11.73 14.61 36.96
CA ILE B 63 -12.56 13.72 36.17
C ILE B 63 -14.00 14.23 35.97
N CYS B 64 -14.36 14.47 34.70
CA CYS B 64 -15.76 14.72 34.33
C CYS B 64 -16.28 13.46 33.67
N SER B 65 -17.47 13.03 34.07
CA SER B 65 -17.93 11.69 33.75
C SER B 65 -19.41 11.60 33.46
N VAL B 66 -19.73 10.92 32.36
CA VAL B 66 -21.10 10.78 31.88
C VAL B 66 -21.54 9.30 31.86
N VAL B 67 -20.58 8.43 32.17
CA VAL B 67 -20.83 7.00 32.38
C VAL B 67 -20.51 6.68 33.85
N PRO B 68 -21.54 6.60 34.71
CA PRO B 68 -21.40 6.28 36.15
C PRO B 68 -20.75 4.94 36.52
N GLN B 69 -20.90 3.92 35.66
CA GLN B 69 -20.36 2.59 35.95
CA GLN B 69 -20.36 2.58 35.92
C GLN B 69 -18.84 2.50 35.80
N VAL B 70 -18.24 3.52 35.19
CA VAL B 70 -16.78 3.65 35.10
C VAL B 70 -16.26 4.35 36.37
N ASP B 71 -17.16 5.10 37.02
CA ASP B 71 -16.80 6.09 38.04
C ASP B 71 -16.25 5.59 39.37
N TYR B 72 -16.71 4.41 39.84
CA TYR B 72 -16.15 3.86 41.07
C TYR B 72 -14.67 3.54 40.87
N SER B 73 -14.39 2.61 39.97
CA SER B 73 -13.05 2.09 39.72
C SER B 73 -12.06 3.13 39.15
N LEU B 74 -12.57 4.16 38.47
CA LEU B 74 -11.71 5.22 37.94
C LEU B 74 -11.26 6.18 39.06
N ARG B 75 -12.11 6.37 40.06
CA ARG B 75 -11.76 7.13 41.25
CA ARG B 75 -11.75 7.13 41.25
C ARG B 75 -10.75 6.32 42.06
N SER B 76 -11.00 5.02 42.16
CA SER B 76 -10.17 4.08 42.90
C SER B 76 -8.82 3.83 42.26
N ALA B 77 -8.74 4.02 40.96
CA ALA B 77 -7.50 3.92 40.20
C ALA B 77 -6.53 5.03 40.57
N CYS B 78 -7.08 6.23 40.79
CA CYS B 78 -6.28 7.41 41.04
C CYS B 78 -5.72 7.44 42.46
N VAL B 79 -6.52 6.98 43.42
CA VAL B 79 -6.05 6.89 44.80
C VAL B 79 -5.00 5.78 44.94
N LYS B 80 -5.20 4.67 44.24
CA LYS B 80 -4.25 3.55 44.27
C LYS B 80 -2.93 3.84 43.55
N TYR B 81 -3.01 4.31 42.30
CA TYR B 81 -1.83 4.42 41.42
C TYR B 81 -1.18 5.79 41.33
N PHE B 82 -1.81 6.80 41.92
CA PHE B 82 -1.29 8.17 41.84
C PHE B 82 -1.23 8.85 43.20
N SER B 83 -1.93 8.31 44.19
CA SER B 83 -2.13 8.91 45.52
C SER B 83 -2.78 10.29 45.42
N ILE B 84 -3.75 10.38 44.51
CA ILE B 84 -4.52 11.59 44.26
C ILE B 84 -6.00 11.24 44.36
N ASP B 85 -6.72 12.01 45.19
CA ASP B 85 -8.17 11.95 45.26
C ASP B 85 -8.69 12.93 44.21
N PRO B 86 -9.22 12.41 43.09
CA PRO B 86 -9.54 13.27 41.96
C PRO B 86 -10.71 14.22 42.19
N PHE B 87 -10.67 15.37 41.52
CA PHE B 87 -11.79 16.29 41.49
C PHE B 87 -12.83 15.69 40.55
N LEU B 88 -14.08 15.67 40.99
CA LEU B 88 -15.18 15.16 40.19
C LEU B 88 -16.21 16.23 39.89
N LEU B 89 -16.40 16.52 38.60
CA LEU B 89 -17.36 17.54 38.15
C LEU B 89 -18.78 16.99 38.30
N GLN B 90 -19.38 17.31 39.45
CA GLN B 90 -20.58 16.66 39.97
C GLN B 90 -21.71 17.63 40.22
N ALA B 91 -22.84 17.07 40.69
CA ALA B 91 -23.92 17.82 41.33
C ALA B 91 -23.39 18.54 42.57
N GLY B 92 -23.48 19.86 42.58
CA GLY B 92 -23.18 20.63 43.78
C GLY B 92 -21.92 21.46 43.79
N VAL B 93 -20.88 20.97 43.12
CA VAL B 93 -19.60 21.71 43.01
C VAL B 93 -19.80 23.01 42.21
N LYS B 94 -18.92 23.98 42.44
CA LYS B 94 -19.05 25.28 41.79
C LYS B 94 -18.66 25.26 40.30
N THR B 95 -19.55 25.81 39.48
CA THR B 95 -19.43 25.83 38.02
C THR B 95 -19.34 27.27 37.49
N GLY B 96 -19.84 28.21 38.29
CA GLY B 96 -19.77 29.62 37.97
C GLY B 96 -20.88 30.10 37.05
N LEU B 97 -21.95 29.32 36.95
CA LEU B 97 -23.02 29.62 36.00
C LEU B 97 -24.41 29.22 36.46
N ASN B 98 -25.41 29.67 35.72
CA ASN B 98 -26.81 29.59 36.10
C ASN B 98 -27.54 28.56 35.23
N ILE B 99 -27.84 27.40 35.79
CA ILE B 99 -28.53 26.35 35.03
C ILE B 99 -30.06 26.47 35.14
N LYS B 100 -30.70 26.73 33.99
CA LYS B 100 -32.15 27.00 33.93
C LYS B 100 -33.04 25.77 33.79
N TYR B 101 -32.42 24.59 33.69
CA TYR B 101 -33.12 23.31 33.70
C TYR B 101 -33.97 23.15 34.95
N ARG B 102 -35.10 22.43 34.80
CA ARG B 102 -36.02 22.17 35.91
CA ARG B 102 -36.02 22.17 35.91
C ARG B 102 -35.38 21.31 37.00
N ASN B 103 -34.38 20.53 36.61
CA ASN B 103 -33.54 19.78 37.53
C ASN B 103 -32.12 19.87 37.00
N PRO B 104 -31.26 20.71 37.63
CA PRO B 104 -29.87 20.89 37.21
C PRO B 104 -28.99 19.63 37.32
N VAL B 105 -29.53 18.58 37.92
CA VAL B 105 -28.90 17.26 38.01
C VAL B 105 -29.06 16.51 36.68
N GLU B 106 -30.07 16.90 35.88
CA GLU B 106 -30.30 16.29 34.56
C GLU B 106 -29.22 16.62 33.54
N VAL B 107 -28.58 17.78 33.68
CA VAL B 107 -27.55 18.22 32.74
C VAL B 107 -26.26 17.44 32.97
N GLY B 108 -25.68 16.94 31.88
CA GLY B 108 -24.44 16.19 31.93
C GLY B 108 -23.26 17.10 32.23
N ALA B 109 -22.26 16.53 32.89
CA ALA B 109 -21.04 17.23 33.28
C ALA B 109 -20.27 17.76 32.07
N ASP B 110 -20.37 17.03 30.96
CA ASP B 110 -19.75 17.35 29.67
C ASP B 110 -20.35 18.56 28.96
N ARG B 111 -21.63 18.79 29.19
CA ARG B 111 -22.29 20.00 28.74
C ARG B 111 -21.80 21.15 29.60
N ILE B 112 -21.83 20.94 30.91
CA ILE B 112 -21.42 21.93 31.90
C ILE B 112 -19.95 22.31 31.74
N ALA B 113 -19.07 21.33 31.50
CA ALA B 113 -17.67 21.59 31.15
C ALA B 113 -17.52 22.46 29.91
N ASN B 114 -18.29 22.16 28.87
CA ASN B 114 -18.23 22.91 27.61
C ASN B 114 -18.67 24.37 27.78
N ALA B 115 -19.70 24.56 28.61
CA ALA B 115 -20.22 25.89 28.98
C ALA B 115 -19.28 26.67 29.90
N ILE B 116 -18.54 25.97 30.78
CA ILE B 116 -17.54 26.60 31.64
C ILE B 116 -16.40 27.16 30.78
N ALA B 117 -15.90 26.33 29.85
CA ALA B 117 -14.82 26.74 28.94
C ALA B 117 -15.22 27.85 27.97
N ALA B 118 -16.46 27.78 27.48
CA ALA B 118 -16.98 28.76 26.52
C ALA B 118 -17.15 30.16 27.13
N THR B 119 -17.76 30.26 28.31
CA THR B 119 -17.91 31.55 29.02
C THR B 119 -16.58 32.10 29.54
N HIS B 120 -15.56 31.24 29.57
CA HIS B 120 -14.21 31.66 29.93
C HIS B 120 -13.51 32.26 28.71
N SER B 121 -13.49 31.51 27.61
CA SER B 121 -12.82 31.93 26.36
C SER B 121 -13.49 33.12 25.65
N PHE B 122 -14.82 33.22 25.77
CA PHE B 122 -15.58 34.30 25.15
C PHE B 122 -16.64 34.82 26.13
N PRO B 123 -16.22 35.68 27.10
CA PRO B 123 -16.90 36.12 28.34
C PRO B 123 -18.30 36.72 28.27
N ASN B 124 -18.50 37.78 27.49
CA ASN B 124 -19.77 38.50 27.51
C ASN B 124 -20.59 38.29 26.25
N GLN B 125 -20.47 37.09 25.69
CA GLN B 125 -21.16 36.70 24.47
C GLN B 125 -22.15 35.58 24.73
N ASN B 126 -23.35 35.71 24.17
CA ASN B 126 -24.30 34.61 24.04
C ASN B 126 -23.67 33.57 23.10
N ILE B 127 -23.59 32.31 23.54
CA ILE B 127 -22.92 31.25 22.79
C ILE B 127 -23.83 30.05 22.56
N ILE B 128 -23.82 29.52 21.33
CA ILE B 128 -24.29 28.14 21.11
C ILE B 128 -23.09 27.21 20.95
N VAL B 129 -23.05 26.17 21.76
CA VAL B 129 -22.05 25.12 21.63
C VAL B 129 -22.66 23.86 21.02
N ILE B 130 -22.13 23.49 19.85
CA ILE B 130 -22.48 22.24 19.21
C ILE B 130 -21.35 21.25 19.50
N ASP B 131 -21.70 20.13 20.11
CA ASP B 131 -20.75 19.05 20.30
C ASP B 131 -21.11 17.96 19.29
N PHE B 132 -20.23 17.76 18.32
CA PHE B 132 -20.36 16.66 17.36
C PHE B 132 -19.67 15.40 17.92
N GLY B 133 -20.31 14.77 18.89
CA GLY B 133 -19.75 13.58 19.53
C GLY B 133 -20.65 12.36 19.33
N THR B 134 -20.67 11.50 20.35
CA THR B 134 -21.52 10.29 20.38
C THR B 134 -22.94 10.70 19.98
N ALA B 135 -23.45 11.74 20.62
CA ALA B 135 -24.61 12.46 20.13
C ALA B 135 -24.20 13.86 19.63
N THR B 136 -25.02 14.44 18.76
CA THR B 136 -24.85 15.85 18.36
C THR B 136 -25.74 16.76 19.24
N THR B 137 -25.11 17.52 20.13
CA THR B 137 -25.84 18.41 21.07
C THR B 137 -25.82 19.85 20.63
N PHE B 138 -26.78 20.61 21.11
CA PHE B 138 -26.93 22.02 20.80
C PHE B 138 -27.24 22.66 22.13
N CYS B 139 -26.35 23.56 22.60
CA CYS B 139 -26.49 24.19 23.93
C CYS B 139 -26.51 25.73 23.92
N ALA B 140 -27.64 26.31 24.31
CA ALA B 140 -27.79 27.76 24.44
C ALA B 140 -27.27 28.26 25.78
N ILE B 141 -26.26 29.13 25.72
CA ILE B 141 -25.65 29.75 26.91
C ILE B 141 -25.65 31.26 26.75
N SER B 142 -26.28 31.97 27.68
CA SER B 142 -26.39 33.43 27.60
C SER B 142 -25.16 34.17 28.16
N HIS B 143 -25.04 35.44 27.77
CA HIS B 143 -23.90 36.30 28.14
C HIS B 143 -23.81 36.61 29.64
N LYS B 144 -24.92 36.39 30.35
CA LYS B 144 -24.96 36.49 31.81
C LYS B 144 -24.71 35.11 32.43
N LYS B 145 -23.99 34.26 31.69
CA LYS B 145 -23.61 32.89 32.09
C LYS B 145 -24.79 32.00 32.47
N ALA B 146 -25.92 32.17 31.81
CA ALA B 146 -27.06 31.27 32.04
C ALA B 146 -27.05 30.10 31.07
N TYR B 147 -27.21 28.88 31.60
CA TYR B 147 -27.37 27.68 30.78
C TYR B 147 -28.86 27.46 30.52
N LEU B 148 -29.28 27.79 29.31
CA LEU B 148 -30.71 27.89 28.99
C LEU B 148 -31.30 26.59 28.48
N GLY B 149 -30.46 25.76 27.87
CA GLY B 149 -30.86 24.41 27.49
C GLY B 149 -30.43 24.08 26.09
N GLY B 150 -31.22 23.25 25.41
CA GLY B 150 -30.98 22.94 24.01
C GLY B 150 -31.61 21.66 23.50
N ALA B 151 -30.92 21.04 22.54
CA ALA B 151 -31.44 19.88 21.80
C ALA B 151 -30.37 18.79 21.67
N ILE B 152 -30.80 17.57 21.37
CA ILE B 152 -29.86 16.46 21.19
C ILE B 152 -30.31 15.49 20.11
N LEU B 153 -29.45 15.35 19.10
CA LEU B 153 -29.61 14.39 18.02
C LEU B 153 -28.59 13.29 18.19
N PRO B 154 -28.84 12.09 17.62
CA PRO B 154 -27.77 11.10 17.59
C PRO B 154 -26.63 11.57 16.69
N GLY B 155 -25.40 11.21 17.02
CA GLY B 155 -24.24 11.61 16.24
C GLY B 155 -24.17 10.87 14.92
N LEU B 156 -23.29 11.34 14.05
CA LEU B 156 -23.10 10.78 12.71
C LEU B 156 -22.85 9.27 12.74
N ARG B 157 -22.02 8.84 13.69
CA ARG B 157 -21.68 7.44 13.87
C ARG B 157 -22.89 6.63 14.35
N LEU B 158 -23.66 7.18 15.29
CA LEU B 158 -24.86 6.50 15.79
C LEU B 158 -25.97 6.44 14.73
N SER B 159 -26.04 7.48 13.90
CA SER B 159 -26.98 7.56 12.79
C SER B 159 -26.74 6.48 11.73
N ALA B 160 -25.47 6.32 11.36
CA ALA B 160 -25.05 5.31 10.39
C ALA B 160 -25.14 3.89 10.93
N ASP B 161 -24.76 3.69 12.19
CA ASP B 161 -24.85 2.38 12.85
C ASP B 161 -26.30 1.92 13.04
N ALA B 162 -27.22 2.88 13.28
CA ALA B 162 -28.64 2.58 13.42
C ALA B 162 -29.26 2.03 12.14
N LEU B 163 -28.79 2.51 11.00
CA LEU B 163 -29.31 2.08 9.70
C LEU B 163 -28.91 0.66 9.38
N SER B 164 -27.65 0.33 9.68
CA SER B 164 -27.09 -1.00 9.42
C SER B 164 -27.54 -2.07 10.41
N LYS B 165 -27.80 -1.66 11.65
CA LYS B 165 -28.22 -2.58 12.71
C LYS B 165 -29.71 -2.92 12.70
N ASN B 166 -30.52 -2.04 12.14
CA ASN B 166 -31.99 -2.20 12.15
C ASN B 166 -32.59 -2.42 10.75
N THR B 167 -31.76 -2.88 9.82
CA THR B 167 -32.18 -3.24 8.48
C THR B 167 -31.31 -4.39 8.01
N ALA B 168 -31.95 -5.40 7.43
CA ALA B 168 -31.26 -6.56 6.86
C ALA B 168 -30.42 -6.23 5.62
N LYS B 169 -30.92 -5.29 4.80
CA LYS B 169 -30.28 -4.94 3.52
C LYS B 169 -29.27 -3.78 3.57
N LEU B 170 -29.45 -2.85 4.51
CA LEU B 170 -28.58 -1.68 4.62
C LEU B 170 -27.27 -2.00 5.33
N PRO B 171 -26.13 -1.70 4.69
CA PRO B 171 -24.78 -1.93 5.23
C PRO B 171 -24.21 -0.77 6.05
N SER B 172 -23.19 -1.07 6.85
CA SER B 172 -22.47 -0.05 7.63
C SER B 172 -21.44 0.67 6.76
N VAL B 173 -21.14 1.90 7.11
CA VAL B 173 -20.45 2.80 6.18
C VAL B 173 -19.49 3.79 6.87
N GLU B 174 -18.45 4.18 6.14
CA GLU B 174 -17.46 5.15 6.61
CA GLU B 174 -17.47 5.15 6.60
C GLU B 174 -18.07 6.55 6.57
N ILE B 175 -17.76 7.37 7.56
CA ILE B 175 -18.27 8.74 7.58
C ILE B 175 -17.34 9.70 6.85
N ILE B 176 -17.71 10.00 5.61
CA ILE B 176 -16.94 10.93 4.78
C ILE B 176 -17.77 12.17 4.42
N LYS B 177 -17.05 13.26 4.18
CA LYS B 177 -17.64 14.48 3.63
C LYS B 177 -18.04 14.21 2.17
N THR B 178 -19.29 14.49 1.85
CA THR B 178 -19.85 14.21 0.53
C THR B 178 -20.08 15.52 -0.23
N GLU B 179 -19.96 15.49 -1.56
CA GLU B 179 -20.19 16.67 -2.41
C GLU B 179 -21.44 16.56 -3.27
N SER B 180 -22.10 15.40 -3.22
CA SER B 180 -23.33 15.18 -3.95
C SER B 180 -24.39 14.55 -3.04
N VAL B 181 -25.66 14.72 -3.41
CA VAL B 181 -26.78 14.14 -2.66
C VAL B 181 -27.41 12.95 -3.37
N VAL B 182 -27.32 12.94 -4.70
CA VAL B 182 -27.93 11.87 -5.48
C VAL B 182 -26.98 10.66 -5.55
N GLY B 183 -27.03 9.85 -4.50
CA GLY B 183 -26.23 8.63 -4.41
C GLY B 183 -26.69 7.56 -5.37
N ARG B 184 -25.72 6.95 -6.06
CA ARG B 184 -26.01 5.92 -7.05
C ARG B 184 -25.63 4.54 -6.52
N SER B 185 -25.45 4.47 -5.20
CA SER B 185 -25.26 3.21 -4.49
CA SER B 185 -25.22 3.23 -4.47
C SER B 185 -25.85 3.34 -3.09
N THR B 186 -26.01 2.19 -2.42
CA THR B 186 -26.58 2.14 -1.06
C THR B 186 -25.64 2.84 -0.08
N ILE B 187 -24.34 2.57 -0.25
CA ILE B 187 -23.25 3.23 0.47
C ILE B 187 -23.32 4.76 0.37
N GLU B 188 -23.53 5.25 -0.86
CA GLU B 188 -23.50 6.67 -1.20
C GLU B 188 -24.72 7.41 -0.68
N SER B 189 -25.86 6.71 -0.67
CA SER B 189 -27.13 7.26 -0.18
C SER B 189 -27.10 7.50 1.33
N ILE B 190 -26.42 6.61 2.06
CA ILE B 190 -26.26 6.74 3.52
C ILE B 190 -25.28 7.88 3.83
N GLN B 191 -24.18 7.93 3.09
CA GLN B 191 -23.17 8.96 3.25
C GLN B 191 -23.65 10.38 2.93
N SER B 192 -24.49 10.52 1.90
CA SER B 192 -25.13 11.82 1.58
C SER B 192 -26.16 12.22 2.63
N GLY B 193 -27.02 11.25 2.98
CA GLY B 193 -28.02 11.42 4.04
C GLY B 193 -27.42 11.90 5.35
N VAL B 194 -26.47 11.14 5.91
CA VAL B 194 -25.88 11.48 7.20
C VAL B 194 -24.82 12.61 7.15
N TYR B 195 -24.69 13.28 6.01
CA TYR B 195 -23.87 14.50 5.92
C TYR B 195 -24.71 15.78 5.76
N TYR B 196 -25.57 15.81 4.76
CA TYR B 196 -26.44 16.96 4.54
C TYR B 196 -27.64 16.97 5.47
N GLY B 197 -28.03 15.80 5.95
CA GLY B 197 -28.99 15.69 7.04
C GLY B 197 -28.59 16.51 8.25
N VAL B 198 -27.44 16.16 8.85
CA VAL B 198 -26.90 16.85 10.02
C VAL B 198 -26.48 18.31 9.73
N LEU B 199 -25.95 18.56 8.53
CA LEU B 199 -25.71 19.94 8.05
C LEU B 199 -27.02 20.75 8.08
N GLY B 200 -28.09 20.18 7.53
CA GLY B 200 -29.42 20.80 7.57
C GLY B 200 -30.03 20.89 8.95
N ALA B 201 -29.78 19.88 9.77
CA ALA B 201 -30.21 19.85 11.17
C ALA B 201 -29.57 20.97 11.97
N CYS B 202 -28.27 21.19 11.73
CA CYS B 202 -27.54 22.26 12.40
C CYS B 202 -28.12 23.64 12.08
N LYS B 203 -28.26 23.93 10.78
CA LYS B 203 -28.85 25.18 10.28
C LYS B 203 -30.19 25.50 10.89
N GLU B 204 -31.09 24.51 10.92
CA GLU B 204 -32.42 24.69 11.49
C GLU B 204 -32.40 24.90 13.00
N LEU B 205 -31.57 24.14 13.71
CA LEU B 205 -31.45 24.28 15.18
C LEU B 205 -30.72 25.54 15.61
N ILE B 206 -29.65 25.91 14.92
CA ILE B 206 -28.92 27.17 15.17
C ILE B 206 -29.77 28.43 14.95
N GLN B 207 -30.53 28.44 13.86
CA GLN B 207 -31.39 29.59 13.53
C GLN B 207 -32.62 29.71 14.42
N ARG B 208 -33.05 28.59 15.00
CA ARG B 208 -34.18 28.59 15.93
C ARG B 208 -33.79 28.87 17.37
N ILE B 209 -32.61 28.43 17.79
CA ILE B 209 -32.06 28.79 19.11
C ILE B 209 -31.72 30.28 19.16
N HIS B 210 -31.20 30.79 18.04
CA HIS B 210 -30.98 32.22 17.83
C HIS B 210 -32.17 33.08 18.25
N HIS B 211 -33.37 32.69 17.79
CA HIS B 211 -34.58 33.47 17.99
C HIS B 211 -35.34 33.09 19.25
N GLU B 212 -35.52 31.79 19.47
CA GLU B 212 -36.29 31.31 20.61
C GLU B 212 -35.61 31.53 21.97
N ALA B 213 -34.28 31.59 21.98
CA ALA B 213 -33.53 31.89 23.20
C ALA B 213 -32.97 33.32 23.26
N PHE B 214 -32.31 33.76 22.19
CA PHE B 214 -31.62 35.08 22.20
C PHE B 214 -32.33 36.20 21.43
N ASN B 215 -33.53 35.93 20.90
CA ASN B 215 -34.33 36.84 20.04
C ASN B 215 -33.58 37.72 19.04
N GLY B 216 -32.70 37.10 18.27
CA GLY B 216 -31.99 37.77 17.18
C GLY B 216 -30.77 38.61 17.57
N ASP B 217 -30.25 38.39 18.77
CA ASP B 217 -29.09 39.15 19.25
C ASP B 217 -27.76 38.68 18.63
N GLN B 218 -26.65 39.28 19.07
CA GLN B 218 -25.33 38.90 18.58
C GLN B 218 -24.86 37.60 19.22
N ILE B 219 -24.85 36.53 18.42
CA ILE B 219 -24.45 35.21 18.90
C ILE B 219 -23.09 34.78 18.36
N LEU B 220 -22.41 33.95 19.13
CA LEU B 220 -21.18 33.31 18.69
C LEU B 220 -21.42 31.81 18.72
N ILE B 221 -20.88 31.10 17.74
CA ILE B 221 -21.16 29.66 17.57
C ILE B 221 -19.87 28.83 17.66
N LEU B 222 -19.80 27.98 18.68
CA LEU B 222 -18.62 27.15 18.92
C LEU B 222 -18.89 25.69 18.59
N ALA B 223 -17.94 25.04 17.92
CA ALA B 223 -18.08 23.62 17.64
C ALA B 223 -16.96 22.81 18.23
N THR B 224 -17.31 21.59 18.65
CA THR B 224 -16.36 20.66 19.26
C THR B 224 -16.75 19.21 18.93
N GLY B 225 -15.90 18.24 19.31
CA GLY B 225 -16.10 16.84 18.96
C GLY B 225 -15.34 16.42 17.71
N GLY B 226 -15.21 15.11 17.52
CA GLY B 226 -14.46 14.54 16.39
C GLY B 226 -15.01 14.83 15.00
N PHE B 227 -16.35 14.88 14.90
CA PHE B 227 -17.04 15.09 13.63
C PHE B 227 -17.23 16.55 13.21
N ALA B 228 -16.91 17.48 14.11
CA ALA B 228 -17.01 18.94 13.87
C ALA B 228 -16.27 19.44 12.62
N SER B 229 -15.10 18.86 12.36
CA SER B 229 -14.18 19.27 11.30
C SER B 229 -14.70 19.00 9.89
N LEU B 230 -15.64 18.06 9.78
CA LEU B 230 -16.31 17.73 8.51
C LEU B 230 -17.18 18.88 8.01
N PHE B 231 -17.48 19.83 8.90
CA PHE B 231 -18.41 20.92 8.62
C PHE B 231 -17.78 22.31 8.69
N ASP B 232 -16.46 22.38 8.52
CA ASP B 232 -15.72 23.65 8.50
C ASP B 232 -15.93 24.47 7.23
N LYS B 233 -16.34 23.80 6.18
CA LYS B 233 -16.77 24.47 4.97
C LYS B 233 -17.89 25.44 5.25
N GLN B 234 -19.08 24.90 5.47
CA GLN B 234 -20.39 25.48 5.18
C GLN B 234 -20.90 26.63 6.06
N GLY B 235 -19.97 27.47 6.54
CA GLY B 235 -20.31 28.70 7.30
C GLY B 235 -21.31 28.46 8.42
N LEU B 236 -21.02 27.45 9.23
CA LEU B 236 -21.94 26.92 10.21
C LEU B 236 -21.58 27.44 11.60
N TYR B 237 -20.31 27.28 11.96
CA TYR B 237 -19.80 27.76 13.24
C TYR B 237 -18.68 28.76 13.06
N ASP B 238 -18.56 29.67 14.03
CA ASP B 238 -17.50 30.68 14.07
C ASP B 238 -16.16 30.09 14.47
N HIS B 239 -16.15 29.29 15.53
CA HIS B 239 -14.89 28.73 16.08
C HIS B 239 -14.95 27.24 16.33
N LEU B 240 -13.81 26.58 16.14
CA LEU B 240 -13.66 25.15 16.43
C LEU B 240 -12.71 24.98 17.61
N VAL B 241 -13.23 24.47 18.73
CA VAL B 241 -12.42 24.17 19.91
C VAL B 241 -12.39 22.65 20.18
N PRO B 242 -11.37 21.95 19.64
CA PRO B 242 -11.23 20.50 19.88
C PRO B 242 -10.97 20.09 21.33
N ASP B 243 -10.56 21.02 22.19
CA ASP B 243 -10.25 20.73 23.59
C ASP B 243 -11.22 21.35 24.59
N LEU B 244 -12.40 21.73 24.12
CA LEU B 244 -13.38 22.48 24.92
C LEU B 244 -13.87 21.75 26.18
N VAL B 245 -13.99 20.42 26.11
CA VAL B 245 -14.38 19.64 27.30
C VAL B 245 -13.20 19.56 28.30
N LEU B 246 -12.01 19.23 27.81
CA LEU B 246 -10.80 19.17 28.63
C LEU B 246 -10.45 20.50 29.28
N GLN B 247 -10.62 21.59 28.52
CA GLN B 247 -10.41 22.96 29.02
C GLN B 247 -11.28 23.28 30.23
N GLY B 248 -12.59 23.04 30.10
CA GLY B 248 -13.56 23.28 31.17
C GLY B 248 -13.48 22.32 32.34
N ILE B 249 -12.79 21.20 32.16
CA ILE B 249 -12.55 20.24 33.24
C ILE B 249 -11.53 20.85 34.20
N ARG B 250 -10.45 21.36 33.61
CA ARG B 250 -9.38 22.04 34.32
C ARG B 250 -9.85 23.31 35.02
N LEU B 251 -10.69 24.08 34.33
CA LEU B 251 -11.29 25.32 34.86
C LEU B 251 -12.15 25.08 36.08
N ALA B 252 -13.01 24.06 36.02
CA ALA B 252 -13.87 23.67 37.14
C ALA B 252 -13.08 23.11 38.33
N ALA B 253 -11.92 22.55 38.04
CA ALA B 253 -11.02 22.03 39.06
C ALA B 253 -10.33 23.16 39.81
N MET B 254 -10.16 24.30 39.14
CA MET B 254 -9.52 25.48 39.72
C MET B 254 -10.47 26.30 40.57
N MET B 255 -11.72 26.40 40.11
CA MET B 255 -12.80 27.05 40.86
C MET B 255 -13.06 26.38 42.20
N ASN B 256 -12.86 25.06 42.26
CA ASN B 256 -13.07 24.30 43.48
C ASN B 256 -11.75 23.99 44.18
N THR B 257 -10.71 24.70 43.71
CA THR B 257 -9.45 25.02 44.42
C THR B 257 -8.62 23.89 45.02
N LEU C 3 6.92 -15.82 48.49
CA LEU C 3 5.77 -15.15 47.81
C LEU C 3 5.02 -16.09 46.88
N ILE C 4 3.75 -16.29 47.17
CA ILE C 4 2.83 -17.00 46.28
C ILE C 4 1.77 -16.05 45.71
N LEU C 5 1.49 -16.18 44.42
CA LEU C 5 0.39 -15.46 43.78
C LEU C 5 -0.83 -16.36 43.73
N CYS C 6 -1.93 -15.90 44.32
CA CYS C 6 -3.21 -16.62 44.28
C CYS C 6 -4.22 -15.92 43.39
N ILE C 7 -4.81 -16.66 42.46
CA ILE C 7 -5.77 -16.10 41.49
C ILE C 7 -7.09 -16.89 41.54
N ASP C 8 -8.20 -16.14 41.55
CA ASP C 8 -9.54 -16.72 41.50
C ASP C 8 -10.28 -16.25 40.24
N VAL C 9 -10.83 -17.18 39.46
CA VAL C 9 -11.57 -16.78 38.25
C VAL C 9 -13.10 -16.87 38.43
N GLY C 10 -13.70 -15.74 38.84
CA GLY C 10 -15.16 -15.64 39.02
C GLY C 10 -15.88 -15.18 37.76
N ASN C 11 -17.20 -15.01 37.85
CA ASN C 11 -18.02 -14.64 36.70
C ASN C 11 -17.89 -13.17 36.31
N SER C 12 -17.81 -12.30 37.30
CA SER C 12 -17.58 -10.88 37.05
C SER C 12 -16.08 -10.56 36.96
N HIS C 13 -15.31 -10.98 37.96
CA HIS C 13 -13.90 -10.59 38.06
C HIS C 13 -12.94 -11.78 38.15
N ILE C 14 -11.75 -11.57 37.61
CA ILE C 14 -10.57 -12.37 37.97
C ILE C 14 -9.93 -11.66 39.16
N TYR C 15 -9.86 -12.34 40.30
CA TYR C 15 -9.43 -11.73 41.53
C TYR C 15 -8.15 -12.38 42.04
N GLY C 16 -7.11 -11.56 42.16
CA GLY C 16 -5.81 -12.06 42.54
C GLY C 16 -5.26 -11.34 43.76
N GLY C 17 -4.41 -12.05 44.50
CA GLY C 17 -3.72 -11.49 45.66
C GLY C 17 -2.40 -12.22 45.92
N VAL C 18 -1.35 -11.46 46.19
CA VAL C 18 -0.05 -12.05 46.55
C VAL C 18 0.10 -12.16 48.07
N PHE C 19 0.39 -13.38 48.53
CA PHE C 19 0.65 -13.67 49.95
C PHE C 19 2.15 -13.69 50.22
N ASP C 20 2.60 -12.92 51.20
CA ASP C 20 3.92 -13.15 51.75
C ASP C 20 3.74 -13.99 53.01
N GLY C 21 4.14 -15.26 52.91
CA GLY C 21 3.83 -16.25 53.92
C GLY C 21 2.33 -16.39 54.10
N ASP C 22 1.82 -15.70 55.12
CA ASP C 22 0.47 -15.87 55.62
C ASP C 22 -0.40 -14.65 55.36
N GLU C 23 0.24 -13.52 55.02
CA GLU C 23 -0.43 -12.22 54.89
C GLU C 23 -0.41 -11.63 53.47
N ILE C 24 -1.58 -11.18 53.00
CA ILE C 24 -1.71 -10.58 51.66
C ILE C 24 -1.07 -9.20 51.59
N LYS C 25 -0.02 -9.10 50.78
CA LYS C 25 0.73 -7.85 50.61
C LYS C 25 0.05 -6.89 49.63
N LEU C 26 -0.69 -7.47 48.68
CA LEU C 26 -1.35 -6.74 47.61
C LEU C 26 -2.46 -7.58 47.01
N ARG C 27 -3.60 -6.94 46.74
CA ARG C 27 -4.70 -7.53 45.97
C ARG C 27 -4.79 -6.87 44.60
N PHE C 28 -5.40 -7.55 43.64
CA PHE C 28 -5.75 -6.94 42.36
C PHE C 28 -6.96 -7.58 41.68
N ARG C 29 -7.44 -6.94 40.63
CA ARG C 29 -8.63 -7.37 39.92
C ARG C 29 -8.52 -7.13 38.42
N HIS C 30 -9.07 -8.04 37.65
CA HIS C 30 -9.12 -7.98 36.21
C HIS C 30 -10.48 -8.57 35.83
N THR C 31 -11.00 -8.15 34.68
CA THR C 31 -12.28 -8.65 34.18
C THR C 31 -12.11 -10.10 33.74
N SER C 32 -13.16 -10.90 33.92
CA SER C 32 -13.23 -12.22 33.33
C SER C 32 -13.72 -12.02 31.90
N LYS C 33 -12.78 -12.13 30.97
CA LYS C 33 -13.00 -11.71 29.60
C LYS C 33 -12.24 -12.65 28.68
N VAL C 34 -12.66 -12.68 27.41
CA VAL C 34 -11.93 -13.39 26.37
C VAL C 34 -10.55 -12.78 26.18
N SER C 35 -9.55 -13.41 26.79
CA SER C 35 -8.17 -12.92 26.78
C SER C 35 -7.17 -13.94 26.24
N THR C 36 -5.97 -13.45 25.95
CA THR C 36 -4.87 -14.25 25.42
CA THR C 36 -4.88 -14.28 25.44
C THR C 36 -3.76 -14.35 26.46
N SER C 37 -2.88 -15.36 26.32
CA SER C 37 -1.76 -15.60 27.23
C SER C 37 -0.75 -14.45 27.26
N ASP C 38 -0.77 -13.62 26.22
CA ASP C 38 0.05 -12.43 26.15
C ASP C 38 -0.65 -11.25 26.83
N GLU C 39 -1.96 -11.12 26.65
CA GLU C 39 -2.77 -10.06 27.26
C GLU C 39 -2.80 -10.17 28.78
N LEU C 40 -2.97 -11.40 29.26
CA LEU C 40 -2.99 -11.69 30.69
C LEU C 40 -1.59 -11.63 31.31
N GLY C 41 -0.58 -12.06 30.57
CA GLY C 41 0.80 -12.05 31.07
C GLY C 41 1.44 -10.68 31.17
N ILE C 42 0.98 -9.75 30.33
CA ILE C 42 1.39 -8.35 30.42
C ILE C 42 0.76 -7.73 31.66
N PHE C 43 -0.54 -7.96 31.85
CA PHE C 43 -1.30 -7.42 32.97
C PHE C 43 -0.67 -7.85 34.29
N LEU C 44 -0.49 -9.16 34.46
CA LEU C 44 0.09 -9.76 35.67
C LEU C 44 1.44 -9.18 36.08
N LYS C 45 2.40 -9.15 35.16
CA LYS C 45 3.70 -8.52 35.40
C LYS C 45 3.61 -7.01 35.65
N SER C 46 2.76 -6.34 34.86
CA SER C 46 2.53 -4.91 35.00
C SER C 46 1.87 -4.58 36.35
N VAL C 47 0.78 -5.26 36.70
CA VAL C 47 0.08 -5.03 37.98
C VAL C 47 0.97 -5.31 39.20
N LEU C 48 1.89 -6.28 39.06
CA LEU C 48 2.91 -6.52 40.07
C LEU C 48 3.88 -5.33 40.15
N ARG C 49 4.51 -4.96 39.03
CA ARG C 49 5.51 -3.87 38.95
C ARG C 49 5.08 -2.51 39.50
N GLU C 50 3.92 -2.04 39.00
CA GLU C 50 3.40 -0.71 39.33
C GLU C 50 2.97 -0.60 40.78
N ASN C 51 2.60 -1.73 41.37
CA ASN C 51 2.28 -1.83 42.80
C ASN C 51 3.48 -2.23 43.67
N ASN C 52 4.69 -2.04 43.14
CA ASN C 52 5.96 -2.21 43.86
C ASN C 52 6.20 -3.63 44.38
N CYS C 53 5.87 -4.60 43.52
CA CYS C 53 6.15 -6.01 43.73
C CYS C 53 6.87 -6.51 42.49
N SER C 54 8.14 -6.91 42.65
CA SER C 54 8.90 -7.44 41.53
C SER C 54 8.30 -8.78 41.05
N PRO C 55 7.96 -8.89 39.74
CA PRO C 55 7.39 -10.11 39.18
C PRO C 55 8.34 -11.31 39.26
N GLU C 56 9.64 -11.03 39.35
CA GLU C 56 10.67 -12.06 39.46
C GLU C 56 10.96 -12.48 40.92
N THR C 57 10.12 -12.04 41.85
CA THR C 57 10.15 -12.53 43.24
C THR C 57 8.99 -13.49 43.52
N ILE C 58 7.98 -13.49 42.65
CA ILE C 58 6.86 -14.45 42.70
C ILE C 58 7.36 -15.84 42.30
N ARG C 59 7.51 -16.70 43.30
CA ARG C 59 8.09 -18.01 43.10
C ARG C 59 7.04 -19.10 42.87
N LYS C 60 5.83 -18.88 43.39
CA LYS C 60 4.73 -19.82 43.22
C LYS C 60 3.46 -19.13 42.69
N ILE C 61 2.67 -19.86 41.91
CA ILE C 61 1.35 -19.42 41.46
C ILE C 61 0.31 -20.55 41.66
N ALA C 62 -0.84 -20.20 42.22
CA ALA C 62 -1.95 -21.13 42.39
C ALA C 62 -3.26 -20.51 41.91
N ILE C 63 -4.03 -21.27 41.10
CA ILE C 63 -5.27 -20.76 40.48
C ILE C 63 -6.47 -21.68 40.71
N CYS C 64 -7.61 -21.11 41.10
CA CYS C 64 -8.90 -21.81 41.08
C CYS C 64 -9.90 -21.07 40.17
N SER C 65 -10.62 -21.83 39.35
CA SER C 65 -11.48 -21.23 38.32
C SER C 65 -12.90 -21.77 38.27
N VAL C 66 -13.83 -20.91 37.88
CA VAL C 66 -15.25 -21.28 37.71
C VAL C 66 -15.78 -20.90 36.31
N VAL C 67 -14.90 -20.31 35.49
CA VAL C 67 -15.17 -20.01 34.07
C VAL C 67 -14.08 -20.69 33.21
N PRO C 68 -14.43 -21.80 32.53
CA PRO C 68 -13.47 -22.66 31.82
C PRO C 68 -12.85 -22.06 30.55
N GLN C 69 -13.44 -20.99 30.01
CA GLN C 69 -12.88 -20.36 28.81
C GLN C 69 -11.64 -19.52 29.13
N VAL C 70 -11.53 -19.09 30.38
CA VAL C 70 -10.36 -18.35 30.86
C VAL C 70 -9.22 -19.30 31.27
N ASP C 71 -9.59 -20.55 31.59
CA ASP C 71 -8.66 -21.59 32.07
C ASP C 71 -7.38 -21.82 31.24
N TYR C 72 -7.49 -21.73 29.91
CA TYR C 72 -6.36 -22.05 29.03
C TYR C 72 -5.30 -20.95 28.93
N SER C 73 -5.74 -19.74 28.60
CA SER C 73 -4.82 -18.62 28.37
CA SER C 73 -4.84 -18.61 28.38
C SER C 73 -4.14 -18.15 29.65
N LEU C 74 -4.82 -18.29 30.78
CA LEU C 74 -4.26 -17.89 32.06
C LEU C 74 -3.22 -18.88 32.59
N ARG C 75 -3.43 -20.17 32.32
CA ARG C 75 -2.43 -21.21 32.60
C ARG C 75 -1.22 -21.06 31.67
N SER C 76 -1.48 -20.65 30.43
CA SER C 76 -0.43 -20.41 29.44
C SER C 76 0.39 -19.13 29.72
N ALA C 77 -0.24 -18.16 30.39
CA ALA C 77 0.40 -16.88 30.74
C ALA C 77 1.52 -17.02 31.78
N CYS C 78 1.30 -17.89 32.76
CA CYS C 78 2.28 -18.11 33.82
C CYS C 78 3.51 -18.83 33.30
N VAL C 79 3.31 -19.79 32.41
CA VAL C 79 4.40 -20.53 31.76
C VAL C 79 5.26 -19.61 30.89
N LYS C 80 4.59 -18.71 30.18
CA LYS C 80 5.23 -17.79 29.24
C LYS C 80 5.94 -16.64 29.97
N TYR C 81 5.27 -16.04 30.95
CA TYR C 81 5.76 -14.80 31.57
C TYR C 81 6.37 -14.92 32.98
N PHE C 82 6.22 -16.10 33.59
CA PHE C 82 6.72 -16.31 34.95
C PHE C 82 7.52 -17.61 35.05
N SER C 83 7.45 -18.42 33.99
CA SER C 83 8.04 -19.78 33.92
C SER C 83 7.57 -20.69 35.05
N ILE C 84 6.30 -20.54 35.44
CA ILE C 84 5.72 -21.30 36.54
C ILE C 84 4.53 -22.11 36.04
N ASP C 85 4.61 -23.43 36.21
CA ASP C 85 3.46 -24.30 35.99
C ASP C 85 2.57 -24.13 37.22
N PRO C 86 1.37 -23.56 37.05
CA PRO C 86 0.61 -23.18 38.23
C PRO C 86 -0.09 -24.36 38.88
N PHE C 87 -0.41 -24.24 40.16
CA PHE C 87 -1.24 -25.22 40.82
C PHE C 87 -2.67 -24.93 40.37
N LEU C 88 -3.36 -25.96 39.92
CA LEU C 88 -4.77 -25.84 39.60
C LEU C 88 -5.61 -26.61 40.61
N LEU C 89 -6.47 -25.90 41.34
CA LEU C 89 -7.48 -26.54 42.19
C LEU C 89 -8.54 -27.20 41.30
N GLN C 90 -8.25 -28.41 40.86
CA GLN C 90 -9.14 -29.18 39.97
C GLN C 90 -9.64 -30.41 40.67
N ALA C 91 -10.36 -31.24 39.93
CA ALA C 91 -10.76 -32.56 40.41
C ALA C 91 -9.54 -33.48 40.45
N GLY C 92 -9.28 -34.05 41.61
CA GLY C 92 -8.20 -35.01 41.79
C GLY C 92 -7.03 -34.55 42.63
N VAL C 93 -7.10 -33.32 43.13
CA VAL C 93 -6.07 -32.80 44.03
C VAL C 93 -6.48 -33.05 45.49
N LYS C 94 -5.52 -32.93 46.40
CA LYS C 94 -5.77 -33.07 47.82
C LYS C 94 -6.51 -31.84 48.34
N THR C 95 -7.76 -32.06 48.78
CA THR C 95 -8.59 -31.00 49.36
C THR C 95 -8.80 -31.20 50.86
N GLY C 96 -8.72 -32.45 51.32
CA GLY C 96 -8.87 -32.79 52.73
C GLY C 96 -10.32 -32.79 53.15
N LEU C 97 -11.21 -33.04 52.20
CA LEU C 97 -12.64 -33.06 52.46
C LEU C 97 -13.41 -34.07 51.60
N ASN C 98 -14.42 -34.66 52.20
CA ASN C 98 -15.33 -35.55 51.48
C ASN C 98 -16.51 -34.80 50.87
N ILE C 99 -16.54 -34.69 49.55
CA ILE C 99 -17.67 -34.06 48.84
C ILE C 99 -18.85 -35.03 48.72
N LYS C 100 -19.97 -34.66 49.32
CA LYS C 100 -21.16 -35.51 49.37
C LYS C 100 -22.20 -35.20 48.28
N TYR C 101 -21.76 -34.55 47.21
CA TYR C 101 -22.58 -34.35 46.01
C TYR C 101 -22.74 -35.66 45.25
N ARG C 102 -23.82 -35.76 44.46
CA ARG C 102 -24.04 -36.86 43.53
C ARG C 102 -22.88 -36.94 42.54
N ASN C 103 -22.53 -35.80 41.95
CA ASN C 103 -21.36 -35.66 41.12
C ASN C 103 -20.46 -34.57 41.69
N PRO C 104 -19.34 -34.98 42.33
CA PRO C 104 -18.35 -34.07 42.94
C PRO C 104 -17.66 -33.09 41.99
N VAL C 105 -17.83 -33.30 40.69
CA VAL C 105 -17.35 -32.36 39.66
C VAL C 105 -18.21 -31.10 39.63
N GLU C 106 -19.52 -31.25 39.90
CA GLU C 106 -20.49 -30.15 39.89
C GLU C 106 -20.19 -29.04 40.89
N VAL C 107 -19.48 -29.39 41.97
CA VAL C 107 -19.00 -28.43 42.95
C VAL C 107 -17.87 -27.61 42.35
N GLY C 108 -18.11 -26.30 42.19
CA GLY C 108 -17.13 -25.40 41.59
C GLY C 108 -15.93 -25.19 42.48
N ALA C 109 -14.80 -24.86 41.86
CA ALA C 109 -13.53 -24.63 42.56
C ALA C 109 -13.62 -23.57 43.65
N ASP C 110 -14.48 -22.58 43.39
CA ASP C 110 -14.81 -21.46 44.29
CA ASP C 110 -14.70 -21.49 44.34
C ASP C 110 -15.29 -21.95 45.67
N ARG C 111 -16.25 -22.88 45.62
CA ARG C 111 -16.93 -23.39 46.82
C ARG C 111 -16.04 -24.31 47.65
N ILE C 112 -15.16 -25.04 46.98
CA ILE C 112 -14.20 -25.91 47.64
C ILE C 112 -13.12 -25.09 48.34
N ALA C 113 -12.57 -24.10 47.64
CA ALA C 113 -11.61 -23.15 48.23
C ALA C 113 -12.15 -22.48 49.50
N ASN C 114 -13.42 -22.05 49.46
CA ASN C 114 -14.09 -21.49 50.64
C ASN C 114 -14.16 -22.49 51.81
N ALA C 115 -14.42 -23.75 51.49
CA ALA C 115 -14.63 -24.82 52.49
C ALA C 115 -13.33 -25.36 53.11
N ILE C 116 -12.25 -25.35 52.35
CA ILE C 116 -10.91 -25.66 52.86
C ILE C 116 -10.51 -24.62 53.92
N ALA C 117 -10.67 -23.34 53.57
CA ALA C 117 -10.30 -22.23 54.44
C ALA C 117 -11.26 -21.99 55.59
N ALA C 118 -12.51 -22.44 55.43
CA ALA C 118 -13.52 -22.31 56.48
C ALA C 118 -13.21 -23.27 57.60
N THR C 119 -12.82 -24.48 57.23
CA THR C 119 -12.55 -25.54 58.17
C THR C 119 -11.13 -25.47 58.73
N HIS C 120 -10.25 -24.73 58.07
CA HIS C 120 -8.89 -24.52 58.60
C HIS C 120 -8.91 -23.48 59.72
N SER C 121 -9.74 -22.46 59.54
CA SER C 121 -9.84 -21.34 60.47
C SER C 121 -10.63 -21.73 61.73
N PHE C 122 -11.66 -22.53 61.54
CA PHE C 122 -12.48 -23.04 62.64
C PHE C 122 -12.66 -24.55 62.44
N PRO C 123 -11.66 -25.34 62.90
CA PRO C 123 -11.47 -26.78 62.63
C PRO C 123 -12.67 -27.69 62.93
N ASN C 124 -12.93 -27.96 64.21
CA ASN C 124 -13.91 -28.98 64.57
C ASN C 124 -15.32 -28.42 64.80
N GLN C 125 -15.84 -27.71 63.79
CA GLN C 125 -17.14 -27.05 63.87
C GLN C 125 -17.96 -27.26 62.61
N ASN C 126 -19.26 -27.40 62.77
CA ASN C 126 -20.20 -27.44 61.64
C ASN C 126 -20.40 -26.03 61.06
N ILE C 127 -20.09 -25.87 59.78
CA ILE C 127 -20.11 -24.54 59.14
C ILE C 127 -21.15 -24.40 58.01
N ILE C 128 -21.89 -23.31 58.06
CA ILE C 128 -22.54 -22.76 56.86
C ILE C 128 -21.70 -21.57 56.39
N VAL C 129 -21.10 -21.70 55.21
CA VAL C 129 -20.47 -20.55 54.56
C VAL C 129 -21.50 -19.85 53.65
N ILE C 130 -21.52 -18.52 53.73
CA ILE C 130 -22.37 -17.69 52.86
C ILE C 130 -21.53 -16.73 52.02
N ASP C 131 -21.30 -17.10 50.77
CA ASP C 131 -20.71 -16.19 49.79
C ASP C 131 -21.72 -15.24 49.14
N PHE C 132 -21.72 -13.98 49.60
CA PHE C 132 -22.51 -12.89 49.03
C PHE C 132 -21.79 -12.28 47.82
N GLY C 133 -22.07 -12.79 46.63
CA GLY C 133 -21.34 -12.35 45.44
C GLY C 133 -22.28 -12.04 44.29
N THR C 134 -21.91 -12.51 43.10
CA THR C 134 -22.78 -12.48 41.92
C THR C 134 -24.04 -13.28 42.25
N ALA C 135 -23.83 -14.48 42.78
CA ALA C 135 -24.89 -15.24 43.41
C ALA C 135 -24.68 -15.21 44.92
N THR C 136 -25.74 -15.44 45.66
CA THR C 136 -25.66 -15.60 47.10
C THR C 136 -25.69 -17.11 47.34
N THR C 137 -24.55 -17.65 47.78
CA THR C 137 -24.39 -19.09 47.93
C THR C 137 -24.44 -19.51 49.38
N PHE C 138 -24.88 -20.74 49.62
CA PHE C 138 -24.93 -21.35 50.95
C PHE C 138 -24.32 -22.75 50.85
N CYS C 139 -23.45 -23.10 51.79
CA CYS C 139 -22.94 -24.46 51.87
C CYS C 139 -22.95 -25.00 53.28
N ALA C 140 -23.54 -26.18 53.45
CA ALA C 140 -23.37 -26.97 54.68
C ALA C 140 -22.02 -27.67 54.62
N ILE C 141 -21.25 -27.56 55.71
CA ILE C 141 -19.98 -28.28 55.85
C ILE C 141 -19.93 -28.87 57.26
N SER C 142 -19.78 -30.20 57.35
CA SER C 142 -19.75 -30.86 58.65
C SER C 142 -18.41 -30.68 59.35
N HIS C 143 -18.36 -30.97 60.66
CA HIS C 143 -17.15 -30.76 61.45
C HIS C 143 -16.02 -31.76 61.14
N LYS C 144 -16.40 -32.83 60.43
CA LYS C 144 -15.46 -33.83 59.89
C LYS C 144 -15.09 -33.47 58.45
N LYS C 145 -15.18 -32.18 58.14
CA LYS C 145 -14.89 -31.60 56.80
C LYS C 145 -15.67 -32.23 55.64
N ALA C 146 -16.92 -32.64 55.87
CA ALA C 146 -17.72 -33.18 54.78
C ALA C 146 -18.58 -32.10 54.13
N TYR C 147 -18.30 -31.81 52.86
CA TYR C 147 -19.10 -30.88 52.08
C TYR C 147 -20.43 -31.55 51.72
N LEU C 148 -21.47 -31.18 52.47
CA LEU C 148 -22.79 -31.81 52.35
C LEU C 148 -23.62 -31.23 51.22
N GLY C 149 -23.31 -30.00 50.82
CA GLY C 149 -24.08 -29.28 49.80
C GLY C 149 -24.72 -28.03 50.36
N GLY C 150 -25.68 -27.47 49.63
CA GLY C 150 -26.33 -26.23 50.04
C GLY C 150 -27.26 -25.62 49.00
N ALA C 151 -27.25 -24.29 48.90
CA ALA C 151 -28.17 -23.58 47.99
C ALA C 151 -27.55 -22.37 47.27
N ILE C 152 -28.15 -22.00 46.13
CA ILE C 152 -27.76 -20.78 45.41
C ILE C 152 -28.96 -19.83 45.19
N LEU C 153 -28.76 -18.57 45.55
CA LEU C 153 -29.78 -17.53 45.38
C LEU C 153 -29.23 -16.48 44.43
N PRO C 154 -30.12 -15.72 43.75
CA PRO C 154 -29.60 -14.59 42.97
C PRO C 154 -28.94 -13.58 43.91
N GLY C 155 -27.85 -12.98 43.45
CA GLY C 155 -27.11 -12.03 44.28
C GLY C 155 -27.87 -10.73 44.50
N LEU C 156 -27.27 -9.84 45.28
CA LEU C 156 -27.92 -8.57 45.58
C LEU C 156 -27.96 -7.68 44.33
N ARG C 157 -26.92 -7.75 43.52
CA ARG C 157 -26.91 -7.05 42.23
C ARG C 157 -27.83 -7.71 41.21
N LEU C 158 -27.75 -9.03 41.10
CA LEU C 158 -28.57 -9.77 40.16
C LEU C 158 -30.07 -9.67 40.43
N SER C 159 -30.46 -9.54 41.68
CA SER C 159 -31.87 -9.31 42.04
C SER C 159 -32.41 -7.94 41.61
N ALA C 160 -31.53 -6.92 41.61
CA ALA C 160 -31.92 -5.58 41.18
C ALA C 160 -31.85 -5.38 39.66
N ASP C 161 -30.85 -5.99 39.03
CA ASP C 161 -30.70 -5.97 37.57
C ASP C 161 -31.83 -6.74 36.84
N ALA C 162 -32.31 -7.81 37.48
CA ALA C 162 -33.36 -8.65 36.89
C ALA C 162 -34.66 -7.89 36.68
N LEU C 163 -34.99 -7.05 37.65
CA LEU C 163 -36.22 -6.26 37.60
C LEU C 163 -36.21 -5.14 36.57
N SER C 164 -35.03 -4.57 36.30
CA SER C 164 -34.93 -3.45 35.36
C SER C 164 -34.60 -3.83 33.92
N LYS C 165 -34.27 -5.10 33.69
CA LYS C 165 -33.94 -5.58 32.34
C LYS C 165 -35.03 -6.50 31.79
N ASN C 166 -35.92 -6.97 32.67
CA ASN C 166 -37.03 -7.83 32.27
C ASN C 166 -38.41 -7.24 32.61
N THR C 167 -38.45 -5.92 32.77
CA THR C 167 -39.69 -5.15 32.99
C THR C 167 -39.59 -3.89 32.15
N ALA C 168 -40.73 -3.46 31.60
CA ALA C 168 -40.81 -2.22 30.82
C ALA C 168 -40.70 -0.96 31.69
N LYS C 169 -41.38 -0.97 32.83
CA LYS C 169 -41.48 0.20 33.70
C LYS C 169 -40.95 -0.07 35.11
N LEU C 170 -39.63 -0.16 35.25
CA LEU C 170 -38.98 -0.36 36.55
C LEU C 170 -37.49 0.01 36.46
N PRO C 171 -37.03 0.95 37.31
CA PRO C 171 -35.66 1.48 37.29
C PRO C 171 -34.59 0.50 37.75
N SER C 172 -33.34 0.78 37.38
CA SER C 172 -32.18 0.15 38.05
C SER C 172 -31.84 1.00 39.27
N VAL C 173 -31.77 0.33 40.42
CA VAL C 173 -31.71 1.00 41.71
C VAL C 173 -30.34 0.78 42.36
N GLU C 174 -30.03 1.53 43.41
CA GLU C 174 -28.83 1.24 44.20
C GLU C 174 -29.21 0.45 45.46
N ILE C 175 -28.35 -0.48 45.81
CA ILE C 175 -28.56 -1.30 46.94
C ILE C 175 -28.08 -0.58 48.14
N ILE C 176 -29.00 -0.06 48.90
CA ILE C 176 -28.69 0.50 50.19
C ILE C 176 -29.27 -0.39 51.27
N LYS C 177 -29.12 -0.04 52.53
CA LYS C 177 -29.91 -0.68 53.54
C LYS C 177 -30.97 0.29 53.96
N THR C 178 -32.20 -0.20 54.02
CA THR C 178 -33.34 0.64 54.19
C THR C 178 -33.98 0.16 55.44
N GLU C 179 -34.45 1.09 56.26
CA GLU C 179 -35.01 0.79 57.57
C GLU C 179 -36.51 0.53 57.49
N SER C 180 -37.06 0.56 56.27
CA SER C 180 -38.49 0.39 55.99
C SER C 180 -38.75 -0.72 54.98
N VAL C 181 -39.91 -1.38 55.12
CA VAL C 181 -40.40 -2.39 54.15
C VAL C 181 -41.55 -1.88 53.29
N VAL C 182 -42.08 -0.72 53.66
CA VAL C 182 -43.22 -0.08 53.01
C VAL C 182 -42.72 1.12 52.20
N GLY C 183 -42.20 0.85 51.02
CA GLY C 183 -41.71 1.90 50.13
C GLY C 183 -42.86 2.69 49.54
N ARG C 184 -42.70 4.01 49.50
CA ARG C 184 -43.69 4.91 48.90
C ARG C 184 -43.15 5.55 47.60
N SER C 185 -42.27 4.80 46.97
CA SER C 185 -41.81 5.08 45.61
CA SER C 185 -41.75 5.08 45.63
C SER C 185 -41.46 3.73 44.96
N THR C 186 -41.25 3.73 43.64
CA THR C 186 -40.88 2.51 42.92
C THR C 186 -39.46 2.12 43.29
N ILE C 187 -38.60 3.14 43.35
CA ILE C 187 -37.20 3.04 43.77
C ILE C 187 -37.07 2.48 45.20
N GLU C 188 -37.90 2.96 46.12
CA GLU C 188 -37.90 2.46 47.51
C GLU C 188 -38.62 1.10 47.70
N SER C 189 -39.58 0.79 46.83
CA SER C 189 -40.26 -0.52 46.82
C SER C 189 -39.30 -1.67 46.47
N ILE C 190 -38.45 -1.47 45.47
CA ILE C 190 -37.43 -2.48 45.09
C ILE C 190 -36.32 -2.60 46.15
N GLN C 191 -35.91 -1.46 46.72
CA GLN C 191 -34.89 -1.41 47.78
C GLN C 191 -35.30 -2.11 49.08
N SER C 192 -36.57 -1.98 49.47
CA SER C 192 -37.12 -2.67 50.64
C SER C 192 -37.19 -4.17 50.38
N GLY C 193 -37.59 -4.53 49.16
CA GLY C 193 -37.77 -5.92 48.76
C GLY C 193 -36.50 -6.71 48.54
N VAL C 194 -35.51 -6.13 47.85
CA VAL C 194 -34.24 -6.83 47.64
C VAL C 194 -33.36 -6.89 48.90
N TYR C 195 -33.54 -5.94 49.83
CA TYR C 195 -32.86 -6.01 51.12
C TYR C 195 -33.51 -7.04 52.05
N TYR C 196 -34.76 -6.77 52.44
CA TYR C 196 -35.44 -7.62 53.43
C TYR C 196 -35.89 -8.98 52.89
N GLY C 197 -35.90 -9.12 51.57
CA GLY C 197 -36.16 -10.41 50.94
C GLY C 197 -35.03 -11.38 51.21
N VAL C 198 -33.81 -10.90 50.99
CA VAL C 198 -32.62 -11.76 51.12
C VAL C 198 -32.20 -11.93 52.59
N LEU C 199 -32.49 -10.94 53.43
CA LEU C 199 -32.33 -11.05 54.88
C LEU C 199 -33.21 -12.18 55.40
N GLY C 200 -34.47 -12.22 54.95
CA GLY C 200 -35.41 -13.29 55.32
C GLY C 200 -35.08 -14.62 54.68
N ALA C 201 -34.55 -14.56 53.45
CA ALA C 201 -34.06 -15.72 52.71
C ALA C 201 -32.89 -16.38 53.42
N CYS C 202 -32.01 -15.56 53.99
CA CYS C 202 -30.87 -16.04 54.73
C CYS C 202 -31.31 -16.63 56.06
N LYS C 203 -32.13 -15.90 56.81
CA LYS C 203 -32.72 -16.40 58.07
C LYS C 203 -33.34 -17.78 57.90
N GLU C 204 -34.15 -17.95 56.84
CA GLU C 204 -34.82 -19.21 56.52
C GLU C 204 -33.84 -20.32 56.13
N LEU C 205 -33.00 -20.05 55.14
CA LEU C 205 -31.97 -21.02 54.73
C LEU C 205 -31.02 -21.44 55.84
N ILE C 206 -30.76 -20.54 56.81
CA ILE C 206 -29.94 -20.85 57.98
C ILE C 206 -30.52 -21.99 58.80
N GLN C 207 -31.76 -21.83 59.29
CA GLN C 207 -32.37 -22.81 60.20
C GLN C 207 -32.79 -24.11 59.52
N ARG C 208 -33.11 -24.01 58.23
CA ARG C 208 -33.47 -25.16 57.42
C ARG C 208 -32.27 -26.10 57.22
N ILE C 209 -31.12 -25.54 56.84
CA ILE C 209 -29.86 -26.29 56.73
C ILE C 209 -29.40 -26.79 58.11
N HIS C 210 -29.51 -25.92 59.11
CA HIS C 210 -29.11 -26.19 60.50
C HIS C 210 -29.82 -27.42 61.11
N HIS C 211 -31.07 -27.64 60.72
CA HIS C 211 -31.85 -28.77 61.25
C HIS C 211 -31.94 -30.01 60.34
N GLU C 212 -31.48 -29.90 59.09
CA GLU C 212 -31.50 -31.02 58.16
C GLU C 212 -30.11 -31.66 57.96
N ALA C 213 -29.10 -30.80 57.80
CA ALA C 213 -27.73 -31.24 57.60
C ALA C 213 -27.03 -31.54 58.92
N PHE C 214 -27.20 -30.65 59.90
CA PHE C 214 -26.54 -30.78 61.21
C PHE C 214 -27.53 -31.19 62.31
N ASN C 215 -28.79 -31.37 61.89
CA ASN C 215 -29.88 -31.87 62.74
C ASN C 215 -30.15 -31.16 64.08
N GLY C 216 -29.59 -29.96 64.22
CA GLY C 216 -29.81 -29.10 65.39
C GLY C 216 -28.59 -28.79 66.23
N ASP C 217 -27.43 -29.30 65.81
CA ASP C 217 -26.18 -29.21 66.57
C ASP C 217 -25.52 -27.83 66.49
N GLN C 218 -24.46 -27.65 67.28
CA GLN C 218 -23.69 -26.40 67.32
C GLN C 218 -23.23 -25.91 65.94
N ILE C 219 -23.49 -24.63 65.67
CA ILE C 219 -23.37 -24.05 64.33
C ILE C 219 -22.49 -22.80 64.32
N LEU C 220 -21.48 -22.80 63.45
CA LEU C 220 -20.72 -21.57 63.17
C LEU C 220 -20.97 -21.10 61.76
N ILE C 221 -21.35 -19.84 61.63
CA ILE C 221 -21.76 -19.33 60.34
C ILE C 221 -20.89 -18.17 59.83
N LEU C 222 -20.15 -18.49 58.76
CA LEU C 222 -19.23 -17.57 58.11
C LEU C 222 -19.90 -16.87 56.93
N ALA C 223 -19.48 -15.62 56.69
CA ALA C 223 -19.90 -14.86 55.51
C ALA C 223 -18.72 -14.29 54.77
N THR C 224 -18.81 -14.29 53.43
CA THR C 224 -17.80 -13.68 52.59
C THR C 224 -18.42 -12.95 51.39
N GLY C 225 -17.59 -12.29 50.59
CA GLY C 225 -18.04 -11.59 49.39
C GLY C 225 -18.19 -10.09 49.54
N GLY C 226 -18.72 -9.44 48.51
CA GLY C 226 -18.87 -7.99 48.48
C GLY C 226 -20.06 -7.44 49.24
N PHE C 227 -21.19 -8.16 49.20
CA PHE C 227 -22.43 -7.72 49.84
C PHE C 227 -22.62 -8.19 51.29
N ALA C 228 -21.57 -8.77 51.86
CA ALA C 228 -21.62 -9.32 53.21
C ALA C 228 -21.77 -8.26 54.32
N SER C 229 -21.20 -7.08 54.09
CA SER C 229 -21.22 -5.96 55.05
C SER C 229 -22.60 -5.33 55.27
N LEU C 230 -23.47 -5.41 54.25
CA LEU C 230 -24.84 -4.91 54.32
C LEU C 230 -25.71 -5.66 55.33
N PHE C 231 -25.17 -6.75 55.88
CA PHE C 231 -25.87 -7.60 56.84
C PHE C 231 -25.06 -7.85 58.12
N ASP C 232 -24.05 -7.01 58.36
CA ASP C 232 -23.14 -7.14 59.52
C ASP C 232 -23.76 -6.72 60.86
N LYS C 233 -24.98 -6.17 60.77
CA LYS C 233 -25.67 -5.55 61.89
C LYS C 233 -26.90 -6.36 62.35
N GLN C 234 -27.38 -7.26 61.48
CA GLN C 234 -28.64 -7.96 61.70
C GLN C 234 -28.52 -9.25 62.49
N GLY C 235 -27.29 -9.57 62.94
CA GLY C 235 -27.00 -10.81 63.69
C GLY C 235 -27.29 -12.07 62.89
N LEU C 236 -26.77 -12.10 61.66
CA LEU C 236 -27.05 -13.16 60.69
C LEU C 236 -25.95 -14.20 60.67
N TYR C 237 -24.71 -13.71 60.72
CA TYR C 237 -23.54 -14.56 60.74
C TYR C 237 -22.66 -14.22 61.94
N ASP C 238 -21.65 -15.05 62.19
CA ASP C 238 -20.75 -14.83 63.31
C ASP C 238 -19.46 -14.13 62.86
N HIS C 239 -18.91 -14.58 61.74
CA HIS C 239 -17.66 -14.05 61.22
C HIS C 239 -17.77 -13.59 59.77
N LEU C 240 -17.19 -12.42 59.51
CA LEU C 240 -17.06 -11.90 58.17
C LEU C 240 -15.58 -12.04 57.80
N VAL C 241 -15.31 -12.87 56.79
CA VAL C 241 -13.95 -13.08 56.28
C VAL C 241 -13.92 -12.62 54.82
N PRO C 242 -13.54 -11.34 54.59
CA PRO C 242 -13.49 -10.75 53.25
C PRO C 242 -12.63 -11.49 52.22
N ASP C 243 -11.55 -12.13 52.66
CA ASP C 243 -10.61 -12.76 51.72
C ASP C 243 -10.52 -14.29 51.82
N LEU C 244 -11.66 -14.91 52.13
CA LEU C 244 -11.76 -16.35 52.38
C LEU C 244 -11.34 -17.23 51.19
N VAL C 245 -11.60 -16.79 49.97
CA VAL C 245 -11.31 -17.57 48.76
C VAL C 245 -9.80 -17.75 48.50
N LEU C 246 -9.04 -16.67 48.64
CA LEU C 246 -7.60 -16.67 48.37
C LEU C 246 -6.80 -17.42 49.45
N GLN C 247 -7.32 -17.38 50.68
CA GLN C 247 -6.84 -18.21 51.79
C GLN C 247 -6.90 -19.70 51.45
N GLY C 248 -8.05 -20.13 50.91
CA GLY C 248 -8.27 -21.52 50.52
C GLY C 248 -7.45 -21.97 49.34
N ILE C 249 -7.21 -21.05 48.41
CA ILE C 249 -6.35 -21.30 47.24
C ILE C 249 -4.90 -21.58 47.68
N ARG C 250 -4.41 -20.79 48.65
CA ARG C 250 -3.08 -20.98 49.25
CA ARG C 250 -3.07 -21.02 49.17
C ARG C 250 -2.97 -22.30 50.03
N LEU C 251 -3.95 -22.54 50.90
CA LEU C 251 -4.02 -23.73 51.73
C LEU C 251 -4.11 -25.04 50.93
N ALA C 252 -4.66 -24.96 49.72
CA ALA C 252 -4.77 -26.14 48.85
C ALA C 252 -3.51 -26.33 48.02
N ALA C 253 -2.81 -25.24 47.74
CA ALA C 253 -1.50 -25.30 47.12
C ALA C 253 -0.47 -25.78 48.15
N MET C 254 -0.66 -25.36 49.41
CA MET C 254 0.17 -25.80 50.54
C MET C 254 0.02 -27.29 50.84
N MET C 255 -1.22 -27.78 50.78
CA MET C 255 -1.57 -29.21 50.92
C MET C 255 -0.98 -30.06 49.80
N ASN C 256 -0.62 -29.42 48.69
CA ASN C 256 -0.19 -30.13 47.47
C ASN C 256 1.27 -29.90 47.06
N THR C 257 2.00 -29.07 47.81
CA THR C 257 3.42 -28.79 47.53
C THR C 257 4.30 -29.27 48.70
N ALA C 258 5.54 -29.69 48.38
CA ALA C 258 6.47 -30.19 49.39
C ALA C 258 7.07 -29.03 50.21
N SER D 2 -72.83 -8.17 32.06
CA SER D 2 -72.46 -9.13 31.03
C SER D 2 -72.22 -8.45 29.68
N LEU D 3 -71.74 -9.22 28.73
CA LEU D 3 -70.41 -9.83 28.81
C LEU D 3 -69.33 -8.76 28.81
N ILE D 4 -68.30 -8.97 29.63
CA ILE D 4 -67.17 -8.04 29.70
C ILE D 4 -65.85 -8.77 29.57
N LEU D 5 -64.95 -8.22 28.74
CA LEU D 5 -63.62 -8.78 28.57
C LEU D 5 -62.58 -7.96 29.35
N CYS D 6 -62.05 -8.54 30.42
CA CYS D 6 -60.97 -7.91 31.20
C CYS D 6 -59.62 -8.42 30.74
N ILE D 7 -58.70 -7.47 30.47
CA ILE D 7 -57.36 -7.81 29.98
C ILE D 7 -56.26 -7.20 30.85
N ASP D 8 -55.39 -8.06 31.36
CA ASP D 8 -54.25 -7.66 32.16
C ASP D 8 -53.01 -7.79 31.29
N VAL D 9 -52.34 -6.67 31.03
CA VAL D 9 -51.10 -6.69 30.27
C VAL D 9 -49.92 -6.63 31.22
N GLY D 10 -49.33 -7.79 31.48
CA GLY D 10 -48.21 -7.91 32.41
C GLY D 10 -46.90 -7.90 31.63
N ASN D 11 -45.79 -7.99 32.35
CA ASN D 11 -44.49 -8.04 31.70
C ASN D 11 -44.16 -9.42 31.15
N SER D 12 -44.61 -10.47 31.84
CA SER D 12 -44.53 -11.83 31.31
C SER D 12 -45.63 -12.07 30.28
N HIS D 13 -46.89 -11.91 30.71
CA HIS D 13 -48.04 -12.36 29.93
C HIS D 13 -49.15 -11.31 29.78
N ILE D 14 -49.84 -11.36 28.64
CA ILE D 14 -51.15 -10.74 28.55
C ILE D 14 -52.14 -11.79 29.04
N TYR D 15 -52.80 -11.50 30.17
CA TYR D 15 -53.75 -12.41 30.77
C TYR D 15 -55.15 -11.85 30.67
N GLY D 16 -56.04 -12.61 30.05
CA GLY D 16 -57.42 -12.18 29.88
C GLY D 16 -58.44 -13.08 30.53
N GLY D 17 -59.63 -12.53 30.74
CA GLY D 17 -60.78 -13.29 31.20
C GLY D 17 -62.08 -12.64 30.75
N VAL D 18 -63.15 -13.42 30.73
CA VAL D 18 -64.48 -12.87 30.44
C VAL D 18 -65.45 -13.17 31.60
N PHE D 19 -66.20 -12.15 31.98
CA PHE D 19 -67.16 -12.24 33.06
C PHE D 19 -68.58 -12.24 32.52
N ASP D 20 -69.31 -13.33 32.77
CA ASP D 20 -70.76 -13.36 32.55
C ASP D 20 -71.40 -12.85 33.82
N GLY D 21 -71.38 -11.53 34.00
CA GLY D 21 -71.81 -10.91 35.24
C GLY D 21 -70.66 -10.92 36.22
N ASP D 22 -70.82 -11.69 37.29
CA ASP D 22 -69.87 -11.75 38.40
C ASP D 22 -68.86 -12.90 38.23
N GLU D 23 -69.22 -13.88 37.40
CA GLU D 23 -68.48 -15.14 37.31
C GLU D 23 -67.66 -15.27 36.04
N ILE D 24 -66.51 -15.93 36.14
CA ILE D 24 -65.64 -16.16 34.98
C ILE D 24 -66.08 -17.37 34.15
N LYS D 25 -66.47 -17.08 32.91
CA LYS D 25 -66.87 -18.10 31.95
C LYS D 25 -65.62 -18.69 31.28
N LEU D 26 -64.57 -17.87 31.18
CA LEU D 26 -63.37 -18.21 30.43
C LEU D 26 -62.17 -17.36 30.83
N ARG D 27 -60.98 -17.96 30.80
CA ARG D 27 -59.74 -17.21 30.92
C ARG D 27 -58.72 -17.69 29.87
N PHE D 28 -57.86 -16.78 29.44
CA PHE D 28 -56.85 -17.07 28.42
C PHE D 28 -55.53 -16.33 28.67
N ARG D 29 -54.47 -16.75 27.98
CA ARG D 29 -53.15 -16.16 28.17
C ARG D 29 -52.39 -15.99 26.84
N HIS D 30 -51.73 -14.85 26.71
CA HIS D 30 -50.94 -14.49 25.53
C HIS D 30 -49.57 -13.92 25.94
N THR D 31 -48.56 -14.14 25.09
CA THR D 31 -47.21 -13.61 25.28
C THR D 31 -47.15 -12.08 25.20
N SER D 32 -46.51 -11.45 26.19
CA SER D 32 -46.23 -10.01 26.16
C SER D 32 -45.12 -9.70 25.16
N LYS D 33 -45.52 -9.46 23.91
CA LYS D 33 -44.60 -9.16 22.84
CA LYS D 33 -44.59 -9.17 22.83
C LYS D 33 -45.11 -8.04 21.96
N VAL D 34 -44.21 -7.46 21.16
CA VAL D 34 -44.57 -6.44 20.18
C VAL D 34 -45.44 -7.08 19.08
N SER D 35 -46.74 -6.79 19.15
CA SER D 35 -47.73 -7.29 18.20
C SER D 35 -48.55 -6.12 17.70
N THR D 36 -49.12 -6.26 16.50
CA THR D 36 -49.97 -5.23 15.93
CA THR D 36 -49.98 -5.25 15.90
C THR D 36 -51.41 -5.48 16.35
N SER D 37 -52.30 -4.54 16.01
CA SER D 37 -53.74 -4.63 16.29
C SER D 37 -54.41 -5.78 15.56
N ASP D 38 -53.86 -6.15 14.40
CA ASP D 38 -54.40 -7.27 13.63
C ASP D 38 -54.03 -8.59 14.26
N GLU D 39 -52.78 -8.73 14.68
CA GLU D 39 -52.33 -9.94 15.37
C GLU D 39 -53.10 -10.13 16.67
N LEU D 40 -53.29 -9.04 17.41
CA LEU D 40 -54.03 -9.07 18.68
C LEU D 40 -55.52 -9.34 18.52
N GLY D 41 -56.15 -8.61 17.60
CA GLY D 41 -57.59 -8.72 17.35
C GLY D 41 -58.05 -10.04 16.74
N ILE D 42 -57.18 -10.66 15.95
CA ILE D 42 -57.40 -12.02 15.42
C ILE D 42 -57.30 -13.03 16.56
N PHE D 43 -56.27 -12.91 17.39
CA PHE D 43 -56.09 -13.77 18.56
C PHE D 43 -57.27 -13.66 19.51
N LEU D 44 -57.71 -12.44 19.77
CA LEU D 44 -58.81 -12.16 20.69
C LEU D 44 -60.16 -12.66 20.21
N LYS D 45 -60.44 -12.51 18.92
CA LYS D 45 -61.67 -13.04 18.34
C LYS D 45 -61.64 -14.57 18.29
N SER D 46 -60.51 -15.13 17.86
CA SER D 46 -60.36 -16.59 17.78
C SER D 46 -60.25 -17.30 19.12
N VAL D 47 -59.74 -16.61 20.15
CA VAL D 47 -59.62 -17.22 21.48
C VAL D 47 -60.97 -17.39 22.19
N LEU D 48 -61.92 -16.52 21.87
CA LEU D 48 -63.26 -16.58 22.45
C LEU D 48 -64.08 -17.66 21.76
N ARG D 49 -63.94 -17.73 20.44
CA ARG D 49 -64.74 -18.62 19.60
C ARG D 49 -64.32 -20.09 19.73
N GLU D 50 -63.05 -20.36 20.02
CA GLU D 50 -62.59 -21.73 20.23
C GLU D 50 -62.80 -22.23 21.67
N ASN D 51 -63.46 -21.41 22.47
CA ASN D 51 -63.86 -21.77 23.84
C ASN D 51 -65.36 -21.47 24.07
N ASN D 52 -66.15 -21.66 23.03
CA ASN D 52 -67.61 -21.45 23.01
C ASN D 52 -68.11 -20.11 23.54
N CYS D 53 -67.69 -19.03 22.89
CA CYS D 53 -68.11 -17.66 23.24
C CYS D 53 -68.03 -16.81 21.97
N SER D 54 -69.18 -16.46 21.40
CA SER D 54 -69.19 -15.63 20.20
C SER D 54 -68.64 -14.26 20.52
N PRO D 55 -67.62 -13.80 19.75
CA PRO D 55 -66.93 -12.52 20.00
C PRO D 55 -67.88 -11.32 19.95
N GLU D 56 -69.03 -11.50 19.30
CA GLU D 56 -70.06 -10.47 19.18
C GLU D 56 -70.83 -10.28 20.47
N THR D 57 -70.86 -11.30 21.32
CA THR D 57 -71.58 -11.23 22.60
C THR D 57 -70.86 -10.41 23.68
N ILE D 58 -69.59 -10.07 23.43
CA ILE D 58 -68.83 -9.18 24.33
C ILE D 58 -69.23 -7.72 24.10
N ARG D 59 -69.70 -7.06 25.15
CA ARG D 59 -70.22 -5.69 25.03
C ARG D 59 -69.32 -4.62 25.66
N LYS D 60 -68.47 -5.04 26.59
CA LYS D 60 -67.51 -4.16 27.24
C LYS D 60 -66.10 -4.76 27.25
N ILE D 61 -65.09 -3.90 27.15
CA ILE D 61 -63.70 -4.30 27.26
C ILE D 61 -62.98 -3.40 28.26
N ALA D 62 -62.46 -3.99 29.34
CA ALA D 62 -61.73 -3.27 30.36
C ALA D 62 -60.27 -3.72 30.36
N ILE D 63 -59.34 -2.77 30.28
CA ILE D 63 -57.91 -3.07 30.20
C ILE D 63 -57.12 -2.45 31.34
N CYS D 64 -56.16 -3.22 31.87
CA CYS D 64 -55.14 -2.72 32.79
C CYS D 64 -53.76 -3.13 32.25
N SER D 65 -52.79 -2.21 32.31
CA SER D 65 -51.51 -2.40 31.62
C SER D 65 -50.29 -1.76 32.27
N VAL D 66 -49.20 -2.51 32.32
CA VAL D 66 -47.92 -1.98 32.79
C VAL D 66 -46.85 -1.95 31.68
N VAL D 67 -47.24 -2.41 30.50
CA VAL D 67 -46.39 -2.31 29.30
C VAL D 67 -47.04 -1.33 28.31
N PRO D 68 -46.50 -0.09 28.23
CA PRO D 68 -47.07 1.01 27.43
C PRO D 68 -46.92 0.83 25.92
N GLN D 69 -45.96 0.00 25.51
CA GLN D 69 -45.68 -0.26 24.09
CA GLN D 69 -45.68 -0.25 24.09
C GLN D 69 -46.75 -1.15 23.45
N VAL D 70 -47.43 -1.93 24.29
CA VAL D 70 -48.55 -2.80 23.90
C VAL D 70 -49.83 -1.98 23.75
N ASP D 71 -49.90 -0.86 24.47
CA ASP D 71 -51.14 -0.10 24.69
C ASP D 71 -51.86 0.45 23.47
N TYR D 72 -51.13 1.05 22.53
CA TYR D 72 -51.76 1.63 21.34
C TYR D 72 -52.32 0.56 20.40
N SER D 73 -51.53 -0.50 20.18
CA SER D 73 -51.91 -1.58 19.30
C SER D 73 -53.08 -2.40 19.86
N LEU D 74 -53.13 -2.54 21.18
CA LEU D 74 -54.20 -3.29 21.85
C LEU D 74 -55.55 -2.57 21.83
N ARG D 75 -55.52 -1.26 22.06
CA ARG D 75 -56.72 -0.40 21.99
C ARG D 75 -57.30 -0.38 20.58
N SER D 76 -56.41 -0.32 19.60
CA SER D 76 -56.76 -0.31 18.19
CA SER D 76 -56.74 -0.32 18.18
C SER D 76 -57.37 -1.64 17.74
N ALA D 77 -56.93 -2.73 18.35
CA ALA D 77 -57.46 -4.07 18.10
C ALA D 77 -58.92 -4.19 18.55
N CYS D 78 -59.30 -3.43 19.56
CA CYS D 78 -60.66 -3.44 20.10
C CYS D 78 -61.65 -2.61 19.29
N VAL D 79 -61.21 -1.44 18.80
CA VAL D 79 -62.06 -0.56 17.99
C VAL D 79 -62.35 -1.19 16.61
N LYS D 80 -61.35 -1.89 16.06
CA LYS D 80 -61.48 -2.51 14.75
C LYS D 80 -62.24 -3.84 14.80
N TYR D 81 -61.87 -4.69 15.76
CA TYR D 81 -62.35 -6.07 15.77
C TYR D 81 -63.56 -6.33 16.66
N PHE D 82 -63.78 -5.47 17.64
CA PHE D 82 -64.93 -5.63 18.56
C PHE D 82 -65.85 -4.43 18.52
N SER D 83 -65.37 -3.33 17.94
CA SER D 83 -66.10 -2.05 17.81
C SER D 83 -66.56 -1.44 19.14
N ILE D 84 -65.75 -1.64 20.17
CA ILE D 84 -65.91 -0.94 21.43
C ILE D 84 -64.56 -0.28 21.75
N ASP D 85 -64.61 0.95 22.25
CA ASP D 85 -63.42 1.64 22.73
C ASP D 85 -63.23 1.26 24.19
N PRO D 86 -62.10 0.59 24.51
CA PRO D 86 -61.93 0.00 25.83
C PRO D 86 -61.70 0.98 26.98
N PHE D 87 -62.13 0.58 28.17
CA PHE D 87 -61.82 1.31 29.39
C PHE D 87 -60.39 0.98 29.79
N LEU D 88 -59.61 2.02 30.08
CA LEU D 88 -58.24 1.84 30.51
C LEU D 88 -58.09 2.31 31.93
N LEU D 89 -57.45 1.48 32.76
CA LEU D 89 -57.12 1.82 34.15
C LEU D 89 -55.86 2.69 34.19
N GLN D 90 -56.09 4.01 34.16
CA GLN D 90 -55.05 5.00 33.93
C GLN D 90 -54.95 5.99 35.09
N ALA D 91 -53.93 6.85 35.02
CA ALA D 91 -53.80 7.98 35.95
C ALA D 91 -55.00 8.91 35.80
N GLY D 92 -55.71 9.14 36.90
CA GLY D 92 -56.83 10.08 36.92
C GLY D 92 -58.21 9.47 36.87
N VAL D 93 -58.30 8.14 36.86
CA VAL D 93 -59.60 7.47 36.91
C VAL D 93 -59.97 7.17 38.36
N LYS D 94 -61.27 7.08 38.63
CA LYS D 94 -61.77 6.83 39.97
C LYS D 94 -61.43 5.40 40.41
N THR D 95 -60.65 5.32 41.48
CA THR D 95 -60.19 4.04 42.02
C THR D 95 -60.90 3.70 43.34
N GLY D 96 -61.25 4.72 44.11
CA GLY D 96 -61.95 4.53 45.40
C GLY D 96 -61.01 4.27 46.57
N LEU D 97 -59.71 4.40 46.32
CA LEU D 97 -58.71 4.30 47.38
C LEU D 97 -57.82 5.53 47.55
N ASN D 98 -57.15 5.60 48.70
CA ASN D 98 -56.15 6.63 48.97
C ASN D 98 -54.76 6.09 48.73
N ILE D 99 -54.09 6.60 47.69
CA ILE D 99 -52.73 6.17 47.37
C ILE D 99 -51.72 7.01 48.16
N LYS D 100 -50.98 6.34 49.04
CA LYS D 100 -49.99 7.00 49.91
C LYS D 100 -48.57 7.05 49.33
N TYR D 101 -48.41 6.65 48.08
CA TYR D 101 -47.23 6.94 47.28
C TYR D 101 -47.06 8.45 47.14
N ARG D 102 -45.81 8.91 47.17
CA ARG D 102 -45.49 10.34 47.03
CA ARG D 102 -45.52 10.34 47.03
C ARG D 102 -45.79 10.82 45.60
N ASN D 103 -45.78 9.87 44.66
CA ASN D 103 -46.31 10.07 43.32
C ASN D 103 -47.19 8.88 42.98
N PRO D 104 -48.52 9.05 43.09
CA PRO D 104 -49.52 8.00 42.81
C PRO D 104 -49.48 7.42 41.39
N VAL D 105 -48.90 8.16 40.46
CA VAL D 105 -48.69 7.72 39.07
C VAL D 105 -47.71 6.55 39.00
N GLU D 106 -46.72 6.53 39.90
CA GLU D 106 -45.71 5.47 39.95
C GLU D 106 -46.27 4.08 40.29
N VAL D 107 -47.44 4.03 40.92
CA VAL D 107 -48.14 2.77 41.15
C VAL D 107 -48.69 2.27 39.81
N GLY D 108 -48.28 1.07 39.43
CA GLY D 108 -48.77 0.44 38.21
C GLY D 108 -50.20 -0.05 38.38
N ALA D 109 -50.94 -0.03 37.27
CA ALA D 109 -52.35 -0.41 37.21
C ALA D 109 -52.66 -1.78 37.84
N ASP D 110 -51.70 -2.70 37.78
CA ASP D 110 -51.83 -4.04 38.38
C ASP D 110 -51.92 -4.03 39.91
N ARG D 111 -51.15 -3.17 40.54
CA ARG D 111 -51.14 -3.02 41.96
C ARG D 111 -52.42 -2.29 42.38
N ILE D 112 -52.94 -1.43 41.52
CA ILE D 112 -54.18 -0.69 41.74
C ILE D 112 -55.40 -1.61 41.57
N ALA D 113 -55.37 -2.45 40.53
CA ALA D 113 -56.42 -3.45 40.27
C ALA D 113 -56.55 -4.48 41.39
N ASN D 114 -55.41 -4.96 41.87
CA ASN D 114 -55.36 -5.89 42.99
C ASN D 114 -55.88 -5.31 44.31
N ALA D 115 -55.57 -4.05 44.58
CA ALA D 115 -56.06 -3.35 45.77
C ALA D 115 -57.54 -2.95 45.68
N ILE D 116 -58.05 -2.78 44.45
CA ILE D 116 -59.48 -2.48 44.22
C ILE D 116 -60.34 -3.71 44.56
N ALA D 117 -59.93 -4.87 44.06
CA ALA D 117 -60.68 -6.12 44.24
C ALA D 117 -60.58 -6.68 45.66
N ALA D 118 -59.42 -6.52 46.28
CA ALA D 118 -59.18 -6.97 47.66
C ALA D 118 -60.12 -6.28 48.66
N THR D 119 -60.25 -4.96 48.52
CA THR D 119 -61.07 -4.13 49.41
C THR D 119 -62.57 -4.28 49.12
N HIS D 120 -62.92 -4.86 47.98
CA HIS D 120 -64.31 -5.14 47.64
C HIS D 120 -64.72 -6.50 48.19
N SER D 121 -63.81 -7.47 48.09
CA SER D 121 -64.05 -8.83 48.55
C SER D 121 -63.97 -8.95 50.07
N PHE D 122 -63.08 -8.18 50.69
CA PHE D 122 -62.95 -8.18 52.15
C PHE D 122 -62.88 -6.73 52.67
N PRO D 123 -64.03 -6.01 52.68
CA PRO D 123 -64.14 -4.55 52.88
C PRO D 123 -63.36 -3.91 54.04
N ASN D 124 -63.87 -3.98 55.27
CA ASN D 124 -63.25 -3.27 56.39
C ASN D 124 -62.15 -4.06 57.08
N GLN D 125 -61.13 -4.43 56.30
CA GLN D 125 -60.00 -5.23 56.78
C GLN D 125 -58.64 -4.71 56.31
N ASN D 126 -57.61 -4.95 57.10
CA ASN D 126 -56.23 -4.64 56.73
C ASN D 126 -55.67 -5.75 55.86
N ILE D 127 -55.31 -5.42 54.63
CA ILE D 127 -54.93 -6.42 53.64
C ILE D 127 -53.47 -6.31 53.17
N ILE D 128 -52.71 -7.38 53.34
CA ILE D 128 -51.48 -7.58 52.57
C ILE D 128 -51.84 -8.44 51.36
N VAL D 129 -51.53 -7.97 50.16
CA VAL D 129 -51.67 -8.79 48.96
C VAL D 129 -50.29 -9.11 48.39
N ILE D 130 -50.00 -10.40 48.22
CA ILE D 130 -48.78 -10.86 47.58
C ILE D 130 -49.09 -11.34 46.18
N ASP D 131 -48.45 -10.73 45.18
CA ASP D 131 -48.55 -11.21 43.81
C ASP D 131 -47.25 -11.90 43.45
N PHE D 132 -47.35 -13.19 43.16
CA PHE D 132 -46.20 -13.99 42.75
C PHE D 132 -46.11 -13.96 41.22
N GLY D 133 -45.85 -12.77 40.68
CA GLY D 133 -45.85 -12.55 39.24
C GLY D 133 -44.45 -12.63 38.67
N THR D 134 -44.19 -11.78 37.67
CA THR D 134 -42.85 -11.63 37.11
C THR D 134 -41.96 -10.97 38.14
N ALA D 135 -42.59 -10.26 39.08
CA ALA D 135 -41.98 -9.79 40.31
C ALA D 135 -42.81 -10.31 41.46
N THR D 136 -42.16 -10.67 42.57
CA THR D 136 -42.88 -10.98 43.81
C THR D 136 -43.10 -9.68 44.58
N THR D 137 -44.36 -9.26 44.63
CA THR D 137 -44.75 -7.97 45.21
C THR D 137 -45.51 -8.16 46.53
N PHE D 138 -45.34 -7.21 47.46
CA PHE D 138 -46.04 -7.22 48.74
C PHE D 138 -46.70 -5.86 48.94
N CYS D 139 -48.04 -5.81 48.99
CA CYS D 139 -48.77 -4.53 49.02
C CYS D 139 -49.70 -4.35 50.22
N ALA D 140 -49.42 -3.32 51.02
CA ALA D 140 -50.15 -3.01 52.27
C ALA D 140 -51.34 -2.05 52.07
N ILE D 141 -52.54 -2.52 52.42
CA ILE D 141 -53.80 -1.75 52.30
C ILE D 141 -54.53 -1.78 53.64
N SER D 142 -55.03 -0.62 54.07
CA SER D 142 -55.71 -0.52 55.37
C SER D 142 -57.23 -0.54 55.23
N HIS D 143 -57.91 -0.80 56.36
CA HIS D 143 -59.38 -0.92 56.41
C HIS D 143 -60.14 0.34 56.00
N LYS D 144 -59.39 1.45 55.89
CA LYS D 144 -59.89 2.73 55.38
C LYS D 144 -59.71 2.87 53.86
N LYS D 145 -59.43 1.74 53.19
CA LYS D 145 -59.11 1.69 51.75
C LYS D 145 -57.91 2.58 51.41
N ALA D 146 -56.80 2.39 52.11
CA ALA D 146 -55.63 3.22 51.86
C ALA D 146 -54.42 2.42 51.40
N TYR D 147 -53.97 2.69 50.17
CA TYR D 147 -52.79 2.06 49.59
C TYR D 147 -51.52 2.66 50.20
N LEU D 148 -51.03 2.02 51.26
CA LEU D 148 -49.91 2.56 52.05
C LEU D 148 -48.52 2.44 51.41
N GLY D 149 -48.40 1.57 50.40
CA GLY D 149 -47.13 1.32 49.74
C GLY D 149 -46.84 -0.16 49.64
N GLY D 150 -45.55 -0.50 49.66
CA GLY D 150 -45.12 -1.91 49.70
C GLY D 150 -43.75 -2.20 49.11
N ALA D 151 -43.46 -3.49 48.96
CA ALA D 151 -42.16 -3.98 48.47
C ALA D 151 -42.22 -4.73 47.15
N ILE D 152 -41.10 -4.68 46.42
CA ILE D 152 -40.96 -5.34 45.12
C ILE D 152 -39.66 -6.15 45.14
N LEU D 153 -39.76 -7.39 44.67
CA LEU D 153 -38.71 -8.38 44.74
C LEU D 153 -38.82 -9.11 43.40
N PRO D 154 -37.70 -9.61 42.84
CA PRO D 154 -37.79 -10.34 41.58
C PRO D 154 -38.55 -11.66 41.70
N GLY D 155 -39.23 -12.06 40.63
CA GLY D 155 -40.04 -13.27 40.64
C GLY D 155 -39.26 -14.57 40.63
N LEU D 156 -39.94 -15.67 40.79
CA LEU D 156 -39.29 -16.96 40.89
C LEU D 156 -38.65 -17.33 39.61
N ARG D 157 -39.34 -17.08 38.51
CA ARG D 157 -38.76 -17.20 37.18
C ARG D 157 -37.59 -16.23 36.97
N LEU D 158 -37.75 -14.98 37.37
CA LEU D 158 -36.70 -13.96 37.23
C LEU D 158 -35.46 -14.22 38.09
N SER D 159 -35.66 -14.82 39.26
CA SER D 159 -34.57 -15.18 40.16
C SER D 159 -33.70 -16.29 39.57
N ALA D 160 -34.37 -17.36 39.14
CA ALA D 160 -33.73 -18.56 38.58
C ALA D 160 -33.00 -18.27 37.27
N ASP D 161 -33.64 -17.49 36.40
CA ASP D 161 -33.09 -17.16 35.08
C ASP D 161 -31.93 -16.16 35.16
N ALA D 162 -31.90 -15.36 36.23
CA ALA D 162 -30.76 -14.51 36.54
C ALA D 162 -29.52 -15.35 36.86
N LEU D 163 -29.74 -16.50 37.48
CA LEU D 163 -28.65 -17.38 37.89
C LEU D 163 -28.03 -18.09 36.70
N SER D 164 -28.87 -18.57 35.78
CA SER D 164 -28.39 -19.30 34.59
C SER D 164 -27.83 -18.37 33.50
N LYS D 165 -28.46 -17.23 33.28
CA LYS D 165 -28.05 -16.30 32.22
C LYS D 165 -26.85 -15.40 32.53
N ASN D 166 -26.18 -15.64 33.66
CA ASN D 166 -25.01 -14.83 34.05
C ASN D 166 -23.82 -15.65 34.56
N THR D 167 -24.08 -16.90 34.97
CA THR D 167 -23.03 -17.79 35.46
C THR D 167 -22.53 -18.68 34.33
N ALA D 168 -21.22 -18.84 34.24
CA ALA D 168 -20.59 -19.74 33.28
C ALA D 168 -20.78 -21.21 33.69
N SER D 172 -31.16 -23.25 32.52
CA SER D 172 -32.37 -22.75 33.15
C SER D 172 -33.16 -23.88 33.83
N VAL D 173 -33.48 -23.68 35.10
CA VAL D 173 -34.13 -24.70 35.92
C VAL D 173 -35.64 -24.49 35.98
N GLU D 174 -36.39 -25.54 36.35
CA GLU D 174 -37.84 -25.44 36.49
C GLU D 174 -38.28 -25.30 37.96
N ILE D 175 -39.24 -24.40 38.18
CA ILE D 175 -39.63 -23.97 39.53
C ILE D 175 -40.55 -24.98 40.24
N ILE D 176 -39.95 -25.95 40.94
CA ILE D 176 -40.74 -26.91 41.73
C ILE D 176 -40.58 -26.72 43.23
N LYS D 177 -41.56 -27.22 43.99
CA LYS D 177 -41.46 -27.30 45.45
C LYS D 177 -40.39 -28.33 45.83
N THR D 178 -39.30 -27.85 46.43
CA THR D 178 -38.26 -28.72 46.96
C THR D 178 -38.58 -29.10 48.39
N GLU D 179 -38.23 -30.33 48.78
CA GLU D 179 -38.53 -30.84 50.11
C GLU D 179 -37.29 -30.79 51.01
N SER D 180 -36.13 -30.68 50.38
CA SER D 180 -34.85 -30.52 51.06
C SER D 180 -34.26 -29.16 50.72
N VAL D 181 -33.34 -28.69 51.57
CA VAL D 181 -32.60 -27.45 51.34
C VAL D 181 -31.17 -27.75 50.87
N VAL D 182 -30.63 -28.86 51.35
CA VAL D 182 -29.30 -29.30 50.96
C VAL D 182 -29.41 -29.98 49.60
N GLY D 183 -28.89 -29.30 48.58
CA GLY D 183 -28.90 -29.81 47.21
C GLY D 183 -27.63 -30.58 46.90
N ARG D 184 -27.81 -31.78 46.35
CA ARG D 184 -26.69 -32.65 45.98
C ARG D 184 -26.29 -32.48 44.50
N SER D 185 -26.92 -31.51 43.84
CA SER D 185 -26.56 -31.14 42.48
CA SER D 185 -26.60 -31.14 42.47
C SER D 185 -26.64 -29.62 42.31
N THR D 186 -26.10 -29.12 41.19
CA THR D 186 -26.14 -27.70 40.88
C THR D 186 -27.59 -27.24 40.66
N ILE D 187 -28.36 -28.06 39.92
CA ILE D 187 -29.77 -27.76 39.64
C ILE D 187 -30.65 -27.84 40.91
N GLU D 188 -30.26 -28.69 41.86
CA GLU D 188 -31.02 -28.90 43.09
C GLU D 188 -30.80 -27.75 44.08
N SER D 189 -29.65 -27.08 43.97
CA SER D 189 -29.29 -25.98 44.87
C SER D 189 -29.95 -24.66 44.48
N ILE D 190 -30.06 -24.40 43.18
CA ILE D 190 -30.84 -23.25 42.69
C ILE D 190 -32.32 -23.43 43.04
N GLN D 191 -32.84 -24.64 42.77
CA GLN D 191 -34.21 -25.01 43.09
C GLN D 191 -34.57 -24.91 44.57
N SER D 192 -33.64 -25.30 45.44
CA SER D 192 -33.82 -25.25 46.89
C SER D 192 -33.56 -23.85 47.44
N GLY D 193 -32.75 -23.08 46.71
CA GLY D 193 -32.46 -21.69 47.03
C GLY D 193 -33.59 -20.78 46.61
N VAL D 194 -34.11 -21.00 45.41
CA VAL D 194 -35.22 -20.21 44.86
C VAL D 194 -36.53 -20.52 45.59
N TYR D 195 -36.70 -21.74 46.08
CA TYR D 195 -37.92 -22.07 46.83
C TYR D 195 -37.91 -21.54 48.26
N TYR D 196 -36.91 -21.91 49.04
CA TYR D 196 -36.84 -21.54 50.45
C TYR D 196 -36.36 -20.12 50.70
N GLY D 197 -35.64 -19.56 49.73
CA GLY D 197 -35.28 -18.14 49.73
C GLY D 197 -36.52 -17.26 49.69
N VAL D 198 -37.43 -17.59 48.79
CA VAL D 198 -38.71 -16.85 48.63
C VAL D 198 -39.65 -17.04 49.84
N LEU D 199 -39.67 -18.25 50.39
CA LEU D 199 -40.44 -18.55 51.62
C LEU D 199 -40.07 -17.64 52.80
N GLY D 200 -38.76 -17.51 53.05
CA GLY D 200 -38.26 -16.66 54.12
C GLY D 200 -38.42 -15.17 53.83
N ALA D 201 -38.32 -14.82 52.54
CA ALA D 201 -38.60 -13.48 52.05
C ALA D 201 -40.03 -13.06 52.36
N CYS D 202 -40.97 -13.98 52.20
CA CYS D 202 -42.38 -13.73 52.51
C CYS D 202 -42.57 -13.58 54.01
N LYS D 203 -42.07 -14.53 54.78
CA LYS D 203 -42.12 -14.50 56.25
C LYS D 203 -41.59 -13.20 56.84
N GLU D 204 -40.41 -12.77 56.38
CA GLU D 204 -39.82 -11.50 56.79
C GLU D 204 -40.68 -10.30 56.40
N LEU D 205 -41.00 -10.19 55.11
CA LEU D 205 -41.82 -9.08 54.60
C LEU D 205 -43.22 -9.03 55.21
N ILE D 206 -43.89 -10.18 55.29
CA ILE D 206 -45.19 -10.29 55.97
C ILE D 206 -45.15 -9.77 57.42
N GLN D 207 -44.19 -10.24 58.22
CA GLN D 207 -44.10 -9.84 59.63
C GLN D 207 -43.63 -8.39 59.84
N ARG D 208 -42.77 -7.90 58.94
CA ARG D 208 -42.29 -6.53 59.01
C ARG D 208 -43.33 -5.50 58.59
N ILE D 209 -44.11 -5.80 57.53
CA ILE D 209 -45.23 -4.95 57.10
C ILE D 209 -46.34 -4.94 58.17
N HIS D 210 -46.47 -6.04 58.90
CA HIS D 210 -47.45 -6.18 59.96
C HIS D 210 -47.19 -5.20 61.11
N HIS D 211 -45.92 -4.97 61.41
CA HIS D 211 -45.56 -4.08 62.50
C HIS D 211 -45.27 -2.64 62.06
N GLU D 212 -44.79 -2.46 60.83
CA GLU D 212 -44.52 -1.12 60.30
C GLU D 212 -45.79 -0.38 59.89
N ALA D 213 -46.61 -1.03 59.07
CA ALA D 213 -47.82 -0.43 58.54
C ALA D 213 -49.00 -0.54 59.49
N PHE D 214 -49.18 -1.71 60.10
CA PHE D 214 -50.39 -1.99 60.88
C PHE D 214 -50.16 -2.05 62.39
N ASN D 215 -48.90 -2.16 62.80
CA ASN D 215 -48.48 -2.34 64.21
C ASN D 215 -49.25 -3.33 65.10
N GLY D 216 -49.51 -4.51 64.55
CA GLY D 216 -49.96 -5.64 65.34
C GLY D 216 -51.43 -6.04 65.27
N ASP D 217 -52.27 -5.24 64.61
CA ASP D 217 -53.68 -5.62 64.56
C ASP D 217 -54.02 -6.59 63.43
N GLN D 218 -55.27 -7.04 63.42
CA GLN D 218 -55.73 -8.15 62.57
C GLN D 218 -55.52 -7.94 61.08
N ILE D 219 -54.54 -8.65 60.53
CA ILE D 219 -54.24 -8.58 59.10
C ILE D 219 -54.66 -9.83 58.33
N LEU D 220 -55.17 -9.61 57.13
CA LEU D 220 -55.55 -10.70 56.24
C LEU D 220 -54.61 -10.69 55.04
N ILE D 221 -54.19 -11.89 54.61
CA ILE D 221 -53.22 -12.01 53.52
C ILE D 221 -53.75 -12.79 52.31
N LEU D 222 -53.99 -12.06 51.21
CA LEU D 222 -54.49 -12.62 49.96
C LEU D 222 -53.38 -12.86 48.96
N ALA D 223 -53.35 -14.05 48.36
CA ALA D 223 -52.32 -14.40 47.39
C ALA D 223 -52.86 -14.53 45.96
N THR D 224 -52.10 -14.02 45.01
CA THR D 224 -52.43 -14.04 43.59
C THR D 224 -51.12 -14.32 42.85
N GLY D 225 -51.15 -14.46 41.53
CA GLY D 225 -49.95 -14.75 40.76
C GLY D 225 -49.84 -16.22 40.41
N GLY D 226 -48.96 -16.54 39.46
CA GLY D 226 -48.81 -17.91 38.95
C GLY D 226 -48.16 -18.84 39.95
N PHE D 227 -47.13 -18.33 40.63
CA PHE D 227 -46.34 -19.11 41.58
C PHE D 227 -46.90 -19.12 42.99
N ALA D 228 -48.16 -18.69 43.14
CA ALA D 228 -48.81 -18.62 44.44
C ALA D 228 -49.12 -19.99 45.06
N SER D 229 -49.54 -20.93 44.20
CA SER D 229 -49.92 -22.29 44.60
C SER D 229 -48.80 -23.05 45.31
N LEU D 230 -47.56 -22.77 44.92
CA LEU D 230 -46.36 -23.42 45.45
C LEU D 230 -46.06 -23.16 46.93
N PHE D 231 -46.81 -22.24 47.55
CA PHE D 231 -46.62 -21.87 48.95
C PHE D 231 -47.90 -21.98 49.77
N ASP D 232 -48.75 -22.94 49.42
CA ASP D 232 -50.09 -23.05 49.99
C ASP D 232 -50.13 -23.81 51.32
N LYS D 233 -49.33 -24.86 51.41
CA LYS D 233 -49.33 -25.77 52.56
C LYS D 233 -48.69 -25.17 53.82
N GLN D 234 -47.82 -24.18 53.63
CA GLN D 234 -47.04 -23.57 54.72
C GLN D 234 -47.82 -22.67 55.70
N GLY D 235 -49.04 -22.28 55.31
CA GLY D 235 -49.82 -21.33 56.09
C GLY D 235 -49.21 -19.95 55.99
N LEU D 236 -48.82 -19.58 54.77
CA LEU D 236 -48.15 -18.32 54.49
C LEU D 236 -49.18 -17.21 54.32
N TYR D 237 -50.33 -17.58 53.76
CA TYR D 237 -51.42 -16.67 53.52
C TYR D 237 -52.76 -17.27 53.92
N ASP D 238 -53.80 -16.45 53.86
CA ASP D 238 -55.13 -16.86 54.27
C ASP D 238 -56.01 -17.29 53.08
N HIS D 239 -55.98 -16.51 52.00
CA HIS D 239 -56.80 -16.80 50.82
C HIS D 239 -56.01 -16.74 49.52
N LEU D 240 -56.23 -17.72 48.64
CA LEU D 240 -55.64 -17.73 47.31
C LEU D 240 -56.70 -17.28 46.32
N VAL D 241 -56.57 -16.05 45.85
CA VAL D 241 -57.48 -15.52 44.83
C VAL D 241 -56.70 -15.38 43.52
N PRO D 242 -56.79 -16.39 42.63
CA PRO D 242 -55.99 -16.44 41.40
C PRO D 242 -56.44 -15.47 40.31
N ASP D 243 -57.69 -15.00 40.39
CA ASP D 243 -58.25 -14.08 39.40
C ASP D 243 -58.38 -12.63 39.93
N LEU D 244 -57.66 -12.32 41.01
CA LEU D 244 -57.77 -11.04 41.74
C LEU D 244 -57.56 -9.80 40.86
N VAL D 245 -56.66 -9.89 39.88
CA VAL D 245 -56.40 -8.78 38.97
C VAL D 245 -57.56 -8.54 37.98
N LEU D 246 -58.11 -9.62 37.41
CA LEU D 246 -59.24 -9.52 36.48
C LEU D 246 -60.44 -8.85 37.15
N GLN D 247 -60.74 -9.24 38.39
CA GLN D 247 -61.82 -8.68 39.20
C GLN D 247 -61.67 -7.18 39.45
N GLY D 248 -60.43 -6.72 39.64
CA GLY D 248 -60.15 -5.31 39.80
C GLY D 248 -60.46 -4.47 38.58
N ILE D 249 -60.09 -4.98 37.40
CA ILE D 249 -60.33 -4.31 36.12
C ILE D 249 -61.83 -4.25 35.79
N ARG D 250 -62.58 -5.24 36.27
CA ARG D 250 -64.04 -5.27 36.12
C ARG D 250 -64.65 -4.19 37.01
N LEU D 251 -64.12 -4.09 38.23
CA LEU D 251 -64.64 -3.21 39.26
C LEU D 251 -64.27 -1.74 39.04
N ALA D 252 -63.11 -1.49 38.44
CA ALA D 252 -62.70 -0.14 38.11
C ALA D 252 -63.46 0.38 36.89
N ALA D 253 -63.85 -0.54 36.01
CA ALA D 253 -64.74 -0.24 34.88
C ALA D 253 -66.17 -0.01 35.33
N MET D 254 -66.53 -0.58 36.48
CA MET D 254 -67.83 -0.36 37.11
C MET D 254 -67.91 1.04 37.69
N MET D 255 -66.83 1.46 38.36
CA MET D 255 -66.73 2.74 39.06
C MET D 255 -66.72 3.95 38.12
N ASN D 256 -66.30 3.73 36.87
CA ASN D 256 -66.09 4.82 35.93
C ASN D 256 -67.03 4.83 34.73
N THR D 257 -68.01 3.92 34.70
CA THR D 257 -68.95 3.81 33.57
C THR D 257 -70.03 4.88 33.57
N ALA D 258 -69.99 5.74 32.55
CA ALA D 258 -70.99 6.78 32.31
C ALA D 258 -70.99 7.17 30.83
N LEU E 3 -57.60 -41.10 13.80
CA LEU E 3 -56.74 -39.92 13.46
C LEU E 3 -55.86 -39.53 14.64
N ILE E 4 -54.55 -39.60 14.41
CA ILE E 4 -53.56 -39.22 15.41
C ILE E 4 -52.76 -38.00 14.92
N LEU E 5 -52.63 -37.00 15.79
CA LEU E 5 -51.72 -35.89 15.53
C LEU E 5 -50.38 -36.13 16.22
N CYS E 6 -49.31 -36.04 15.44
CA CYS E 6 -47.96 -36.20 15.95
C CYS E 6 -47.16 -34.89 15.87
N ILE E 7 -46.71 -34.44 17.03
CA ILE E 7 -45.89 -33.24 17.13
C ILE E 7 -44.45 -33.62 17.46
N ASP E 8 -43.51 -33.00 16.75
CA ASP E 8 -42.09 -33.06 17.04
C ASP E 8 -41.63 -31.65 17.40
N VAL E 9 -41.18 -31.48 18.63
CA VAL E 9 -40.63 -30.18 19.06
C VAL E 9 -39.10 -30.22 18.93
N GLY E 10 -38.59 -29.56 17.90
CA GLY E 10 -37.15 -29.41 17.70
C GLY E 10 -36.64 -28.06 18.18
N ASN E 11 -35.37 -27.78 17.92
CA ASN E 11 -34.73 -26.53 18.38
C ASN E 11 -35.10 -25.27 17.61
N SER E 12 -35.34 -25.41 16.31
CA SER E 12 -35.70 -24.27 15.45
C SER E 12 -37.15 -24.31 14.96
N HIS E 13 -37.75 -25.51 14.97
CA HIS E 13 -39.14 -25.67 14.54
C HIS E 13 -39.97 -26.62 15.42
N ILE E 14 -41.28 -26.44 15.32
CA ILE E 14 -42.26 -27.41 15.79
C ILE E 14 -42.91 -28.03 14.54
N TYR E 15 -42.68 -29.33 14.33
CA TYR E 15 -43.12 -30.02 13.11
C TYR E 15 -44.28 -30.97 13.43
N GLY E 16 -45.39 -30.82 12.71
CA GLY E 16 -46.59 -31.57 13.01
C GLY E 16 -47.15 -32.35 11.84
N GLY E 17 -47.88 -33.42 12.14
CA GLY E 17 -48.44 -34.29 11.12
C GLY E 17 -49.66 -35.05 11.56
N VAL E 18 -50.71 -35.00 10.74
CA VAL E 18 -51.92 -35.80 10.99
C VAL E 18 -51.84 -37.08 10.13
N PHE E 19 -52.21 -38.20 10.74
CA PHE E 19 -52.15 -39.51 10.11
C PHE E 19 -53.54 -40.16 10.02
N ASP E 20 -53.96 -40.52 8.81
CA ASP E 20 -55.14 -41.36 8.63
C ASP E 20 -54.69 -42.81 8.68
N GLY E 21 -54.57 -43.34 9.88
CA GLY E 21 -53.98 -44.65 10.10
C GLY E 21 -52.51 -44.60 9.74
N ASP E 22 -52.20 -45.14 8.56
CA ASP E 22 -50.83 -45.26 8.05
C ASP E 22 -50.38 -44.01 7.30
N GLU E 23 -51.33 -43.37 6.59
CA GLU E 23 -51.03 -42.29 5.65
C GLU E 23 -51.14 -40.89 6.25
N ILE E 24 -50.08 -40.10 6.04
CA ILE E 24 -50.04 -38.70 6.43
C ILE E 24 -50.99 -37.93 5.52
N LYS E 25 -52.00 -37.31 6.12
CA LYS E 25 -52.96 -36.49 5.39
C LYS E 25 -52.47 -35.06 5.20
N LEU E 26 -51.76 -34.55 6.22
CA LEU E 26 -51.45 -33.14 6.32
C LEU E 26 -50.26 -32.92 7.25
N ARG E 27 -49.34 -32.07 6.78
CA ARG E 27 -48.21 -31.62 7.61
C ARG E 27 -48.16 -30.09 7.74
N PHE E 28 -47.56 -29.64 8.84
CA PHE E 28 -47.38 -28.22 9.12
C PHE E 28 -46.11 -27.95 9.92
N ARG E 29 -45.84 -26.67 10.16
CA ARG E 29 -44.66 -26.25 10.88
C ARG E 29 -44.93 -24.93 11.60
N HIS E 30 -44.56 -24.88 12.88
CA HIS E 30 -44.69 -23.69 13.71
C HIS E 30 -43.26 -23.31 14.14
N THR E 31 -43.08 -22.10 14.65
CA THR E 31 -41.82 -21.69 15.25
C THR E 31 -41.70 -22.25 16.66
N SER E 32 -40.51 -22.79 16.97
CA SER E 32 -40.22 -23.23 18.33
CA SER E 32 -40.22 -23.23 18.33
C SER E 32 -39.78 -22.02 19.15
N LYS E 33 -40.76 -21.42 19.83
CA LYS E 33 -40.52 -20.27 20.70
C LYS E 33 -41.30 -20.52 21.98
N VAL E 34 -41.37 -19.51 22.85
CA VAL E 34 -42.27 -19.61 24.01
C VAL E 34 -43.65 -19.03 23.69
N SER E 35 -44.56 -19.93 23.31
CA SER E 35 -45.96 -19.59 23.16
C SER E 35 -46.68 -20.01 24.45
N THR E 36 -47.98 -19.78 24.52
CA THR E 36 -48.78 -20.23 25.65
CA THR E 36 -48.78 -20.23 25.65
C THR E 36 -49.66 -21.40 25.24
N SER E 37 -50.48 -21.88 26.18
CA SER E 37 -51.41 -22.97 25.91
CA SER E 37 -51.43 -22.97 25.94
C SER E 37 -52.54 -22.52 25.01
N ASP E 38 -52.83 -21.23 25.02
CA ASP E 38 -53.90 -20.64 24.22
C ASP E 38 -53.47 -20.27 22.81
N GLU E 39 -52.25 -19.73 22.68
CA GLU E 39 -51.63 -19.42 21.39
C GLU E 39 -51.43 -20.66 20.54
N LEU E 40 -50.89 -21.71 21.18
CA LEU E 40 -50.65 -22.98 20.53
C LEU E 40 -51.94 -23.66 20.18
N GLY E 41 -52.93 -23.53 21.06
CA GLY E 41 -54.23 -24.16 20.87
C GLY E 41 -55.05 -23.52 19.78
N ILE E 42 -54.96 -22.20 19.67
CA ILE E 42 -55.59 -21.45 18.58
C ILE E 42 -54.95 -21.87 17.25
N PHE E 43 -53.62 -21.82 17.21
CA PHE E 43 -52.87 -22.23 16.02
C PHE E 43 -53.22 -23.65 15.61
N LEU E 44 -53.13 -24.59 16.56
CA LEU E 44 -53.38 -26.02 16.31
C LEU E 44 -54.76 -26.33 15.75
N LYS E 45 -55.79 -25.67 16.25
CA LYS E 45 -57.15 -25.83 15.72
C LYS E 45 -57.33 -25.15 14.36
N SER E 46 -56.61 -24.06 14.14
CA SER E 46 -56.72 -23.32 12.89
C SER E 46 -55.90 -23.94 11.77
N VAL E 47 -54.76 -24.56 12.12
CA VAL E 47 -53.94 -25.24 11.12
C VAL E 47 -54.61 -26.49 10.53
N LEU E 48 -55.51 -27.10 11.30
CA LEU E 48 -56.23 -28.29 10.87
C LEU E 48 -57.38 -27.96 9.92
N ARG E 49 -58.27 -27.07 10.36
CA ARG E 49 -59.51 -26.83 9.61
C ARG E 49 -59.30 -26.05 8.32
N GLU E 50 -58.30 -25.17 8.29
CA GLU E 50 -57.93 -24.44 7.08
C GLU E 50 -57.25 -25.36 6.06
N ASN E 51 -56.98 -26.59 6.47
CA ASN E 51 -56.52 -27.65 5.58
C ASN E 51 -57.50 -28.81 5.47
N ASN E 52 -58.79 -28.46 5.52
CA ASN E 52 -59.93 -29.38 5.30
C ASN E 52 -59.99 -30.58 6.24
N CYS E 53 -59.61 -30.34 7.50
CA CYS E 53 -59.57 -31.38 8.51
C CYS E 53 -60.19 -30.84 9.79
N SER E 54 -61.38 -31.34 10.11
CA SER E 54 -62.13 -30.88 11.26
C SER E 54 -61.38 -31.25 12.55
N PRO E 55 -61.02 -30.24 13.38
CA PRO E 55 -60.22 -30.41 14.61
C PRO E 55 -60.76 -31.45 15.61
N GLU E 56 -62.06 -31.74 15.52
CA GLU E 56 -62.74 -32.67 16.42
C GLU E 56 -62.56 -34.14 16.02
N THR E 57 -62.00 -34.37 14.82
CA THR E 57 -61.75 -35.71 14.30
C THR E 57 -60.46 -36.27 14.90
N ILE E 58 -59.66 -35.39 15.48
CA ILE E 58 -58.43 -35.78 16.17
C ILE E 58 -58.75 -36.49 17.49
N ARG E 59 -58.36 -37.77 17.55
CA ARG E 59 -58.68 -38.66 18.66
C ARG E 59 -57.45 -38.91 19.56
N LYS E 60 -56.27 -38.97 18.94
CA LYS E 60 -55.01 -39.16 19.66
C LYS E 60 -54.03 -38.01 19.38
N ILE E 61 -53.14 -37.74 20.33
CA ILE E 61 -52.03 -36.78 20.15
C ILE E 61 -50.73 -37.38 20.72
N ALA E 62 -49.62 -37.19 20.02
CA ALA E 62 -48.36 -37.77 20.43
C ALA E 62 -47.22 -36.76 20.27
N ILE E 63 -46.47 -36.57 21.35
CA ILE E 63 -45.40 -35.59 21.35
C ILE E 63 -44.04 -36.25 21.57
N CYS E 64 -43.11 -35.92 20.69
CA CYS E 64 -41.69 -36.08 20.94
C CYS E 64 -41.12 -34.67 21.08
N SER E 65 -40.33 -34.45 22.12
CA SER E 65 -39.82 -33.12 22.39
C SER E 65 -38.37 -33.11 22.78
N VAL E 66 -37.69 -32.05 22.35
CA VAL E 66 -36.27 -31.83 22.64
C VAL E 66 -36.08 -30.50 23.40
N VAL E 67 -37.09 -29.62 23.31
CA VAL E 67 -37.11 -28.38 24.08
C VAL E 67 -38.15 -28.45 25.20
N PRO E 68 -37.68 -28.61 26.46
CA PRO E 68 -38.56 -28.73 27.64
C PRO E 68 -39.46 -27.51 27.91
N GLN E 69 -39.00 -26.34 27.47
CA GLN E 69 -39.72 -25.07 27.68
C GLN E 69 -41.07 -24.96 26.94
N VAL E 70 -41.17 -25.62 25.78
CA VAL E 70 -42.39 -25.66 24.97
C VAL E 70 -43.26 -26.89 25.29
N ASP E 71 -42.94 -27.61 26.37
CA ASP E 71 -43.62 -28.87 26.70
C ASP E 71 -44.86 -28.74 27.55
N TYR E 72 -44.77 -27.94 28.62
CA TYR E 72 -45.89 -27.78 29.55
C TYR E 72 -47.09 -27.12 28.85
N SER E 73 -46.81 -26.09 28.05
CA SER E 73 -47.86 -25.36 27.36
C SER E 73 -48.48 -26.10 26.17
N LEU E 74 -47.68 -26.94 25.49
CA LEU E 74 -48.22 -27.74 24.38
C LEU E 74 -49.16 -28.85 24.85
N ARG E 75 -48.72 -29.60 25.87
CA ARG E 75 -49.55 -30.56 26.60
C ARG E 75 -50.82 -29.94 27.17
N SER E 76 -50.71 -28.70 27.64
CA SER E 76 -51.81 -27.96 28.25
C SER E 76 -52.81 -27.50 27.18
N ALA E 77 -52.29 -27.24 25.98
CA ALA E 77 -53.08 -26.84 24.84
C ALA E 77 -53.95 -27.99 24.37
N CYS E 78 -53.44 -29.22 24.52
CA CYS E 78 -54.11 -30.43 24.06
C CYS E 78 -55.31 -30.83 24.91
N VAL E 79 -55.15 -30.81 26.23
CA VAL E 79 -56.26 -31.09 27.15
C VAL E 79 -57.37 -30.03 27.11
N LYS E 80 -57.01 -28.78 26.89
CA LYS E 80 -57.97 -27.68 26.89
C LYS E 80 -58.70 -27.59 25.56
N TYR E 81 -57.97 -27.79 24.47
CA TYR E 81 -58.49 -27.51 23.13
C TYR E 81 -58.88 -28.73 22.34
N PHE E 82 -58.37 -29.91 22.72
CA PHE E 82 -58.68 -31.17 22.04
C PHE E 82 -59.19 -32.26 22.99
N SER E 83 -59.22 -31.94 24.29
CA SER E 83 -59.56 -32.88 25.38
C SER E 83 -58.74 -34.18 25.33
N ILE E 84 -57.47 -34.05 24.92
CA ILE E 84 -56.56 -35.19 24.82
C ILE E 84 -55.31 -34.95 25.67
N ASP E 85 -55.06 -35.89 26.57
CA ASP E 85 -53.85 -35.98 27.37
C ASP E 85 -52.80 -36.69 26.51
N PRO E 86 -51.84 -35.94 25.91
CA PRO E 86 -50.98 -36.48 24.85
C PRO E 86 -49.97 -37.54 25.28
N PHE E 87 -49.55 -38.40 24.35
CA PHE E 87 -48.45 -39.33 24.58
C PHE E 87 -47.15 -38.58 24.58
N LEU E 88 -46.36 -38.77 25.62
CA LEU E 88 -45.03 -38.18 25.69
C LEU E 88 -44.00 -39.26 25.47
N LEU E 89 -43.15 -39.08 24.45
CA LEU E 89 -42.02 -39.98 24.23
C LEU E 89 -40.92 -39.47 25.14
N GLN E 90 -40.73 -40.23 26.21
CA GLN E 90 -40.14 -39.77 27.45
C GLN E 90 -39.34 -40.93 28.05
N ALA E 91 -38.56 -40.64 29.09
CA ALA E 91 -37.75 -41.64 29.79
C ALA E 91 -38.57 -42.77 30.41
N GLY E 92 -38.37 -43.98 29.89
CA GLY E 92 -39.00 -45.16 30.45
C GLY E 92 -40.23 -45.68 29.75
N VAL E 93 -40.46 -45.23 28.52
CA VAL E 93 -41.55 -45.76 27.71
C VAL E 93 -40.98 -46.90 26.85
N LYS E 94 -41.85 -47.78 26.35
CA LYS E 94 -41.46 -48.86 25.46
C LYS E 94 -40.96 -48.34 24.12
N THR E 95 -39.70 -48.66 23.81
CA THR E 95 -39.08 -48.26 22.54
C THR E 95 -38.83 -49.46 21.64
N GLY E 96 -38.50 -50.59 22.26
CA GLY E 96 -38.09 -51.79 21.52
C GLY E 96 -36.64 -51.71 21.08
N LEU E 97 -35.90 -50.76 21.66
CA LEU E 97 -34.49 -50.55 21.31
C LEU E 97 -33.59 -50.82 22.50
N ASN E 98 -32.35 -51.21 22.22
CA ASN E 98 -31.32 -51.27 23.25
C ASN E 98 -30.38 -50.10 23.04
N ILE E 99 -30.44 -49.11 23.93
CA ILE E 99 -29.61 -47.92 23.82
C ILE E 99 -28.19 -48.18 24.35
N LYS E 100 -27.19 -47.83 23.54
CA LYS E 100 -25.78 -48.02 23.90
C LYS E 100 -25.07 -46.75 24.37
N TYR E 101 -25.82 -45.73 24.75
CA TYR E 101 -25.26 -44.57 25.43
C TYR E 101 -24.94 -44.93 26.88
N ARG E 102 -23.94 -44.25 27.44
CA ARG E 102 -23.52 -44.46 28.82
C ARG E 102 -24.59 -43.96 29.78
N ASN E 103 -25.17 -42.82 29.44
CA ASN E 103 -26.37 -42.32 30.08
C ASN E 103 -27.45 -42.20 29.00
N PRO E 104 -28.31 -43.24 28.86
CA PRO E 104 -29.35 -43.34 27.83
C PRO E 104 -30.40 -42.20 27.80
N VAL E 105 -30.31 -41.26 28.74
CA VAL E 105 -31.20 -40.09 28.79
C VAL E 105 -30.58 -38.92 28.01
N GLU E 106 -29.31 -39.04 27.65
CA GLU E 106 -28.63 -38.03 26.83
C GLU E 106 -29.03 -38.11 25.35
N VAL E 107 -29.57 -39.26 24.95
CA VAL E 107 -30.15 -39.45 23.63
C VAL E 107 -31.49 -38.71 23.63
N GLY E 108 -31.63 -37.78 22.69
CA GLY E 108 -32.88 -37.05 22.51
C GLY E 108 -34.04 -37.92 22.04
N ALA E 109 -35.25 -37.50 22.39
CA ALA E 109 -36.48 -38.16 21.95
C ALA E 109 -36.61 -38.26 20.42
N ASP E 110 -36.09 -37.26 19.69
CA ASP E 110 -36.10 -37.26 18.21
C ASP E 110 -35.19 -38.31 17.57
N ARG E 111 -34.04 -38.54 18.18
CA ARG E 111 -33.09 -39.59 17.77
C ARG E 111 -33.66 -40.99 18.03
N ILE E 112 -34.56 -41.08 18.99
CA ILE E 112 -35.24 -42.32 19.37
C ILE E 112 -36.42 -42.57 18.43
N ALA E 113 -37.15 -41.51 18.09
CA ALA E 113 -38.25 -41.60 17.11
C ALA E 113 -37.78 -42.09 15.74
N ASN E 114 -36.63 -41.60 15.29
CA ASN E 114 -36.05 -42.02 14.03
C ASN E 114 -35.46 -43.42 14.04
N ALA E 115 -35.06 -43.91 15.21
CA ALA E 115 -34.55 -45.28 15.36
C ALA E 115 -35.66 -46.33 15.44
N ILE E 116 -36.79 -45.97 16.07
CA ILE E 116 -37.99 -46.80 16.10
C ILE E 116 -38.58 -46.94 14.70
N ALA E 117 -38.75 -45.81 14.02
CA ALA E 117 -39.32 -45.74 12.68
C ALA E 117 -38.50 -46.47 11.63
N ALA E 118 -37.17 -46.36 11.76
CA ALA E 118 -36.24 -46.97 10.82
C ALA E 118 -36.19 -48.49 10.94
N THR E 119 -36.21 -49.00 12.17
CA THR E 119 -36.21 -50.46 12.39
C THR E 119 -37.59 -51.08 12.17
N HIS E 120 -38.62 -50.25 12.10
CA HIS E 120 -39.93 -50.72 11.69
C HIS E 120 -39.99 -50.91 10.18
N SER E 121 -39.46 -49.92 9.45
CA SER E 121 -39.56 -49.86 8.01
C SER E 121 -38.56 -50.76 7.31
N PHE E 122 -37.40 -50.93 7.92
CA PHE E 122 -36.33 -51.77 7.37
C PHE E 122 -35.69 -52.63 8.49
N PRO E 123 -36.41 -53.69 8.92
CA PRO E 123 -36.26 -54.40 10.20
C PRO E 123 -34.93 -55.10 10.56
N ASN E 124 -34.43 -56.00 9.72
CA ASN E 124 -33.28 -56.81 10.12
C ASN E 124 -31.94 -56.32 9.54
N GLN E 125 -31.78 -54.99 9.48
CA GLN E 125 -30.64 -54.36 8.80
C GLN E 125 -29.86 -53.35 9.67
N ASN E 126 -28.57 -53.23 9.40
CA ASN E 126 -27.74 -52.14 9.93
C ASN E 126 -28.13 -50.83 9.26
N ILE E 127 -28.33 -49.78 10.06
CA ILE E 127 -28.84 -48.50 9.56
C ILE E 127 -28.05 -47.27 10.06
N ILE E 128 -27.61 -46.44 9.11
CA ILE E 128 -27.15 -45.10 9.42
C ILE E 128 -28.28 -44.13 9.03
N VAL E 129 -28.84 -43.43 10.01
CA VAL E 129 -29.84 -42.40 9.72
C VAL E 129 -29.21 -41.01 9.78
N ILE E 130 -29.35 -40.24 8.70
CA ILE E 130 -28.86 -38.87 8.65
C ILE E 130 -30.03 -37.91 8.71
N ASP E 131 -30.00 -37.02 9.69
CA ASP E 131 -31.04 -36.01 9.84
C ASP E 131 -30.48 -34.62 9.48
N PHE E 132 -30.84 -34.12 8.30
CA PHE E 132 -30.38 -32.80 7.86
C PHE E 132 -31.31 -31.73 8.41
N GLY E 133 -31.24 -31.51 9.73
CA GLY E 133 -32.10 -30.55 10.41
C GLY E 133 -31.29 -29.37 10.89
N THR E 134 -31.57 -28.93 12.13
CA THR E 134 -30.80 -27.86 12.77
C THR E 134 -29.33 -28.28 12.90
N ALA E 135 -29.14 -29.55 13.25
CA ALA E 135 -27.83 -30.15 13.25
C ALA E 135 -27.90 -31.36 12.33
N THR E 136 -26.87 -31.54 11.51
CA THR E 136 -26.74 -32.77 10.76
C THR E 136 -26.25 -33.86 11.71
N THR E 137 -27.18 -34.72 12.12
CA THR E 137 -26.88 -35.83 13.01
C THR E 137 -26.79 -37.14 12.24
N PHE E 138 -26.01 -38.08 12.79
CA PHE E 138 -25.73 -39.37 12.18
C PHE E 138 -25.93 -40.40 13.27
N CYS E 139 -26.76 -41.41 13.01
CA CYS E 139 -27.09 -42.40 14.03
C CYS E 139 -26.93 -43.83 13.52
N ALA E 140 -25.94 -44.53 14.08
CA ALA E 140 -25.72 -45.95 13.80
C ALA E 140 -26.70 -46.79 14.62
N ILE E 141 -27.43 -47.67 13.93
CA ILE E 141 -28.38 -48.59 14.56
C ILE E 141 -28.14 -49.98 13.98
N SER E 142 -27.89 -50.96 14.84
CA SER E 142 -27.63 -52.32 14.36
C SER E 142 -28.91 -53.02 13.95
N HIS E 143 -28.76 -54.16 13.27
CA HIS E 143 -29.89 -55.04 12.94
C HIS E 143 -30.55 -55.67 14.18
N LYS E 144 -29.80 -55.68 15.28
CA LYS E 144 -30.22 -56.23 16.57
C LYS E 144 -30.95 -55.21 17.44
N LYS E 145 -31.47 -54.16 16.79
CA LYS E 145 -32.25 -53.09 17.43
C LYS E 145 -31.46 -52.32 18.48
N ALA E 146 -30.16 -52.21 18.25
CA ALA E 146 -29.28 -51.50 19.16
C ALA E 146 -28.92 -50.13 18.60
N TYR E 147 -29.33 -49.08 19.31
CA TYR E 147 -28.90 -47.73 19.01
C TYR E 147 -27.49 -47.64 19.52
N LEU E 148 -26.52 -47.73 18.61
CA LEU E 148 -25.11 -47.79 18.95
C LEU E 148 -24.52 -46.43 19.33
N GLY E 149 -25.15 -45.37 18.83
CA GLY E 149 -24.66 -44.01 19.05
C GLY E 149 -24.42 -43.30 17.73
N GLY E 150 -23.59 -42.27 17.75
CA GLY E 150 -23.29 -41.53 16.52
C GLY E 150 -22.54 -40.22 16.67
N ALA E 151 -22.88 -39.27 15.80
CA ALA E 151 -22.17 -37.99 15.70
C ALA E 151 -23.06 -36.82 15.31
N ILE E 152 -22.64 -35.61 15.70
CA ILE E 152 -23.41 -34.37 15.52
C ILE E 152 -22.55 -33.23 14.93
N LEU E 153 -22.96 -32.75 13.77
CA LEU E 153 -22.37 -31.58 13.11
C LEU E 153 -23.35 -30.41 13.18
N PRO E 154 -22.87 -29.16 12.98
CA PRO E 154 -23.86 -28.11 12.74
C PRO E 154 -24.58 -28.32 11.40
N GLY E 155 -25.78 -27.77 11.28
CA GLY E 155 -26.56 -27.88 10.07
C GLY E 155 -26.14 -26.85 9.06
N LEU E 156 -26.75 -26.90 7.88
CA LEU E 156 -26.38 -26.02 6.78
C LEU E 156 -26.72 -24.57 7.12
N ARG E 157 -27.85 -24.37 7.79
CA ARG E 157 -28.27 -23.05 8.26
C ARG E 157 -27.40 -22.53 9.42
N LEU E 158 -27.03 -23.41 10.35
CA LEU E 158 -26.18 -23.02 11.49
C LEU E 158 -24.72 -22.84 11.11
N SER E 159 -24.29 -23.46 10.01
CA SER E 159 -22.94 -23.29 9.46
C SER E 159 -22.80 -21.95 8.76
N ALA E 160 -23.77 -21.66 7.88
CA ALA E 160 -23.78 -20.43 7.10
C ALA E 160 -24.04 -19.19 7.97
N ASP E 161 -24.89 -19.34 8.99
CA ASP E 161 -25.18 -18.24 9.90
C ASP E 161 -24.01 -17.91 10.79
N ALA E 162 -23.24 -18.94 11.16
CA ALA E 162 -22.02 -18.77 11.96
C ALA E 162 -20.91 -18.07 11.18
N LEU E 163 -21.00 -18.14 9.85
CA LEU E 163 -20.05 -17.48 8.96
C LEU E 163 -20.49 -16.06 8.58
N SER E 164 -21.44 -15.51 9.34
CA SER E 164 -21.95 -14.16 9.13
C SER E 164 -22.34 -13.51 10.47
N LYS E 165 -22.33 -14.33 11.52
CA LYS E 165 -22.65 -13.89 12.88
C LYS E 165 -21.36 -13.46 13.57
N ASN E 166 -20.27 -14.13 13.19
CA ASN E 166 -18.96 -13.94 13.80
C ASN E 166 -17.93 -13.45 12.79
N THR E 167 -18.42 -13.10 11.60
CA THR E 167 -17.53 -12.72 10.48
C THR E 167 -17.97 -11.46 9.73
N SER E 172 -27.03 -12.83 5.85
CA SER E 172 -27.02 -14.29 5.92
C SER E 172 -27.37 -14.91 4.58
N VAL E 173 -26.49 -15.79 4.09
CA VAL E 173 -26.60 -16.41 2.77
C VAL E 173 -27.77 -17.38 2.67
N GLU E 174 -28.27 -17.60 1.46
CA GLU E 174 -29.37 -18.54 1.24
C GLU E 174 -28.84 -19.92 0.86
N ILE E 175 -29.45 -20.97 1.40
CA ILE E 175 -28.97 -22.33 1.21
C ILE E 175 -29.37 -22.90 -0.15
N ILE E 176 -28.39 -22.98 -1.04
CA ILE E 176 -28.61 -23.46 -2.41
C ILE E 176 -27.72 -24.68 -2.74
N LYS E 177 -28.22 -25.55 -3.61
CA LYS E 177 -27.42 -26.60 -4.21
C LYS E 177 -26.60 -25.97 -5.34
N THR E 178 -25.28 -25.99 -5.20
CA THR E 178 -24.40 -25.28 -6.12
C THR E 178 -23.62 -26.22 -7.04
N GLU E 179 -23.19 -25.69 -8.19
CA GLU E 179 -22.47 -26.50 -9.18
C GLU E 179 -20.95 -26.29 -9.08
N SER E 180 -20.54 -25.03 -8.95
CA SER E 180 -19.12 -24.67 -8.85
C SER E 180 -18.64 -24.58 -7.39
N VAL E 181 -17.48 -25.17 -7.14
CA VAL E 181 -16.79 -25.04 -5.84
C VAL E 181 -15.99 -23.76 -5.78
N VAL E 182 -15.50 -23.34 -6.93
CA VAL E 182 -14.68 -22.14 -7.03
C VAL E 182 -15.62 -20.93 -7.15
N GLY E 183 -16.00 -20.42 -5.98
CA GLY E 183 -16.82 -19.22 -5.89
C GLY E 183 -16.03 -17.99 -6.26
N ARG E 184 -16.63 -17.13 -7.08
CA ARG E 184 -16.01 -15.89 -7.53
C ARG E 184 -16.55 -14.70 -6.75
N SER E 185 -17.17 -14.96 -5.60
CA SER E 185 -17.66 -13.94 -4.67
C SER E 185 -17.82 -14.53 -3.28
N THR E 186 -17.93 -13.66 -2.27
CA THR E 186 -18.01 -14.07 -0.87
C THR E 186 -19.29 -14.87 -0.56
N ILE E 187 -20.33 -14.63 -1.34
CA ILE E 187 -21.62 -15.34 -1.26
C ILE E 187 -21.53 -16.73 -1.90
N GLU E 188 -20.85 -16.82 -3.05
CA GLU E 188 -20.64 -18.09 -3.73
C GLU E 188 -19.64 -18.98 -3.00
N SER E 189 -18.69 -18.34 -2.31
CA SER E 189 -17.68 -19.05 -1.51
C SER E 189 -18.27 -19.77 -0.30
N ILE E 190 -19.21 -19.11 0.38
CA ILE E 190 -19.86 -19.70 1.54
C ILE E 190 -20.87 -20.77 1.11
N GLN E 191 -21.55 -20.53 -0.01
CA GLN E 191 -22.47 -21.52 -0.58
C GLN E 191 -21.77 -22.78 -1.09
N SER E 192 -20.53 -22.66 -1.56
CA SER E 192 -19.78 -23.82 -2.03
C SER E 192 -19.20 -24.65 -0.89
N GLY E 193 -18.71 -23.97 0.15
CA GLY E 193 -18.20 -24.63 1.33
C GLY E 193 -19.30 -25.38 2.03
N VAL E 194 -20.38 -24.68 2.37
CA VAL E 194 -21.51 -25.22 3.11
C VAL E 194 -22.27 -26.34 2.36
N TYR E 195 -22.10 -26.44 1.04
CA TYR E 195 -22.67 -27.55 0.30
C TYR E 195 -21.72 -28.75 0.19
N TYR E 196 -20.51 -28.50 -0.33
CA TYR E 196 -19.56 -29.58 -0.60
C TYR E 196 -18.81 -30.02 0.65
N GLY E 197 -18.93 -29.25 1.72
CA GLY E 197 -18.39 -29.63 3.02
C GLY E 197 -19.20 -30.71 3.70
N VAL E 198 -20.51 -30.53 3.80
CA VAL E 198 -21.39 -31.52 4.43
C VAL E 198 -21.51 -32.79 3.58
N LEU E 199 -21.48 -32.61 2.26
CA LEU E 199 -21.47 -33.73 1.32
C LEU E 199 -20.23 -34.60 1.50
N GLY E 200 -19.08 -33.97 1.73
CA GLY E 200 -17.85 -34.68 2.06
C GLY E 200 -17.81 -35.20 3.49
N ALA E 201 -18.39 -34.43 4.41
CA ALA E 201 -18.55 -34.81 5.81
C ALA E 201 -19.37 -36.09 5.97
N CYS E 202 -20.49 -36.17 5.26
CA CYS E 202 -21.32 -37.38 5.25
C CYS E 202 -20.53 -38.59 4.78
N LYS E 203 -19.83 -38.43 3.67
CA LYS E 203 -19.04 -39.49 3.05
C LYS E 203 -18.03 -40.12 4.00
N GLU E 204 -17.29 -39.29 4.73
CA GLU E 204 -16.30 -39.72 5.70
C GLU E 204 -16.96 -40.37 6.90
N LEU E 205 -18.03 -39.75 7.39
CA LEU E 205 -18.79 -40.29 8.52
C LEU E 205 -19.38 -41.67 8.21
N ILE E 206 -20.09 -41.79 7.06
CA ILE E 206 -20.70 -43.06 6.63
C ILE E 206 -19.69 -44.22 6.61
N GLN E 207 -18.55 -44.01 5.95
CA GLN E 207 -17.52 -45.06 5.83
C GLN E 207 -16.79 -45.42 7.13
N ARG E 208 -16.64 -44.45 8.04
CA ARG E 208 -15.98 -44.69 9.32
C ARG E 208 -16.92 -45.43 10.28
N ILE E 209 -18.19 -45.02 10.28
CA ILE E 209 -19.25 -45.68 11.05
C ILE E 209 -19.47 -47.10 10.53
N HIS E 210 -19.48 -47.23 9.20
CA HIS E 210 -19.56 -48.52 8.49
C HIS E 210 -18.49 -49.53 8.92
N HIS E 211 -17.29 -49.05 9.25
CA HIS E 211 -16.19 -49.94 9.62
CA HIS E 211 -16.16 -49.91 9.62
C HIS E 211 -16.00 -50.07 11.14
N GLU E 212 -16.34 -49.02 11.89
CA GLU E 212 -16.24 -49.06 13.35
C GLU E 212 -17.36 -49.86 14.02
N ALA E 213 -18.60 -49.62 13.58
CA ALA E 213 -19.78 -50.21 14.18
C ALA E 213 -20.21 -51.48 13.45
N PHE E 214 -20.09 -51.45 12.12
CA PHE E 214 -20.64 -52.51 11.29
C PHE E 214 -19.59 -53.36 10.59
N ASN E 215 -18.31 -53.03 10.79
CA ASN E 215 -17.16 -53.69 10.14
C ASN E 215 -17.34 -54.15 8.67
N GLY E 216 -17.80 -53.22 7.83
CA GLY E 216 -17.94 -53.47 6.40
C GLY E 216 -19.09 -54.38 5.99
N ASP E 217 -20.10 -54.53 6.85
CA ASP E 217 -21.29 -55.32 6.53
C ASP E 217 -22.21 -54.57 5.57
N GLN E 218 -23.39 -55.13 5.34
CA GLN E 218 -24.43 -54.44 4.59
C GLN E 218 -24.93 -53.28 5.44
N ILE E 219 -25.21 -52.15 4.80
CA ILE E 219 -25.85 -51.02 5.47
C ILE E 219 -26.98 -50.44 4.64
N LEU E 220 -27.91 -49.79 5.32
CA LEU E 220 -28.90 -48.96 4.66
C LEU E 220 -28.78 -47.56 5.22
N ILE E 221 -28.88 -46.57 4.33
CA ILE E 221 -28.71 -45.18 4.73
C ILE E 221 -30.03 -44.43 4.54
N LEU E 222 -30.52 -43.86 5.64
CA LEU E 222 -31.79 -43.16 5.65
C LEU E 222 -31.58 -41.67 5.88
N ALA E 223 -32.10 -40.86 4.97
CA ALA E 223 -32.02 -39.42 5.13
C ALA E 223 -33.38 -38.81 5.40
N THR E 224 -33.43 -38.01 6.47
CA THR E 224 -34.62 -37.24 6.83
C THR E 224 -34.17 -35.79 7.02
N GLY E 225 -35.09 -34.90 7.37
CA GLY E 225 -34.79 -33.48 7.57
C GLY E 225 -34.96 -32.65 6.30
N GLY E 226 -35.27 -31.37 6.47
CA GLY E 226 -35.57 -30.44 5.36
C GLY E 226 -34.48 -30.13 4.35
N PHE E 227 -33.21 -30.27 4.73
CA PHE E 227 -32.09 -30.01 3.82
C PHE E 227 -31.65 -31.24 3.04
N ALA E 228 -32.33 -32.37 3.27
CA ALA E 228 -31.92 -33.67 2.73
C ALA E 228 -32.08 -33.80 1.22
N SER E 229 -33.04 -33.05 0.67
CA SER E 229 -33.38 -33.08 -0.75
C SER E 229 -32.23 -32.60 -1.64
N LEU E 230 -31.40 -31.72 -1.10
CA LEU E 230 -30.30 -31.10 -1.83
C LEU E 230 -29.17 -32.06 -2.20
N PHE E 231 -29.24 -33.28 -1.66
CA PHE E 231 -28.22 -34.30 -1.86
C PHE E 231 -28.81 -35.56 -2.51
N ASP E 232 -29.90 -35.37 -3.26
CA ASP E 232 -30.58 -36.44 -3.99
C ASP E 232 -29.75 -36.97 -5.15
N LYS E 233 -28.96 -36.07 -5.75
CA LYS E 233 -28.11 -36.39 -6.88
C LYS E 233 -26.95 -37.31 -6.49
N GLN E 234 -26.30 -36.99 -5.37
CA GLN E 234 -24.97 -37.52 -5.05
C GLN E 234 -24.84 -38.97 -4.61
N GLY E 235 -25.95 -39.71 -4.60
CA GLY E 235 -25.94 -41.14 -4.22
C GLY E 235 -25.43 -41.35 -2.80
N LEU E 236 -25.84 -40.46 -1.91
CA LEU E 236 -25.38 -40.44 -0.53
C LEU E 236 -26.19 -41.43 0.32
N TYR E 237 -27.50 -41.31 0.23
CA TYR E 237 -28.42 -42.13 1.01
C TYR E 237 -29.18 -43.11 0.12
N ASP E 238 -29.67 -44.19 0.72
CA ASP E 238 -30.43 -45.18 -0.02
C ASP E 238 -31.91 -44.83 -0.06
N HIS E 239 -32.41 -44.20 1.00
CA HIS E 239 -33.82 -43.79 1.07
C HIS E 239 -34.03 -42.40 1.67
N LEU E 240 -34.91 -41.64 1.03
CA LEU E 240 -35.36 -40.36 1.55
C LEU E 240 -36.73 -40.54 2.23
N VAL E 241 -36.74 -40.37 3.56
CA VAL E 241 -37.97 -40.45 4.34
C VAL E 241 -38.16 -39.15 5.15
N PRO E 242 -38.82 -38.14 4.55
CA PRO E 242 -38.96 -36.83 5.17
C PRO E 242 -39.81 -36.82 6.45
N ASP E 243 -40.67 -37.83 6.60
CA ASP E 243 -41.63 -37.90 7.70
C ASP E 243 -41.26 -38.92 8.78
N LEU E 244 -39.97 -39.27 8.86
CA LEU E 244 -39.47 -40.33 9.73
C LEU E 244 -39.60 -40.07 11.24
N VAL E 245 -39.44 -38.82 11.65
CA VAL E 245 -39.64 -38.49 13.05
C VAL E 245 -41.11 -38.66 13.47
N LEU E 246 -42.04 -38.24 12.61
CA LEU E 246 -43.48 -38.29 12.87
C LEU E 246 -44.05 -39.71 12.85
N GLN E 247 -43.47 -40.56 11.98
CA GLN E 247 -43.74 -42.00 11.95
C GLN E 247 -43.33 -42.63 13.26
N GLY E 248 -42.14 -42.26 13.73
CA GLY E 248 -41.56 -42.79 14.97
C GLY E 248 -42.24 -42.35 16.24
N ILE E 249 -42.85 -41.16 16.23
CA ILE E 249 -43.69 -40.72 17.35
C ILE E 249 -44.95 -41.58 17.34
N ARG E 250 -45.55 -41.74 16.17
CA ARG E 250 -46.79 -42.49 15.99
C ARG E 250 -46.63 -43.95 16.42
N LEU E 251 -45.56 -44.58 15.95
CA LEU E 251 -45.19 -45.94 16.34
C LEU E 251 -44.98 -46.11 17.84
N ALA E 252 -44.22 -45.19 18.45
CA ALA E 252 -43.95 -45.20 19.90
C ALA E 252 -45.20 -45.10 20.76
N ALA E 253 -46.18 -44.33 20.26
CA ALA E 253 -47.46 -44.15 20.93
C ALA E 253 -48.23 -45.46 20.95
N MET E 254 -48.27 -46.14 19.80
CA MET E 254 -48.93 -47.43 19.62
C MET E 254 -48.38 -48.53 20.54
N MET E 255 -47.05 -48.61 20.67
CA MET E 255 -46.34 -49.55 21.55
C MET E 255 -46.63 -49.33 23.03
N ASN E 256 -47.16 -48.15 23.36
CA ASN E 256 -47.39 -47.73 24.74
C ASN E 256 -48.86 -47.55 25.12
N THR E 257 -49.74 -47.71 24.13
CA THR E 257 -51.17 -47.69 24.37
C THR E 257 -51.72 -49.10 24.19
N ALA E 258 -52.37 -49.60 25.24
CA ALA E 258 -53.04 -50.91 25.21
C ALA E 258 -54.42 -50.79 24.57
N LEU F 3 14.75 -5.45 11.62
CA LEU F 3 13.64 -6.22 12.23
C LEU F 3 12.27 -5.73 11.76
N ILE F 4 11.50 -6.66 11.19
CA ILE F 4 10.17 -6.36 10.65
C ILE F 4 9.11 -6.94 11.60
N LEU F 5 8.11 -6.14 11.94
CA LEU F 5 7.00 -6.57 12.78
C LEU F 5 5.75 -6.75 11.90
N CYS F 6 5.36 -8.01 11.71
CA CYS F 6 4.23 -8.35 10.84
C CYS F 6 2.96 -8.68 11.62
N ILE F 7 1.94 -7.87 11.42
CA ILE F 7 0.69 -7.97 12.15
C ILE F 7 -0.46 -8.49 11.25
N ASP F 8 -1.20 -9.48 11.75
CA ASP F 8 -2.39 -9.98 11.08
C ASP F 8 -3.59 -9.73 11.97
N VAL F 9 -4.60 -9.04 11.42
CA VAL F 9 -5.84 -8.78 12.13
C VAL F 9 -6.93 -9.73 11.62
N GLY F 10 -7.27 -10.72 12.43
CA GLY F 10 -8.34 -11.66 12.11
C GLY F 10 -9.63 -11.33 12.84
N ASN F 11 -10.59 -12.24 12.75
CA ASN F 11 -11.90 -12.05 13.38
C ASN F 11 -11.91 -12.38 14.87
N SER F 12 -11.04 -13.31 15.27
CA SER F 12 -10.92 -13.71 16.67
C SER F 12 -9.68 -13.11 17.35
N HIS F 13 -8.57 -13.04 16.62
CA HIS F 13 -7.31 -12.51 17.15
C HIS F 13 -6.57 -11.48 16.29
N ILE F 14 -5.72 -10.69 16.95
CA ILE F 14 -4.67 -9.91 16.29
C ILE F 14 -3.34 -10.64 16.49
N TYR F 15 -2.88 -11.30 15.44
CA TYR F 15 -1.72 -12.16 15.46
C TYR F 15 -0.51 -11.46 14.86
N GLY F 16 0.56 -11.39 15.61
CA GLY F 16 1.80 -10.75 15.16
C GLY F 16 3.02 -11.62 15.30
N GLY F 17 4.07 -11.28 14.57
CA GLY F 17 5.34 -11.97 14.64
C GLY F 17 6.46 -11.14 14.05
N VAL F 18 7.54 -10.99 14.82
CA VAL F 18 8.72 -10.22 14.36
C VAL F 18 9.79 -11.11 13.73
N PHE F 19 10.19 -10.71 12.52
CA PHE F 19 11.18 -11.44 11.71
C PHE F 19 12.56 -10.83 11.84
N ASP F 20 13.54 -11.65 12.21
CA ASP F 20 14.94 -11.29 12.00
C ASP F 20 15.27 -11.62 10.55
N GLY F 21 14.98 -10.68 9.65
CA GLY F 21 15.17 -10.89 8.22
C GLY F 21 14.16 -11.87 7.65
N ASP F 22 14.42 -13.17 7.89
CA ASP F 22 13.71 -14.27 7.25
C ASP F 22 13.00 -15.16 8.28
N GLU F 23 13.60 -15.26 9.47
CA GLU F 23 13.16 -16.19 10.50
C GLU F 23 12.48 -15.50 11.68
N ILE F 24 11.32 -16.04 12.07
CA ILE F 24 10.50 -15.50 13.17
C ILE F 24 11.20 -15.71 14.52
N LYS F 25 11.45 -14.60 15.21
CA LYS F 25 12.18 -14.59 16.47
C LYS F 25 11.22 -14.56 17.67
N LEU F 26 10.00 -14.08 17.42
CA LEU F 26 9.00 -13.84 18.46
C LEU F 26 7.61 -13.85 17.84
N ARG F 27 6.64 -14.46 18.51
CA ARG F 27 5.23 -14.32 18.13
C ARG F 27 4.31 -14.07 19.33
N PHE F 28 3.17 -13.43 19.04
CA PHE F 28 2.22 -13.02 20.06
C PHE F 28 0.81 -12.95 19.49
N ARG F 29 -0.17 -12.82 20.40
CA ARG F 29 -1.57 -12.74 20.01
C ARG F 29 -2.31 -11.80 20.98
N HIS F 30 -3.32 -11.11 20.44
CA HIS F 30 -4.15 -10.17 21.16
C HIS F 30 -5.60 -10.49 20.74
N THR F 31 -6.58 -10.05 21.53
CA THR F 31 -7.98 -10.16 21.13
C THR F 31 -8.27 -9.09 20.07
N SER F 32 -9.12 -9.42 19.10
CA SER F 32 -9.54 -8.46 18.09
C SER F 32 -10.84 -7.79 18.51
N LYS F 33 -10.72 -6.57 19.02
CA LYS F 33 -11.87 -5.85 19.55
C LYS F 33 -11.70 -4.34 19.38
N VAL F 34 -12.68 -3.59 19.91
CA VAL F 34 -12.60 -2.13 19.99
C VAL F 34 -11.46 -1.69 20.92
N SER F 35 -10.41 -1.14 20.31
CA SER F 35 -9.27 -0.59 21.02
C SER F 35 -8.86 0.72 20.38
N THR F 36 -8.12 1.51 21.14
CA THR F 36 -7.61 2.78 20.63
CA THR F 36 -7.59 2.80 20.69
C THR F 36 -6.14 2.62 20.26
N SER F 37 -5.57 3.66 19.65
CA SER F 37 -4.16 3.73 19.32
C SER F 37 -3.31 3.70 20.57
N ASP F 38 -3.84 4.20 21.68
CA ASP F 38 -3.10 4.23 22.95
C ASP F 38 -3.07 2.88 23.63
N GLU F 39 -4.21 2.19 23.66
CA GLU F 39 -4.29 0.82 24.18
C GLU F 39 -3.46 -0.16 23.38
N LEU F 40 -3.54 -0.05 22.06
CA LEU F 40 -2.81 -0.94 21.17
C LEU F 40 -1.32 -0.66 21.17
N GLY F 41 -0.95 0.61 21.33
CA GLY F 41 0.46 0.99 21.47
C GLY F 41 1.09 0.45 22.73
N ILE F 42 0.36 0.55 23.84
CA ILE F 42 0.80 0.05 25.15
C ILE F 42 1.06 -1.46 25.11
N PHE F 43 0.10 -2.23 24.60
CA PHE F 43 0.26 -3.69 24.46
C PHE F 43 1.48 -4.04 23.62
N LEU F 44 1.55 -3.45 22.43
CA LEU F 44 2.64 -3.71 21.48
C LEU F 44 4.02 -3.44 22.07
N LYS F 45 4.17 -2.28 22.72
CA LYS F 45 5.42 -1.92 23.37
C LYS F 45 5.80 -2.80 24.55
N SER F 46 4.79 -3.32 25.25
CA SER F 46 5.00 -4.17 26.43
CA SER F 46 5.03 -4.17 26.43
C SER F 46 5.12 -5.66 26.09
N VAL F 47 4.48 -6.08 25.01
CA VAL F 47 4.60 -7.48 24.54
C VAL F 47 5.97 -7.74 23.87
N LEU F 48 6.60 -6.66 23.39
CA LEU F 48 7.96 -6.76 22.86
C LEU F 48 8.94 -6.78 24.02
N ARG F 49 8.83 -5.79 24.92
CA ARG F 49 9.76 -5.62 26.04
C ARG F 49 9.82 -6.82 27.00
N GLU F 50 8.64 -7.28 27.43
CA GLU F 50 8.52 -8.46 28.29
C GLU F 50 8.99 -9.78 27.64
N ASN F 51 9.29 -9.74 26.34
CA ASN F 51 9.75 -10.91 25.59
C ASN F 51 11.10 -10.74 24.90
N ASN F 52 12.03 -10.08 25.61
CA ASN F 52 13.45 -9.90 25.19
C ASN F 52 13.72 -9.13 23.88
N CYS F 53 12.77 -8.31 23.46
CA CYS F 53 12.89 -7.55 22.21
C CYS F 53 12.61 -6.08 22.49
N SER F 54 13.62 -5.23 22.33
CA SER F 54 13.42 -3.80 22.58
C SER F 54 12.59 -3.18 21.46
N PRO F 55 11.52 -2.42 21.82
CA PRO F 55 10.59 -1.81 20.86
C PRO F 55 11.22 -0.82 19.88
N GLU F 56 12.45 -0.39 20.17
CA GLU F 56 13.18 0.54 19.32
C GLU F 56 13.96 -0.19 18.22
N THR F 57 14.12 -1.50 18.37
CA THR F 57 14.81 -2.35 17.37
C THR F 57 13.92 -2.62 16.15
N ILE F 58 12.61 -2.47 16.35
CA ILE F 58 11.64 -2.58 15.27
C ILE F 58 11.75 -1.34 14.37
N ARG F 59 12.16 -1.58 13.13
CA ARG F 59 12.44 -0.52 12.16
C ARG F 59 11.39 -0.44 11.06
N LYS F 60 10.63 -1.53 10.88
CA LYS F 60 9.52 -1.57 9.94
C LYS F 60 8.33 -2.31 10.54
N ILE F 61 7.12 -1.91 10.14
CA ILE F 61 5.87 -2.57 10.55
C ILE F 61 4.97 -2.80 9.31
N ALA F 62 4.39 -3.99 9.22
CA ALA F 62 3.52 -4.35 8.10
C ALA F 62 2.23 -5.02 8.58
N ILE F 63 1.09 -4.51 8.12
CA ILE F 63 -0.21 -4.98 8.58
C ILE F 63 -1.08 -5.53 7.43
N CYS F 64 -1.65 -6.72 7.67
CA CYS F 64 -2.70 -7.30 6.84
C CYS F 64 -3.96 -7.44 7.70
N SER F 65 -5.09 -6.96 7.20
CA SER F 65 -6.28 -6.81 8.03
C SER F 65 -7.64 -7.07 7.39
N VAL F 66 -8.54 -7.59 8.21
CA VAL F 66 -9.86 -8.08 7.80
C VAL F 66 -10.99 -7.32 8.53
N VAL F 67 -10.68 -6.84 9.73
CA VAL F 67 -11.57 -5.94 10.48
C VAL F 67 -11.13 -4.48 10.26
N PRO F 68 -11.95 -3.69 9.54
CA PRO F 68 -11.63 -2.30 9.17
C PRO F 68 -11.52 -1.31 10.35
N GLN F 69 -12.25 -1.55 11.43
CA GLN F 69 -12.29 -0.60 12.55
C GLN F 69 -11.07 -0.69 13.47
N VAL F 70 -10.44 -1.87 13.50
CA VAL F 70 -9.19 -2.08 14.24
C VAL F 70 -8.03 -1.34 13.57
N ASP F 71 -8.10 -1.23 12.24
CA ASP F 71 -7.02 -0.66 11.40
C ASP F 71 -6.60 0.76 11.73
N TYR F 72 -7.59 1.65 11.84
CA TYR F 72 -7.32 3.07 12.06
C TYR F 72 -6.52 3.31 13.34
N SER F 73 -6.91 2.62 14.40
CA SER F 73 -6.25 2.73 15.70
C SER F 73 -4.89 2.02 15.73
N LEU F 74 -4.83 0.83 15.14
CA LEU F 74 -3.57 0.07 15.09
C LEU F 74 -2.44 0.78 14.33
N ARG F 75 -2.78 1.36 13.17
CA ARG F 75 -1.80 2.10 12.39
C ARG F 75 -1.46 3.47 13.01
N SER F 76 -2.39 3.99 13.81
CA SER F 76 -2.17 5.23 14.55
C SER F 76 -1.25 4.99 15.75
N ALA F 77 -1.27 3.75 16.25
CA ALA F 77 -0.40 3.29 17.34
C ALA F 77 1.05 3.17 16.90
N CYS F 78 1.26 2.78 15.65
CA CYS F 78 2.58 2.56 15.08
C CYS F 78 3.33 3.86 14.87
N VAL F 79 2.61 4.93 14.59
CA VAL F 79 3.19 6.25 14.36
C VAL F 79 3.54 6.88 15.70
N LYS F 80 2.60 6.82 16.65
CA LYS F 80 2.80 7.44 17.95
C LYS F 80 3.82 6.69 18.80
N TYR F 81 3.79 5.36 18.75
CA TYR F 81 4.59 4.55 19.67
C TYR F 81 5.85 3.93 19.07
N PHE F 82 6.00 3.98 17.75
CA PHE F 82 7.18 3.42 17.06
C PHE F 82 7.81 4.34 16.01
N SER F 83 7.13 5.45 15.70
CA SER F 83 7.50 6.36 14.60
C SER F 83 7.66 5.61 13.27
N ILE F 84 6.68 4.74 13.00
CA ILE F 84 6.61 3.96 11.76
C ILE F 84 5.21 4.09 11.16
N ASP F 85 5.13 4.64 9.96
CA ASP F 85 3.91 4.67 9.18
C ASP F 85 3.86 3.29 8.50
N PRO F 86 2.96 2.40 8.98
CA PRO F 86 3.12 0.99 8.62
C PRO F 86 2.60 0.64 7.23
N PHE F 87 3.15 -0.43 6.66
CA PHE F 87 2.68 -0.97 5.39
C PHE F 87 1.29 -1.61 5.58
N LEU F 88 0.32 -1.10 4.82
CA LEU F 88 -1.02 -1.68 4.83
C LEU F 88 -1.22 -2.50 3.57
N LEU F 89 -1.36 -3.82 3.73
CA LEU F 89 -1.77 -4.68 2.62
C LEU F 89 -3.23 -4.37 2.27
N GLN F 90 -3.36 -3.53 1.24
CA GLN F 90 -4.55 -2.80 0.91
C GLN F 90 -4.90 -3.03 -0.55
N ALA F 91 -6.01 -2.44 -0.99
CA ALA F 91 -6.36 -2.39 -2.41
C ALA F 91 -5.56 -1.28 -3.08
N GLY F 92 -4.70 -1.67 -4.01
CA GLY F 92 -3.88 -0.72 -4.76
C GLY F 92 -2.41 -1.08 -4.78
N VAL F 93 -1.95 -1.74 -3.71
CA VAL F 93 -0.56 -2.14 -3.54
C VAL F 93 -0.16 -3.30 -4.49
N LYS F 94 1.15 -3.48 -4.67
CA LYS F 94 1.69 -4.54 -5.53
C LYS F 94 1.68 -5.91 -4.82
N THR F 95 1.10 -6.89 -5.49
CA THR F 95 0.97 -8.25 -4.96
C THR F 95 1.63 -9.27 -5.90
N GLY F 96 1.58 -8.98 -7.20
CA GLY F 96 2.11 -9.85 -8.22
C GLY F 96 1.25 -11.10 -8.44
N LEU F 97 -0.07 -10.90 -8.44
CA LEU F 97 -1.02 -11.97 -8.73
C LEU F 97 -2.34 -11.46 -9.35
N ASN F 98 -3.07 -12.37 -10.01
CA ASN F 98 -4.34 -12.03 -10.64
C ASN F 98 -5.53 -12.50 -9.81
N ILE F 99 -6.56 -11.68 -9.71
CA ILE F 99 -7.72 -12.01 -8.91
C ILE F 99 -8.99 -12.12 -9.77
N LYS F 100 -9.59 -13.32 -9.76
CA LYS F 100 -10.74 -13.64 -10.62
C LYS F 100 -12.10 -13.57 -9.91
N TYR F 101 -12.13 -12.98 -8.71
CA TYR F 101 -13.39 -12.58 -8.08
C TYR F 101 -14.08 -11.53 -8.95
N ARG F 102 -15.42 -11.53 -8.95
CA ARG F 102 -16.20 -10.50 -9.66
C ARG F 102 -15.73 -9.13 -9.18
N ASN F 103 -15.72 -8.97 -7.86
CA ASN F 103 -15.15 -7.81 -7.21
C ASN F 103 -13.92 -8.23 -6.39
N PRO F 104 -12.71 -7.82 -6.83
CA PRO F 104 -11.46 -8.15 -6.15
C PRO F 104 -11.29 -7.46 -4.78
N VAL F 105 -12.18 -6.53 -4.45
CA VAL F 105 -12.18 -5.86 -3.16
C VAL F 105 -12.81 -6.76 -2.08
N GLU F 106 -13.60 -7.74 -2.52
CA GLU F 106 -14.18 -8.75 -1.62
C GLU F 106 -13.16 -9.77 -1.10
N VAL F 107 -12.06 -9.93 -1.82
CA VAL F 107 -11.00 -10.85 -1.40
C VAL F 107 -10.30 -10.28 -0.18
N GLY F 108 -10.31 -11.04 0.91
CA GLY F 108 -9.66 -10.65 2.14
C GLY F 108 -8.15 -10.54 1.97
N ALA F 109 -7.56 -9.65 2.75
CA ALA F 109 -6.11 -9.40 2.74
C ALA F 109 -5.32 -10.63 3.23
N ASP F 110 -5.94 -11.42 4.11
CA ASP F 110 -5.35 -12.65 4.65
C ASP F 110 -5.25 -13.75 3.60
N ARG F 111 -6.19 -13.77 2.66
CA ARG F 111 -6.18 -14.71 1.56
C ARG F 111 -5.19 -14.27 0.49
N ILE F 112 -4.97 -12.95 0.42
CA ILE F 112 -3.98 -12.35 -0.48
C ILE F 112 -2.57 -12.59 0.04
N ALA F 113 -2.36 -12.38 1.34
CA ALA F 113 -1.07 -12.64 2.00
C ALA F 113 -0.65 -14.10 1.86
N ASN F 114 -1.57 -15.02 2.16
CA ASN F 114 -1.35 -16.46 2.08
C ASN F 114 -1.05 -16.98 0.68
N ALA F 115 -1.62 -16.31 -0.32
CA ALA F 115 -1.42 -16.66 -1.73
C ALA F 115 -0.10 -16.10 -2.29
N ILE F 116 0.36 -14.97 -1.74
CA ILE F 116 1.70 -14.43 -2.07
C ILE F 116 2.80 -15.36 -1.56
N ALA F 117 2.73 -15.73 -0.27
CA ALA F 117 3.66 -16.69 0.35
C ALA F 117 3.67 -18.08 -0.30
N ALA F 118 2.52 -18.53 -0.79
CA ALA F 118 2.40 -19.83 -1.45
C ALA F 118 3.06 -19.83 -2.83
N THR F 119 2.81 -18.78 -3.60
CA THR F 119 3.44 -18.58 -4.90
C THR F 119 4.93 -18.22 -4.83
N HIS F 120 5.37 -17.66 -3.70
CA HIS F 120 6.79 -17.39 -3.52
C HIS F 120 7.58 -18.66 -3.22
N SER F 121 7.15 -19.39 -2.19
CA SER F 121 7.83 -20.60 -1.73
C SER F 121 7.73 -21.77 -2.72
N PHE F 122 6.61 -21.83 -3.45
CA PHE F 122 6.33 -22.92 -4.39
C PHE F 122 5.86 -22.36 -5.73
N PRO F 123 6.81 -21.80 -6.50
CA PRO F 123 6.60 -20.79 -7.55
C PRO F 123 5.78 -21.15 -8.81
N ASN F 124 6.04 -22.30 -9.42
CA ASN F 124 5.38 -22.62 -10.69
C ASN F 124 4.43 -23.81 -10.59
N GLN F 125 3.57 -23.77 -9.57
CA GLN F 125 2.70 -24.90 -9.23
C GLN F 125 1.25 -24.48 -9.00
N ASN F 126 0.33 -25.41 -9.22
CA ASN F 126 -1.08 -25.23 -8.86
C ASN F 126 -1.24 -25.50 -7.38
N ILE F 127 -1.78 -24.53 -6.64
CA ILE F 127 -1.89 -24.68 -5.19
C ILE F 127 -3.32 -24.58 -4.64
N ILE F 128 -3.64 -25.50 -3.75
CA ILE F 128 -4.76 -25.37 -2.82
C ILE F 128 -4.16 -24.98 -1.47
N VAL F 129 -4.60 -23.84 -0.92
CA VAL F 129 -4.22 -23.48 0.44
C VAL F 129 -5.41 -23.58 1.41
N ILE F 130 -5.23 -24.38 2.46
CA ILE F 130 -6.28 -24.53 3.47
C ILE F 130 -5.93 -23.82 4.78
N ASP F 131 -6.66 -22.76 5.10
CA ASP F 131 -6.52 -22.08 6.37
C ASP F 131 -7.57 -22.58 7.33
N PHE F 132 -7.12 -23.38 8.31
CA PHE F 132 -7.92 -23.85 9.41
C PHE F 132 -7.88 -22.82 10.52
N GLY F 133 -8.75 -21.83 10.45
CA GLY F 133 -8.78 -20.76 11.44
C GLY F 133 -10.13 -20.67 12.11
N THR F 134 -10.63 -19.44 12.25
CA THR F 134 -11.99 -19.19 12.74
C THR F 134 -12.97 -19.66 11.66
N ALA F 135 -12.54 -19.59 10.41
CA ALA F 135 -13.22 -20.20 9.28
C ALA F 135 -12.23 -21.04 8.50
N THR F 136 -12.62 -22.27 8.18
CA THR F 136 -11.81 -23.09 7.28
C THR F 136 -12.04 -22.63 5.84
N THR F 137 -11.00 -22.10 5.21
CA THR F 137 -11.09 -21.58 3.85
C THR F 137 -10.26 -22.42 2.89
N PHE F 138 -10.71 -22.49 1.64
CA PHE F 138 -10.04 -23.23 0.59
C PHE F 138 -9.87 -22.27 -0.57
N CYS F 139 -8.63 -22.06 -1.00
CA CYS F 139 -8.35 -21.09 -2.06
C CYS F 139 -7.63 -21.75 -3.22
N ALA F 140 -8.14 -21.51 -4.42
CA ALA F 140 -7.52 -22.04 -5.65
C ALA F 140 -6.60 -20.99 -6.29
N ILE F 141 -5.35 -21.40 -6.49
CA ILE F 141 -4.33 -20.58 -7.14
C ILE F 141 -3.71 -21.38 -8.30
N SER F 142 -3.77 -20.83 -9.51
CA SER F 142 -3.13 -21.47 -10.66
C SER F 142 -1.62 -21.21 -10.67
N HIS F 143 -0.88 -21.95 -11.50
CA HIS F 143 0.57 -21.75 -11.64
C HIS F 143 0.91 -20.45 -12.36
N LYS F 144 -0.05 -19.92 -13.12
CA LYS F 144 0.03 -18.58 -13.73
C LYS F 144 -0.32 -17.49 -12.71
N LYS F 145 -0.17 -17.85 -11.42
CA LYS F 145 -0.45 -16.96 -10.28
CA LYS F 145 -0.54 -17.08 -10.20
C LYS F 145 -1.83 -16.27 -10.27
N ALA F 146 -2.87 -16.91 -10.78
CA ALA F 146 -4.20 -16.37 -10.70
C ALA F 146 -4.90 -16.92 -9.47
N TYR F 147 -5.25 -16.05 -8.54
CA TYR F 147 -6.13 -16.40 -7.43
C TYR F 147 -7.51 -16.63 -8.02
N LEU F 148 -7.91 -17.90 -8.12
CA LEU F 148 -9.12 -18.27 -8.87
C LEU F 148 -10.43 -18.07 -8.10
N GLY F 149 -10.33 -18.02 -6.78
CA GLY F 149 -11.49 -17.95 -5.90
C GLY F 149 -11.45 -19.13 -4.97
N GLY F 150 -12.61 -19.50 -4.44
CA GLY F 150 -12.68 -20.68 -3.58
C GLY F 150 -13.91 -20.92 -2.75
N ALA F 151 -13.68 -21.52 -1.58
CA ALA F 151 -14.75 -21.95 -0.70
C ALA F 151 -14.45 -21.61 0.75
N ILE F 152 -15.51 -21.26 1.50
CA ILE F 152 -15.42 -20.98 2.92
C ILE F 152 -16.35 -21.91 3.70
N LEU F 153 -15.73 -22.73 4.55
CA LEU F 153 -16.44 -23.56 5.53
C LEU F 153 -16.44 -22.84 6.86
N PRO F 154 -17.33 -23.23 7.80
CA PRO F 154 -17.11 -22.72 9.16
C PRO F 154 -15.92 -23.44 9.81
N GLY F 155 -15.29 -22.76 10.77
CA GLY F 155 -14.17 -23.34 11.50
C GLY F 155 -14.66 -24.33 12.53
N LEU F 156 -13.75 -25.19 12.99
CA LEU F 156 -14.03 -26.23 13.97
C LEU F 156 -14.49 -25.69 15.32
N ARG F 157 -13.99 -24.50 15.66
CA ARG F 157 -14.39 -23.79 16.88
C ARG F 157 -15.83 -23.29 16.75
N LEU F 158 -16.13 -22.58 15.67
CA LEU F 158 -17.48 -22.07 15.39
C LEU F 158 -18.52 -23.18 15.27
N SER F 159 -18.10 -24.33 14.71
CA SER F 159 -18.94 -25.51 14.55
C SER F 159 -19.33 -26.14 15.89
N ALA F 160 -18.38 -26.18 16.81
CA ALA F 160 -18.63 -26.73 18.15
C ALA F 160 -19.41 -25.76 19.03
N ASP F 161 -19.31 -24.47 18.72
CA ASP F 161 -20.00 -23.41 19.47
C ASP F 161 -21.42 -23.16 18.98
N ALA F 162 -21.66 -23.36 17.69
CA ALA F 162 -22.99 -23.18 17.11
C ALA F 162 -23.93 -24.32 17.52
N LEU F 163 -23.36 -25.43 17.96
CA LEU F 163 -24.11 -26.60 18.39
C LEU F 163 -24.67 -26.51 19.81
N SER F 164 -24.22 -25.51 20.56
CA SER F 164 -24.62 -25.37 21.95
C SER F 164 -25.12 -23.96 22.32
N LYS F 165 -25.03 -23.01 21.37
CA LYS F 165 -25.49 -21.65 21.66
C LYS F 165 -26.97 -21.37 21.36
N ASN F 166 -27.69 -22.44 21.02
CA ASN F 166 -29.14 -22.50 21.18
C ASN F 166 -29.50 -23.62 22.15
N THR F 167 -28.82 -24.76 21.98
CA THR F 167 -28.89 -25.90 22.90
C THR F 167 -28.14 -25.56 24.18
N VAL F 173 -17.88 -27.75 23.75
CA VAL F 173 -16.92 -28.85 23.73
C VAL F 173 -15.59 -28.36 23.14
N GLU F 174 -14.51 -29.09 23.35
CA GLU F 174 -13.24 -28.76 22.70
C GLU F 174 -12.81 -29.83 21.71
N ILE F 175 -12.08 -29.42 20.68
CA ILE F 175 -11.81 -30.28 19.53
C ILE F 175 -10.53 -31.08 19.74
N ILE F 176 -10.67 -32.40 19.76
CA ILE F 176 -9.53 -33.30 19.91
C ILE F 176 -9.52 -34.37 18.82
N LYS F 177 -8.35 -34.94 18.58
CA LYS F 177 -8.22 -36.06 17.65
C LYS F 177 -9.00 -37.28 18.15
N THR F 178 -10.14 -37.53 17.51
CA THR F 178 -11.01 -38.64 17.92
C THR F 178 -10.63 -39.93 17.21
N GLU F 179 -10.55 -41.01 17.98
CA GLU F 179 -10.23 -42.32 17.42
C GLU F 179 -11.51 -43.06 17.06
N SER F 180 -12.55 -42.84 17.87
CA SER F 180 -13.84 -43.52 17.68
C SER F 180 -14.96 -42.60 17.18
N VAL F 181 -15.61 -43.04 16.12
CA VAL F 181 -16.57 -42.26 15.35
C VAL F 181 -17.98 -42.35 15.94
N VAL F 182 -18.32 -43.52 16.47
CA VAL F 182 -19.64 -43.77 17.06
C VAL F 182 -19.57 -43.40 18.54
N GLY F 183 -19.94 -42.16 18.85
CA GLY F 183 -19.90 -41.64 20.22
C GLY F 183 -20.93 -42.25 21.15
N ARG F 184 -20.55 -42.37 22.41
CA ARG F 184 -21.39 -42.98 23.46
C ARG F 184 -21.83 -41.94 24.50
N SER F 185 -21.62 -40.67 24.16
CA SER F 185 -22.08 -39.53 24.95
CA SER F 185 -22.09 -39.52 24.94
C SER F 185 -22.27 -38.34 24.00
N THR F 186 -22.90 -37.27 24.49
CA THR F 186 -23.15 -36.08 23.67
C THR F 186 -21.84 -35.32 23.40
N ILE F 187 -20.89 -35.42 24.32
CA ILE F 187 -19.52 -34.91 24.12
C ILE F 187 -18.77 -35.73 23.06
N GLU F 188 -18.93 -37.05 23.09
CA GLU F 188 -18.29 -37.93 22.13
C GLU F 188 -18.90 -37.88 20.73
N SER F 189 -20.18 -37.51 20.65
CA SER F 189 -20.86 -37.33 19.37
C SER F 189 -20.41 -36.07 18.62
N ILE F 190 -20.32 -34.95 19.34
CA ILE F 190 -19.89 -33.67 18.74
C ILE F 190 -18.41 -33.71 18.33
N GLN F 191 -17.56 -34.31 19.16
CA GLN F 191 -16.12 -34.39 18.92
C GLN F 191 -15.73 -35.26 17.73
N SER F 192 -16.51 -36.32 17.48
CA SER F 192 -16.31 -37.18 16.31
C SER F 192 -16.84 -36.49 15.06
N GLY F 193 -18.01 -35.85 15.21
CA GLY F 193 -18.65 -35.12 14.13
C GLY F 193 -17.85 -33.91 13.65
N VAL F 194 -17.28 -33.15 14.59
CA VAL F 194 -16.43 -31.99 14.25
C VAL F 194 -15.09 -32.45 13.62
N TYR F 195 -14.55 -33.59 14.08
CA TYR F 195 -13.30 -34.12 13.51
C TYR F 195 -13.48 -34.75 12.12
N TYR F 196 -14.30 -35.80 12.03
CA TYR F 196 -14.51 -36.52 10.77
C TYR F 196 -15.40 -35.79 9.77
N GLY F 197 -16.08 -34.75 10.24
CA GLY F 197 -16.88 -33.88 9.39
C GLY F 197 -16.02 -32.94 8.57
N VAL F 198 -15.09 -32.26 9.21
CA VAL F 198 -14.19 -31.36 8.49
C VAL F 198 -13.06 -32.12 7.76
N LEU F 199 -12.69 -33.30 8.27
CA LEU F 199 -11.73 -34.19 7.61
C LEU F 199 -12.22 -34.67 6.25
N GLY F 200 -13.52 -34.98 6.18
CA GLY F 200 -14.14 -35.42 4.93
C GLY F 200 -14.52 -34.26 4.04
N ALA F 201 -14.95 -33.16 4.67
CA ALA F 201 -15.23 -31.89 3.98
C ALA F 201 -14.03 -31.42 3.16
N CYS F 202 -12.86 -31.41 3.79
CA CYS F 202 -11.59 -31.09 3.14
C CYS F 202 -11.31 -31.99 1.94
N LYS F 203 -11.41 -33.31 2.15
CA LYS F 203 -11.23 -34.32 1.10
C LYS F 203 -12.08 -34.05 -0.12
N GLU F 204 -13.33 -33.70 0.13
CA GLU F 204 -14.27 -33.39 -0.95
C GLU F 204 -13.88 -32.10 -1.64
N LEU F 205 -13.66 -31.04 -0.84
CA LEU F 205 -13.35 -29.71 -1.34
C LEU F 205 -12.08 -29.67 -2.18
N ILE F 206 -11.06 -30.39 -1.75
CA ILE F 206 -9.80 -30.54 -2.50
C ILE F 206 -10.05 -31.18 -3.86
N GLN F 207 -10.71 -32.34 -3.85
CA GLN F 207 -10.98 -33.14 -5.04
C GLN F 207 -11.84 -32.38 -6.06
N ARG F 208 -12.82 -31.64 -5.57
CA ARG F 208 -13.73 -30.86 -6.40
C ARG F 208 -13.04 -29.67 -7.04
N ILE F 209 -12.13 -29.03 -6.31
CA ILE F 209 -11.35 -27.91 -6.82
C ILE F 209 -10.30 -28.40 -7.81
N HIS F 210 -9.71 -29.55 -7.49
CA HIS F 210 -8.70 -30.24 -8.30
C HIS F 210 -9.16 -30.48 -9.74
N HIS F 211 -10.44 -30.80 -9.91
CA HIS F 211 -11.00 -31.08 -11.22
C HIS F 211 -11.67 -29.86 -11.88
N GLU F 212 -12.16 -28.93 -11.07
CA GLU F 212 -12.79 -27.72 -11.61
C GLU F 212 -11.78 -26.65 -12.00
N ALA F 213 -10.93 -26.28 -11.05
CA ALA F 213 -9.94 -25.23 -11.25
C ALA F 213 -8.71 -25.72 -12.00
N PHE F 214 -8.36 -26.99 -11.82
CA PHE F 214 -7.10 -27.52 -12.33
C PHE F 214 -7.26 -28.74 -13.25
N ASN F 215 -8.50 -29.07 -13.61
CA ASN F 215 -8.87 -30.20 -14.50
C ASN F 215 -8.12 -31.55 -14.37
N GLY F 216 -7.55 -31.81 -13.20
CA GLY F 216 -6.86 -33.06 -12.94
C GLY F 216 -5.34 -32.94 -12.91
N ASP F 217 -4.85 -31.72 -13.18
CA ASP F 217 -3.41 -31.43 -13.19
C ASP F 217 -2.77 -31.57 -11.79
N GLN F 218 -1.44 -31.61 -11.78
CA GLN F 218 -0.67 -31.74 -10.53
C GLN F 218 -0.89 -30.55 -9.63
N ILE F 219 -1.22 -30.84 -8.37
CA ILE F 219 -1.51 -29.81 -7.37
C ILE F 219 -0.67 -29.99 -6.12
N LEU F 220 -0.45 -28.88 -5.41
CA LEU F 220 0.24 -28.93 -4.12
C LEU F 220 -0.67 -28.36 -3.04
N ILE F 221 -0.80 -29.09 -1.93
CA ILE F 221 -1.72 -28.69 -0.88
C ILE F 221 -1.00 -28.14 0.35
N LEU F 222 -1.35 -26.93 0.75
CA LEU F 222 -0.73 -26.25 1.87
C LEU F 222 -1.72 -26.03 3.00
N ALA F 223 -1.25 -26.16 4.23
CA ALA F 223 -2.09 -25.95 5.41
C ALA F 223 -1.50 -24.92 6.36
N THR F 224 -2.38 -24.11 6.95
CA THR F 224 -2.00 -23.14 7.97
C THR F 224 -3.14 -22.96 8.99
N GLY F 225 -2.87 -22.24 10.08
CA GLY F 225 -3.83 -22.09 11.19
C GLY F 225 -3.65 -23.13 12.27
N GLY F 226 -4.44 -23.02 13.35
CA GLY F 226 -4.29 -23.85 14.53
C GLY F 226 -4.84 -25.27 14.50
N PHE F 227 -5.89 -25.50 13.69
CA PHE F 227 -6.49 -26.84 13.61
C PHE F 227 -5.95 -27.64 12.43
N ALA F 228 -4.97 -27.04 11.74
CA ALA F 228 -4.26 -27.69 10.64
C ALA F 228 -3.45 -28.90 11.09
N SER F 229 -2.87 -28.80 12.29
CA SER F 229 -1.97 -29.82 12.83
C SER F 229 -2.69 -31.11 13.24
N LEU F 230 -4.01 -31.00 13.39
CA LEU F 230 -4.88 -32.12 13.72
C LEU F 230 -5.02 -33.17 12.63
N PHE F 231 -4.72 -32.80 11.39
CA PHE F 231 -4.96 -33.68 10.24
C PHE F 231 -3.69 -34.07 9.50
N ASP F 232 -2.62 -34.19 10.27
CA ASP F 232 -1.27 -34.48 9.79
C ASP F 232 -1.15 -35.87 9.16
N LYS F 233 -1.67 -36.88 9.85
CA LYS F 233 -1.49 -38.28 9.45
C LYS F 233 -2.33 -38.68 8.24
N GLN F 234 -3.53 -38.10 8.11
CA GLN F 234 -4.54 -38.56 7.15
C GLN F 234 -4.28 -38.31 5.66
N GLY F 235 -3.05 -37.96 5.28
CA GLY F 235 -2.65 -37.74 3.89
C GLY F 235 -3.49 -36.69 3.16
N LEU F 236 -3.84 -35.63 3.90
CA LEU F 236 -4.77 -34.62 3.43
C LEU F 236 -4.05 -33.52 2.66
N TYR F 237 -3.01 -32.98 3.26
CA TYR F 237 -2.20 -31.92 2.64
C TYR F 237 -0.74 -32.35 2.48
N ASP F 238 0.00 -31.59 1.67
CA ASP F 238 1.41 -31.86 1.44
C ASP F 238 2.31 -31.11 2.42
N HIS F 239 2.09 -29.81 2.57
CA HIS F 239 2.92 -29.00 3.47
C HIS F 239 2.15 -28.35 4.62
N LEU F 240 2.81 -28.28 5.76
CA LEU F 240 2.24 -27.69 6.95
C LEU F 240 3.06 -26.46 7.30
N VAL F 241 2.56 -25.30 6.89
CA VAL F 241 3.25 -24.03 7.06
C VAL F 241 2.50 -23.21 8.09
N PRO F 242 3.00 -23.18 9.35
CA PRO F 242 2.29 -22.53 10.47
C PRO F 242 2.13 -21.01 10.36
N ASP F 243 3.04 -20.33 9.66
CA ASP F 243 3.03 -18.87 9.59
C ASP F 243 2.97 -18.35 8.16
N LEU F 244 2.06 -18.90 7.37
CA LEU F 244 1.96 -18.54 5.96
C LEU F 244 1.47 -17.09 5.77
N VAL F 245 0.72 -16.59 6.73
CA VAL F 245 0.21 -15.21 6.65
C VAL F 245 1.30 -14.18 6.97
N LEU F 246 2.13 -14.44 7.99
CA LEU F 246 3.20 -13.52 8.39
C LEU F 246 4.33 -13.43 7.37
N GLN F 247 4.57 -14.55 6.68
CA GLN F 247 5.44 -14.61 5.50
C GLN F 247 4.87 -13.72 4.39
N GLY F 248 3.57 -13.80 4.19
CA GLY F 248 2.86 -13.07 3.15
C GLY F 248 2.73 -11.57 3.32
N ILE F 249 2.66 -11.09 4.57
CA ILE F 249 2.68 -9.64 4.87
C ILE F 249 4.12 -9.12 4.77
N ARG F 250 5.08 -9.99 5.10
CA ARG F 250 6.50 -9.67 4.98
C ARG F 250 6.90 -9.56 3.50
N LEU F 251 6.37 -10.47 2.67
CA LEU F 251 6.60 -10.47 1.22
C LEU F 251 5.93 -9.31 0.50
N ALA F 252 4.70 -9.03 0.88
CA ALA F 252 3.95 -7.88 0.38
C ALA F 252 4.62 -6.53 0.71
N ALA F 253 5.20 -6.45 1.92
CA ALA F 253 5.94 -5.26 2.35
C ALA F 253 7.16 -4.96 1.49
N MET F 254 7.88 -6.02 1.11
CA MET F 254 9.09 -5.96 0.28
C MET F 254 8.85 -5.56 -1.18
N MET F 255 7.72 -5.99 -1.75
CA MET F 255 7.34 -5.63 -3.12
C MET F 255 7.00 -4.15 -3.22
N ASN F 256 6.57 -3.59 -2.09
CA ASN F 256 6.14 -2.19 -2.02
C ASN F 256 7.12 -1.35 -1.21
N THR F 257 8.35 -1.85 -1.05
CA THR F 257 9.44 -1.10 -0.44
C THR F 257 10.30 -0.49 -1.54
N ALA F 258 11.06 0.56 -1.19
CA ALA F 258 11.90 1.25 -2.17
C ALA F 258 13.26 0.57 -2.34
N SER G 2 25.88 14.01 -67.70
CA SER G 2 24.99 15.14 -67.29
C SER G 2 23.94 14.68 -66.24
N LEU G 3 24.29 13.60 -65.54
CA LEU G 3 23.59 13.22 -64.31
C LEU G 3 24.29 13.93 -63.15
N ILE G 4 23.54 14.80 -62.46
CA ILE G 4 24.07 15.50 -61.28
C ILE G 4 23.79 14.67 -60.02
N LEU G 5 24.59 14.89 -58.98
CA LEU G 5 24.38 14.25 -57.68
C LEU G 5 24.30 15.31 -56.59
N CYS G 6 23.26 15.23 -55.75
CA CYS G 6 23.06 16.17 -54.64
C CYS G 6 23.11 15.45 -53.29
N ILE G 7 23.70 16.11 -52.30
CA ILE G 7 23.85 15.56 -50.95
C ILE G 7 23.48 16.59 -49.89
N ASP G 8 22.61 16.19 -48.96
CA ASP G 8 22.31 16.97 -47.76
C ASP G 8 22.85 16.26 -46.53
N VAL G 9 23.95 16.79 -45.98
CA VAL G 9 24.55 16.24 -44.76
C VAL G 9 23.87 16.82 -43.52
N GLY G 10 22.84 16.11 -43.06
CA GLY G 10 22.04 16.54 -41.91
C GLY G 10 22.44 15.81 -40.64
N ASN G 11 21.69 16.07 -39.56
CA ASN G 11 21.99 15.49 -38.25
C ASN G 11 21.46 14.08 -38.09
N SER G 12 20.28 13.83 -38.67
CA SER G 12 19.70 12.49 -38.66
C SER G 12 20.33 11.61 -39.74
N HIS G 13 20.36 12.11 -40.97
CA HIS G 13 20.88 11.35 -42.12
C HIS G 13 21.74 12.17 -43.09
N ILE G 14 22.57 11.46 -43.84
CA ILE G 14 23.19 11.98 -45.06
C ILE G 14 22.27 11.53 -46.21
N TYR G 15 21.66 12.49 -46.89
CA TYR G 15 20.59 12.21 -47.85
C TYR G 15 20.99 12.60 -49.27
N GLY G 16 20.94 11.62 -50.17
CA GLY G 16 21.36 11.83 -51.54
C GLY G 16 20.28 11.58 -52.58
N GLY G 17 20.48 12.11 -53.78
CA GLY G 17 19.56 11.91 -54.90
C GLY G 17 20.16 12.31 -56.23
N VAL G 18 20.18 11.35 -57.16
CA VAL G 18 20.67 11.61 -58.52
C VAL G 18 19.57 12.12 -59.47
N PHE G 19 19.77 13.33 -60.00
CA PHE G 19 18.84 13.94 -60.93
C PHE G 19 19.32 13.69 -62.36
N ASP G 20 18.45 13.10 -63.18
CA ASP G 20 18.64 13.09 -64.62
C ASP G 20 17.90 14.29 -65.18
N GLY G 21 18.59 15.43 -65.15
CA GLY G 21 17.98 16.70 -65.51
C GLY G 21 17.03 17.15 -64.41
N ASP G 22 15.74 16.88 -64.63
CA ASP G 22 14.69 17.40 -63.75
C ASP G 22 14.19 16.38 -62.73
N GLU G 23 14.04 15.13 -63.17
CA GLU G 23 13.44 14.08 -62.33
C GLU G 23 14.43 13.09 -61.69
N ILE G 24 14.24 12.86 -60.39
CA ILE G 24 15.09 11.99 -59.57
C ILE G 24 14.87 10.52 -59.90
N LYS G 25 15.91 9.86 -60.40
CA LYS G 25 15.85 8.43 -60.72
C LYS G 25 16.15 7.53 -59.53
N LEU G 26 16.90 8.06 -58.55
CA LEU G 26 17.31 7.30 -57.37
C LEU G 26 17.60 8.21 -56.18
N ARG G 27 17.17 7.79 -54.99
CA ARG G 27 17.55 8.44 -53.74
C ARG G 27 18.17 7.44 -52.76
N PHE G 28 19.07 7.93 -51.90
CA PHE G 28 19.76 7.08 -50.93
C PHE G 28 20.00 7.78 -49.60
N ARG G 29 20.34 6.98 -48.60
CA ARG G 29 20.54 7.46 -47.24
C ARG G 29 21.75 6.81 -46.58
N HIS G 30 22.46 7.60 -45.79
CA HIS G 30 23.56 7.13 -44.96
C HIS G 30 23.40 7.80 -43.61
N THR G 31 23.94 7.18 -42.55
CA THR G 31 23.98 7.81 -41.23
C THR G 31 25.06 8.88 -41.25
N SER G 32 24.78 10.05 -40.69
CA SER G 32 25.82 11.05 -40.51
C SER G 32 26.67 10.67 -39.29
N LYS G 33 27.76 9.96 -39.56
CA LYS G 33 28.65 9.46 -38.52
C LYS G 33 30.04 10.08 -38.66
N VAL G 34 31.03 9.41 -38.08
CA VAL G 34 32.43 9.74 -38.32
C VAL G 34 32.97 8.77 -39.39
N SER G 35 33.24 9.31 -40.58
CA SER G 35 33.63 8.49 -41.73
C SER G 35 34.82 9.07 -42.50
N THR G 36 35.57 8.18 -43.15
CA THR G 36 36.73 8.57 -43.97
C THR G 36 36.32 8.72 -45.44
N SER G 37 37.19 9.36 -46.23
CA SER G 37 36.93 9.59 -47.67
C SER G 37 36.91 8.30 -48.50
N ASP G 38 37.47 7.24 -47.94
CA ASP G 38 37.40 5.91 -48.55
C ASP G 38 36.08 5.21 -48.19
N GLU G 39 35.68 5.29 -46.92
CA GLU G 39 34.41 4.70 -46.44
C GLU G 39 33.21 5.32 -47.15
N LEU G 40 33.24 6.66 -47.25
CA LEU G 40 32.24 7.43 -47.99
C LEU G 40 32.36 7.26 -49.51
N GLY G 41 33.58 6.98 -49.97
CA GLY G 41 33.86 6.79 -51.40
C GLY G 41 33.44 5.43 -51.90
N ILE G 42 33.70 4.40 -51.08
CA ILE G 42 33.23 3.04 -51.33
C ILE G 42 31.69 2.96 -51.28
N PHE G 43 31.09 3.70 -50.35
CA PHE G 43 29.64 3.77 -50.22
C PHE G 43 28.95 4.38 -51.44
N LEU G 44 29.38 5.59 -51.82
CA LEU G 44 28.75 6.35 -52.89
C LEU G 44 28.78 5.61 -54.23
N LYS G 45 29.84 4.84 -54.47
CA LYS G 45 29.95 4.05 -55.69
C LYS G 45 29.07 2.80 -55.66
N SER G 46 29.09 2.09 -54.53
CA SER G 46 28.27 0.88 -54.36
C SER G 46 26.78 1.17 -54.34
N VAL G 47 26.37 2.21 -53.62
CA VAL G 47 24.96 2.60 -53.53
C VAL G 47 24.36 3.01 -54.90
N LEU G 48 25.20 3.53 -55.79
CA LEU G 48 24.78 3.83 -57.15
C LEU G 48 24.69 2.56 -57.99
N ARG G 49 25.78 1.81 -58.03
CA ARG G 49 25.93 0.60 -58.85
C ARG G 49 24.87 -0.48 -58.59
N GLU G 50 24.55 -0.71 -57.32
CA GLU G 50 23.58 -1.76 -56.94
C GLU G 50 22.13 -1.42 -57.28
N ASN G 51 21.88 -0.18 -57.67
CA ASN G 51 20.54 0.28 -58.03
C ASN G 51 20.42 0.71 -59.49
N ASN G 52 20.97 -0.14 -60.38
CA ASN G 52 20.92 0.01 -61.85
C ASN G 52 21.49 1.34 -62.37
N CYS G 53 22.58 1.81 -61.76
CA CYS G 53 23.13 3.12 -62.08
C CYS G 53 24.66 3.17 -61.97
N SER G 54 25.33 3.12 -63.12
CA SER G 54 26.79 3.13 -63.19
CA SER G 54 26.79 3.12 -63.18
C SER G 54 27.38 4.41 -62.59
N PRO G 55 28.41 4.27 -61.71
CA PRO G 55 29.08 5.41 -61.06
C PRO G 55 29.80 6.35 -62.03
N GLU G 56 30.22 5.83 -63.17
CA GLU G 56 30.99 6.56 -64.18
C GLU G 56 30.13 7.50 -65.04
N THR G 57 28.83 7.59 -64.71
CA THR G 57 27.88 8.45 -65.44
C THR G 57 27.64 9.79 -64.72
N ILE G 58 28.04 9.87 -63.45
CA ILE G 58 27.89 11.08 -62.64
C ILE G 58 28.87 12.16 -63.10
N ARG G 59 28.33 13.27 -63.60
CA ARG G 59 29.15 14.31 -64.23
C ARG G 59 29.36 15.52 -63.32
N LYS G 60 28.47 15.72 -62.36
CA LYS G 60 28.60 16.82 -61.40
C LYS G 60 28.10 16.41 -60.02
N ILE G 61 28.76 16.94 -58.99
CA ILE G 61 28.32 16.75 -57.60
C ILE G 61 28.13 18.11 -56.91
N ALA G 62 26.99 18.24 -56.23
CA ALA G 62 26.72 19.40 -55.39
C ALA G 62 26.48 18.93 -53.96
N ILE G 63 27.00 19.69 -53.00
CA ILE G 63 26.94 19.34 -51.58
C ILE G 63 26.34 20.47 -50.74
N CYS G 64 25.41 20.09 -49.86
CA CYS G 64 24.84 20.96 -48.83
C CYS G 64 25.09 20.32 -47.47
N SER G 65 25.46 21.11 -46.47
CA SER G 65 25.71 20.58 -45.12
C SER G 65 25.44 21.52 -43.95
N VAL G 66 25.07 20.92 -42.82
CA VAL G 66 24.94 21.63 -41.54
C VAL G 66 25.84 20.96 -40.49
N VAL G 67 26.53 19.89 -40.90
CA VAL G 67 27.53 19.21 -40.06
C VAL G 67 28.94 19.39 -40.64
N PRO G 68 29.76 20.26 -40.03
CA PRO G 68 31.12 20.56 -40.50
C PRO G 68 32.12 19.41 -40.34
N GLN G 69 31.80 18.44 -39.49
CA GLN G 69 32.69 17.33 -39.21
C GLN G 69 32.73 16.23 -40.28
N VAL G 70 31.77 16.26 -41.20
CA VAL G 70 31.73 15.31 -42.32
C VAL G 70 32.10 16.02 -43.64
N ASP G 71 32.44 17.31 -43.54
CA ASP G 71 32.67 18.17 -44.71
C ASP G 71 33.94 17.89 -45.51
N TYR G 72 35.08 17.79 -44.81
CA TYR G 72 36.36 17.52 -45.43
C TYR G 72 36.39 16.13 -46.08
N SER G 73 35.76 15.17 -45.42
CA SER G 73 35.85 13.76 -45.81
C SER G 73 34.94 13.41 -46.99
N LEU G 74 33.91 14.21 -47.23
CA LEU G 74 33.03 14.01 -48.38
C LEU G 74 33.55 14.73 -49.62
N ARG G 75 34.14 15.91 -49.40
CA ARG G 75 34.85 16.66 -50.44
C ARG G 75 36.04 15.86 -50.97
N SER G 76 36.79 15.23 -50.06
CA SER G 76 37.94 14.38 -50.41
C SER G 76 37.53 13.05 -51.06
N ALA G 77 36.33 12.56 -50.72
CA ALA G 77 35.77 11.35 -51.34
C ALA G 77 35.42 11.60 -52.80
N CYS G 78 34.95 12.81 -53.09
CA CYS G 78 34.55 13.21 -54.43
C CYS G 78 35.73 13.39 -55.39
N VAL G 79 36.80 14.01 -54.88
CA VAL G 79 38.00 14.27 -55.69
C VAL G 79 38.84 13.01 -55.96
N LYS G 80 38.59 11.95 -55.18
CA LYS G 80 39.26 10.67 -55.38
C LYS G 80 38.42 9.73 -56.26
N TYR G 81 37.20 9.44 -55.82
CA TYR G 81 36.40 8.36 -56.39
C TYR G 81 35.51 8.73 -57.58
N PHE G 82 35.43 10.02 -57.90
CA PHE G 82 34.53 10.52 -58.95
C PHE G 82 35.19 11.55 -59.89
N SER G 83 36.37 12.03 -59.48
CA SER G 83 37.11 13.13 -60.14
C SER G 83 36.27 14.40 -60.34
N ILE G 84 35.52 14.74 -59.29
CA ILE G 84 34.68 15.94 -59.26
C ILE G 84 35.00 16.72 -57.99
N ASP G 85 35.47 17.97 -58.14
CA ASP G 85 35.53 18.91 -57.04
C ASP G 85 34.10 19.40 -56.84
N PRO G 86 33.46 19.01 -55.71
CA PRO G 86 32.02 19.25 -55.57
C PRO G 86 31.67 20.73 -55.38
N PHE G 87 30.46 21.10 -55.77
CA PHE G 87 29.91 22.40 -55.43
C PHE G 87 29.56 22.38 -53.96
N LEU G 88 30.13 23.32 -53.20
CA LEU G 88 29.81 23.48 -51.80
C LEU G 88 28.82 24.62 -51.62
N LEU G 89 27.65 24.30 -51.08
CA LEU G 89 26.64 25.32 -50.77
C LEU G 89 27.06 26.08 -49.51
N GLN G 90 27.89 27.10 -49.72
CA GLN G 90 28.50 27.88 -48.64
C GLN G 90 28.28 29.36 -48.82
N ALA G 91 28.62 30.13 -47.79
CA ALA G 91 28.63 31.58 -47.85
C ALA G 91 29.96 32.06 -48.44
N GLY G 92 29.89 32.87 -49.50
CA GLY G 92 28.64 33.28 -50.12
C GLY G 92 28.66 33.07 -51.63
N VAL G 93 28.02 31.99 -52.07
CA VAL G 93 27.81 31.72 -53.50
C VAL G 93 26.52 32.40 -53.95
N LYS G 94 26.16 32.24 -55.21
CA LYS G 94 24.91 32.82 -55.72
C LYS G 94 23.70 32.03 -55.24
N THR G 95 22.77 32.74 -54.60
CA THR G 95 21.53 32.15 -54.05
C THR G 95 20.28 32.84 -54.60
N GLY G 96 20.41 34.12 -54.95
CA GLY G 96 19.28 34.93 -55.41
C GLY G 96 18.43 35.47 -54.28
N LEU G 97 18.93 35.34 -53.05
CA LEU G 97 18.15 35.66 -51.86
C LEU G 97 18.78 36.75 -51.00
N ASN G 98 17.93 37.60 -50.43
CA ASN G 98 18.33 38.63 -49.48
C ASN G 98 18.12 38.18 -48.04
N ILE G 99 19.20 37.73 -47.40
CA ILE G 99 19.15 37.22 -46.02
C ILE G 99 19.00 38.37 -45.02
N LYS G 100 17.92 38.33 -44.24
CA LYS G 100 17.61 39.38 -43.25
C LYS G 100 18.09 39.08 -41.83
N TYR G 101 18.91 38.03 -41.70
CA TYR G 101 19.60 37.72 -40.44
C TYR G 101 20.67 38.77 -40.14
N ARG G 102 21.04 38.89 -38.86
CA ARG G 102 22.18 39.71 -38.42
C ARG G 102 23.47 39.14 -38.96
N ASN G 103 23.63 37.83 -38.78
CA ASN G 103 24.69 37.08 -39.41
C ASN G 103 24.08 36.14 -40.44
N PRO G 104 24.28 36.43 -41.74
CA PRO G 104 23.78 35.61 -42.85
C PRO G 104 24.40 34.22 -42.93
N VAL G 105 25.55 34.03 -42.29
CA VAL G 105 26.26 32.74 -42.26
C VAL G 105 25.60 31.77 -41.26
N GLU G 106 24.88 32.32 -40.29
CA GLU G 106 24.12 31.53 -39.29
C GLU G 106 22.99 30.70 -39.88
N VAL G 107 22.38 31.19 -40.97
CA VAL G 107 21.38 30.42 -41.70
C VAL G 107 22.07 29.21 -42.33
N GLY G 108 21.60 28.03 -41.96
CA GLY G 108 22.10 26.77 -42.51
C GLY G 108 21.81 26.65 -43.99
N ALA G 109 22.67 25.92 -44.69
CA ALA G 109 22.57 25.74 -46.14
C ALA G 109 21.32 24.96 -46.55
N ASP G 110 20.80 24.11 -45.66
CA ASP G 110 19.58 23.36 -45.94
C ASP G 110 18.31 24.21 -45.94
N ARG G 111 18.31 25.27 -45.13
CA ARG G 111 17.20 26.23 -45.08
C ARG G 111 17.28 27.20 -46.27
N ILE G 112 18.50 27.46 -46.71
CA ILE G 112 18.77 28.26 -47.90
C ILE G 112 18.34 27.48 -49.16
N ALA G 113 18.62 26.17 -49.18
CA ALA G 113 18.25 25.29 -50.29
C ALA G 113 16.75 25.12 -50.43
N ASN G 114 16.05 25.14 -49.30
CA ASN G 114 14.58 25.14 -49.25
C ASN G 114 14.04 26.41 -49.85
N ALA G 115 14.53 27.55 -49.37
CA ALA G 115 14.17 28.89 -49.87
C ALA G 115 14.53 29.15 -51.33
N ILE G 116 15.55 28.47 -51.86
CA ILE G 116 15.92 28.59 -53.27
C ILE G 116 14.92 27.82 -54.13
N ALA G 117 14.59 26.60 -53.70
CA ALA G 117 13.64 25.74 -54.42
C ALA G 117 12.19 26.19 -54.30
N ALA G 118 11.83 26.75 -53.13
CA ALA G 118 10.48 27.22 -52.85
C ALA G 118 10.11 28.45 -53.69
N THR G 119 11.11 29.27 -53.99
CA THR G 119 10.92 30.51 -54.74
C THR G 119 11.18 30.31 -56.23
N HIS G 120 11.52 29.08 -56.60
CA HIS G 120 11.69 28.69 -57.98
C HIS G 120 10.42 27.97 -58.45
N SER G 121 9.97 27.01 -57.64
CA SER G 121 8.74 26.25 -57.90
C SER G 121 7.50 27.11 -57.73
N PHE G 122 7.57 28.09 -56.83
CA PHE G 122 6.45 29.02 -56.60
C PHE G 122 6.86 30.50 -56.60
N PRO G 123 7.27 31.03 -57.77
CA PRO G 123 8.04 32.26 -57.99
C PRO G 123 7.59 33.59 -57.32
N ASN G 124 6.29 33.88 -57.29
CA ASN G 124 5.83 35.23 -56.95
C ASN G 124 4.86 35.35 -55.76
N GLN G 125 5.08 34.52 -54.74
CA GLN G 125 4.25 34.56 -53.55
C GLN G 125 5.10 34.61 -52.29
N ASN G 126 4.53 35.19 -51.25
CA ASN G 126 5.10 35.14 -49.90
C ASN G 126 4.97 33.73 -49.37
N ILE G 127 6.06 33.19 -48.83
CA ILE G 127 6.12 31.77 -48.44
C ILE G 127 6.50 31.55 -46.97
N ILE G 128 5.69 30.73 -46.29
CA ILE G 128 6.15 30.00 -45.11
C ILE G 128 6.58 28.60 -45.55
N VAL G 129 7.82 28.23 -45.26
CA VAL G 129 8.28 26.85 -45.44
C VAL G 129 8.41 26.14 -44.07
N ILE G 130 7.83 24.95 -43.96
CA ILE G 130 7.94 24.11 -42.76
C ILE G 130 8.72 22.82 -43.05
N ASP G 131 9.81 22.61 -42.33
CA ASP G 131 10.53 21.34 -42.41
C ASP G 131 10.22 20.51 -41.17
N PHE G 132 9.51 19.40 -41.37
CA PHE G 132 9.25 18.41 -40.33
C PHE G 132 10.33 17.34 -40.36
N GLY G 133 11.57 17.71 -40.02
CA GLY G 133 12.70 16.78 -40.10
C GLY G 133 13.24 16.37 -38.74
N THR G 134 14.51 16.68 -38.49
CA THR G 134 15.15 16.48 -37.18
C THR G 134 14.61 17.52 -36.21
N ALA G 135 14.59 18.77 -36.66
CA ALA G 135 13.90 19.85 -35.97
C ALA G 135 12.55 20.07 -36.66
N THR G 136 11.74 20.98 -36.12
CA THR G 136 10.55 21.46 -36.84
C THR G 136 10.72 22.96 -37.09
N THR G 137 11.43 23.27 -38.18
CA THR G 137 11.76 24.64 -38.53
C THR G 137 10.69 25.31 -39.39
N PHE G 138 10.49 26.61 -39.13
CA PHE G 138 9.55 27.46 -39.84
C PHE G 138 10.38 28.59 -40.40
N CYS G 139 10.18 28.91 -41.68
CA CYS G 139 10.91 30.02 -42.30
C CYS G 139 10.02 30.86 -43.20
N ALA G 140 10.05 32.18 -42.99
CA ALA G 140 9.31 33.16 -43.81
C ALA G 140 10.17 33.77 -44.90
N ILE G 141 9.65 33.75 -46.13
CA ILE G 141 10.30 34.33 -47.31
C ILE G 141 9.31 35.23 -48.06
N SER G 142 9.72 36.46 -48.37
CA SER G 142 8.91 37.41 -49.15
C SER G 142 8.78 37.01 -50.62
N HIS G 143 7.81 37.59 -51.34
CA HIS G 143 7.64 37.37 -52.79
C HIS G 143 8.78 37.99 -53.61
N LYS G 144 9.50 38.94 -53.02
CA LYS G 144 10.69 39.54 -53.61
C LYS G 144 11.99 38.76 -53.33
N LYS G 145 11.83 37.50 -52.90
CA LYS G 145 12.95 36.57 -52.59
C LYS G 145 13.83 36.99 -51.41
N ALA G 146 13.23 37.57 -50.38
CA ALA G 146 13.97 37.95 -49.17
C ALA G 146 13.72 36.95 -48.04
N TYR G 147 14.77 36.22 -47.65
CA TYR G 147 14.70 35.32 -46.51
C TYR G 147 14.68 36.16 -45.22
N LEU G 148 13.51 36.25 -44.60
CA LEU G 148 13.32 37.12 -43.44
C LEU G 148 13.85 36.53 -42.14
N GLY G 149 13.65 35.23 -41.97
CA GLY G 149 14.04 34.52 -40.76
C GLY G 149 13.04 33.43 -40.45
N GLY G 150 12.85 33.14 -39.16
CA GLY G 150 11.85 32.17 -38.73
C GLY G 150 11.98 31.63 -37.32
N ALA G 151 11.55 30.38 -37.13
CA ALA G 151 11.51 29.75 -35.81
C ALA G 151 11.95 28.29 -35.87
N ILE G 152 12.51 27.79 -34.76
CA ILE G 152 13.04 26.42 -34.69
C ILE G 152 12.56 25.68 -33.44
N LEU G 153 11.83 24.59 -33.66
CA LEU G 153 11.32 23.71 -32.62
C LEU G 153 12.02 22.37 -32.76
N PRO G 154 11.99 21.52 -31.71
CA PRO G 154 12.46 20.14 -31.95
C PRO G 154 11.44 19.31 -32.76
N GLY G 155 11.91 18.26 -33.40
CA GLY G 155 11.05 17.40 -34.21
C GLY G 155 10.14 16.52 -33.39
N LEU G 156 9.39 15.65 -34.08
CA LEU G 156 8.49 14.70 -33.43
C LEU G 156 9.24 13.53 -32.81
N ARG G 157 10.40 13.21 -33.36
CA ARG G 157 11.30 12.23 -32.79
C ARG G 157 11.98 12.83 -31.55
N LEU G 158 12.53 14.03 -31.69
CA LEU G 158 13.19 14.75 -30.59
C LEU G 158 12.26 15.18 -29.44
N SER G 159 10.95 15.19 -29.69
CA SER G 159 9.96 15.48 -28.65
C SER G 159 9.68 14.22 -27.85
N ALA G 160 9.53 13.11 -28.57
CA ALA G 160 9.16 11.82 -27.99
C ALA G 160 10.34 11.08 -27.37
N ASP G 161 11.55 11.50 -27.72
CA ASP G 161 12.76 10.86 -27.21
C ASP G 161 13.37 11.61 -26.02
N ALA G 162 13.20 12.94 -25.99
CA ALA G 162 13.66 13.76 -24.87
C ALA G 162 12.86 13.53 -23.60
N LEU G 163 11.61 13.12 -23.76
CA LEU G 163 10.77 12.71 -22.63
C LEU G 163 11.28 11.42 -22.00
N SER G 164 11.63 10.43 -22.83
CA SER G 164 12.13 9.15 -22.33
C SER G 164 13.57 9.23 -21.82
N LYS G 165 14.32 10.21 -22.33
CA LYS G 165 15.73 10.40 -22.01
C LYS G 165 15.93 11.00 -20.62
N ASN G 166 15.16 12.04 -20.32
CA ASN G 166 15.36 12.85 -19.12
C ASN G 166 14.34 12.61 -18.00
N THR G 167 13.60 11.51 -18.11
CA THR G 167 12.58 11.16 -17.11
C THR G 167 12.58 9.66 -16.81
N ALA G 168 12.71 9.33 -15.52
CA ALA G 168 12.58 7.96 -15.03
C ALA G 168 11.13 7.48 -15.08
N LYS G 169 10.95 6.18 -15.33
CA LYS G 169 9.64 5.52 -15.48
C LYS G 169 8.78 6.08 -16.63
N LEU G 170 9.45 6.50 -17.71
CA LEU G 170 8.77 7.02 -18.89
C LEU G 170 9.44 6.49 -20.17
N PRO G 171 8.68 5.78 -21.02
CA PRO G 171 9.23 5.08 -22.18
C PRO G 171 9.27 5.90 -23.48
N SER G 172 9.91 5.34 -24.51
CA SER G 172 9.91 5.93 -25.85
C SER G 172 8.82 5.30 -26.71
N VAL G 173 8.30 6.08 -27.66
CA VAL G 173 7.16 5.66 -28.47
C VAL G 173 7.32 6.01 -29.95
N GLU G 174 6.76 5.16 -30.81
CA GLU G 174 6.71 5.41 -32.25
C GLU G 174 5.61 6.41 -32.58
N ILE G 175 5.92 7.35 -33.46
CA ILE G 175 4.95 8.40 -33.83
C ILE G 175 3.92 7.90 -34.83
N ILE G 176 2.66 7.93 -34.42
CA ILE G 176 1.50 7.66 -35.27
C ILE G 176 0.48 8.79 -35.11
N LYS G 177 -0.55 8.81 -35.96
CA LYS G 177 -1.66 9.74 -35.80
C LYS G 177 -2.59 9.29 -34.67
N THR G 178 -2.89 10.20 -33.75
CA THR G 178 -3.80 9.90 -32.65
C THR G 178 -5.20 10.42 -32.96
N GLU G 179 -6.21 9.74 -32.44
CA GLU G 179 -7.61 10.12 -32.65
C GLU G 179 -8.15 10.90 -31.45
N SER G 180 -7.76 10.46 -30.25
CA SER G 180 -8.21 11.07 -28.99
C SER G 180 -7.06 11.76 -28.26
N VAL G 181 -7.36 12.91 -27.66
CA VAL G 181 -6.35 13.72 -26.96
C VAL G 181 -6.22 13.39 -25.47
N VAL G 182 -7.15 12.58 -24.95
CA VAL G 182 -7.16 12.19 -23.56
C VAL G 182 -6.71 10.73 -23.43
N GLY G 183 -5.41 10.55 -23.20
CA GLY G 183 -4.81 9.23 -23.09
C GLY G 183 -5.10 8.54 -21.77
N ARG G 184 -5.46 7.27 -21.85
CA ARG G 184 -5.70 6.43 -20.67
C ARG G 184 -4.48 5.55 -20.38
N SER G 185 -3.42 5.78 -21.16
CA SER G 185 -2.10 5.23 -20.89
C SER G 185 -1.09 6.38 -20.96
N THR G 186 0.05 6.21 -20.29
CA THR G 186 1.18 7.15 -20.38
C THR G 186 1.71 7.17 -21.81
N ILE G 187 1.74 5.98 -22.41
CA ILE G 187 2.07 5.79 -23.82
C ILE G 187 1.13 6.58 -24.76
N GLU G 188 -0.15 6.67 -24.39
CA GLU G 188 -1.14 7.44 -25.16
C GLU G 188 -1.15 8.93 -24.81
N SER G 189 -0.53 9.28 -23.69
CA SER G 189 -0.37 10.69 -23.31
C SER G 189 0.75 11.37 -24.11
N ILE G 190 1.81 10.63 -24.39
CA ILE G 190 2.92 11.14 -25.20
C ILE G 190 2.52 11.18 -26.67
N GLN G 191 1.71 10.21 -27.09
CA GLN G 191 1.15 10.16 -28.45
C GLN G 191 0.24 11.34 -28.73
N SER G 192 -0.73 11.58 -27.84
CA SER G 192 -1.64 12.72 -27.96
C SER G 192 -0.93 14.06 -27.77
N GLY G 193 0.02 14.08 -26.83
CA GLY G 193 0.77 15.27 -26.48
C GLY G 193 1.63 15.81 -27.60
N VAL G 194 2.49 14.96 -28.17
CA VAL G 194 3.41 15.43 -29.21
C VAL G 194 2.79 15.53 -30.61
N TYR G 195 1.71 14.79 -30.86
CA TYR G 195 0.97 14.93 -32.12
C TYR G 195 0.17 16.23 -32.13
N TYR G 196 -0.76 16.35 -31.19
CA TYR G 196 -1.63 17.54 -31.09
C TYR G 196 -0.91 18.75 -30.50
N GLY G 197 0.35 18.58 -30.13
CA GLY G 197 1.18 19.68 -29.63
C GLY G 197 1.86 20.41 -30.76
N VAL G 198 2.43 19.65 -31.68
CA VAL G 198 3.04 20.21 -32.90
C VAL G 198 1.96 20.66 -33.89
N LEU G 199 0.79 20.03 -33.81
CA LEU G 199 -0.38 20.38 -34.61
C LEU G 199 -0.92 21.76 -34.24
N GLY G 200 -0.81 22.12 -32.96
CA GLY G 200 -1.16 23.46 -32.51
C GLY G 200 -0.01 24.45 -32.58
N ALA G 201 1.21 23.92 -32.56
CA ALA G 201 2.44 24.73 -32.67
C ALA G 201 2.57 25.29 -34.07
N CYS G 202 2.24 24.46 -35.05
CA CYS G 202 2.21 24.86 -36.45
C CYS G 202 1.14 25.91 -36.71
N LYS G 203 -0.09 25.63 -36.28
CA LYS G 203 -1.22 26.57 -36.38
C LYS G 203 -0.93 27.95 -35.79
N GLU G 204 -0.23 27.96 -34.65
CA GLU G 204 0.12 29.20 -33.97
C GLU G 204 1.26 29.91 -34.66
N LEU G 205 2.27 29.17 -35.09
CA LEU G 205 3.42 29.79 -35.75
C LEU G 205 3.04 30.29 -37.14
N ILE G 206 2.13 29.59 -37.80
CA ILE G 206 1.59 30.03 -39.09
C ILE G 206 0.93 31.41 -38.97
N GLN G 207 0.06 31.58 -37.98
CA GLN G 207 -0.73 32.81 -37.85
CA GLN G 207 -0.73 32.80 -37.83
C GLN G 207 0.06 33.98 -37.28
N ARG G 208 1.03 33.68 -36.41
CA ARG G 208 1.89 34.71 -35.83
C ARG G 208 2.81 35.29 -36.90
N ILE G 209 3.38 34.41 -37.74
CA ILE G 209 4.23 34.82 -38.86
C ILE G 209 3.42 35.49 -39.98
N HIS G 210 2.24 34.94 -40.29
CA HIS G 210 1.35 35.44 -41.34
C HIS G 210 1.03 36.95 -41.24
N HIS G 211 0.86 37.41 -40.00
CA HIS G 211 0.41 38.76 -39.64
C HIS G 211 1.61 39.66 -39.34
N GLU G 212 2.71 39.05 -38.95
CA GLU G 212 3.89 39.76 -38.46
C GLU G 212 4.94 39.92 -39.57
N ALA G 213 5.16 38.86 -40.34
CA ALA G 213 6.14 38.92 -41.43
C ALA G 213 5.54 39.41 -42.73
N PHE G 214 4.24 39.22 -42.90
CA PHE G 214 3.56 39.54 -44.15
C PHE G 214 2.35 40.48 -44.01
N ASN G 215 2.26 41.15 -42.85
CA ASN G 215 1.18 42.12 -42.51
C ASN G 215 -0.28 41.80 -42.88
N GLY G 216 -0.58 40.50 -43.04
CA GLY G 216 -1.92 40.05 -43.41
C GLY G 216 -2.07 39.60 -44.85
N ASP G 217 -1.03 39.81 -45.66
CA ASP G 217 -1.04 39.41 -47.08
C ASP G 217 -1.14 37.90 -47.23
N GLN G 218 -1.70 37.45 -48.34
CA GLN G 218 -1.90 36.02 -48.61
C GLN G 218 -0.56 35.30 -48.76
N ILE G 219 -0.55 34.02 -48.38
CA ILE G 219 0.68 33.23 -48.34
C ILE G 219 0.51 31.87 -49.00
N LEU G 220 1.64 31.25 -49.31
CA LEU G 220 1.68 29.85 -49.69
C LEU G 220 2.49 29.09 -48.65
N ILE G 221 1.89 28.03 -48.09
CA ILE G 221 2.53 27.23 -47.07
C ILE G 221 3.12 25.96 -47.67
N LEU G 222 4.41 25.77 -47.49
CA LEU G 222 5.11 24.61 -48.05
C LEU G 222 5.64 23.70 -46.96
N ALA G 223 5.36 22.40 -47.10
CA ALA G 223 5.84 21.40 -46.16
C ALA G 223 6.86 20.47 -46.78
N THR G 224 7.86 20.10 -45.98
CA THR G 224 8.91 19.18 -46.40
C THR G 224 9.42 18.39 -45.18
N GLY G 225 10.21 17.35 -45.42
CA GLY G 225 10.78 16.55 -44.34
C GLY G 225 10.10 15.21 -44.09
N GLY G 226 10.63 14.46 -43.12
CA GLY G 226 10.18 13.09 -42.83
C GLY G 226 8.83 12.94 -42.15
N PHE G 227 8.55 13.81 -41.17
CA PHE G 227 7.29 13.79 -40.43
C PHE G 227 6.20 14.68 -41.05
N ALA G 228 6.36 14.97 -42.35
CA ALA G 228 5.48 15.90 -43.05
C ALA G 228 4.12 15.30 -43.39
N SER G 229 4.10 14.01 -43.74
CA SER G 229 2.88 13.33 -44.21
C SER G 229 1.91 12.87 -43.12
N LEU G 230 2.20 13.25 -41.87
CA LEU G 230 1.30 12.99 -40.75
C LEU G 230 0.33 14.15 -40.52
N PHE G 231 0.39 15.17 -41.39
CA PHE G 231 -0.41 16.39 -41.24
C PHE G 231 -1.10 16.83 -42.54
N ASP G 232 -1.32 15.88 -43.43
CA ASP G 232 -2.00 16.17 -44.67
C ASP G 232 -3.48 16.14 -44.52
N LYS G 233 -3.95 15.85 -43.32
CA LYS G 233 -5.37 15.59 -43.09
C LYS G 233 -6.09 16.92 -42.87
N GLN G 234 -5.32 17.96 -42.61
CA GLN G 234 -5.67 18.94 -41.59
C GLN G 234 -5.57 20.41 -42.00
N GLY G 235 -5.36 21.28 -41.04
CA GLY G 235 -4.92 22.62 -41.35
C GLY G 235 -4.63 22.79 -42.83
N LEU G 236 -3.38 22.57 -43.21
CA LEU G 236 -2.28 23.14 -42.50
C LEU G 236 -1.25 23.68 -43.46
N TYR G 237 -1.02 22.97 -44.55
CA TYR G 237 -0.17 23.51 -45.58
C TYR G 237 -0.65 23.14 -46.94
N ASP G 238 -0.18 23.89 -47.92
CA ASP G 238 -0.71 23.81 -49.27
C ASP G 238 -0.05 22.70 -50.10
N HIS G 239 1.29 22.70 -50.11
CA HIS G 239 2.03 21.74 -50.92
C HIS G 239 3.05 20.94 -50.10
N LEU G 240 2.95 19.62 -50.20
CA LEU G 240 3.95 18.73 -49.63
C LEU G 240 5.00 18.46 -50.71
N VAL G 241 6.17 19.07 -50.55
CA VAL G 241 7.28 18.87 -51.48
C VAL G 241 8.41 18.14 -50.74
N PRO G 242 8.43 16.80 -50.80
CA PRO G 242 9.37 16.01 -49.99
C PRO G 242 10.83 16.10 -50.44
N ASP G 243 11.07 16.65 -51.62
CA ASP G 243 12.42 16.74 -52.19
C ASP G 243 12.94 18.18 -52.27
N LEU G 244 12.24 19.09 -51.60
CA LEU G 244 12.54 20.53 -51.55
C LEU G 244 13.99 20.90 -51.20
N VAL G 245 14.68 20.02 -50.47
CA VAL G 245 16.10 20.22 -50.17
C VAL G 245 17.03 19.88 -51.36
N LEU G 246 16.84 18.70 -51.95
CA LEU G 246 17.68 18.21 -53.05
C LEU G 246 17.42 18.95 -54.36
N GLN G 247 16.18 19.44 -54.52
CA GLN G 247 15.80 20.29 -55.64
C GLN G 247 16.65 21.55 -55.66
N GLY G 248 16.69 22.24 -54.52
CA GLY G 248 17.43 23.50 -54.36
C GLY G 248 18.94 23.40 -54.27
N ILE G 249 19.47 22.19 -54.07
CA ILE G 249 20.94 21.98 -54.13
C ILE G 249 21.36 22.01 -55.60
N ARG G 250 20.59 21.32 -56.44
CA ARG G 250 20.73 21.38 -57.91
C ARG G 250 20.52 22.81 -58.42
N LEU G 251 19.50 23.48 -57.89
CA LEU G 251 19.13 24.84 -58.27
C LEU G 251 20.16 25.90 -57.83
N ALA G 252 20.95 25.58 -56.80
CA ALA G 252 22.07 26.43 -56.39
C ALA G 252 23.33 26.08 -57.19
N ALA G 253 23.45 24.82 -57.59
CA ALA G 253 24.57 24.37 -58.42
C ALA G 253 24.50 24.96 -59.84
N MET G 254 23.28 25.14 -60.33
CA MET G 254 23.04 25.76 -61.64
C MET G 254 23.23 27.28 -61.63
N MET G 255 23.04 27.90 -60.46
CA MET G 255 23.31 29.33 -60.27
C MET G 255 24.80 29.61 -60.24
N ASN G 256 25.58 28.55 -60.06
CA ASN G 256 27.03 28.65 -59.89
C ASN G 256 27.82 27.77 -60.87
N THR G 257 27.23 27.55 -62.05
CA THR G 257 27.90 26.80 -63.12
C THR G 257 28.28 27.73 -64.29
N LEU H 3 3.34 21.57 12.36
CA LEU H 3 4.03 21.95 11.09
C LEU H 3 4.33 20.73 10.23
N ILE H 4 3.97 20.81 8.95
CA ILE H 4 4.21 19.71 8.00
C ILE H 4 5.25 20.09 6.93
N LEU H 5 6.20 19.18 6.68
CA LEU H 5 7.13 19.29 5.55
C LEU H 5 6.64 18.44 4.39
N CYS H 6 6.34 19.11 3.27
CA CYS H 6 5.91 18.43 2.05
C CYS H 6 7.05 18.46 1.02
N ILE H 7 7.37 17.30 0.46
CA ILE H 7 8.49 17.15 -0.48
C ILE H 7 8.05 16.52 -1.81
N ASP H 8 8.22 17.27 -2.89
CA ASP H 8 8.03 16.76 -4.24
C ASP H 8 9.38 16.40 -4.88
N VAL H 9 9.52 15.17 -5.33
CA VAL H 9 10.71 14.74 -6.10
C VAL H 9 10.41 14.61 -7.59
N GLY H 10 10.82 15.63 -8.34
CA GLY H 10 10.71 15.65 -9.79
C GLY H 10 12.02 15.21 -10.40
N ASN H 11 12.09 15.27 -11.73
CA ASN H 11 13.22 14.73 -12.48
C ASN H 11 14.40 15.69 -12.64
N SER H 12 14.18 16.97 -12.37
CA SER H 12 15.25 17.97 -12.36
C SER H 12 15.41 18.61 -10.98
N HIS H 13 14.30 18.79 -10.28
CA HIS H 13 14.30 19.40 -8.96
C HIS H 13 13.59 18.58 -7.90
N ILE H 14 14.21 18.48 -6.73
CA ILE H 14 13.48 18.15 -5.52
C ILE H 14 12.95 19.49 -4.99
N TYR H 15 11.64 19.55 -4.81
CA TYR H 15 10.97 20.78 -4.39
C TYR H 15 10.27 20.55 -3.07
N GLY H 16 10.78 21.20 -2.02
CA GLY H 16 10.15 21.12 -0.71
C GLY H 16 9.52 22.42 -0.23
N GLY H 17 8.74 22.31 0.86
CA GLY H 17 8.08 23.46 1.45
C GLY H 17 7.38 23.14 2.76
N VAL H 18 7.41 24.09 3.69
CA VAL H 18 6.82 23.90 5.01
C VAL H 18 5.52 24.70 5.17
N PHE H 19 4.52 24.08 5.81
CA PHE H 19 3.23 24.71 6.05
C PHE H 19 3.06 25.01 7.54
N ASP H 20 2.52 26.19 7.85
CA ASP H 20 2.06 26.49 9.21
C ASP H 20 0.53 26.42 9.21
N GLY H 21 0.01 25.19 9.28
CA GLY H 21 -1.41 24.94 9.15
C GLY H 21 -1.84 24.98 7.69
N ASP H 22 -2.15 26.18 7.21
CA ASP H 22 -2.64 26.36 5.84
C ASP H 22 -1.65 27.11 4.96
N GLU H 23 -1.03 28.15 5.50
CA GLU H 23 -0.10 28.99 4.75
C GLU H 23 1.29 28.38 4.68
N ILE H 24 2.05 28.77 3.66
CA ILE H 24 3.44 28.33 3.49
C ILE H 24 4.38 29.35 4.13
N LYS H 25 5.21 28.88 5.06
CA LYS H 25 6.23 29.72 5.69
C LYS H 25 7.47 29.84 4.80
N LEU H 26 7.86 28.72 4.21
CA LEU H 26 9.15 28.59 3.55
C LEU H 26 9.05 27.58 2.41
N ARG H 27 9.76 27.87 1.32
CA ARG H 27 9.93 26.93 0.21
C ARG H 27 11.42 26.79 -0.12
N PHE H 28 11.78 25.62 -0.65
CA PHE H 28 13.17 25.35 -1.02
C PHE H 28 13.28 24.42 -2.22
N ARG H 29 14.45 24.42 -2.86
CA ARG H 29 14.71 23.57 -3.99
C ARG H 29 16.03 22.81 -3.81
N HIS H 30 16.16 21.70 -4.55
CA HIS H 30 17.36 20.86 -4.53
C HIS H 30 17.47 20.14 -5.88
N THR H 31 18.62 19.50 -6.12
CA THR H 31 18.83 18.68 -7.30
C THR H 31 18.37 17.25 -6.99
N SER H 32 17.69 16.63 -7.95
CA SER H 32 17.28 15.24 -7.82
C SER H 32 18.46 14.29 -8.00
N LYS H 33 19.57 14.62 -7.35
CA LYS H 33 20.85 14.02 -7.70
C LYS H 33 21.59 13.52 -6.45
N VAL H 34 21.62 14.35 -5.42
CA VAL H 34 22.50 14.13 -4.29
C VAL H 34 21.83 13.27 -3.21
N SER H 35 22.54 12.24 -2.76
CA SER H 35 22.18 10.87 -3.09
C SER H 35 22.05 10.02 -1.83
N THR H 36 22.87 10.32 -0.84
CA THR H 36 22.85 9.58 0.44
C THR H 36 21.88 10.19 1.44
N SER H 37 21.45 9.38 2.41
CA SER H 37 20.52 9.82 3.48
C SER H 37 21.20 10.85 4.37
N ASP H 38 22.51 10.69 4.52
CA ASP H 38 23.36 11.61 5.25
C ASP H 38 23.46 12.92 4.50
N GLU H 39 23.58 12.85 3.18
CA GLU H 39 23.65 14.03 2.31
C GLU H 39 22.35 14.85 2.32
N LEU H 40 21.23 14.17 2.10
CA LEU H 40 19.90 14.81 2.12
C LEU H 40 19.51 15.33 3.51
N GLY H 41 19.87 14.57 4.54
CA GLY H 41 19.56 14.90 5.94
C GLY H 41 20.33 16.09 6.49
N ILE H 42 21.52 16.35 5.95
CA ILE H 42 22.31 17.53 6.29
C ILE H 42 21.64 18.75 5.65
N PHE H 43 21.22 18.60 4.39
CA PHE H 43 20.60 19.68 3.61
C PHE H 43 19.26 20.11 4.17
N LEU H 44 18.38 19.14 4.44
CA LEU H 44 17.05 19.41 4.99
C LEU H 44 17.10 20.13 6.34
N LYS H 45 18.06 19.76 7.17
CA LYS H 45 18.25 20.39 8.48
C LYS H 45 18.88 21.78 8.39
N SER H 46 19.84 21.94 7.48
CA SER H 46 20.46 23.25 7.24
C SER H 46 19.58 24.21 6.42
N VAL H 47 18.68 23.70 5.59
CA VAL H 47 17.75 24.56 4.83
C VAL H 47 16.66 25.17 5.71
N LEU H 48 16.28 24.45 6.77
CA LEU H 48 15.28 24.91 7.71
C LEU H 48 15.90 25.90 8.69
N ARG H 49 17.13 25.59 9.12
CA ARG H 49 17.83 26.39 10.14
C ARG H 49 18.28 27.76 9.64
N GLU H 50 18.71 27.83 8.38
CA GLU H 50 19.21 29.09 7.81
C GLU H 50 18.07 30.01 7.36
N ASN H 51 16.86 29.46 7.34
CA ASN H 51 15.65 30.21 7.03
C ASN H 51 14.79 30.43 8.28
N ASN H 52 15.45 30.38 9.45
CA ASN H 52 14.86 30.68 10.76
C ASN H 52 13.66 29.80 11.15
N CYS H 53 13.89 28.50 11.12
CA CYS H 53 12.84 27.50 11.37
C CYS H 53 13.50 26.23 11.89
N SER H 54 13.63 26.12 13.20
CA SER H 54 14.27 24.98 13.88
C SER H 54 13.79 23.63 13.32
N PRO H 55 14.73 22.72 13.01
CA PRO H 55 14.44 21.38 12.49
C PRO H 55 13.56 20.55 13.43
N GLU H 56 13.69 20.81 14.73
CA GLU H 56 12.96 20.12 15.78
C GLU H 56 11.47 20.46 15.83
N THR H 57 11.09 21.58 15.20
CA THR H 57 9.68 22.01 15.10
C THR H 57 8.87 21.14 14.14
N ILE H 58 9.55 20.52 13.17
CA ILE H 58 8.91 19.64 12.19
C ILE H 58 8.53 18.32 12.84
N ARG H 59 7.22 18.07 12.91
CA ARG H 59 6.68 16.86 13.54
CA ARG H 59 6.69 16.86 13.54
C ARG H 59 5.90 16.00 12.53
N LYS H 60 5.75 16.52 11.31
CA LYS H 60 5.14 15.78 10.21
C LYS H 60 5.94 15.96 8.91
N ILE H 61 6.18 14.85 8.20
CA ILE H 61 6.79 14.88 6.85
C ILE H 61 5.93 14.06 5.87
N ALA H 62 5.75 14.58 4.65
CA ALA H 62 5.01 13.91 3.59
C ALA H 62 5.71 13.97 2.23
N ILE H 63 5.92 12.82 1.59
CA ILE H 63 6.69 12.72 0.33
C ILE H 63 5.88 12.24 -0.88
N CYS H 64 5.81 13.10 -1.90
CA CYS H 64 5.38 12.73 -3.26
C CYS H 64 6.62 12.64 -4.16
N SER H 65 6.75 11.54 -4.90
CA SER H 65 7.92 11.35 -5.75
C SER H 65 7.62 10.66 -7.07
N VAL H 66 8.45 10.92 -8.08
CA VAL H 66 8.30 10.29 -9.38
C VAL H 66 9.62 9.65 -9.87
N VAL H 67 10.70 9.95 -9.16
CA VAL H 67 12.01 9.31 -9.36
C VAL H 67 12.26 8.34 -8.21
N PRO H 68 12.06 7.02 -8.45
CA PRO H 68 12.22 5.96 -7.44
C PRO H 68 13.65 5.80 -6.88
N GLN H 69 14.66 6.23 -7.63
CA GLN H 69 16.05 6.15 -7.20
C GLN H 69 16.43 7.13 -6.08
N VAL H 70 15.55 8.09 -5.82
CA VAL H 70 15.72 9.04 -4.72
C VAL H 70 14.95 8.59 -3.46
N ASP H 71 13.87 7.85 -3.68
CA ASP H 71 12.93 7.42 -2.64
C ASP H 71 13.55 6.78 -1.39
N TYR H 72 14.34 5.73 -1.58
CA TYR H 72 14.88 4.94 -0.47
C TYR H 72 15.71 5.77 0.50
N SER H 73 16.64 6.57 -0.02
CA SER H 73 17.54 7.35 0.83
C SER H 73 16.89 8.63 1.37
N LEU H 74 15.85 9.12 0.70
CA LEU H 74 15.08 10.28 1.19
C LEU H 74 14.18 9.91 2.36
N ARG H 75 13.52 8.75 2.24
CA ARG H 75 12.76 8.16 3.34
C ARG H 75 13.72 7.87 4.51
N SER H 76 14.92 7.38 4.17
CA SER H 76 15.96 7.07 5.15
C SER H 76 16.60 8.33 5.77
N ALA H 77 16.53 9.45 5.05
CA ALA H 77 17.01 10.74 5.56
C ALA H 77 16.07 11.33 6.60
N CYS H 78 14.80 10.94 6.52
CA CYS H 78 13.78 11.48 7.41
C CYS H 78 13.84 10.84 8.80
N VAL H 79 13.97 9.52 8.86
CA VAL H 79 13.95 8.79 10.13
C VAL H 79 15.20 9.00 10.98
N LYS H 80 16.35 9.21 10.33
CA LYS H 80 17.62 9.43 11.02
C LYS H 80 17.74 10.84 11.61
N TYR H 81 17.28 11.83 10.84
CA TYR H 81 17.53 13.23 11.16
C TYR H 81 16.33 13.98 11.77
N PHE H 82 15.13 13.43 11.61
CA PHE H 82 13.91 14.06 12.14
C PHE H 82 13.10 13.14 13.05
N SER H 83 13.41 11.85 13.04
CA SER H 83 12.60 10.78 13.69
C SER H 83 11.14 10.73 13.20
N ILE H 84 10.96 10.86 11.88
CA ILE H 84 9.63 10.82 11.25
C ILE H 84 9.64 9.84 10.09
N ASP H 85 8.76 8.84 10.14
CA ASP H 85 8.50 7.98 8.98
C ASP H 85 7.50 8.71 8.10
N PRO H 86 7.98 9.19 6.92
CA PRO H 86 7.19 10.10 6.11
C PRO H 86 5.95 9.46 5.50
N PHE H 87 4.97 10.30 5.17
CA PHE H 87 3.82 9.87 4.40
C PHE H 87 4.29 9.66 2.99
N LEU H 88 4.00 8.49 2.44
CA LEU H 88 4.28 8.21 1.05
C LEU H 88 3.02 8.23 0.21
N LEU H 89 2.97 9.17 -0.73
CA LEU H 89 1.89 9.30 -1.70
C LEU H 89 2.03 8.19 -2.74
N GLN H 90 1.40 7.04 -2.46
CA GLN H 90 1.61 5.82 -3.25
C GLN H 90 0.33 5.27 -3.88
N ALA H 91 0.45 4.09 -4.47
CA ALA H 91 -0.69 3.32 -4.96
C ALA H 91 -1.23 2.44 -3.83
N GLY H 92 -2.43 2.77 -3.37
CA GLY H 92 -3.06 2.05 -2.27
C GLY H 92 -3.49 2.99 -1.16
N VAL H 93 -2.94 4.20 -1.17
CA VAL H 93 -3.28 5.21 -0.16
C VAL H 93 -4.54 5.98 -0.53
N LYS H 94 -5.18 6.58 0.46
CA LYS H 94 -6.51 7.20 0.31
C LYS H 94 -6.47 8.55 -0.41
N THR H 95 -6.63 8.52 -1.73
CA THR H 95 -6.96 9.70 -2.50
C THR H 95 -8.48 9.64 -2.75
N GLY H 96 -9.14 10.80 -2.73
CA GLY H 96 -10.59 10.84 -2.87
C GLY H 96 -11.04 10.99 -4.31
N LEU H 97 -10.63 10.05 -5.16
CA LEU H 97 -10.88 10.11 -6.60
C LEU H 97 -10.72 8.76 -7.31
N ASN H 98 -11.49 8.57 -8.37
CA ASN H 98 -11.36 7.38 -9.22
C ASN H 98 -10.55 7.74 -10.45
N ILE H 99 -9.45 7.02 -10.67
CA ILE H 99 -8.58 7.22 -11.83
C ILE H 99 -9.06 6.35 -12.99
N LYS H 100 -9.28 6.98 -14.15
CA LYS H 100 -9.81 6.32 -15.35
C LYS H 100 -8.72 5.82 -16.32
N TYR H 101 -7.53 5.56 -15.77
CA TYR H 101 -6.46 4.90 -16.53
C TYR H 101 -6.73 3.40 -16.63
N ARG H 102 -6.11 2.76 -17.61
CA ARG H 102 -6.17 1.31 -17.76
C ARG H 102 -5.31 0.61 -16.70
N ASN H 103 -4.35 1.35 -16.14
CA ASN H 103 -3.53 0.91 -15.02
C ASN H 103 -3.24 2.11 -14.12
N PRO H 104 -4.05 2.31 -13.05
CA PRO H 104 -3.93 3.46 -12.13
C PRO H 104 -2.62 3.56 -11.34
N VAL H 105 -1.69 2.64 -11.58
CA VAL H 105 -0.34 2.70 -11.00
C VAL H 105 0.60 3.44 -11.97
N GLU H 106 0.17 3.58 -13.22
CA GLU H 106 0.95 4.23 -14.29
C GLU H 106 0.90 5.75 -14.15
N VAL H 107 -0.09 6.25 -13.42
CA VAL H 107 -0.22 7.69 -13.13
C VAL H 107 0.77 8.07 -12.03
N GLY H 108 1.63 9.04 -12.32
CA GLY H 108 2.63 9.52 -11.37
C GLY H 108 2.03 10.22 -10.17
N ALA H 109 2.81 10.31 -9.10
CA ALA H 109 2.35 10.86 -7.83
C ALA H 109 2.08 12.37 -7.88
N ASP H 110 2.80 13.07 -8.76
CA ASP H 110 2.63 14.52 -8.93
C ASP H 110 1.35 14.88 -9.68
N ARG H 111 0.93 14.01 -10.59
CA ARG H 111 -0.30 14.20 -11.36
C ARG H 111 -1.54 13.92 -10.51
N ILE H 112 -1.37 13.03 -9.53
CA ILE H 112 -2.41 12.73 -8.56
C ILE H 112 -2.51 13.89 -7.56
N ALA H 113 -1.37 14.34 -7.04
CA ALA H 113 -1.30 15.42 -6.06
C ALA H 113 -1.83 16.76 -6.60
N ASN H 114 -1.64 17.02 -7.88
CA ASN H 114 -2.17 18.22 -8.50
C ASN H 114 -3.69 18.19 -8.64
N ALA H 115 -4.23 17.02 -8.99
CA ALA H 115 -5.68 16.77 -9.05
C ALA H 115 -6.37 16.82 -7.68
N ILE H 116 -5.73 16.23 -6.67
CA ILE H 116 -6.20 16.29 -5.28
C ILE H 116 -6.41 17.74 -4.82
N ALA H 117 -5.36 18.56 -4.97
CA ALA H 117 -5.42 19.98 -4.58
C ALA H 117 -6.37 20.81 -5.44
N ALA H 118 -6.46 20.48 -6.73
CA ALA H 118 -7.34 21.23 -7.65
C ALA H 118 -8.82 20.97 -7.37
N THR H 119 -9.19 19.69 -7.21
CA THR H 119 -10.57 19.31 -6.88
C THR H 119 -10.95 19.59 -5.43
N HIS H 120 -9.98 20.03 -4.62
CA HIS H 120 -10.23 20.51 -3.27
C HIS H 120 -10.54 22.00 -3.28
N SER H 121 -9.71 22.77 -4.01
CA SER H 121 -9.83 24.22 -4.08
C SER H 121 -11.04 24.69 -4.90
N PHE H 122 -11.36 23.94 -5.94
CA PHE H 122 -12.53 24.21 -6.78
C PHE H 122 -13.32 22.90 -6.93
N PRO H 123 -14.22 22.63 -5.96
CA PRO H 123 -14.81 21.30 -5.73
C PRO H 123 -15.79 20.80 -6.79
N ASN H 124 -16.59 21.69 -7.37
CA ASN H 124 -17.64 21.27 -8.30
C ASN H 124 -17.48 21.76 -9.74
N GLN H 125 -16.22 21.85 -10.19
CA GLN H 125 -15.90 22.28 -11.55
CA GLN H 125 -15.92 22.26 -11.56
C GLN H 125 -15.02 21.28 -12.29
N ASN H 126 -15.20 21.20 -13.61
CA ASN H 126 -14.31 20.44 -14.49
C ASN H 126 -12.99 21.20 -14.53
N ILE H 127 -11.88 20.48 -14.40
CA ILE H 127 -10.56 21.12 -14.31
C ILE H 127 -9.57 20.57 -15.35
N ILE H 128 -8.95 21.50 -16.09
CA ILE H 128 -7.77 21.19 -16.87
C ILE H 128 -6.57 21.82 -16.17
N VAL H 129 -5.73 20.96 -15.58
CA VAL H 129 -4.50 21.43 -14.95
C VAL H 129 -3.29 21.30 -15.90
N ILE H 130 -2.63 22.43 -16.18
CA ILE H 130 -1.40 22.41 -16.94
C ILE H 130 -0.22 22.64 -16.01
N ASP H 131 0.74 21.73 -16.08
CA ASP H 131 1.97 21.86 -15.33
C ASP H 131 3.06 22.24 -16.33
N PHE H 132 3.83 23.28 -16.02
CA PHE H 132 4.95 23.72 -16.86
C PHE H 132 6.30 23.47 -16.17
N GLY H 133 6.77 22.22 -16.20
CA GLY H 133 7.99 21.84 -15.50
C GLY H 133 9.05 21.19 -16.39
N THR H 134 9.48 19.98 -16.00
CA THR H 134 10.40 19.17 -16.81
C THR H 134 9.66 18.73 -18.07
N ALA H 135 8.44 18.26 -17.88
CA ALA H 135 7.49 18.06 -18.96
C ALA H 135 6.35 19.07 -18.82
N THR H 136 5.75 19.44 -19.95
CA THR H 136 4.49 20.19 -19.92
C THR H 136 3.33 19.20 -20.03
N THR H 137 2.60 19.03 -18.93
CA THR H 137 1.53 18.02 -18.86
C THR H 137 0.16 18.67 -18.85
N PHE H 138 -0.78 18.03 -19.56
CA PHE H 138 -2.17 18.44 -19.55
C PHE H 138 -2.98 17.32 -18.92
N CYS H 139 -3.75 17.65 -17.89
CA CYS H 139 -4.56 16.66 -17.21
C CYS H 139 -6.02 17.08 -17.15
N ALA H 140 -6.90 16.16 -17.54
CA ALA H 140 -8.35 16.38 -17.54
C ALA H 140 -9.03 15.66 -16.38
N ILE H 141 -9.67 16.44 -15.52
CA ILE H 141 -10.39 15.92 -14.35
C ILE H 141 -11.83 16.44 -14.41
N SER H 142 -12.80 15.54 -14.24
CA SER H 142 -14.20 15.95 -14.27
C SER H 142 -14.67 16.48 -12.91
N HIS H 143 -15.92 16.92 -12.84
CA HIS H 143 -16.48 17.57 -11.65
C HIS H 143 -16.76 16.61 -10.49
N LYS H 144 -16.90 15.32 -10.79
CA LYS H 144 -17.18 14.28 -9.80
C LYS H 144 -15.92 13.61 -9.27
N LYS H 145 -14.82 14.35 -9.25
CA LYS H 145 -13.48 13.88 -8.85
C LYS H 145 -13.07 12.60 -9.61
N ALA H 146 -13.05 12.68 -10.93
CA ALA H 146 -12.59 11.55 -11.75
C ALA H 146 -11.42 11.98 -12.63
N TYR H 147 -10.27 11.33 -12.42
CA TYR H 147 -9.10 11.59 -13.24
C TYR H 147 -9.15 10.76 -14.51
N LEU H 148 -9.34 11.45 -15.63
CA LEU H 148 -9.61 10.81 -16.93
C LEU H 148 -8.33 10.57 -17.76
N GLY H 149 -7.19 11.05 -17.24
CA GLY H 149 -5.94 11.03 -18.00
C GLY H 149 -5.70 12.35 -18.72
N GLY H 150 -4.86 12.30 -19.75
CA GLY H 150 -4.53 13.49 -20.53
C GLY H 150 -3.33 13.33 -21.43
N ALA H 151 -2.48 14.36 -21.45
CA ALA H 151 -1.34 14.43 -22.38
C ALA H 151 -0.02 14.85 -21.72
N ILE H 152 1.08 14.51 -22.38
CA ILE H 152 2.41 14.94 -21.94
C ILE H 152 3.24 15.47 -23.11
N LEU H 153 3.78 16.66 -22.95
CA LEU H 153 4.68 17.28 -23.91
C LEU H 153 6.06 17.43 -23.26
N PRO H 154 7.13 17.46 -24.08
CA PRO H 154 8.41 17.90 -23.53
C PRO H 154 8.31 19.35 -23.10
N GLY H 155 8.93 19.68 -21.97
CA GLY H 155 8.85 21.02 -21.40
C GLY H 155 9.62 22.05 -22.19
N LEU H 156 9.77 23.24 -21.61
CA LEU H 156 10.43 24.34 -22.30
C LEU H 156 11.93 24.15 -22.29
N ARG H 157 12.43 23.65 -21.16
CA ARG H 157 13.85 23.39 -20.95
C ARG H 157 14.32 22.13 -21.69
N LEU H 158 13.48 21.09 -21.73
CA LEU H 158 13.81 19.85 -22.43
C LEU H 158 13.77 19.99 -23.96
N SER H 159 12.97 20.94 -24.44
CA SER H 159 12.89 21.24 -25.87
C SER H 159 14.14 21.95 -26.37
N ALA H 160 14.54 23.01 -25.66
CA ALA H 160 15.72 23.82 -26.01
C ALA H 160 17.00 23.01 -25.96
N ASP H 161 17.12 22.18 -24.92
CA ASP H 161 18.31 21.34 -24.71
C ASP H 161 18.38 20.15 -25.66
N ALA H 162 17.25 19.76 -26.25
CA ALA H 162 17.24 18.75 -27.31
C ALA H 162 17.82 19.32 -28.60
N LEU H 163 17.59 20.62 -28.81
CA LEU H 163 18.09 21.31 -30.00
C LEU H 163 19.56 21.67 -29.93
N SER H 164 20.11 21.77 -28.73
CA SER H 164 21.52 22.08 -28.56
C SER H 164 22.41 20.82 -28.58
N LYS H 165 21.83 19.68 -28.20
CA LYS H 165 22.57 18.41 -28.16
C LYS H 165 22.53 17.61 -29.47
N ASN H 166 21.32 17.38 -29.99
CA ASN H 166 21.13 16.57 -31.20
C ASN H 166 21.30 17.33 -32.52
N THR H 167 21.51 18.65 -32.43
CA THR H 167 21.73 19.48 -33.60
C THR H 167 23.03 20.26 -33.41
N ALA H 168 24.06 19.84 -34.15
CA ALA H 168 25.36 20.50 -34.13
C ALA H 168 25.27 21.88 -34.76
N LYS H 169 26.11 22.80 -34.26
CA LYS H 169 26.11 24.23 -34.61
C LYS H 169 24.80 24.94 -34.25
N LEU H 170 24.23 24.55 -33.11
CA LEU H 170 23.06 25.22 -32.53
C LEU H 170 23.26 25.29 -31.01
N PRO H 171 23.34 26.51 -30.46
CA PRO H 171 23.69 26.69 -29.04
C PRO H 171 22.50 26.59 -28.07
N SER H 172 22.82 26.44 -26.78
CA SER H 172 21.80 26.42 -25.73
C SER H 172 21.29 27.82 -25.42
N VAL H 173 19.98 27.94 -25.25
CA VAL H 173 19.32 29.24 -25.21
C VAL H 173 18.62 29.51 -23.87
N GLU H 174 18.34 30.78 -23.60
CA GLU H 174 17.56 31.18 -22.43
C GLU H 174 16.09 31.21 -22.79
N ILE H 175 15.24 30.86 -21.82
CA ILE H 175 13.80 30.91 -22.00
C ILE H 175 13.24 32.24 -21.54
N ILE H 176 12.84 33.08 -22.50
CA ILE H 176 12.17 34.35 -22.19
C ILE H 176 10.81 34.43 -22.89
N LYS H 177 9.97 35.36 -22.44
CA LYS H 177 8.74 35.72 -23.12
C LYS H 177 9.07 36.47 -24.43
N THR H 178 9.17 35.73 -25.53
CA THR H 178 9.62 36.25 -26.82
C THR H 178 8.56 37.16 -27.47
N GLU H 179 9.01 38.20 -28.15
CA GLU H 179 8.11 39.19 -28.74
C GLU H 179 8.07 39.15 -30.27
N SER H 180 9.22 38.89 -30.88
CA SER H 180 9.29 38.68 -32.31
C SER H 180 9.13 37.20 -32.62
N VAL H 181 8.15 36.86 -33.45
CA VAL H 181 7.98 35.49 -33.90
C VAL H 181 9.00 35.13 -35.01
N VAL H 182 9.37 36.13 -35.81
CA VAL H 182 10.38 35.94 -36.86
C VAL H 182 11.78 36.24 -36.31
N GLY H 183 12.54 35.19 -36.07
CA GLY H 183 13.87 35.29 -35.49
C GLY H 183 14.92 35.65 -36.52
N ARG H 184 15.71 36.67 -36.20
CA ARG H 184 16.81 37.15 -37.05
C ARG H 184 18.16 36.53 -36.68
N SER H 185 18.15 35.62 -35.70
CA SER H 185 19.33 34.86 -35.32
CA SER H 185 19.33 34.86 -35.32
C SER H 185 18.91 33.46 -34.89
N THR H 186 19.86 32.53 -34.86
CA THR H 186 19.63 31.14 -34.41
C THR H 186 19.12 31.14 -32.97
N ILE H 187 19.69 32.02 -32.14
CA ILE H 187 19.24 32.23 -30.76
C ILE H 187 17.77 32.73 -30.70
N GLU H 188 17.37 33.56 -31.67
CA GLU H 188 16.04 34.16 -31.68
C GLU H 188 14.96 33.25 -32.29
N SER H 189 15.37 32.40 -33.22
CA SER H 189 14.50 31.38 -33.84
C SER H 189 14.06 30.29 -32.87
N ILE H 190 14.98 29.84 -32.02
CA ILE H 190 14.68 28.81 -31.02
C ILE H 190 13.79 29.38 -29.88
N GLN H 191 14.01 30.64 -29.50
CA GLN H 191 13.20 31.33 -28.49
C GLN H 191 11.76 31.55 -28.95
N SER H 192 11.60 31.89 -30.23
CA SER H 192 10.29 32.09 -30.84
C SER H 192 9.56 30.76 -31.02
N GLY H 193 10.33 29.71 -31.29
CA GLY H 193 9.83 28.35 -31.41
C GLY H 193 9.36 27.74 -30.10
N VAL H 194 10.20 27.82 -29.06
CA VAL H 194 9.82 27.27 -27.75
C VAL H 194 8.83 28.13 -26.95
N TYR H 195 8.39 29.25 -27.51
CA TYR H 195 7.41 30.11 -26.84
C TYR H 195 6.05 30.11 -27.52
N TYR H 196 6.04 30.25 -28.85
CA TYR H 196 4.79 30.26 -29.61
C TYR H 196 4.43 28.87 -30.09
N GLY H 197 5.35 27.92 -29.89
CA GLY H 197 5.10 26.52 -30.20
C GLY H 197 4.26 25.91 -29.09
N VAL H 198 4.69 26.14 -27.85
CA VAL H 198 3.96 25.69 -26.67
C VAL H 198 2.65 26.46 -26.49
N LEU H 199 2.65 27.75 -26.86
CA LEU H 199 1.47 28.62 -26.75
C LEU H 199 0.29 28.09 -27.56
N GLY H 200 0.58 27.63 -28.77
CA GLY H 200 -0.41 27.01 -29.63
C GLY H 200 -0.67 25.56 -29.28
N ALA H 201 0.32 24.91 -28.68
CA ALA H 201 0.18 23.55 -28.14
C ALA H 201 -0.73 23.54 -26.92
N CYS H 202 -0.71 24.63 -26.15
CA CYS H 202 -1.64 24.85 -25.06
C CYS H 202 -3.03 25.12 -25.61
N LYS H 203 -3.11 26.07 -26.54
CA LYS H 203 -4.37 26.43 -27.23
C LYS H 203 -5.10 25.24 -27.87
N GLU H 204 -4.34 24.36 -28.52
CA GLU H 204 -4.89 23.17 -29.16
C GLU H 204 -5.35 22.14 -28.14
N LEU H 205 -4.46 21.73 -27.24
CA LEU H 205 -4.76 20.70 -26.24
C LEU H 205 -5.91 21.05 -25.30
N ILE H 206 -6.00 22.32 -24.89
CA ILE H 206 -7.10 22.80 -24.03
C ILE H 206 -8.46 22.68 -24.74
N GLN H 207 -8.55 23.16 -25.98
CA GLN H 207 -9.81 23.11 -26.74
C GLN H 207 -10.20 21.72 -27.24
N ARG H 208 -9.21 20.85 -27.44
CA ARG H 208 -9.47 19.47 -27.85
C ARG H 208 -10.01 18.62 -26.68
N ILE H 209 -9.43 18.81 -25.49
CA ILE H 209 -9.90 18.17 -24.26
C ILE H 209 -11.32 18.63 -23.91
N HIS H 210 -11.56 19.93 -24.06
CA HIS H 210 -12.87 20.56 -23.85
C HIS H 210 -13.98 19.97 -24.73
N HIS H 211 -13.63 19.54 -25.94
CA HIS H 211 -14.59 18.96 -26.88
C HIS H 211 -14.72 17.43 -26.79
N GLU H 212 -13.77 16.78 -26.12
CA GLU H 212 -13.75 15.31 -26.05
C GLU H 212 -14.24 14.76 -24.70
N ALA H 213 -13.58 15.18 -23.63
CA ALA H 213 -13.91 14.71 -22.29
C ALA H 213 -15.12 15.44 -21.71
N PHE H 214 -15.38 16.65 -22.21
CA PHE H 214 -16.43 17.50 -21.67
C PHE H 214 -17.45 17.97 -22.72
N ASN H 215 -17.10 17.78 -24.00
CA ASN H 215 -17.91 18.18 -25.17
C ASN H 215 -18.74 19.48 -25.09
N GLY H 216 -18.11 20.56 -24.64
CA GLY H 216 -18.74 21.88 -24.61
C GLY H 216 -19.23 22.37 -23.25
N ASP H 217 -18.91 21.63 -22.19
CA ASP H 217 -19.32 22.00 -20.84
C ASP H 217 -18.45 23.12 -20.25
N GLN H 218 -18.88 23.68 -19.13
CA GLN H 218 -18.11 24.69 -18.39
C GLN H 218 -16.82 24.12 -17.78
N ILE H 219 -15.71 24.80 -18.02
CA ILE H 219 -14.40 24.38 -17.51
C ILE H 219 -13.64 25.49 -16.79
N LEU H 220 -12.73 25.09 -15.91
CA LEU H 220 -11.81 26.02 -15.26
C LEU H 220 -10.38 25.57 -15.52
N ILE H 221 -9.60 26.46 -16.14
CA ILE H 221 -8.20 26.18 -16.45
C ILE H 221 -7.29 26.61 -15.30
N LEU H 222 -6.45 25.69 -14.84
CA LEU H 222 -5.48 25.96 -13.77
C LEU H 222 -4.08 25.69 -14.27
N ALA H 223 -3.19 26.66 -14.14
CA ALA H 223 -1.79 26.46 -14.50
C ALA H 223 -0.87 26.42 -13.29
N THR H 224 0.16 25.57 -13.37
CA THR H 224 1.19 25.47 -12.35
C THR H 224 2.54 25.22 -13.04
N GLY H 225 3.64 25.23 -12.28
CA GLY H 225 4.96 24.96 -12.85
C GLY H 225 5.87 26.18 -12.97
N GLY H 226 7.14 25.91 -13.23
CA GLY H 226 8.18 26.95 -13.27
C GLY H 226 8.09 27.89 -14.45
N PHE H 227 7.67 27.35 -15.60
CA PHE H 227 7.54 28.12 -16.82
C PHE H 227 6.11 28.62 -17.06
N ALA H 228 5.25 28.53 -16.03
CA ALA H 228 3.84 28.90 -16.13
C ALA H 228 3.60 30.41 -16.16
N SER H 229 4.55 31.16 -15.61
CA SER H 229 4.45 32.62 -15.44
C SER H 229 4.50 33.40 -16.75
N LEU H 230 4.99 32.75 -17.81
CA LEU H 230 5.25 33.37 -19.10
C LEU H 230 4.01 33.47 -20.00
N PHE H 231 2.91 32.86 -19.56
CA PHE H 231 1.69 32.80 -20.36
C PHE H 231 0.51 33.47 -19.65
N ASP H 232 0.86 34.44 -18.81
CA ASP H 232 -0.08 35.25 -18.04
C ASP H 232 -0.92 36.18 -18.92
N LYS H 233 -0.23 36.86 -19.84
CA LYS H 233 -0.80 37.91 -20.71
C LYS H 233 -1.89 37.42 -21.69
N GLN H 234 -1.84 36.13 -22.02
CA GLN H 234 -2.61 35.56 -23.13
C GLN H 234 -4.10 35.45 -22.86
N GLY H 235 -4.45 34.99 -21.67
CA GLY H 235 -5.80 34.51 -21.39
C GLY H 235 -5.84 33.04 -21.78
N LEU H 236 -4.80 32.32 -21.36
CA LEU H 236 -4.60 30.91 -21.70
C LEU H 236 -5.10 30.05 -20.56
N TYR H 237 -5.03 30.62 -19.35
CA TYR H 237 -5.53 29.96 -18.14
C TYR H 237 -6.31 30.91 -17.24
N ASP H 238 -7.26 30.35 -16.50
CA ASP H 238 -8.04 31.12 -15.53
C ASP H 238 -7.19 31.44 -14.31
N HIS H 239 -6.69 30.40 -13.63
CA HIS H 239 -5.88 30.60 -12.43
C HIS H 239 -4.44 30.10 -12.55
N LEU H 240 -3.56 30.75 -11.79
CA LEU H 240 -2.15 30.40 -11.70
C LEU H 240 -1.84 29.99 -10.27
N VAL H 241 -1.63 28.70 -10.05
CA VAL H 241 -1.34 28.16 -8.71
C VAL H 241 0.08 27.59 -8.64
N PRO H 242 1.08 28.44 -8.26
CA PRO H 242 2.51 28.11 -8.21
C PRO H 242 2.95 26.99 -7.26
N ASP H 243 2.14 26.70 -6.25
CA ASP H 243 2.48 25.69 -5.25
CA ASP H 243 2.48 25.69 -5.25
C ASP H 243 1.46 24.55 -5.21
N LEU H 244 0.80 24.32 -6.34
CA LEU H 244 -0.25 23.30 -6.45
C LEU H 244 0.18 21.86 -6.15
N VAL H 245 1.43 21.51 -6.47
CA VAL H 245 1.95 20.17 -6.14
C VAL H 245 2.20 20.01 -4.63
N LEU H 246 2.74 21.06 -4.00
CA LEU H 246 3.05 21.07 -2.57
C LEU H 246 1.81 21.14 -1.69
N GLN H 247 0.74 21.71 -2.25
CA GLN H 247 -0.54 21.78 -1.55
C GLN H 247 -1.17 20.39 -1.47
N GLY H 248 -1.22 19.69 -2.59
CA GLY H 248 -1.84 18.36 -2.67
C GLY H 248 -1.16 17.22 -1.95
N ILE H 249 0.11 17.40 -1.59
CA ILE H 249 0.84 16.46 -0.74
C ILE H 249 0.32 16.60 0.70
N ARG H 250 0.02 17.83 1.09
CA ARG H 250 -0.53 18.13 2.41
C ARG H 250 -1.95 17.59 2.57
N LEU H 251 -2.76 17.72 1.52
CA LEU H 251 -4.14 17.22 1.53
C LEU H 251 -4.24 15.70 1.51
N ALA H 252 -3.28 15.04 0.86
CA ALA H 252 -3.23 13.57 0.81
C ALA H 252 -2.71 12.99 2.12
N ALA H 253 -1.85 13.75 2.79
CA ALA H 253 -1.35 13.37 4.11
C ALA H 253 -2.46 13.51 5.14
N MET H 254 -3.31 14.52 4.94
CA MET H 254 -4.48 14.79 5.76
C MET H 254 -5.54 13.70 5.60
N MET H 255 -5.72 13.23 4.37
CA MET H 255 -6.65 12.14 4.03
C MET H 255 -6.23 10.78 4.59
N ASN H 256 -4.94 10.65 4.92
CA ASN H 256 -4.37 9.37 5.33
C ASN H 256 -3.73 9.37 6.73
N THR H 257 -3.87 10.48 7.45
CA THR H 257 -3.26 10.63 8.79
C THR H 257 -4.07 9.96 9.89
N LEU I 3 38.18 8.91 20.31
CA LEU I 3 37.36 8.81 19.05
C LEU I 3 38.23 8.81 17.80
N ILE I 4 38.17 7.71 17.05
CA ILE I 4 38.86 7.63 15.76
C ILE I 4 37.82 7.61 14.63
N LEU I 5 38.13 8.30 13.54
CA LEU I 5 37.24 8.33 12.38
C LEU I 5 37.90 7.57 11.24
N CYS I 6 37.24 6.54 10.76
CA CYS I 6 37.77 5.74 9.65
C CYS I 6 37.02 6.02 8.35
N ILE I 7 37.75 6.42 7.33
CA ILE I 7 37.18 6.68 6.01
C ILE I 7 37.59 5.60 5.00
N ASP I 8 36.60 5.09 4.29
CA ASP I 8 36.81 4.29 3.09
C ASP I 8 36.34 5.09 1.87
N VAL I 9 37.13 5.07 0.80
CA VAL I 9 36.71 5.70 -0.46
C VAL I 9 36.50 4.63 -1.54
N GLY I 10 35.25 4.17 -1.64
CA GLY I 10 34.85 3.26 -2.69
C GLY I 10 34.42 4.02 -3.93
N ASN I 11 34.25 3.29 -5.03
CA ASN I 11 33.82 3.88 -6.31
C ASN I 11 32.35 4.33 -6.28
N SER I 12 31.57 3.72 -5.40
CA SER I 12 30.16 4.07 -5.23
C SER I 12 29.97 5.14 -4.16
N HIS I 13 30.59 4.92 -2.99
CA HIS I 13 30.39 5.78 -1.82
C HIS I 13 31.69 6.08 -1.08
N ILE I 14 31.72 7.23 -0.41
CA ILE I 14 32.66 7.50 0.68
C ILE I 14 31.97 7.04 1.95
N TYR I 15 32.58 6.05 2.63
CA TYR I 15 31.98 5.43 3.81
C TYR I 15 32.80 5.74 5.06
N GLY I 16 32.13 6.32 6.05
CA GLY I 16 32.79 6.72 7.28
C GLY I 16 32.11 6.09 8.49
N GLY I 17 32.86 6.00 9.58
CA GLY I 17 32.36 5.43 10.81
C GLY I 17 33.23 5.82 11.97
N VAL I 18 32.62 6.44 12.99
CA VAL I 18 33.37 6.87 14.16
C VAL I 18 33.36 5.82 15.28
N PHE I 19 34.56 5.34 15.62
CA PHE I 19 34.74 4.34 16.65
C PHE I 19 34.96 4.99 18.00
N ASP I 20 34.17 4.59 19.00
CA ASP I 20 34.48 4.87 20.38
C ASP I 20 35.44 3.79 20.88
N GLY I 21 36.71 3.94 20.50
CA GLY I 21 37.73 2.96 20.79
C GLY I 21 37.60 1.74 19.89
N ASP I 22 36.81 0.78 20.34
CA ASP I 22 36.70 -0.53 19.71
CA ASP I 22 36.71 -0.52 19.68
C ASP I 22 35.35 -0.73 19.00
N GLU I 23 34.33 0.00 19.45
CA GLU I 23 32.97 -0.12 18.91
C GLU I 23 32.52 1.12 18.12
N ILE I 24 31.76 0.91 17.05
CA ILE I 24 31.34 2.01 16.17
C ILE I 24 30.14 2.76 16.72
N LYS I 25 30.37 4.02 17.06
CA LYS I 25 29.35 4.91 17.62
C LYS I 25 28.30 5.33 16.58
N LEU I 26 28.77 5.60 15.36
CA LEU I 26 27.96 6.13 14.28
C LEU I 26 28.62 5.84 12.96
N ARG I 27 27.83 5.63 11.91
CA ARG I 27 28.32 5.50 10.54
C ARG I 27 27.58 6.44 9.59
N PHE I 28 28.21 6.75 8.45
CA PHE I 28 27.63 7.68 7.48
C PHE I 28 28.15 7.41 6.06
N ARG I 29 27.64 8.19 5.10
CA ARG I 29 27.90 7.94 3.70
C ARG I 29 27.84 9.22 2.86
N HIS I 30 28.78 9.34 1.93
CA HIS I 30 28.84 10.45 0.98
C HIS I 30 29.02 9.89 -0.43
N THR I 31 28.33 10.47 -1.39
CA THR I 31 28.49 10.06 -2.80
C THR I 31 29.88 10.43 -3.33
N SER I 32 30.60 9.40 -3.76
CA SER I 32 31.96 9.55 -4.30
C SER I 32 31.94 10.32 -5.62
N LYS I 33 32.11 11.63 -5.51
CA LYS I 33 32.19 12.51 -6.67
C LYS I 33 33.44 13.37 -6.50
N VAL I 34 33.88 14.01 -7.58
CA VAL I 34 34.98 14.96 -7.51
C VAL I 34 34.53 16.23 -6.74
N SER I 35 34.72 16.18 -5.43
CA SER I 35 34.41 17.30 -4.54
C SER I 35 35.66 18.12 -4.30
N THR I 36 35.49 19.28 -3.66
CA THR I 36 36.63 20.11 -3.34
CA THR I 36 36.59 20.16 -3.31
C THR I 36 37.02 19.95 -1.86
N SER I 37 38.14 20.54 -1.49
CA SER I 37 38.69 20.49 -0.14
C SER I 37 37.77 21.12 0.90
N ASP I 38 36.81 21.91 0.40
CA ASP I 38 35.91 22.68 1.25
C ASP I 38 34.51 22.10 1.33
N GLU I 39 34.04 21.50 0.23
CA GLU I 39 32.76 20.77 0.20
C GLU I 39 32.78 19.57 1.14
N LEU I 40 33.87 18.80 1.06
CA LEU I 40 34.11 17.64 1.92
C LEU I 40 34.25 18.01 3.39
N GLY I 41 34.93 19.13 3.66
CA GLY I 41 35.12 19.63 5.02
C GLY I 41 33.88 20.13 5.72
N ILE I 42 32.90 20.58 4.93
CA ILE I 42 31.61 21.02 5.47
C ILE I 42 30.77 19.80 5.89
N PHE I 43 30.65 18.82 4.99
CA PHE I 43 29.88 17.59 5.21
C PHE I 43 30.33 16.81 6.45
N LEU I 44 31.64 16.61 6.55
CA LEU I 44 32.26 15.85 7.65
C LEU I 44 31.99 16.46 9.02
N LYS I 45 32.11 17.79 9.12
CA LYS I 45 31.81 18.52 10.35
C LYS I 45 30.32 18.73 10.59
N SER I 46 29.50 18.57 9.55
CA SER I 46 28.05 18.67 9.69
C SER I 46 27.41 17.32 10.05
N VAL I 47 27.76 16.26 9.33
CA VAL I 47 27.24 14.90 9.59
C VAL I 47 27.55 14.38 11.00
N LEU I 48 28.67 14.85 11.57
CA LEU I 48 28.99 14.53 12.96
C LEU I 48 28.11 15.35 13.90
N ARG I 49 28.02 16.65 13.65
CA ARG I 49 27.31 17.61 14.50
C ARG I 49 25.81 17.35 14.62
N GLU I 50 25.17 16.97 13.50
CA GLU I 50 23.73 16.68 13.50
C GLU I 50 23.41 15.33 14.12
N ASN I 51 24.41 14.44 14.17
CA ASN I 51 24.24 13.10 14.74
C ASN I 51 24.83 12.97 16.16
N ASN I 52 24.68 14.04 16.95
CA ASN I 52 25.03 14.10 18.39
C ASN I 52 26.50 13.80 18.76
N CYS I 53 27.42 14.12 17.85
CA CYS I 53 28.85 13.91 18.07
C CYS I 53 29.63 15.14 17.60
N SER I 54 30.12 15.95 18.55
CA SER I 54 30.81 17.19 18.23
C SER I 54 32.12 16.93 17.46
N PRO I 55 32.36 17.69 16.36
CA PRO I 55 33.54 17.55 15.49
C PRO I 55 34.91 17.68 16.18
N GLU I 56 34.93 18.31 17.36
CA GLU I 56 36.17 18.55 18.09
C GLU I 56 36.62 17.32 18.87
N THR I 57 35.67 16.46 19.20
CA THR I 57 35.92 15.24 19.98
C THR I 57 36.72 14.18 19.20
N ILE I 58 36.69 14.29 17.87
CA ILE I 58 37.50 13.45 16.98
C ILE I 58 38.96 13.83 17.15
N ARG I 59 39.79 12.84 17.44
CA ARG I 59 41.21 13.08 17.65
C ARG I 59 42.03 12.63 16.45
N LYS I 60 41.75 11.43 15.94
CA LYS I 60 42.48 10.88 14.80
C LYS I 60 41.57 10.56 13.60
N ILE I 61 42.18 10.43 12.42
CA ILE I 61 41.48 10.10 11.17
C ILE I 61 42.30 9.09 10.37
N ALA I 62 41.63 8.13 9.74
CA ALA I 62 42.30 7.09 8.95
C ALA I 62 41.60 6.85 7.60
N ILE I 63 42.33 7.02 6.51
CA ILE I 63 41.76 6.95 5.16
C ILE I 63 42.20 5.71 4.37
N CYS I 64 41.22 4.94 3.94
CA CYS I 64 41.39 3.88 2.96
C CYS I 64 40.94 4.43 1.60
N SER I 65 41.60 4.03 0.52
CA SER I 65 41.30 4.61 -0.79
CA SER I 65 41.36 4.62 -0.79
C SER I 65 41.47 3.64 -1.97
N VAL I 66 40.53 3.74 -2.90
CA VAL I 66 40.62 3.05 -4.19
C VAL I 66 40.30 4.04 -5.34
N VAL I 67 39.80 5.23 -4.97
CA VAL I 67 39.54 6.30 -5.93
C VAL I 67 40.53 7.45 -5.67
N PRO I 68 41.58 7.54 -6.49
CA PRO I 68 42.70 8.47 -6.29
C PRO I 68 42.33 9.94 -6.55
N GLN I 69 41.27 10.17 -7.33
CA GLN I 69 40.82 11.51 -7.66
C GLN I 69 40.12 12.22 -6.49
N VAL I 70 39.62 11.44 -5.53
CA VAL I 70 38.98 11.96 -4.32
C VAL I 70 40.01 12.20 -3.21
N ASP I 71 41.21 11.65 -3.37
CA ASP I 71 42.25 11.64 -2.33
C ASP I 71 42.87 12.98 -1.92
N TYR I 72 43.17 13.84 -2.89
CA TYR I 72 43.88 15.10 -2.63
C TYR I 72 43.11 16.06 -1.74
N SER I 73 41.81 16.15 -1.98
CA SER I 73 40.94 17.12 -1.31
C SER I 73 40.33 16.60 -0.01
N LEU I 74 40.28 15.27 0.13
CA LEU I 74 39.81 14.64 1.36
C LEU I 74 40.90 14.69 2.44
N ARG I 75 42.16 14.57 2.01
CA ARG I 75 43.33 14.79 2.86
C ARG I 75 43.41 16.26 3.29
N SER I 76 43.09 17.16 2.34
CA SER I 76 43.07 18.60 2.59
C SER I 76 41.91 19.02 3.50
N ALA I 77 40.82 18.29 3.44
CA ALA I 77 39.64 18.51 4.29
C ALA I 77 39.91 18.22 5.76
N CYS I 78 40.92 17.38 6.01
CA CYS I 78 41.28 17.01 7.37
C CYS I 78 42.22 18.02 8.02
N VAL I 79 43.27 18.42 7.31
CA VAL I 79 44.23 19.41 7.84
C VAL I 79 43.63 20.80 8.01
N LYS I 80 42.76 21.20 7.09
CA LYS I 80 42.14 22.53 7.16
C LYS I 80 41.02 22.62 8.20
N TYR I 81 40.08 21.66 8.16
CA TYR I 81 38.87 21.75 8.97
C TYR I 81 38.90 21.03 10.30
N PHE I 82 39.72 19.99 10.39
CA PHE I 82 39.84 19.19 11.62
C PHE I 82 41.17 19.41 12.32
N SER I 83 42.12 20.03 11.60
CA SER I 83 43.51 20.22 12.04
C SER I 83 44.27 18.91 12.31
N ILE I 84 43.86 17.85 11.60
CA ILE I 84 44.41 16.51 11.76
C ILE I 84 45.03 16.04 10.43
N ASP I 85 46.26 15.55 10.47
CA ASP I 85 46.84 14.92 9.31
C ASP I 85 46.43 13.45 9.36
N PRO I 86 45.63 12.99 8.38
CA PRO I 86 45.10 11.64 8.43
C PRO I 86 46.16 10.58 8.14
N PHE I 87 45.99 9.41 8.76
CA PHE I 87 46.75 8.23 8.37
C PHE I 87 46.19 7.77 7.04
N LEU I 88 47.07 7.50 6.08
CA LEU I 88 46.65 6.98 4.77
C LEU I 88 47.14 5.55 4.61
N LEU I 89 46.22 4.63 4.37
CA LEU I 89 46.60 3.24 4.07
C LEU I 89 46.97 3.10 2.58
N GLN I 90 48.27 3.04 2.32
CA GLN I 90 48.79 2.91 0.95
C GLN I 90 50.15 2.22 0.92
N ALA I 91 50.92 2.48 -0.14
CA ALA I 91 52.25 1.91 -0.34
C ALA I 91 53.26 2.43 0.69
N GLY I 92 53.88 1.51 1.42
CA GLY I 92 54.90 1.87 2.39
C GLY I 92 54.63 1.46 3.84
N VAL I 93 53.40 1.73 4.31
CA VAL I 93 53.04 1.56 5.73
C VAL I 93 52.96 0.10 6.21
N LYS I 94 53.00 -0.08 7.53
CA LYS I 94 52.84 -1.39 8.16
C LYS I 94 51.46 -1.99 7.92
N THR I 95 51.44 -3.19 7.35
CA THR I 95 50.21 -3.96 7.13
C THR I 95 50.26 -5.28 7.90
N GLY I 96 51.47 -5.80 8.10
CA GLY I 96 51.66 -7.12 8.71
C GLY I 96 51.26 -8.26 7.80
N LEU I 97 51.36 -8.03 6.49
CA LEU I 97 51.01 -9.01 5.46
C LEU I 97 52.16 -9.16 4.46
N ASN I 98 52.27 -10.34 3.85
CA ASN I 98 53.18 -10.55 2.73
C ASN I 98 52.40 -10.68 1.42
N ILE I 99 52.43 -9.62 0.62
CA ILE I 99 51.65 -9.56 -0.63
C ILE I 99 52.32 -10.39 -1.74
N LYS I 100 51.58 -11.38 -2.25
CA LYS I 100 52.12 -12.28 -3.28
C LYS I 100 51.71 -11.90 -4.71
N TYR I 101 51.23 -10.67 -4.88
CA TYR I 101 50.98 -10.08 -6.20
C TYR I 101 52.28 -9.83 -6.96
N ARG I 102 52.22 -9.94 -8.29
CA ARG I 102 53.35 -9.61 -9.17
C ARG I 102 53.68 -8.12 -9.07
N ASN I 103 52.63 -7.32 -8.92
CA ASN I 103 52.74 -5.92 -8.58
C ASN I 103 51.96 -5.68 -7.29
N PRO I 104 52.65 -5.61 -6.14
CA PRO I 104 52.04 -5.39 -4.82
C PRO I 104 51.30 -4.05 -4.67
N VAL I 105 51.61 -3.10 -5.54
CA VAL I 105 50.95 -1.79 -5.56
C VAL I 105 49.56 -1.87 -6.20
N GLU I 106 49.37 -2.87 -7.08
CA GLU I 106 48.14 -3.03 -7.84
C GLU I 106 46.95 -3.54 -7.01
N VAL I 107 47.23 -4.06 -5.82
CA VAL I 107 46.20 -4.43 -4.84
C VAL I 107 45.55 -3.15 -4.29
N GLY I 108 44.23 -3.17 -4.18
CA GLY I 108 43.49 -2.07 -3.57
C GLY I 108 43.74 -2.01 -2.08
N ALA I 109 43.56 -0.82 -1.50
CA ALA I 109 43.80 -0.59 -0.07
C ALA I 109 42.73 -1.22 0.80
N ASP I 110 41.52 -1.36 0.24
CA ASP I 110 40.37 -1.95 0.94
C ASP I 110 40.43 -3.48 1.07
N ARG I 111 41.03 -4.13 0.08
CA ARG I 111 41.30 -5.56 0.12
C ARG I 111 42.42 -5.82 1.13
N ILE I 112 43.35 -4.87 1.24
CA ILE I 112 44.40 -4.86 2.26
C ILE I 112 43.78 -4.61 3.65
N ALA I 113 42.86 -3.64 3.71
CA ALA I 113 42.14 -3.34 4.95
C ALA I 113 41.40 -4.58 5.46
N ASN I 114 40.59 -5.18 4.57
CA ASN I 114 39.84 -6.41 4.86
C ASN I 114 40.69 -7.56 5.40
N ALA I 115 41.84 -7.79 4.75
CA ALA I 115 42.82 -8.81 5.15
C ALA I 115 43.38 -8.59 6.56
N ILE I 116 43.64 -7.33 6.91
CA ILE I 116 44.16 -6.99 8.24
C ILE I 116 43.15 -7.30 9.36
N ALA I 117 41.86 -7.01 9.11
CA ALA I 117 40.80 -7.28 10.08
C ALA I 117 40.42 -8.76 10.20
N ALA I 118 40.34 -9.44 9.05
CA ALA I 118 40.02 -10.87 8.99
C ALA I 118 40.98 -11.72 9.80
N THR I 119 42.28 -11.41 9.65
CA THR I 119 43.38 -12.18 10.26
C THR I 119 43.74 -11.66 11.65
N HIS I 120 42.90 -10.77 12.16
CA HIS I 120 43.00 -10.25 13.51
C HIS I 120 41.90 -10.89 14.32
N SER I 121 40.73 -11.01 13.69
CA SER I 121 39.56 -11.66 14.28
C SER I 121 39.73 -13.18 14.28
N PHE I 122 40.45 -13.69 13.29
CA PHE I 122 40.65 -15.13 13.13
C PHE I 122 42.12 -15.44 12.81
N PRO I 123 42.97 -15.41 13.85
CA PRO I 123 44.43 -15.19 13.72
C PRO I 123 45.31 -16.31 13.15
N ASN I 124 44.86 -17.56 13.20
CA ASN I 124 45.73 -18.68 12.77
C ASN I 124 45.11 -19.58 11.71
N GLN I 125 44.26 -19.00 10.87
CA GLN I 125 43.50 -19.75 9.89
C GLN I 125 43.73 -19.25 8.46
N ASN I 126 43.54 -20.15 7.50
CA ASN I 126 43.44 -19.79 6.09
C ASN I 126 42.08 -19.16 5.84
N ILE I 127 42.06 -18.00 5.19
CA ILE I 127 40.81 -17.25 4.98
C ILE I 127 40.55 -16.91 3.50
N ILE I 128 39.33 -17.21 3.05
CA ILE I 128 38.77 -16.62 1.83
C ILE I 128 37.74 -15.57 2.23
N VAL I 129 38.05 -14.30 1.98
CA VAL I 129 37.11 -13.19 2.21
C VAL I 129 36.39 -12.80 0.92
N ILE I 130 35.05 -12.78 0.98
CA ILE I 130 34.22 -12.36 -0.15
C ILE I 130 33.49 -11.04 0.12
N ASP I 131 33.82 -10.00 -0.64
CA ASP I 131 33.14 -8.70 -0.53
C ASP I 131 32.03 -8.54 -1.58
N PHE I 132 30.79 -8.69 -1.13
CA PHE I 132 29.60 -8.50 -1.98
C PHE I 132 29.25 -7.01 -2.03
N GLY I 133 30.01 -6.23 -2.80
CA GLY I 133 29.81 -4.79 -2.91
C GLY I 133 29.44 -4.41 -4.33
N THR I 134 30.12 -3.41 -4.88
CA THR I 134 29.97 -3.03 -6.28
C THR I 134 30.48 -4.15 -7.17
N ALA I 135 31.61 -4.72 -6.78
CA ALA I 135 32.16 -5.91 -7.41
C ALA I 135 32.29 -7.00 -6.36
N THR I 136 31.97 -8.23 -6.75
CA THR I 136 32.10 -9.38 -5.84
C THR I 136 33.51 -9.96 -5.94
N THR I 137 34.37 -9.55 -5.00
CA THR I 137 35.77 -9.96 -5.01
C THR I 137 36.06 -11.15 -4.07
N PHE I 138 37.11 -11.91 -4.37
CA PHE I 138 37.52 -13.07 -3.59
C PHE I 138 39.02 -12.95 -3.32
N CYS I 139 39.43 -13.17 -2.07
CA CYS I 139 40.84 -13.11 -1.71
C CYS I 139 41.27 -14.32 -0.90
N ALA I 140 42.27 -15.05 -1.40
CA ALA I 140 42.93 -16.11 -0.63
C ALA I 140 43.95 -15.48 0.31
N ILE I 141 43.81 -15.75 1.61
CA ILE I 141 44.80 -15.32 2.61
C ILE I 141 45.21 -16.54 3.44
N SER I 142 46.51 -16.82 3.47
CA SER I 142 47.02 -17.96 4.23
C SER I 142 47.05 -17.67 5.74
N HIS I 143 47.29 -18.71 6.53
CA HIS I 143 47.39 -18.61 7.99
C HIS I 143 48.66 -17.88 8.43
N LYS I 144 49.62 -17.78 7.52
CA LYS I 144 50.86 -17.02 7.74
C LYS I 144 50.71 -15.54 7.32
N LYS I 145 49.46 -15.13 7.10
CA LYS I 145 49.09 -13.78 6.61
C LYS I 145 49.69 -13.42 5.24
N ALA I 146 49.85 -14.40 4.36
CA ALA I 146 50.24 -14.13 2.99
C ALA I 146 49.01 -13.80 2.15
N TYR I 147 48.97 -12.58 1.61
CA TYR I 147 47.94 -12.22 0.65
C TYR I 147 48.34 -12.80 -0.70
N LEU I 148 47.74 -13.94 -1.05
CA LEU I 148 48.10 -14.70 -2.25
C LEU I 148 47.42 -14.16 -3.51
N GLY I 149 46.35 -13.39 -3.32
CA GLY I 149 45.55 -12.85 -4.42
C GLY I 149 44.19 -13.50 -4.46
N GLY I 150 43.54 -13.43 -5.62
CA GLY I 150 42.22 -14.05 -5.80
C GLY I 150 41.53 -13.76 -7.11
N ALA I 151 40.27 -13.33 -7.01
CA ALA I 151 39.42 -13.11 -8.19
C ALA I 151 38.42 -11.98 -7.99
N ILE I 152 37.87 -11.46 -9.09
CA ILE I 152 36.87 -10.39 -9.01
C ILE I 152 35.74 -10.53 -10.05
N LEU I 153 34.51 -10.58 -9.55
CA LEU I 153 33.29 -10.77 -10.35
C LEU I 153 32.47 -9.48 -10.37
N PRO I 154 31.62 -9.29 -11.40
CA PRO I 154 30.68 -8.16 -11.32
C PRO I 154 29.70 -8.36 -10.16
N GLY I 155 29.45 -7.29 -9.42
CA GLY I 155 28.54 -7.35 -8.29
C GLY I 155 27.12 -7.59 -8.73
N LEU I 156 26.24 -7.88 -7.78
CA LEU I 156 24.88 -8.29 -8.08
C LEU I 156 24.10 -7.15 -8.73
N ARG I 157 24.45 -5.91 -8.37
CA ARG I 157 23.87 -4.73 -9.01
CA ARG I 157 23.90 -4.72 -9.01
C ARG I 157 24.44 -4.54 -10.43
N LEU I 158 25.74 -4.79 -10.61
CA LEU I 158 26.37 -4.66 -11.91
C LEU I 158 25.82 -5.73 -12.86
N SER I 159 25.75 -6.96 -12.37
CA SER I 159 25.17 -8.11 -13.10
C SER I 159 23.71 -7.93 -13.49
N ALA I 160 23.02 -7.01 -12.82
CA ALA I 160 21.66 -6.65 -13.18
C ALA I 160 21.59 -5.46 -14.14
N ASP I 161 22.38 -4.42 -13.85
CA ASP I 161 22.42 -3.20 -14.66
C ASP I 161 23.07 -3.41 -16.04
N ALA I 162 23.99 -4.39 -16.14
CA ALA I 162 24.63 -4.72 -17.42
C ALA I 162 23.64 -5.34 -18.40
N LEU I 163 22.73 -6.15 -17.87
CA LEU I 163 21.71 -6.78 -18.70
C LEU I 163 20.69 -5.81 -19.30
N SER I 164 20.47 -4.67 -18.67
CA SER I 164 19.45 -3.71 -19.12
C SER I 164 20.00 -2.55 -19.91
N LYS I 165 21.15 -2.03 -19.48
CA LYS I 165 21.78 -0.85 -20.10
C LYS I 165 22.46 -1.21 -21.42
N ASN I 166 22.93 -2.45 -21.54
CA ASN I 166 23.59 -2.94 -22.75
C ASN I 166 22.66 -3.76 -23.65
N THR I 167 21.35 -3.58 -23.46
CA THR I 167 20.32 -4.30 -24.20
C THR I 167 19.18 -3.34 -24.58
N ALA I 168 18.62 -3.51 -25.77
CA ALA I 168 17.34 -2.93 -26.12
C ALA I 168 16.27 -3.97 -25.79
N LYS I 169 15.21 -3.52 -25.11
CA LYS I 169 14.09 -4.36 -24.64
C LYS I 169 14.49 -5.39 -23.57
N LEU I 170 14.88 -4.90 -22.40
CA LEU I 170 15.15 -5.69 -21.20
C LEU I 170 15.22 -4.71 -20.03
N PRO I 171 14.34 -4.88 -19.03
CA PRO I 171 14.28 -3.95 -17.89
C PRO I 171 15.34 -4.20 -16.83
N SER I 172 15.64 -3.18 -16.02
CA SER I 172 16.48 -3.36 -14.82
C SER I 172 15.63 -3.88 -13.66
N VAL I 173 16.16 -4.88 -12.95
CA VAL I 173 15.37 -5.70 -12.04
C VAL I 173 15.76 -5.52 -10.56
N GLU I 174 14.86 -5.87 -9.65
CA GLU I 174 15.16 -5.94 -8.22
C GLU I 174 15.96 -7.20 -7.89
N ILE I 175 16.89 -7.07 -6.95
CA ILE I 175 17.69 -8.20 -6.50
C ILE I 175 17.01 -8.90 -5.32
N ILE I 176 16.24 -9.95 -5.62
CA ILE I 176 15.55 -10.69 -4.56
C ILE I 176 16.05 -12.14 -4.45
N LYS I 177 15.91 -12.70 -3.26
CA LYS I 177 16.09 -14.13 -3.04
C LYS I 177 14.89 -14.85 -3.65
N THR I 178 15.11 -15.43 -4.82
CA THR I 178 14.07 -16.17 -5.53
C THR I 178 14.16 -17.65 -5.17
N GLU I 179 13.05 -18.37 -5.35
CA GLU I 179 13.00 -19.79 -5.00
C GLU I 179 13.05 -20.70 -6.23
N SER I 180 12.90 -20.11 -7.42
CA SER I 180 12.87 -20.86 -8.68
CA SER I 180 12.87 -20.86 -8.68
C SER I 180 14.00 -20.43 -9.61
N VAL I 181 14.45 -21.37 -10.44
CA VAL I 181 15.43 -21.10 -11.50
C VAL I 181 14.73 -21.08 -12.87
N VAL I 182 13.51 -21.59 -12.91
CA VAL I 182 12.68 -21.57 -14.11
C VAL I 182 11.72 -20.39 -14.04
N GLY I 183 12.26 -19.18 -14.22
CA GLY I 183 11.44 -17.97 -14.31
C GLY I 183 10.54 -17.97 -15.53
N ARG I 184 9.32 -17.49 -15.36
CA ARG I 184 8.32 -17.47 -16.45
C ARG I 184 7.87 -16.05 -16.81
N SER I 185 8.78 -15.12 -16.52
CA SER I 185 8.69 -13.74 -16.97
CA SER I 185 8.69 -13.72 -16.91
C SER I 185 10.12 -13.24 -17.13
N THR I 186 10.29 -12.11 -17.82
CA THR I 186 11.63 -11.55 -18.06
C THR I 186 12.26 -11.12 -16.73
N ILE I 187 11.48 -10.39 -15.93
CA ILE I 187 11.81 -10.01 -14.56
C ILE I 187 12.22 -11.23 -13.70
N GLU I 188 11.47 -12.32 -13.81
CA GLU I 188 11.75 -13.56 -13.08
C GLU I 188 12.98 -14.29 -13.58
N SER I 189 13.19 -14.28 -14.90
CA SER I 189 14.32 -14.95 -15.54
C SER I 189 15.68 -14.35 -15.17
N ILE I 190 15.75 -13.02 -15.14
CA ILE I 190 16.98 -12.33 -14.73
C ILE I 190 17.24 -12.55 -13.23
N GLN I 191 16.19 -12.43 -12.40
CA GLN I 191 16.30 -12.72 -10.95
C GLN I 191 16.77 -14.13 -10.61
N SER I 192 16.23 -15.12 -11.31
CA SER I 192 16.64 -16.52 -11.17
C SER I 192 18.07 -16.78 -11.65
N GLY I 193 18.53 -15.98 -12.61
CA GLY I 193 19.90 -16.06 -13.12
C GLY I 193 20.89 -15.28 -12.28
N VAL I 194 20.45 -14.10 -11.83
CA VAL I 194 21.28 -13.18 -11.04
C VAL I 194 21.38 -13.58 -9.55
N TYR I 195 20.49 -14.44 -9.09
CA TYR I 195 20.61 -15.03 -7.75
C TYR I 195 21.33 -16.39 -7.76
N TYR I 196 20.98 -17.26 -8.71
CA TYR I 196 21.54 -18.62 -8.76
C TYR I 196 22.79 -18.73 -9.66
N GLY I 197 23.04 -17.71 -10.47
CA GLY I 197 24.28 -17.63 -11.22
C GLY I 197 25.43 -17.26 -10.29
N VAL I 198 25.15 -16.32 -9.38
CA VAL I 198 26.14 -15.86 -8.39
C VAL I 198 26.35 -16.90 -7.29
N LEU I 199 25.27 -17.54 -6.85
CA LEU I 199 25.33 -18.60 -5.85
C LEU I 199 26.28 -19.73 -6.27
N GLY I 200 26.21 -20.13 -7.54
CA GLY I 200 27.10 -21.17 -8.07
C GLY I 200 28.49 -20.66 -8.41
N ALA I 201 28.58 -19.38 -8.76
CA ALA I 201 29.84 -18.70 -9.02
C ALA I 201 30.67 -18.61 -7.75
N CYS I 202 29.99 -18.32 -6.64
CA CYS I 202 30.62 -18.25 -5.32
C CYS I 202 31.07 -19.64 -4.88
N LYS I 203 30.21 -20.63 -5.09
CA LYS I 203 30.49 -22.03 -4.78
C LYS I 203 31.70 -22.60 -5.52
N GLU I 204 31.87 -22.19 -6.77
CA GLU I 204 33.00 -22.63 -7.59
C GLU I 204 34.29 -21.90 -7.21
N LEU I 205 34.19 -20.60 -7.00
CA LEU I 205 35.35 -19.78 -6.61
C LEU I 205 35.86 -20.08 -5.21
N ILE I 206 34.97 -20.57 -4.34
CA ILE I 206 35.36 -21.01 -2.99
C ILE I 206 36.24 -22.26 -3.07
N GLN I 207 35.78 -23.29 -3.77
CA GLN I 207 36.49 -24.56 -3.73
C GLN I 207 37.47 -24.82 -4.87
N ARG I 208 37.62 -23.85 -5.77
CA ARG I 208 38.77 -23.84 -6.66
C ARG I 208 39.99 -23.31 -5.89
N ILE I 209 39.76 -22.30 -5.06
CA ILE I 209 40.81 -21.65 -4.24
C ILE I 209 41.20 -22.53 -3.06
N HIS I 210 40.21 -23.18 -2.45
CA HIS I 210 40.40 -24.16 -1.37
C HIS I 210 41.35 -25.29 -1.80
N HIS I 211 41.25 -25.71 -3.06
CA HIS I 211 42.00 -26.84 -3.58
C HIS I 211 43.21 -26.46 -4.45
N GLU I 212 43.59 -25.18 -4.47
CA GLU I 212 44.76 -24.72 -5.22
C GLU I 212 45.67 -23.77 -4.45
N ALA I 213 45.10 -22.93 -3.59
CA ALA I 213 45.88 -22.00 -2.76
C ALA I 213 46.13 -22.57 -1.36
N PHE I 214 45.21 -23.42 -0.90
CA PHE I 214 45.30 -24.05 0.41
C PHE I 214 45.36 -25.56 0.31
N ASN I 215 45.29 -26.06 -0.94
CA ASN I 215 45.49 -27.47 -1.31
C ASN I 215 44.44 -28.50 -0.79
N GLY I 216 43.64 -28.09 0.19
CA GLY I 216 42.64 -28.98 0.79
C GLY I 216 42.74 -29.06 2.29
N ASP I 217 43.22 -27.98 2.91
CA ASP I 217 43.35 -27.88 4.36
C ASP I 217 42.18 -27.10 4.98
N GLN I 218 42.22 -26.93 6.29
CA GLN I 218 41.21 -26.16 7.03
C GLN I 218 41.19 -24.69 6.61
N ILE I 219 40.00 -24.20 6.24
CA ILE I 219 39.82 -22.79 5.88
C ILE I 219 38.61 -22.17 6.59
N LEU I 220 38.50 -20.84 6.51
CA LEU I 220 37.38 -20.11 7.09
C LEU I 220 36.89 -19.02 6.14
N ILE I 221 35.62 -19.10 5.77
CA ILE I 221 35.05 -18.19 4.78
C ILE I 221 34.31 -17.04 5.43
N LEU I 222 34.92 -15.86 5.38
CA LEU I 222 34.27 -14.61 5.81
C LEU I 222 33.62 -13.93 4.62
N ALA I 223 32.58 -13.13 4.88
CA ALA I 223 31.94 -12.34 3.84
C ALA I 223 31.45 -10.97 4.32
N THR I 224 31.77 -9.93 3.55
CA THR I 224 31.37 -8.55 3.83
C THR I 224 30.59 -7.95 2.65
N GLY I 225 29.97 -6.79 2.88
CA GLY I 225 29.25 -6.08 1.83
C GLY I 225 27.74 -6.04 2.04
N GLY I 226 27.06 -5.22 1.23
CA GLY I 226 25.62 -5.05 1.30
C GLY I 226 24.76 -6.15 0.69
N PHE I 227 25.37 -6.98 -0.16
CA PHE I 227 24.66 -8.12 -0.77
C PHE I 227 25.00 -9.47 -0.13
N ALA I 228 25.74 -9.42 0.98
CA ALA I 228 26.22 -10.62 1.68
C ALA I 228 25.08 -11.44 2.31
N SER I 229 24.10 -10.74 2.85
CA SER I 229 22.99 -11.35 3.60
C SER I 229 21.94 -12.09 2.76
N LEU I 230 22.03 -11.98 1.43
CA LEU I 230 21.15 -12.71 0.52
C LEU I 230 21.53 -14.19 0.40
N PHE I 231 22.76 -14.50 0.79
CA PHE I 231 23.33 -15.84 0.68
C PHE I 231 23.57 -16.44 2.08
N ASP I 232 22.87 -15.90 3.07
CA ASP I 232 23.07 -16.28 4.47
C ASP I 232 22.53 -17.68 4.79
N LYS I 233 21.39 -18.01 4.19
CA LYS I 233 20.74 -19.31 4.37
C LYS I 233 21.58 -20.45 3.80
N GLN I 234 22.13 -20.23 2.61
CA GLN I 234 22.71 -21.30 1.79
C GLN I 234 23.98 -22.00 2.28
N GLY I 235 24.47 -21.60 3.45
CA GLY I 235 25.69 -22.17 4.03
C GLY I 235 26.88 -21.91 3.12
N LEU I 236 27.08 -20.64 2.78
CA LEU I 236 28.12 -20.25 1.85
C LEU I 236 29.37 -19.78 2.58
N TYR I 237 29.16 -18.99 3.63
CA TYR I 237 30.24 -18.46 4.44
C TYR I 237 30.06 -18.80 5.93
N ASP I 238 31.09 -18.53 6.72
CA ASP I 238 31.11 -18.83 8.16
C ASP I 238 30.65 -17.66 9.01
N HIS I 239 31.03 -16.45 8.60
CA HIS I 239 30.73 -15.22 9.33
C HIS I 239 30.33 -14.08 8.38
N LEU I 240 29.30 -13.35 8.75
CA LEU I 240 28.95 -12.10 8.09
C LEU I 240 29.54 -10.99 8.94
N VAL I 241 30.58 -10.33 8.44
CA VAL I 241 31.19 -9.19 9.13
C VAL I 241 30.86 -7.93 8.34
N PRO I 242 29.88 -7.14 8.84
CA PRO I 242 29.41 -5.96 8.11
C PRO I 242 30.44 -4.84 7.98
N ASP I 243 31.26 -4.66 9.02
CA ASP I 243 32.19 -3.54 9.07
C ASP I 243 33.64 -3.99 8.96
N LEU I 244 33.91 -4.95 8.09
CA LEU I 244 35.24 -5.52 7.97
C LEU I 244 36.29 -4.50 7.49
N VAL I 245 35.91 -3.60 6.59
CA VAL I 245 36.80 -2.56 6.09
C VAL I 245 37.22 -1.58 7.19
N LEU I 246 36.24 -0.99 7.89
CA LEU I 246 36.47 0.03 8.92
C LEU I 246 37.25 -0.50 10.13
N GLN I 247 37.04 -1.77 10.46
CA GLN I 247 37.84 -2.50 11.45
C GLN I 247 39.29 -2.53 11.04
N GLY I 248 39.53 -2.93 9.78
CA GLY I 248 40.87 -3.02 9.19
C GLY I 248 41.58 -1.70 8.96
N ILE I 249 40.80 -0.62 8.75
CA ILE I 249 41.37 0.74 8.65
C ILE I 249 41.90 1.19 10.02
N ARG I 250 41.08 0.97 11.05
CA ARG I 250 41.40 1.28 12.45
C ARG I 250 42.59 0.46 12.97
N LEU I 251 42.64 -0.81 12.59
CA LEU I 251 43.75 -1.70 12.93
C LEU I 251 45.08 -1.26 12.32
N ALA I 252 45.04 -0.78 11.08
CA ALA I 252 46.22 -0.28 10.38
C ALA I 252 46.65 1.08 10.91
N ALA I 253 45.67 1.86 11.39
CA ALA I 253 45.92 3.13 12.06
C ALA I 253 46.69 2.89 13.36
N MET I 254 46.21 1.92 14.13
CA MET I 254 46.84 1.46 15.38
C MET I 254 48.26 0.96 15.17
N MET I 255 48.47 0.18 14.09
CA MET I 255 49.75 -0.41 13.74
C MET I 255 50.82 0.64 13.44
N ASN I 256 50.38 1.82 13.01
CA ASN I 256 51.28 2.86 12.50
C ASN I 256 51.28 4.15 13.31
N THR I 257 50.68 4.12 14.50
CA THR I 257 50.58 5.32 15.35
C THR I 257 51.52 5.32 16.56
N LEU J 3 17.71 -21.41 -52.21
CA LEU J 3 18.64 -20.86 -51.18
C LEU J 3 17.92 -19.87 -50.26
N ILE J 4 18.23 -19.94 -48.97
CA ILE J 4 17.55 -19.11 -47.99
C ILE J 4 18.56 -18.40 -47.06
N LEU J 5 18.29 -17.13 -46.77
CA LEU J 5 19.10 -16.34 -45.86
C LEU J 5 18.39 -16.16 -44.52
N CYS J 6 19.03 -16.62 -43.45
CA CYS J 6 18.52 -16.48 -42.09
C CYS J 6 19.34 -15.44 -41.35
N ILE J 7 18.64 -14.47 -40.75
CA ILE J 7 19.28 -13.32 -40.12
C ILE J 7 18.90 -13.23 -38.64
N ASP J 8 19.91 -13.35 -37.78
CA ASP J 8 19.75 -13.26 -36.34
C ASP J 8 20.25 -11.90 -35.90
N VAL J 9 19.33 -11.04 -35.47
CA VAL J 9 19.68 -9.72 -34.96
C VAL J 9 19.88 -9.83 -33.45
N GLY J 10 21.10 -9.54 -33.01
CA GLY J 10 21.43 -9.59 -31.59
C GLY J 10 21.57 -8.21 -30.99
N ASN J 11 22.05 -8.17 -29.75
CA ASN J 11 22.30 -6.92 -29.04
C ASN J 11 23.68 -6.34 -29.33
N SER J 12 24.56 -7.17 -29.88
CA SER J 12 25.89 -6.76 -30.32
C SER J 12 26.09 -6.99 -31.83
N HIS J 13 25.70 -8.17 -32.32
CA HIS J 13 25.93 -8.53 -33.72
C HIS J 13 24.71 -9.01 -34.49
N ILE J 14 24.67 -8.64 -35.77
CA ILE J 14 23.72 -9.18 -36.73
C ILE J 14 24.37 -10.39 -37.40
N TYR J 15 23.90 -11.59 -37.03
CA TYR J 15 24.49 -12.85 -37.48
C TYR J 15 23.65 -13.51 -38.58
N GLY J 16 24.16 -13.46 -39.81
CA GLY J 16 23.48 -14.03 -40.96
C GLY J 16 24.06 -15.36 -41.43
N GLY J 17 23.31 -16.05 -42.27
CA GLY J 17 23.74 -17.33 -42.81
C GLY J 17 22.92 -17.77 -44.01
N VAL J 18 23.60 -18.34 -45.01
CA VAL J 18 22.91 -18.85 -46.20
C VAL J 18 22.90 -20.38 -46.25
N PHE J 19 21.69 -20.94 -46.23
CA PHE J 19 21.47 -22.37 -46.33
C PHE J 19 21.14 -22.75 -47.77
N ASP J 20 21.85 -23.75 -48.30
CA ASP J 20 21.45 -24.38 -49.55
C ASP J 20 20.87 -25.75 -49.22
N GLY J 21 19.57 -25.76 -48.95
CA GLY J 21 18.89 -26.96 -48.46
C GLY J 21 19.06 -27.11 -46.96
N ASP J 22 19.92 -28.03 -46.55
CA ASP J 22 20.12 -28.35 -45.14
C ASP J 22 21.39 -27.72 -44.55
N GLU J 23 22.39 -27.47 -45.39
CA GLU J 23 23.73 -27.05 -44.96
C GLU J 23 24.01 -25.57 -45.18
N ILE J 24 24.75 -24.96 -44.24
CA ILE J 24 25.20 -23.58 -44.36
C ILE J 24 26.41 -23.51 -45.30
N LYS J 25 26.28 -22.69 -46.34
CA LYS J 25 27.39 -22.46 -47.28
C LYS J 25 28.28 -21.32 -46.79
N LEU J 26 27.66 -20.33 -46.16
CA LEU J 26 28.36 -19.14 -45.70
C LEU J 26 27.64 -18.50 -44.51
N ARG J 27 28.41 -18.10 -43.50
CA ARG J 27 27.90 -17.24 -42.43
C ARG J 27 28.65 -15.90 -42.37
N PHE J 28 27.95 -14.85 -41.92
CA PHE J 28 28.54 -13.52 -41.83
C PHE J 28 28.06 -12.73 -40.62
N ARG J 29 28.68 -11.56 -40.38
CA ARG J 29 28.39 -10.78 -39.19
C ARG J 29 28.52 -9.26 -39.40
N HIS J 30 27.51 -8.54 -38.92
CA HIS J 30 27.46 -7.07 -38.93
C HIS J 30 27.22 -6.60 -37.50
N THR J 31 27.73 -5.43 -37.15
CA THR J 31 27.49 -4.89 -35.81
C THR J 31 26.11 -4.23 -35.71
N SER J 32 25.34 -4.59 -34.68
CA SER J 32 24.04 -3.99 -34.44
C SER J 32 24.17 -2.51 -34.11
N LYS J 33 23.94 -1.69 -35.13
CA LYS J 33 24.17 -0.25 -35.08
C LYS J 33 22.92 0.48 -35.53
N VAL J 34 22.96 1.81 -35.47
CA VAL J 34 21.99 2.63 -36.18
C VAL J 34 22.34 2.56 -37.68
N SER J 35 21.47 1.95 -38.45
CA SER J 35 21.71 1.76 -39.88
C SER J 35 20.45 1.92 -40.74
N THR J 36 20.67 2.30 -42.00
CA THR J 36 19.56 2.51 -42.92
CA THR J 36 19.59 2.52 -42.97
C THR J 36 19.40 1.28 -43.82
N SER J 37 18.35 1.28 -44.65
CA SER J 37 18.11 0.23 -45.63
C SER J 37 19.22 0.20 -46.66
N ASP J 38 19.74 1.38 -46.99
CA ASP J 38 20.80 1.54 -47.97
C ASP J 38 22.15 1.04 -47.43
N GLU J 39 22.50 1.40 -46.20
CA GLU J 39 23.74 0.92 -45.55
C GLU J 39 23.76 -0.60 -45.36
N LEU J 40 22.63 -1.15 -44.95
CA LEU J 40 22.48 -2.58 -44.75
C LEU J 40 22.34 -3.36 -46.07
N GLY J 41 21.53 -2.84 -46.99
CA GLY J 41 21.29 -3.47 -48.31
C GLY J 41 22.54 -3.55 -49.18
N ILE J 42 23.39 -2.53 -49.07
CA ILE J 42 24.70 -2.53 -49.71
C ILE J 42 25.58 -3.60 -49.09
N PHE J 43 25.66 -3.61 -47.75
CA PHE J 43 26.44 -4.61 -46.98
C PHE J 43 26.04 -6.05 -47.30
N LEU J 44 24.74 -6.30 -47.42
CA LEU J 44 24.20 -7.64 -47.64
C LEU J 44 24.53 -8.16 -49.03
N LYS J 45 24.27 -7.35 -50.04
CA LYS J 45 24.63 -7.67 -51.43
C LYS J 45 26.15 -7.79 -51.62
N SER J 46 26.92 -7.05 -50.82
CA SER J 46 28.38 -7.07 -50.90
C SER J 46 29.03 -8.25 -50.18
N VAL J 47 28.47 -8.66 -49.04
CA VAL J 47 29.04 -9.76 -48.26
C VAL J 47 28.84 -11.11 -48.94
N LEU J 48 27.74 -11.25 -49.68
CA LEU J 48 27.41 -12.47 -50.39
C LEU J 48 28.33 -12.67 -51.60
N ARG J 49 28.47 -11.62 -52.40
CA ARG J 49 29.27 -11.65 -53.63
C ARG J 49 30.76 -11.93 -53.39
N GLU J 50 31.32 -11.30 -52.35
CA GLU J 50 32.72 -11.47 -51.97
C GLU J 50 33.02 -12.88 -51.42
N ASN J 51 31.96 -13.62 -51.11
CA ASN J 51 32.07 -15.01 -50.65
C ASN J 51 31.40 -16.00 -51.62
N ASN J 52 31.64 -15.80 -52.92
CA ASN J 52 31.17 -16.70 -54.00
C ASN J 52 29.69 -17.09 -53.97
N CYS J 53 28.82 -16.09 -53.86
CA CYS J 53 27.37 -16.30 -53.76
C CYS J 53 26.62 -15.07 -54.29
N SER J 54 26.15 -15.12 -55.53
CA SER J 54 25.42 -14.01 -56.14
C SER J 54 24.09 -13.76 -55.40
N PRO J 55 23.77 -12.47 -55.11
CA PRO J 55 22.52 -12.09 -54.44
C PRO J 55 21.24 -12.39 -55.23
N GLU J 56 21.37 -12.58 -56.54
CA GLU J 56 20.24 -12.90 -57.42
C GLU J 56 19.76 -14.34 -57.24
N THR J 57 20.65 -15.22 -56.78
CA THR J 57 20.32 -16.64 -56.54
C THR J 57 19.52 -16.86 -55.25
N ILE J 58 19.63 -15.91 -54.31
CA ILE J 58 18.84 -15.92 -53.08
C ILE J 58 17.40 -15.49 -53.40
N ARG J 59 16.43 -16.34 -53.05
CA ARG J 59 15.03 -16.05 -53.32
CA ARG J 59 15.02 -16.10 -53.33
C ARG J 59 14.16 -16.02 -52.08
N LYS J 60 14.74 -16.42 -50.93
CA LYS J 60 14.02 -16.37 -49.65
C LYS J 60 14.89 -15.78 -48.53
N ILE J 61 14.29 -14.92 -47.71
CA ILE J 61 14.94 -14.33 -46.54
C ILE J 61 14.07 -14.51 -45.28
N ALA J 62 14.67 -14.98 -44.19
CA ALA J 62 13.99 -15.05 -42.89
C ALA J 62 14.75 -14.24 -41.83
N ILE J 63 14.01 -13.53 -40.98
CA ILE J 63 14.60 -12.67 -39.96
C ILE J 63 14.04 -12.93 -38.55
N CYS J 64 14.91 -13.33 -37.63
CA CYS J 64 14.62 -13.31 -36.20
C CYS J 64 15.36 -12.12 -35.54
N SER J 65 14.67 -11.39 -34.68
CA SER J 65 15.21 -10.14 -34.13
C SER J 65 14.84 -9.87 -32.67
N VAL J 66 15.84 -9.45 -31.90
CA VAL J 66 15.66 -9.07 -30.50
C VAL J 66 15.83 -7.54 -30.31
N VAL J 67 16.35 -6.88 -31.34
CA VAL J 67 16.43 -5.42 -31.36
C VAL J 67 15.44 -4.86 -32.41
N PRO J 68 14.29 -4.33 -31.94
CA PRO J 68 13.22 -3.81 -32.80
C PRO J 68 13.54 -2.48 -33.51
N GLN J 69 14.70 -1.89 -33.22
CA GLN J 69 15.11 -0.66 -33.89
C GLN J 69 15.84 -0.97 -35.21
N VAL J 70 16.38 -2.19 -35.29
CA VAL J 70 17.00 -2.72 -36.51
C VAL J 70 15.91 -3.19 -37.50
N ASP J 71 14.73 -3.49 -36.96
CA ASP J 71 13.61 -4.10 -37.68
C ASP J 71 13.16 -3.46 -38.99
N TYR J 72 12.79 -2.18 -38.94
CA TYR J 72 12.21 -1.50 -40.11
C TYR J 72 13.17 -1.35 -41.29
N SER J 73 14.39 -0.92 -41.00
CA SER J 73 15.40 -0.67 -42.04
C SER J 73 15.94 -1.97 -42.66
N LEU J 74 15.94 -3.06 -41.89
CA LEU J 74 16.34 -4.38 -42.39
C LEU J 74 15.24 -4.98 -43.26
N ARG J 75 13.98 -4.67 -42.94
CA ARG J 75 12.83 -5.06 -43.75
C ARG J 75 12.87 -4.38 -45.12
N SER J 76 13.14 -3.09 -45.10
CA SER J 76 13.20 -2.26 -46.31
C SER J 76 14.33 -2.66 -47.26
N ALA J 77 15.47 -3.06 -46.69
CA ALA J 77 16.63 -3.50 -47.45
C ALA J 77 16.37 -4.85 -48.14
N CYS J 78 15.41 -5.60 -47.62
CA CYS J 78 15.01 -6.86 -48.22
C CYS J 78 14.07 -6.65 -49.41
N VAL J 79 13.11 -5.74 -49.25
CA VAL J 79 12.11 -5.49 -50.30
C VAL J 79 12.64 -4.63 -51.45
N LYS J 80 13.73 -3.90 -51.19
CA LYS J 80 14.32 -3.01 -52.19
C LYS J 80 15.47 -3.68 -52.93
N TYR J 81 16.48 -4.12 -52.18
CA TYR J 81 17.73 -4.60 -52.75
C TYR J 81 17.67 -6.08 -53.14
N PHE J 82 16.66 -6.79 -52.63
CA PHE J 82 16.51 -8.22 -52.88
C PHE J 82 15.13 -8.56 -53.45
N SER J 83 14.16 -7.68 -53.22
CA SER J 83 12.75 -7.84 -53.63
C SER J 83 12.03 -9.01 -52.92
N ILE J 84 12.66 -9.56 -51.89
CA ILE J 84 12.11 -10.66 -51.12
C ILE J 84 11.54 -10.11 -49.83
N ASP J 85 10.22 -10.14 -49.68
CA ASP J 85 9.56 -9.76 -48.44
C ASP J 85 9.86 -10.83 -47.39
N PRO J 86 10.63 -10.47 -46.34
CA PRO J 86 11.17 -11.49 -45.46
C PRO J 86 10.17 -12.05 -44.45
N PHE J 87 10.36 -13.33 -44.10
CA PHE J 87 9.64 -13.94 -42.99
C PHE J 87 10.16 -13.35 -41.69
N LEU J 88 9.24 -12.92 -40.83
CA LEU J 88 9.58 -12.42 -39.51
C LEU J 88 9.12 -13.41 -38.46
N LEU J 89 10.06 -13.93 -37.69
CA LEU J 89 9.72 -14.77 -36.54
C LEU J 89 9.24 -13.83 -35.44
N GLN J 90 7.92 -13.64 -35.42
CA GLN J 90 7.26 -12.68 -34.56
C GLN J 90 6.20 -13.39 -33.71
N ALA J 91 5.45 -12.58 -32.96
CA ALA J 91 4.32 -13.05 -32.18
C ALA J 91 3.20 -13.52 -33.11
N GLY J 92 2.84 -14.80 -32.98
CA GLY J 92 1.73 -15.36 -33.74
C GLY J 92 2.07 -16.44 -34.75
N VAL J 93 3.34 -16.52 -35.16
CA VAL J 93 3.73 -17.51 -36.17
C VAL J 93 3.79 -18.93 -35.58
N LYS J 94 3.70 -19.93 -36.45
CA LYS J 94 3.76 -21.34 -36.04
C LYS J 94 5.18 -21.68 -35.59
N THR J 95 5.27 -22.37 -34.46
CA THR J 95 6.55 -22.73 -33.85
C THR J 95 6.57 -24.22 -33.49
N GLY J 96 5.38 -24.76 -33.20
CA GLY J 96 5.23 -26.18 -32.86
C GLY J 96 5.70 -26.49 -31.45
N LEU J 97 5.44 -25.55 -30.54
CA LEU J 97 5.81 -25.74 -29.13
C LEU J 97 4.87 -24.99 -28.18
N ASN J 98 4.76 -25.52 -26.97
CA ASN J 98 3.95 -24.92 -25.91
C ASN J 98 4.74 -23.98 -25.01
N ILE J 99 4.63 -22.68 -25.27
CA ILE J 99 5.32 -21.69 -24.46
C ILE J 99 4.57 -21.49 -23.12
N LYS J 100 5.19 -21.99 -22.05
CA LYS J 100 4.63 -21.94 -20.70
C LYS J 100 4.96 -20.66 -19.95
N TYR J 101 5.24 -19.59 -20.69
CA TYR J 101 5.39 -18.26 -20.13
C TYR J 101 4.02 -17.67 -19.83
N ARG J 102 3.95 -16.85 -18.80
CA ARG J 102 2.74 -16.13 -18.41
C ARG J 102 2.30 -15.16 -19.50
N ASN J 103 3.28 -14.59 -20.19
CA ASN J 103 3.07 -13.90 -21.44
C ASN J 103 4.10 -14.44 -22.44
N PRO J 104 3.68 -15.36 -23.33
CA PRO J 104 4.53 -15.98 -24.36
C PRO J 104 5.21 -15.01 -25.34
N VAL J 105 4.66 -13.80 -25.47
CA VAL J 105 5.22 -12.74 -26.31
C VAL J 105 6.57 -12.21 -25.78
N GLU J 106 6.72 -12.20 -24.45
CA GLU J 106 7.93 -11.63 -23.88
CA GLU J 106 7.89 -11.72 -23.70
C GLU J 106 9.17 -12.55 -23.94
N VAL J 107 8.98 -13.78 -24.44
CA VAL J 107 10.10 -14.64 -24.82
C VAL J 107 10.68 -14.07 -26.09
N GLY J 108 11.99 -13.81 -26.08
CA GLY J 108 12.70 -13.25 -27.23
C GLY J 108 12.65 -14.18 -28.43
N ALA J 109 12.59 -13.59 -29.63
CA ALA J 109 12.52 -14.34 -30.88
C ALA J 109 13.73 -15.23 -31.12
N ASP J 110 14.81 -14.94 -30.39
CA ASP J 110 16.06 -15.68 -30.44
C ASP J 110 16.04 -16.94 -29.55
N ARG J 111 15.21 -16.90 -28.51
CA ARG J 111 15.04 -18.05 -27.63
CA ARG J 111 15.04 -18.05 -27.63
C ARG J 111 14.09 -19.07 -28.25
N ILE J 112 13.16 -18.58 -29.05
CA ILE J 112 12.21 -19.43 -29.76
C ILE J 112 12.95 -20.22 -30.85
N ALA J 113 13.87 -19.54 -31.55
CA ALA J 113 14.72 -20.13 -32.59
C ALA J 113 15.69 -21.21 -32.08
N ASN J 114 16.22 -21.01 -30.86
CA ASN J 114 17.09 -22.01 -30.23
C ASN J 114 16.32 -23.24 -29.77
N ALA J 115 15.10 -23.03 -29.31
CA ALA J 115 14.17 -24.08 -28.87
C ALA J 115 13.67 -24.96 -30.01
N ILE J 116 13.29 -24.32 -31.12
CA ILE J 116 12.78 -24.98 -32.33
C ILE J 116 13.81 -25.95 -32.91
N ALA J 117 15.05 -25.48 -33.01
CA ALA J 117 16.16 -26.26 -33.59
C ALA J 117 16.62 -27.43 -32.72
N ALA J 118 16.48 -27.29 -31.41
CA ALA J 118 16.89 -28.32 -30.46
C ALA J 118 15.88 -29.47 -30.45
N THR J 119 14.61 -29.13 -30.54
CA THR J 119 13.51 -30.11 -30.61
C THR J 119 13.43 -30.82 -31.97
N HIS J 120 14.03 -30.22 -32.98
CA HIS J 120 14.06 -30.80 -34.31
C HIS J 120 15.17 -31.83 -34.44
N SER J 121 16.38 -31.43 -34.03
CA SER J 121 17.57 -32.28 -34.08
C SER J 121 17.47 -33.42 -33.07
N PHE J 122 16.99 -33.12 -31.87
CA PHE J 122 16.86 -34.10 -30.80
C PHE J 122 15.40 -34.15 -30.34
N PRO J 123 14.58 -34.98 -31.00
CA PRO J 123 13.12 -34.88 -30.98
C PRO J 123 12.41 -35.34 -29.69
N ASN J 124 12.81 -36.49 -29.15
CA ASN J 124 12.12 -37.05 -27.98
C ASN J 124 12.89 -36.92 -26.66
N GLN J 125 13.44 -35.72 -26.41
CA GLN J 125 14.33 -35.48 -25.26
C GLN J 125 14.09 -34.16 -24.53
N ASN J 126 14.21 -34.21 -23.20
CA ASN J 126 14.25 -33.01 -22.34
C ASN J 126 15.53 -32.23 -22.59
N ILE J 127 15.42 -30.96 -22.95
CA ILE J 127 16.59 -30.16 -23.35
C ILE J 127 16.84 -28.88 -22.53
N ILE J 128 18.07 -28.76 -22.01
CA ILE J 128 18.59 -27.45 -21.61
C ILE J 128 19.42 -26.88 -22.78
N VAL J 129 19.15 -25.62 -23.14
CA VAL J 129 20.01 -24.93 -24.10
C VAL J 129 20.66 -23.69 -23.49
N ILE J 130 21.99 -23.72 -23.40
CA ILE J 130 22.77 -22.59 -22.94
C ILE J 130 23.22 -21.76 -24.13
N ASP J 131 22.79 -20.51 -24.20
CA ASP J 131 23.28 -19.58 -25.22
C ASP J 131 24.28 -18.63 -24.59
N PHE J 132 25.57 -18.89 -24.83
CA PHE J 132 26.63 -18.02 -24.35
C PHE J 132 26.80 -16.83 -25.30
N GLY J 133 25.96 -15.82 -25.11
CA GLY J 133 25.98 -14.63 -25.97
C GLY J 133 26.17 -13.36 -25.17
N THR J 134 25.45 -12.31 -25.60
CA THR J 134 25.34 -11.04 -24.88
C THR J 134 24.83 -11.31 -23.48
N ALA J 135 23.77 -12.10 -23.41
CA ALA J 135 23.33 -12.71 -22.17
C ALA J 135 23.66 -14.20 -22.23
N THR J 136 24.17 -14.72 -21.12
CA THR J 136 24.27 -16.16 -20.93
C THR J 136 22.90 -16.63 -20.46
N THR J 137 22.17 -17.31 -21.34
CA THR J 137 20.80 -17.71 -21.07
C THR J 137 20.68 -19.22 -20.90
N PHE J 138 19.65 -19.62 -20.14
CA PHE J 138 19.36 -21.01 -19.86
C PHE J 138 17.89 -21.28 -20.19
N CYS J 139 17.60 -22.39 -20.86
CA CYS J 139 16.23 -22.69 -21.29
C CYS J 139 15.83 -24.12 -21.05
N ALA J 140 14.73 -24.31 -20.32
CA ALA J 140 14.19 -25.63 -20.03
C ALA J 140 13.10 -25.97 -21.04
N ILE J 141 13.37 -26.96 -21.87
CA ILE J 141 12.39 -27.44 -22.84
C ILE J 141 12.12 -28.91 -22.58
N SER J 142 10.88 -29.26 -22.28
CA SER J 142 10.52 -30.66 -22.03
C SER J 142 10.41 -31.45 -23.32
N HIS J 143 10.39 -32.77 -23.19
CA HIS J 143 10.37 -33.70 -24.33
C HIS J 143 9.08 -33.64 -25.16
N LYS J 144 8.02 -33.10 -24.57
CA LYS J 144 6.77 -32.80 -25.28
C LYS J 144 6.76 -31.42 -25.94
N LYS J 145 7.96 -30.83 -26.06
CA LYS J 145 8.20 -29.49 -26.63
C LYS J 145 7.43 -28.38 -25.90
N ALA J 146 7.58 -28.35 -24.58
CA ALA J 146 7.04 -27.27 -23.79
C ALA J 146 8.20 -26.37 -23.35
N TYR J 147 8.17 -25.12 -23.81
CA TYR J 147 9.13 -24.12 -23.36
C TYR J 147 8.74 -23.69 -21.95
N LEU J 148 9.42 -24.25 -20.96
CA LEU J 148 9.05 -24.08 -19.56
C LEU J 148 9.49 -22.76 -18.96
N GLY J 149 10.47 -22.11 -19.59
CA GLY J 149 11.01 -20.85 -19.10
C GLY J 149 12.50 -20.94 -18.93
N GLY J 150 13.07 -20.09 -18.08
CA GLY J 150 14.47 -20.20 -17.73
C GLY J 150 15.12 -19.06 -16.98
N ALA J 151 16.44 -18.98 -17.11
CA ALA J 151 17.28 -18.02 -16.42
C ALA J 151 18.06 -17.16 -17.42
N ILE J 152 18.36 -15.92 -17.01
CA ILE J 152 19.17 -15.00 -17.82
C ILE J 152 20.28 -14.36 -16.97
N LEU J 153 21.53 -14.67 -17.32
CA LEU J 153 22.71 -14.05 -16.72
C LEU J 153 23.32 -13.05 -17.70
N PRO J 154 24.10 -12.06 -17.20
CA PRO J 154 24.89 -11.29 -18.15
C PRO J 154 26.01 -12.14 -18.74
N GLY J 155 26.36 -11.88 -20.00
CA GLY J 155 27.35 -12.69 -20.70
C GLY J 155 28.76 -12.39 -20.25
N LEU J 156 29.72 -13.12 -20.83
CA LEU J 156 31.13 -13.01 -20.47
C LEU J 156 31.73 -11.64 -20.81
N ARG J 157 31.26 -11.06 -21.91
CA ARG J 157 31.70 -9.74 -22.36
C ARG J 157 31.17 -8.63 -21.46
N LEU J 158 29.85 -8.62 -21.24
CA LEU J 158 29.18 -7.60 -20.42
C LEU J 158 29.59 -7.63 -18.95
N SER J 159 29.91 -8.83 -18.44
CA SER J 159 30.34 -9.01 -17.06
C SER J 159 31.71 -8.38 -16.81
N ALA J 160 32.67 -8.72 -17.68
CA ALA J 160 34.02 -8.16 -17.64
C ALA J 160 34.00 -6.66 -17.88
N ASP J 161 33.21 -6.22 -18.86
CA ASP J 161 33.11 -4.81 -19.20
C ASP J 161 32.37 -3.96 -18.18
N ALA J 162 31.48 -4.58 -17.40
CA ALA J 162 30.82 -3.90 -16.27
C ALA J 162 31.82 -3.55 -15.17
N LEU J 163 32.82 -4.40 -14.99
CA LEU J 163 33.85 -4.22 -13.97
C LEU J 163 34.79 -3.05 -14.26
N SER J 164 35.05 -2.79 -15.54
CA SER J 164 35.96 -1.73 -15.96
C SER J 164 35.27 -0.41 -16.31
N LYS J 165 33.94 -0.42 -16.39
CA LYS J 165 33.15 0.79 -16.66
C LYS J 165 32.64 1.47 -15.38
N ASN J 166 32.86 0.81 -14.25
CA ASN J 166 32.34 1.29 -12.96
C ASN J 166 33.40 1.48 -11.87
N THR J 167 34.61 0.97 -12.12
CA THR J 167 35.70 1.07 -11.16
C THR J 167 36.80 1.99 -11.67
N VAL J 173 39.69 -6.00 -20.28
CA VAL J 173 40.31 -7.31 -20.34
C VAL J 173 39.78 -8.10 -21.54
N GLU J 174 40.56 -9.08 -21.99
CA GLU J 174 40.15 -9.95 -23.08
C GLU J 174 39.89 -11.36 -22.54
N ILE J 175 38.77 -11.95 -22.96
CA ILE J 175 38.23 -13.17 -22.35
C ILE J 175 39.04 -14.44 -22.66
N ILE J 176 39.70 -14.98 -21.64
CA ILE J 176 40.52 -16.20 -21.78
C ILE J 176 40.10 -17.35 -20.85
N LYS J 177 40.39 -18.58 -21.29
CA LYS J 177 40.23 -19.77 -20.46
C LYS J 177 41.40 -19.80 -19.47
N THR J 178 41.13 -19.44 -18.22
CA THR J 178 42.17 -19.34 -17.21
C THR J 178 42.44 -20.72 -16.61
N GLU J 179 43.69 -20.95 -16.22
CA GLU J 179 44.12 -22.24 -15.68
C GLU J 179 44.12 -22.29 -14.15
N SER J 180 44.10 -21.12 -13.52
CA SER J 180 44.13 -21.01 -12.08
C SER J 180 43.23 -19.87 -11.59
N VAL J 181 42.68 -20.05 -10.38
CA VAL J 181 41.81 -19.06 -9.77
C VAL J 181 42.58 -17.96 -9.06
N VAL J 182 43.75 -18.31 -8.57
CA VAL J 182 44.62 -17.36 -7.86
C VAL J 182 45.20 -16.37 -8.89
N GLY J 183 44.66 -15.16 -8.85
CA GLY J 183 45.15 -14.08 -9.69
C GLY J 183 46.17 -13.27 -8.92
N ARG J 184 47.35 -13.13 -9.50
CA ARG J 184 48.42 -12.32 -8.92
C ARG J 184 48.59 -11.03 -9.72
N SER J 185 47.49 -10.60 -10.33
CA SER J 185 47.37 -9.34 -11.06
C SER J 185 45.90 -8.98 -11.05
N THR J 186 45.59 -7.72 -11.38
CA THR J 186 44.21 -7.25 -11.53
C THR J 186 43.59 -7.87 -12.79
N ILE J 187 44.41 -8.01 -13.83
CA ILE J 187 44.04 -8.61 -15.10
C ILE J 187 43.72 -10.10 -14.90
N GLU J 188 44.56 -10.79 -14.13
CA GLU J 188 44.35 -12.21 -13.85
C GLU J 188 43.16 -12.44 -12.92
N SER J 189 42.85 -11.46 -12.08
CA SER J 189 41.72 -11.54 -11.15
C SER J 189 40.36 -11.40 -11.83
N ILE J 190 40.27 -10.53 -12.84
CA ILE J 190 39.05 -10.38 -13.64
C ILE J 190 38.89 -11.57 -14.60
N GLN J 191 40.01 -12.13 -15.07
CA GLN J 191 40.01 -13.34 -15.88
C GLN J 191 39.59 -14.61 -15.11
N SER J 192 39.97 -14.69 -13.84
CA SER J 192 39.74 -15.90 -13.02
C SER J 192 38.40 -15.89 -12.31
N GLY J 193 37.77 -14.72 -12.27
CA GLY J 193 36.44 -14.58 -11.69
C GLY J 193 35.39 -14.85 -12.73
N VAL J 194 35.57 -14.27 -13.92
CA VAL J 194 34.63 -14.38 -15.04
C VAL J 194 34.61 -15.79 -15.63
N TYR J 195 35.76 -16.45 -15.69
CA TYR J 195 35.83 -17.81 -16.24
C TYR J 195 35.21 -18.85 -15.29
N TYR J 196 35.71 -18.93 -14.06
CA TYR J 196 35.25 -19.92 -13.10
C TYR J 196 33.91 -19.52 -12.48
N GLY J 197 33.54 -18.25 -12.64
CA GLY J 197 32.24 -17.76 -12.20
C GLY J 197 31.11 -18.23 -13.09
N VAL J 198 31.31 -18.12 -14.40
CA VAL J 198 30.33 -18.63 -15.38
C VAL J 198 30.34 -20.15 -15.39
N LEU J 199 31.50 -20.75 -15.14
CA LEU J 199 31.63 -22.21 -15.02
C LEU J 199 30.80 -22.77 -13.87
N GLY J 200 30.83 -22.07 -12.73
CA GLY J 200 30.02 -22.42 -11.59
C GLY J 200 28.57 -22.01 -11.74
N ALA J 201 28.33 -20.90 -12.43
CA ALA J 201 26.98 -20.41 -12.73
C ALA J 201 26.21 -21.44 -13.56
N CYS J 202 26.89 -21.98 -14.57
CA CYS J 202 26.37 -23.07 -15.37
C CYS J 202 26.08 -24.30 -14.52
N LYS J 203 27.09 -24.78 -13.79
CA LYS J 203 26.97 -25.94 -12.89
C LYS J 203 25.81 -25.84 -11.90
N GLU J 204 25.53 -24.63 -11.42
CA GLU J 204 24.40 -24.39 -10.53
C GLU J 204 23.08 -24.32 -11.29
N LEU J 205 23.04 -23.55 -12.38
CA LEU J 205 21.81 -23.40 -13.15
C LEU J 205 21.43 -24.64 -13.97
N ILE J 206 22.40 -25.50 -14.24
CA ILE J 206 22.13 -26.80 -14.85
C ILE J 206 21.53 -27.74 -13.80
N GLN J 207 22.18 -27.86 -12.64
CA GLN J 207 21.75 -28.80 -11.61
C GLN J 207 20.44 -28.41 -10.91
N ARG J 208 20.12 -27.12 -10.90
CA ARG J 208 18.87 -26.64 -10.32
C ARG J 208 17.67 -26.83 -11.24
N ILE J 209 17.86 -26.58 -12.55
CA ILE J 209 16.81 -26.79 -13.55
C ILE J 209 16.46 -28.27 -13.69
N HIS J 210 17.50 -29.11 -13.71
CA HIS J 210 17.37 -30.57 -13.77
C HIS J 210 16.49 -31.16 -12.67
N HIS J 211 16.59 -30.59 -11.46
CA HIS J 211 15.82 -31.02 -10.31
C HIS J 211 14.43 -30.34 -10.25
N GLU J 212 14.32 -29.13 -10.82
CA GLU J 212 13.05 -28.38 -10.81
C GLU J 212 12.12 -28.67 -11.97
N ALA J 213 12.66 -28.57 -13.20
CA ALA J 213 11.82 -28.52 -14.39
C ALA J 213 11.52 -29.92 -14.91
N PHE J 214 12.41 -30.86 -14.62
CA PHE J 214 12.25 -32.24 -15.04
C PHE J 214 12.27 -33.20 -13.86
N ASN J 215 13.22 -32.98 -12.95
CA ASN J 215 13.05 -33.35 -11.55
C ASN J 215 13.73 -34.67 -11.21
N GLY J 216 14.78 -34.99 -11.96
CA GLY J 216 15.51 -36.24 -11.76
C GLY J 216 15.79 -36.96 -13.05
N ASP J 217 15.02 -36.64 -14.09
CA ASP J 217 15.00 -37.44 -15.32
CA ASP J 217 15.00 -37.43 -15.32
C ASP J 217 16.09 -37.03 -16.31
N GLN J 218 16.31 -37.89 -17.31
CA GLN J 218 17.32 -37.70 -18.36
C GLN J 218 17.19 -36.36 -19.08
N ILE J 219 18.32 -35.67 -19.24
CA ILE J 219 18.36 -34.37 -19.91
C ILE J 219 19.46 -34.30 -20.96
N LEU J 220 19.27 -33.43 -21.95
CA LEU J 220 20.28 -33.19 -22.96
C LEU J 220 20.68 -31.72 -22.98
N ILE J 221 21.91 -31.44 -22.59
CA ILE J 221 22.40 -30.08 -22.49
C ILE J 221 23.10 -29.67 -23.79
N LEU J 222 22.62 -28.59 -24.40
CA LEU J 222 23.15 -28.07 -25.65
C LEU J 222 23.77 -26.70 -25.43
N ALA J 223 24.87 -26.43 -26.12
CA ALA J 223 25.53 -25.12 -26.04
C ALA J 223 25.59 -24.40 -27.40
N THR J 224 25.46 -23.08 -27.34
CA THR J 224 25.55 -22.23 -28.52
C THR J 224 26.09 -20.83 -28.16
N GLY J 225 26.34 -20.00 -29.17
CA GLY J 225 26.92 -18.67 -28.95
C GLY J 225 28.44 -18.65 -29.05
N GLY J 226 29.01 -17.45 -28.99
CA GLY J 226 30.44 -17.25 -29.19
C GLY J 226 31.36 -17.59 -28.03
N PHE J 227 30.84 -17.45 -26.81
CA PHE J 227 31.61 -17.72 -25.59
C PHE J 227 31.45 -19.15 -25.10
N ALA J 228 30.78 -19.96 -25.91
CA ALA J 228 30.50 -21.37 -25.60
C ALA J 228 31.74 -22.24 -25.71
N SER J 229 32.65 -21.84 -26.60
CA SER J 229 33.83 -22.61 -27.00
C SER J 229 34.77 -22.97 -25.85
N LEU J 230 34.84 -22.06 -24.86
CA LEU J 230 35.82 -22.14 -23.77
C LEU J 230 35.57 -23.24 -22.73
N PHE J 231 34.33 -23.75 -22.69
CA PHE J 231 33.90 -24.69 -21.65
C PHE J 231 33.71 -26.14 -22.12
N ASP J 232 34.54 -26.57 -23.07
CA ASP J 232 34.45 -27.91 -23.64
C ASP J 232 35.17 -28.96 -22.78
N LYS J 233 36.05 -28.50 -21.90
CA LYS J 233 36.90 -29.37 -21.09
C LYS J 233 36.20 -29.89 -19.82
N GLN J 234 35.30 -29.07 -19.27
CA GLN J 234 34.75 -29.31 -17.92
C GLN J 234 33.55 -30.25 -17.85
N GLY J 235 33.23 -30.92 -18.97
CA GLY J 235 32.09 -31.83 -19.07
C GLY J 235 30.78 -31.15 -18.71
N LEU J 236 30.57 -29.97 -19.29
CA LEU J 236 29.47 -29.09 -18.90
C LEU J 236 28.23 -29.32 -19.76
N TYR J 237 28.42 -29.33 -21.06
CA TYR J 237 27.35 -29.60 -22.01
C TYR J 237 27.65 -30.85 -22.83
N ASP J 238 26.64 -31.33 -23.54
CA ASP J 238 26.76 -32.56 -24.34
C ASP J 238 27.13 -32.27 -25.78
N HIS J 239 26.43 -31.33 -26.41
CA HIS J 239 26.72 -30.95 -27.79
C HIS J 239 26.88 -29.43 -27.95
N LEU J 240 27.84 -29.04 -28.78
CA LEU J 240 28.05 -27.63 -29.10
C LEU J 240 27.58 -27.37 -30.53
N VAL J 241 26.42 -26.72 -30.65
CA VAL J 241 25.84 -26.41 -31.95
C VAL J 241 25.94 -24.90 -32.16
N PRO J 242 26.97 -24.44 -32.90
CA PRO J 242 27.25 -23.00 -33.03
C PRO J 242 26.24 -22.27 -33.92
N ASP J 243 25.51 -23.02 -34.74
CA ASP J 243 24.60 -22.46 -35.72
C ASP J 243 23.13 -22.66 -35.33
N LEU J 244 22.92 -23.15 -34.10
CA LEU J 244 21.59 -23.51 -33.59
C LEU J 244 20.48 -22.47 -33.80
N VAL J 245 20.80 -21.18 -33.61
CA VAL J 245 19.84 -20.11 -33.89
C VAL J 245 19.47 -20.01 -35.38
N LEU J 246 20.47 -20.05 -36.26
CA LEU J 246 20.26 -19.93 -37.72
C LEU J 246 19.43 -21.07 -38.29
N GLN J 247 19.68 -22.29 -37.81
CA GLN J 247 18.90 -23.48 -38.17
C GLN J 247 17.43 -23.33 -37.77
N GLY J 248 17.19 -22.77 -36.58
CA GLY J 248 15.84 -22.60 -36.04
C GLY J 248 15.09 -21.40 -36.58
N ILE J 249 15.81 -20.49 -37.22
CA ILE J 249 15.20 -19.41 -37.99
C ILE J 249 14.70 -20.01 -39.32
N ARG J 250 15.49 -20.93 -39.87
CA ARG J 250 15.15 -21.62 -41.11
C ARG J 250 13.92 -22.50 -40.91
N LEU J 251 13.92 -23.25 -39.81
CA LEU J 251 12.86 -24.20 -39.48
C LEU J 251 11.49 -23.58 -39.27
N ALA J 252 11.48 -22.39 -38.65
CA ALA J 252 10.24 -21.65 -38.41
C ALA J 252 9.68 -21.03 -39.68
N ALA J 253 10.55 -20.77 -40.65
CA ALA J 253 10.16 -20.29 -41.98
C ALA J 253 9.61 -21.45 -42.81
N MET J 254 10.09 -22.66 -42.50
CA MET J 254 9.67 -23.89 -43.13
C MET J 254 8.29 -24.33 -42.63
N MET J 255 8.00 -24.02 -41.35
CA MET J 255 6.71 -24.33 -40.73
C MET J 255 5.61 -23.40 -41.21
N ASN J 256 6.01 -22.20 -41.62
CA ASN J 256 5.06 -21.18 -42.06
C ASN J 256 5.21 -20.97 -43.56
N THR J 257 4.71 -19.81 -44.03
CA THR J 257 4.82 -19.33 -45.43
C THR J 257 5.02 -20.39 -46.53
N LEU K 3 53.57 -7.76 -54.03
CA LEU K 3 52.49 -6.87 -53.52
C LEU K 3 52.13 -7.18 -52.07
N ILE K 4 52.38 -6.20 -51.19
CA ILE K 4 52.11 -6.34 -49.75
C ILE K 4 51.12 -5.27 -49.25
N LEU K 5 50.10 -5.71 -48.51
CA LEU K 5 49.17 -4.78 -47.86
C LEU K 5 49.55 -4.55 -46.40
N CYS K 6 50.01 -3.34 -46.13
CA CYS K 6 50.43 -2.92 -44.80
C CYS K 6 49.38 -2.05 -44.11
N ILE K 7 49.01 -2.42 -42.88
CA ILE K 7 47.96 -1.74 -42.13
C ILE K 7 48.48 -1.24 -40.78
N ASP K 8 48.27 0.05 -40.52
CA ASP K 8 48.52 0.63 -39.21
C ASP K 8 47.18 0.89 -38.52
N VAL K 9 47.00 0.32 -37.33
CA VAL K 9 45.76 0.51 -36.58
C VAL K 9 45.98 1.49 -35.43
N GLY K 10 45.56 2.74 -35.62
CA GLY K 10 45.67 3.79 -34.60
C GLY K 10 44.40 4.07 -33.84
N ASN K 11 44.44 5.04 -32.93
CA ASN K 11 43.32 5.33 -32.03
C ASN K 11 42.10 6.01 -32.67
N SER K 12 42.32 6.73 -33.77
CA SER K 12 41.24 7.41 -34.50
C SER K 12 41.05 6.87 -35.92
N HIS K 13 42.10 6.27 -36.48
CA HIS K 13 42.09 5.77 -37.86
C HIS K 13 42.78 4.43 -38.03
N ILE K 14 42.26 3.63 -38.96
CA ILE K 14 43.00 2.52 -39.56
C ILE K 14 43.66 3.07 -40.83
N TYR K 15 44.97 3.11 -40.85
CA TYR K 15 45.72 3.63 -42.00
C TYR K 15 46.39 2.48 -42.74
N GLY K 16 46.04 2.32 -44.02
CA GLY K 16 46.53 1.22 -44.82
C GLY K 16 47.25 1.70 -46.07
N GLY K 17 48.09 0.83 -46.63
CA GLY K 17 48.85 1.15 -47.82
C GLY K 17 49.30 -0.10 -48.56
N VAL K 18 49.29 -0.05 -49.90
CA VAL K 18 49.78 -1.16 -50.71
C VAL K 18 51.04 -0.78 -51.49
N PHE K 19 52.07 -1.60 -51.30
CA PHE K 19 53.39 -1.41 -51.89
C PHE K 19 53.58 -2.35 -53.08
N ASP K 20 54.27 -1.86 -54.09
CA ASP K 20 54.84 -2.73 -55.11
C ASP K 20 56.34 -2.77 -54.85
N GLY K 21 56.71 -3.58 -53.85
CA GLY K 21 58.09 -3.61 -53.36
C GLY K 21 58.34 -2.42 -52.45
N ASP K 22 59.16 -1.49 -52.91
CA ASP K 22 59.57 -0.33 -52.14
C ASP K 22 58.61 0.86 -52.27
N GLU K 23 58.06 1.08 -53.47
CA GLU K 23 57.19 2.23 -53.73
C GLU K 23 55.71 1.96 -53.45
N ILE K 24 54.99 3.03 -53.10
CA ILE K 24 53.57 2.94 -52.76
C ILE K 24 52.72 3.39 -53.95
N LYS K 25 51.75 2.56 -54.31
CA LYS K 25 50.84 2.88 -55.40
C LYS K 25 49.42 3.20 -54.93
N LEU K 26 49.12 2.89 -53.66
CA LEU K 26 47.81 3.16 -53.07
C LEU K 26 47.88 3.27 -51.54
N ARG K 27 47.22 4.30 -51.00
CA ARG K 27 47.00 4.43 -49.56
C ARG K 27 45.51 4.66 -49.26
N PHE K 28 45.07 4.24 -48.09
CA PHE K 28 43.66 4.41 -47.69
C PHE K 28 43.45 4.61 -46.19
N ARG K 29 42.20 4.87 -45.81
CA ARG K 29 41.84 5.13 -44.42
C ARG K 29 40.46 4.59 -44.08
N HIS K 30 40.35 3.99 -42.90
CA HIS K 30 39.09 3.53 -42.31
C HIS K 30 39.06 4.16 -40.91
N THR K 31 37.89 4.17 -40.29
CA THR K 31 37.79 4.63 -38.91
C THR K 31 38.04 3.45 -37.97
N SER K 32 38.77 3.70 -36.88
CA SER K 32 38.97 2.68 -35.87
C SER K 32 37.79 2.67 -34.90
N LYS K 33 36.85 1.78 -35.19
CA LYS K 33 35.66 1.58 -34.36
C LYS K 33 35.54 0.10 -34.02
N VAL K 34 34.46 -0.25 -33.33
CA VAL K 34 34.06 -1.65 -33.22
C VAL K 34 33.49 -2.11 -34.56
N SER K 35 34.17 -3.05 -35.20
CA SER K 35 33.74 -3.62 -36.48
C SER K 35 33.82 -5.14 -36.43
N THR K 36 33.35 -5.79 -37.49
CA THR K 36 33.47 -7.23 -37.60
CA THR K 36 33.45 -7.24 -37.62
C THR K 36 34.44 -7.59 -38.73
N SER K 37 34.82 -8.87 -38.80
CA SER K 37 35.71 -9.39 -39.84
C SER K 37 35.09 -9.31 -41.24
N ASP K 38 33.76 -9.35 -41.29
CA ASP K 38 33.02 -9.29 -42.55
C ASP K 38 32.92 -7.87 -43.09
N GLU K 39 32.57 -6.92 -42.22
CA GLU K 39 32.59 -5.50 -42.54
C GLU K 39 33.98 -5.03 -42.97
N LEU K 40 34.98 -5.40 -42.19
CA LEU K 40 36.37 -5.05 -42.48
C LEU K 40 36.89 -5.71 -43.75
N GLY K 41 36.47 -6.95 -44.00
CA GLY K 41 36.86 -7.67 -45.21
C GLY K 41 36.16 -7.22 -46.48
N ILE K 42 34.92 -6.71 -46.35
CA ILE K 42 34.20 -6.10 -47.46
C ILE K 42 34.87 -4.79 -47.82
N PHE K 43 35.08 -3.94 -46.81
CA PHE K 43 35.74 -2.65 -46.98
C PHE K 43 37.11 -2.81 -47.65
N LEU K 44 37.91 -3.75 -47.17
CA LEU K 44 39.27 -3.99 -47.67
C LEU K 44 39.30 -4.46 -49.12
N LYS K 45 38.44 -5.42 -49.46
CA LYS K 45 38.34 -5.92 -50.84
C LYS K 45 37.79 -4.85 -51.79
N SER K 46 36.94 -3.99 -51.24
CA SER K 46 36.29 -2.90 -51.97
C SER K 46 37.20 -1.70 -52.19
N VAL K 47 37.94 -1.33 -51.17
CA VAL K 47 38.86 -0.19 -51.21
C VAL K 47 40.06 -0.41 -52.14
N LEU K 48 40.35 -1.68 -52.40
CA LEU K 48 41.42 -2.06 -53.31
C LEU K 48 40.94 -2.01 -54.75
N ARG K 49 39.88 -2.77 -55.02
CA ARG K 49 39.34 -2.95 -56.37
CA ARG K 49 39.33 -2.96 -56.37
C ARG K 49 38.90 -1.64 -57.01
N GLU K 50 38.16 -0.82 -56.26
CA GLU K 50 37.68 0.49 -56.75
C GLU K 50 38.81 1.51 -56.96
N ASN K 51 39.99 1.19 -56.44
CA ASN K 51 41.20 1.97 -56.70
C ASN K 51 42.16 1.23 -57.63
N ASN K 52 41.60 0.34 -58.45
CA ASN K 52 42.29 -0.42 -59.51
C ASN K 52 43.39 -1.44 -59.12
N CYS K 53 43.49 -1.72 -57.82
CA CYS K 53 44.32 -2.80 -57.32
C CYS K 53 43.41 -3.99 -57.04
N SER K 54 43.47 -5.01 -57.87
CA SER K 54 42.59 -6.16 -57.66
C SER K 54 43.04 -6.98 -56.44
N PRO K 55 42.10 -7.24 -55.51
CA PRO K 55 42.29 -8.00 -54.25
C PRO K 55 43.17 -9.25 -54.35
N GLU K 56 43.09 -9.98 -55.47
CA GLU K 56 43.81 -11.25 -55.67
C GLU K 56 45.32 -11.07 -55.84
N THR K 57 45.76 -9.84 -56.12
CA THR K 57 47.17 -9.53 -56.34
C THR K 57 47.96 -9.42 -55.02
N ILE K 58 47.25 -9.26 -53.90
CA ILE K 58 47.87 -9.13 -52.58
C ILE K 58 48.39 -10.50 -52.09
N ARG K 59 49.70 -10.59 -51.91
CA ARG K 59 50.37 -11.85 -51.54
C ARG K 59 50.85 -11.90 -50.10
N LYS K 60 51.00 -10.73 -49.48
CA LYS K 60 51.42 -10.62 -48.09
C LYS K 60 50.58 -9.56 -47.39
N ILE K 61 50.26 -9.78 -46.13
CA ILE K 61 49.63 -8.76 -45.30
C ILE K 61 50.45 -8.59 -44.01
N ALA K 62 50.72 -7.34 -43.66
CA ALA K 62 51.48 -7.02 -42.46
C ALA K 62 50.77 -5.96 -41.60
N ILE K 63 50.59 -6.28 -40.32
CA ILE K 63 49.78 -5.45 -39.42
C ILE K 63 50.57 -4.95 -38.20
N CYS K 64 50.47 -3.65 -37.95
CA CYS K 64 50.93 -3.06 -36.70
C CYS K 64 49.74 -2.38 -36.03
N SER K 65 49.58 -2.61 -34.73
CA SER K 65 48.41 -2.11 -34.04
C SER K 65 48.67 -1.62 -32.62
N VAL K 66 47.89 -0.63 -32.22
CA VAL K 66 47.97 -0.05 -30.89
C VAL K 66 46.58 -0.09 -30.21
N VAL K 67 45.56 -0.46 -30.97
CA VAL K 67 44.20 -0.67 -30.43
C VAL K 67 43.85 -2.17 -30.47
N PRO K 68 44.01 -2.86 -29.33
CA PRO K 68 43.88 -4.33 -29.20
C PRO K 68 42.50 -4.90 -29.54
N GLN K 69 41.46 -4.06 -29.49
CA GLN K 69 40.09 -4.48 -29.74
C GLN K 69 39.66 -4.49 -31.22
N VAL K 70 40.56 -4.00 -32.08
CA VAL K 70 40.35 -4.02 -33.54
C VAL K 70 41.13 -5.19 -34.17
N ASP K 71 42.06 -5.74 -33.38
CA ASP K 71 43.06 -6.69 -33.89
C ASP K 71 42.51 -8.05 -34.28
N TYR K 72 41.55 -8.54 -33.51
CA TYR K 72 41.02 -9.89 -33.73
C TYR K 72 40.23 -9.98 -35.03
N SER K 73 39.36 -9.01 -35.26
CA SER K 73 38.49 -8.98 -36.43
C SER K 73 39.22 -8.62 -37.71
N LEU K 74 40.28 -7.82 -37.57
CA LEU K 74 41.12 -7.47 -38.72
C LEU K 74 42.06 -8.61 -39.14
N ARG K 75 42.56 -9.37 -38.16
CA ARG K 75 43.32 -10.60 -38.42
C ARG K 75 42.46 -11.65 -39.12
N SER K 76 41.22 -11.78 -38.65
CA SER K 76 40.26 -12.79 -39.14
C SER K 76 39.76 -12.45 -40.55
N ALA K 77 39.67 -11.15 -40.83
CA ALA K 77 39.29 -10.62 -42.15
C ALA K 77 40.27 -11.01 -43.25
N CYS K 78 41.51 -11.30 -42.85
CA CYS K 78 42.57 -11.61 -43.79
C CYS K 78 42.61 -13.10 -44.14
N VAL K 79 42.32 -13.98 -43.19
CA VAL K 79 42.20 -15.41 -43.50
C VAL K 79 40.90 -15.72 -44.27
N LYS K 80 39.81 -15.04 -43.94
CA LYS K 80 38.53 -15.25 -44.62
C LYS K 80 38.46 -14.65 -46.03
N TYR K 81 38.91 -13.40 -46.17
CA TYR K 81 38.74 -12.67 -47.43
C TYR K 81 39.99 -12.62 -48.33
N PHE K 82 41.16 -12.93 -47.76
CA PHE K 82 42.42 -12.89 -48.53
C PHE K 82 43.21 -14.18 -48.46
N SER K 83 42.83 -15.05 -47.51
CA SER K 83 43.55 -16.30 -47.19
C SER K 83 45.02 -16.06 -46.84
N ILE K 84 45.26 -15.07 -46.00
CA ILE K 84 46.58 -14.71 -45.50
C ILE K 84 46.49 -14.50 -43.98
N ASP K 85 47.25 -15.27 -43.21
CA ASP K 85 47.40 -14.97 -41.79
C ASP K 85 48.49 -13.90 -41.68
N PRO K 86 48.11 -12.67 -41.28
CA PRO K 86 49.02 -11.53 -41.38
C PRO K 86 50.18 -11.58 -40.40
N PHE K 87 51.30 -10.98 -40.79
CA PHE K 87 52.39 -10.67 -39.87
C PHE K 87 51.87 -9.69 -38.84
N LEU K 88 52.12 -9.98 -37.57
CA LEU K 88 51.74 -9.09 -36.49
C LEU K 88 52.97 -8.51 -35.83
N LEU K 89 53.08 -7.18 -35.88
CA LEU K 89 54.15 -6.45 -35.21
C LEU K 89 53.85 -6.37 -33.73
N GLN K 90 54.14 -7.48 -33.06
CA GLN K 90 53.89 -7.69 -31.63
C GLN K 90 55.20 -7.71 -30.88
N ALA K 91 55.10 -7.59 -29.56
CA ALA K 91 56.24 -7.72 -28.66
C ALA K 91 56.95 -9.05 -28.88
N GLY K 92 58.23 -8.97 -29.20
CA GLY K 92 59.06 -10.17 -29.35
C GLY K 92 59.61 -10.48 -30.72
N VAL K 93 58.99 -9.93 -31.78
CA VAL K 93 59.44 -10.14 -33.16
C VAL K 93 60.76 -9.40 -33.40
N LYS K 94 61.45 -9.74 -34.49
CA LYS K 94 62.68 -9.01 -34.84
C LYS K 94 62.37 -7.59 -35.27
N THR K 95 63.00 -6.65 -34.56
CA THR K 95 62.86 -5.22 -34.81
C THR K 95 64.21 -4.62 -35.20
N GLY K 96 65.28 -5.16 -34.61
CA GLY K 96 66.64 -4.70 -34.88
C GLY K 96 67.10 -3.56 -33.98
N LEU K 97 66.27 -3.19 -33.01
CA LEU K 97 66.58 -2.06 -32.13
C LEU K 97 66.50 -2.32 -30.63
N ASN K 98 67.44 -1.72 -29.90
CA ASN K 98 67.52 -1.80 -28.44
C ASN K 98 66.50 -0.91 -27.74
N ILE K 99 65.39 -1.51 -27.30
CA ILE K 99 64.36 -0.75 -26.61
C ILE K 99 64.74 -0.50 -25.14
N LYS K 100 65.21 0.72 -24.87
CA LYS K 100 65.74 1.15 -23.56
C LYS K 100 64.68 1.60 -22.55
N TYR K 101 63.41 1.32 -22.83
CA TYR K 101 62.33 1.51 -21.86
C TYR K 101 62.51 0.56 -20.67
N ARG K 102 61.90 0.91 -19.55
CA ARG K 102 61.93 0.07 -18.35
C ARG K 102 61.22 -1.26 -18.63
N ASN K 103 59.96 -1.17 -19.05
CA ASN K 103 59.20 -2.31 -19.54
CA ASN K 103 59.22 -2.32 -19.54
C ASN K 103 58.97 -2.14 -21.05
N PRO K 104 59.86 -2.70 -21.90
CA PRO K 104 59.83 -2.52 -23.37
C PRO K 104 58.54 -2.86 -24.14
N VAL K 105 57.60 -3.54 -23.48
CA VAL K 105 56.29 -3.85 -24.07
C VAL K 105 55.40 -2.61 -24.11
N GLU K 106 55.69 -1.63 -23.23
CA GLU K 106 54.95 -0.35 -23.14
C GLU K 106 54.97 0.46 -24.43
N VAL K 107 56.13 0.47 -25.10
CA VAL K 107 56.31 1.17 -26.37
C VAL K 107 55.39 0.55 -27.40
N GLY K 108 54.53 1.39 -27.97
CA GLY K 108 53.56 0.97 -28.96
C GLY K 108 54.21 0.50 -30.24
N ALA K 109 53.48 -0.35 -30.96
CA ALA K 109 53.93 -0.87 -32.25
C ALA K 109 54.14 0.25 -33.27
N ASP K 110 53.36 1.34 -33.13
CA ASP K 110 53.49 2.53 -34.00
C ASP K 110 54.81 3.27 -33.83
N ARG K 111 55.30 3.33 -32.59
CA ARG K 111 56.56 3.98 -32.25
C ARG K 111 57.76 3.16 -32.71
N ILE K 112 57.60 1.84 -32.64
CA ILE K 112 58.60 0.88 -33.12
C ILE K 112 58.69 0.89 -34.65
N ALA K 113 57.54 0.88 -35.33
CA ALA K 113 57.45 0.93 -36.80
C ALA K 113 58.12 2.17 -37.41
N ASN K 114 57.91 3.31 -36.77
CA ASN K 114 58.54 4.56 -37.17
C ASN K 114 60.06 4.55 -36.99
N ALA K 115 60.51 3.94 -35.89
CA ALA K 115 61.93 3.85 -35.52
C ALA K 115 62.73 2.91 -36.43
N ILE K 116 62.11 1.78 -36.78
CA ILE K 116 62.67 0.84 -37.75
C ILE K 116 62.84 1.52 -39.12
N ALA K 117 61.80 2.26 -39.55
CA ALA K 117 61.84 2.97 -40.83
C ALA K 117 62.79 4.17 -40.84
N ALA K 118 62.85 4.90 -39.72
CA ALA K 118 63.76 6.04 -39.57
C ALA K 118 65.23 5.63 -39.63
N THR K 119 65.57 4.50 -39.01
CA THR K 119 66.95 4.01 -38.96
C THR K 119 67.36 3.14 -40.16
N HIS K 120 66.41 2.82 -41.02
CA HIS K 120 66.69 2.14 -42.27
C HIS K 120 67.00 3.16 -43.34
N SER K 121 66.27 4.27 -43.31
CA SER K 121 66.36 5.32 -44.32
C SER K 121 67.50 6.28 -44.03
N PHE K 122 67.75 6.54 -42.75
CA PHE K 122 68.84 7.42 -42.31
C PHE K 122 69.69 6.72 -41.25
N PRO K 123 70.51 5.73 -41.69
CA PRO K 123 71.05 4.64 -40.87
C PRO K 123 71.88 5.00 -39.62
N ASN K 124 73.05 5.60 -39.80
CA ASN K 124 73.98 5.80 -38.70
C ASN K 124 73.83 7.18 -38.02
N GLN K 125 72.60 7.56 -37.68
CA GLN K 125 72.30 8.91 -37.17
C GLN K 125 71.37 8.94 -35.96
N ASN K 126 71.60 9.91 -35.07
CA ASN K 126 70.66 10.22 -33.99
C ASN K 126 69.43 10.90 -34.58
N ILE K 127 68.24 10.44 -34.22
CA ILE K 127 67.00 10.92 -34.86
C ILE K 127 65.90 11.26 -33.85
N ILE K 128 65.28 12.44 -34.03
CA ILE K 128 64.01 12.77 -33.37
C ILE K 128 62.89 12.58 -34.39
N VAL K 129 62.08 11.55 -34.21
CA VAL K 129 60.88 11.39 -35.03
C VAL K 129 59.67 11.99 -34.29
N ILE K 130 59.05 12.99 -34.94
CA ILE K 130 57.84 13.60 -34.42
C ILE K 130 56.65 13.06 -35.19
N ASP K 131 55.61 12.66 -34.47
CA ASP K 131 54.40 12.13 -35.09
C ASP K 131 53.21 12.99 -34.73
N PHE K 132 52.79 13.83 -35.67
CA PHE K 132 51.65 14.70 -35.51
C PHE K 132 50.37 13.91 -35.80
N GLY K 133 49.91 13.14 -34.82
CA GLY K 133 48.76 12.25 -35.02
C GLY K 133 47.62 12.49 -34.03
N THR K 134 47.16 11.41 -33.38
CA THR K 134 46.20 11.51 -32.28
C THR K 134 46.87 12.30 -31.16
N ALA K 135 48.10 11.90 -30.84
CA ALA K 135 48.97 12.61 -29.93
C ALA K 135 50.19 13.06 -30.74
N THR K 136 50.81 14.16 -30.32
CA THR K 136 52.09 14.56 -30.89
C THR K 136 53.21 13.90 -30.08
N THR K 137 53.88 12.95 -30.71
CA THR K 137 54.90 12.13 -30.03
CA THR K 137 54.90 12.14 -30.03
C THR K 137 56.32 12.55 -30.46
N PHE K 138 57.26 12.48 -29.52
CA PHE K 138 58.66 12.79 -29.78
C PHE K 138 59.48 11.59 -29.34
N CYS K 139 60.10 10.89 -30.29
CA CYS K 139 60.90 9.70 -29.98
C CYS K 139 62.38 9.92 -30.24
N ALA K 140 63.20 9.58 -29.24
CA ALA K 140 64.65 9.66 -29.36
C ALA K 140 65.25 8.29 -29.70
N ILE K 141 66.02 8.25 -30.79
CA ILE K 141 66.71 7.04 -31.24
C ILE K 141 68.16 7.41 -31.51
N SER K 142 69.10 6.64 -30.97
CA SER K 142 70.51 6.92 -31.17
C SER K 142 71.05 6.31 -32.46
N HIS K 143 72.22 6.77 -32.89
CA HIS K 143 72.95 6.20 -34.04
C HIS K 143 73.31 4.71 -33.89
N LYS K 144 73.32 4.24 -32.64
CA LYS K 144 73.54 2.83 -32.32
C LYS K 144 72.26 2.00 -32.37
N LYS K 145 71.23 2.56 -33.01
CA LYS K 145 69.90 1.96 -33.14
C LYS K 145 69.18 1.64 -31.81
N ALA K 146 69.56 2.35 -30.75
CA ALA K 146 68.90 2.22 -29.47
C ALA K 146 67.72 3.17 -29.40
N TYR K 147 66.54 2.63 -29.12
CA TYR K 147 65.35 3.43 -28.85
C TYR K 147 65.42 3.86 -27.40
N LEU K 148 65.59 5.16 -27.16
CA LEU K 148 65.85 5.68 -25.81
C LEU K 148 64.59 6.08 -25.02
N GLY K 149 63.57 6.49 -25.75
CA GLY K 149 62.29 6.90 -25.17
C GLY K 149 61.78 8.19 -25.76
N GLY K 150 61.15 9.01 -24.93
CA GLY K 150 60.78 10.36 -25.33
C GLY K 150 59.63 11.01 -24.59
N ALA K 151 58.81 11.75 -25.35
CA ALA K 151 57.71 12.51 -24.78
C ALA K 151 56.45 12.41 -25.63
N ILE K 152 55.29 12.55 -24.98
CA ILE K 152 53.99 12.50 -25.64
C ILE K 152 53.16 13.72 -25.24
N LEU K 153 52.97 14.63 -26.20
CA LEU K 153 52.03 15.74 -26.06
C LEU K 153 50.71 15.34 -26.71
N PRO K 154 49.58 15.92 -26.24
CA PRO K 154 48.33 15.66 -26.96
C PRO K 154 48.34 16.29 -28.35
N GLY K 155 47.54 15.75 -29.27
CA GLY K 155 47.47 16.26 -30.64
C GLY K 155 46.91 17.67 -30.76
N LEU K 156 46.95 18.23 -31.96
CA LEU K 156 46.45 19.58 -32.20
C LEU K 156 44.93 19.56 -32.27
N ARG K 157 44.39 18.43 -32.73
CA ARG K 157 42.94 18.22 -32.78
C ARG K 157 42.37 18.03 -31.37
N LEU K 158 43.05 17.20 -30.57
CA LEU K 158 42.70 16.99 -29.17
C LEU K 158 42.74 18.27 -28.35
N SER K 159 43.66 19.18 -28.71
CA SER K 159 43.84 20.45 -28.01
C SER K 159 42.78 21.48 -28.39
N ALA K 160 42.35 21.46 -29.64
CA ALA K 160 41.29 22.34 -30.12
C ALA K 160 39.92 21.83 -29.68
N ASP K 161 39.85 20.53 -29.38
CA ASP K 161 38.62 19.91 -28.90
C ASP K 161 38.49 19.87 -27.39
N ALA K 162 39.62 19.77 -26.68
CA ALA K 162 39.63 19.77 -25.20
C ALA K 162 39.13 21.08 -24.62
N LEU K 163 39.49 22.17 -25.30
CA LEU K 163 39.06 23.51 -24.90
C LEU K 163 37.57 23.69 -25.03
N SER K 164 37.02 23.37 -26.19
CA SER K 164 35.58 23.50 -26.48
C SER K 164 34.70 22.50 -25.71
N LYS K 165 35.25 21.32 -25.42
CA LYS K 165 34.53 20.25 -24.71
C LYS K 165 34.35 20.56 -23.22
N ASN K 166 35.37 21.16 -22.62
CA ASN K 166 35.37 21.44 -21.18
C ASN K 166 35.14 22.92 -20.83
N THR K 167 34.34 23.60 -21.66
CA THR K 167 33.99 25.01 -21.45
C THR K 167 32.55 25.25 -21.88
N ALA K 168 31.78 25.97 -21.05
CA ALA K 168 30.41 26.35 -21.37
C ALA K 168 30.35 27.43 -22.45
N VAL K 173 37.50 24.31 -32.96
CA VAL K 173 37.95 25.11 -34.10
C VAL K 173 38.73 24.23 -35.10
N GLU K 174 38.76 24.66 -36.36
CA GLU K 174 39.46 23.91 -37.41
C GLU K 174 40.96 24.23 -37.44
N ILE K 175 41.76 23.20 -37.64
CA ILE K 175 43.22 23.29 -37.52
C ILE K 175 43.86 23.95 -38.74
N LYS K 177 47.22 27.17 -40.35
CA LYS K 177 48.33 28.09 -40.11
C LYS K 177 47.80 29.44 -39.64
N THR K 178 48.30 29.90 -38.49
CA THR K 178 47.88 31.18 -37.92
C THR K 178 49.02 32.18 -38.01
N GLU K 179 48.74 33.32 -38.66
CA GLU K 179 49.72 34.38 -38.83
C GLU K 179 49.61 35.40 -37.71
N SER K 180 48.45 35.42 -37.05
CA SER K 180 48.17 36.39 -36.00
C SER K 180 48.39 35.80 -34.60
N VAL K 181 49.19 36.49 -33.80
CA VAL K 181 49.50 36.05 -32.43
C VAL K 181 48.54 36.68 -31.42
N VAL K 182 48.23 37.96 -31.62
CA VAL K 182 47.25 38.66 -30.79
C VAL K 182 45.85 38.43 -31.34
N GLY K 183 45.03 37.71 -30.57
CA GLY K 183 43.67 37.37 -30.96
C GLY K 183 42.66 38.43 -30.56
N ARG K 184 41.73 38.72 -31.46
CA ARG K 184 40.64 39.67 -31.21
C ARG K 184 39.27 39.01 -31.36
N SER K 185 39.26 37.69 -31.17
CA SER K 185 38.04 36.89 -31.05
C SER K 185 38.37 35.65 -30.21
N THR K 186 37.33 34.99 -29.71
CA THR K 186 37.48 33.73 -28.99
C THR K 186 37.92 32.64 -29.96
N ILE K 187 37.36 32.66 -31.17
CA ILE K 187 37.73 31.70 -32.23
C ILE K 187 39.07 32.05 -32.88
N GLU K 188 39.64 33.19 -32.49
CA GLU K 188 40.90 33.68 -33.03
C GLU K 188 42.04 33.48 -32.04
N SER K 189 41.74 33.67 -30.75
CA SER K 189 42.69 33.45 -29.67
C SER K 189 42.92 31.96 -29.42
N ILE K 190 41.97 31.14 -29.85
CA ILE K 190 42.07 29.69 -29.71
C ILE K 190 43.04 29.06 -30.72
N GLN K 191 43.14 29.66 -31.91
CA GLN K 191 44.07 29.17 -32.93
C GLN K 191 45.39 29.95 -32.94
N SER K 192 45.41 31.09 -32.25
CA SER K 192 46.67 31.78 -31.94
C SER K 192 47.35 31.02 -30.83
N GLY K 193 46.56 30.48 -29.91
CA GLY K 193 47.03 29.61 -28.84
C GLY K 193 47.52 28.27 -29.33
N VAL K 194 46.68 27.57 -30.09
CA VAL K 194 46.99 26.23 -30.60
C VAL K 194 48.21 26.21 -31.53
N TYR K 195 48.26 27.10 -32.51
CA TYR K 195 49.33 27.09 -33.50
C TYR K 195 50.69 27.43 -32.91
N TYR K 196 50.76 28.53 -32.17
CA TYR K 196 52.01 28.98 -31.57
C TYR K 196 52.40 28.24 -30.29
N GLY K 197 51.44 27.54 -29.70
CA GLY K 197 51.71 26.74 -28.51
C GLY K 197 52.45 25.46 -28.82
N VAL K 198 52.00 24.73 -29.83
CA VAL K 198 52.65 23.48 -30.22
C VAL K 198 53.91 23.76 -31.07
N LEU K 199 53.98 24.95 -31.66
CA LEU K 199 55.16 25.38 -32.40
C LEU K 199 56.37 25.51 -31.48
N GLY K 200 56.15 26.06 -30.29
CA GLY K 200 57.22 26.24 -29.31
C GLY K 200 57.37 25.07 -28.34
N ALA K 201 56.34 24.22 -28.32
CA ALA K 201 56.38 22.96 -27.60
C ALA K 201 57.42 22.07 -28.25
N CYS K 202 57.32 21.91 -29.56
CA CYS K 202 58.30 21.18 -30.37
C CYS K 202 59.70 21.77 -30.26
N LYS K 203 59.80 23.11 -30.32
CA LYS K 203 61.08 23.82 -30.24
C LYS K 203 61.80 23.57 -28.91
N GLU K 204 61.04 23.49 -27.83
CA GLU K 204 61.59 23.19 -26.52
C GLU K 204 61.98 21.70 -26.44
N LEU K 205 61.03 20.83 -26.77
CA LEU K 205 61.24 19.36 -26.74
C LEU K 205 62.42 18.88 -27.58
N ILE K 206 62.54 19.40 -28.81
CA ILE K 206 63.65 19.08 -29.71
C ILE K 206 65.02 19.36 -29.06
N GLN K 207 65.21 20.59 -28.56
CA GLN K 207 66.51 20.99 -28.03
C GLN K 207 66.83 20.40 -26.66
N ARG K 208 65.80 19.92 -25.96
CA ARG K 208 65.99 19.26 -24.67
C ARG K 208 66.38 17.80 -24.89
N ILE K 209 65.76 17.17 -25.88
CA ILE K 209 66.11 15.80 -26.31
C ILE K 209 67.51 15.80 -26.93
N HIS K 210 67.76 16.80 -27.77
CA HIS K 210 69.06 17.04 -28.43
C HIS K 210 70.23 17.18 -27.44
N HIS K 211 69.94 17.61 -26.21
CA HIS K 211 70.96 17.79 -25.18
C HIS K 211 70.94 16.73 -24.07
N GLU K 212 69.76 16.24 -23.70
CA GLU K 212 69.68 15.18 -22.70
C GLU K 212 70.01 13.79 -23.25
N ALA K 213 69.52 13.50 -24.45
CA ALA K 213 69.75 12.21 -25.09
C ALA K 213 71.01 12.19 -25.96
N PHE K 214 71.28 13.28 -26.67
CA PHE K 214 72.37 13.31 -27.65
C PHE K 214 73.48 14.32 -27.37
N ASN K 215 73.45 14.93 -26.17
CA ASN K 215 74.47 15.86 -25.63
C ASN K 215 75.15 16.91 -26.55
N GLY K 216 74.48 17.28 -27.63
CA GLY K 216 75.00 18.28 -28.57
C GLY K 216 75.46 17.74 -29.91
N ASP K 217 75.26 16.44 -30.14
CA ASP K 217 75.69 15.79 -31.39
C ASP K 217 74.80 16.15 -32.57
N GLN K 218 75.30 15.88 -33.78
CA GLN K 218 74.55 16.05 -35.02
C GLN K 218 73.36 15.10 -35.05
N ILE K 219 72.16 15.66 -35.01
CA ILE K 219 70.94 14.89 -35.12
C ILE K 219 70.25 15.07 -36.47
N LEU K 220 69.16 14.35 -36.66
CA LEU K 220 68.30 14.51 -37.81
C LEU K 220 66.84 14.46 -37.33
N ILE K 221 65.98 15.29 -37.89
CA ILE K 221 64.60 15.35 -37.42
C ILE K 221 63.61 14.92 -38.50
N LEU K 222 62.81 13.91 -38.16
CA LEU K 222 61.80 13.37 -39.07
C LEU K 222 60.40 13.70 -38.57
N ALA K 223 59.51 13.99 -39.50
CA ALA K 223 58.12 14.29 -39.15
C ALA K 223 57.14 13.48 -39.98
N THR K 224 56.28 12.75 -39.28
CA THR K 224 55.19 11.97 -39.86
C THR K 224 53.86 12.42 -39.23
N GLY K 225 52.75 12.00 -39.83
CA GLY K 225 51.42 12.34 -39.31
C GLY K 225 50.67 13.36 -40.14
N GLY K 226 49.35 13.40 -39.97
CA GLY K 226 48.47 14.28 -40.72
C GLY K 226 48.54 15.77 -40.42
N PHE K 227 49.15 16.13 -39.28
CA PHE K 227 49.25 17.53 -38.88
C PHE K 227 50.69 18.05 -39.00
N ALA K 228 51.51 17.31 -39.74
CA ALA K 228 52.93 17.61 -39.90
C ALA K 228 53.17 18.76 -40.86
N SER K 229 52.36 18.82 -41.90
CA SER K 229 52.51 19.80 -42.99
C SER K 229 52.24 21.25 -42.59
N LEU K 230 51.57 21.45 -41.46
CA LEU K 230 51.32 22.79 -40.91
C LEU K 230 52.59 23.47 -40.36
N PHE K 231 53.70 22.73 -40.35
CA PHE K 231 54.99 23.22 -39.85
C PHE K 231 56.10 22.96 -40.87
N ASP K 232 55.74 23.08 -42.15
CA ASP K 232 56.69 22.87 -43.24
CA ASP K 232 56.68 22.87 -43.25
C ASP K 232 57.47 24.15 -43.53
N LYS K 233 57.05 25.25 -42.91
CA LYS K 233 57.66 26.56 -43.07
C LYS K 233 58.71 26.88 -42.00
N GLN K 234 58.41 26.53 -40.76
CA GLN K 234 59.13 27.09 -39.59
C GLN K 234 60.54 26.55 -39.29
N GLY K 235 61.01 25.58 -40.07
CA GLY K 235 62.33 24.98 -39.87
C GLY K 235 62.38 24.14 -38.60
N LEU K 236 61.33 23.36 -38.40
CA LEU K 236 61.19 22.52 -37.22
C LEU K 236 61.88 21.18 -37.40
N TYR K 237 61.73 20.61 -38.59
CA TYR K 237 62.31 19.31 -38.91
C TYR K 237 63.10 19.35 -40.22
N ASP K 238 63.93 18.32 -40.43
CA ASP K 238 64.70 18.19 -41.65
C ASP K 238 63.92 17.47 -42.77
N HIS K 239 63.22 16.40 -42.40
CA HIS K 239 62.53 15.54 -43.38
C HIS K 239 61.06 15.29 -43.09
N LEU K 240 60.25 15.34 -44.15
CA LEU K 240 58.82 15.07 -44.09
C LEU K 240 58.52 13.73 -44.75
N VAL K 241 58.43 12.68 -43.93
CA VAL K 241 58.12 11.33 -44.42
C VAL K 241 56.73 10.91 -43.93
N PRO K 242 55.69 11.10 -44.78
CA PRO K 242 54.28 10.91 -44.35
C PRO K 242 53.88 9.45 -44.12
N ASP K 243 54.58 8.53 -44.78
CA ASP K 243 54.28 7.12 -44.67
C ASP K 243 55.36 6.38 -43.87
N LEU K 244 55.92 7.03 -42.85
CA LEU K 244 57.00 6.42 -42.03
C LEU K 244 56.56 5.17 -41.28
N VAL K 245 55.33 5.19 -40.77
CA VAL K 245 54.74 4.06 -40.04
C VAL K 245 54.51 2.83 -40.93
N LEU K 246 54.22 3.04 -42.21
CA LEU K 246 53.92 1.94 -43.15
C LEU K 246 55.17 1.30 -43.77
N GLN K 247 56.23 2.09 -43.94
CA GLN K 247 57.56 1.61 -44.34
C GLN K 247 58.15 0.66 -43.28
N GLY K 248 57.95 1.00 -42.02
CA GLY K 248 58.46 0.20 -40.90
C GLY K 248 57.71 -1.09 -40.61
N ILE K 249 56.43 -1.15 -40.99
CA ILE K 249 55.66 -2.39 -40.95
C ILE K 249 56.22 -3.33 -42.01
N ARG K 250 56.43 -2.78 -43.20
CA ARG K 250 56.99 -3.50 -44.33
CA ARG K 250 56.99 -3.50 -44.33
C ARG K 250 58.39 -4.01 -44.03
N LEU K 251 59.17 -3.18 -43.34
CA LEU K 251 60.52 -3.56 -42.91
C LEU K 251 60.53 -4.62 -41.81
N ALA K 252 59.57 -4.53 -40.91
CA ALA K 252 59.42 -5.49 -39.81
C ALA K 252 58.94 -6.87 -40.27
N ALA K 253 58.11 -6.89 -41.32
CA ALA K 253 57.66 -8.15 -41.92
C ALA K 253 58.86 -8.84 -42.57
N MET K 254 59.61 -8.05 -43.32
CA MET K 254 60.83 -8.44 -44.05
C MET K 254 61.87 -9.13 -43.16
N MET K 255 62.07 -8.60 -41.94
CA MET K 255 62.97 -9.18 -40.93
C MET K 255 62.47 -10.51 -40.36
N ASN K 256 61.16 -10.74 -40.42
CA ASN K 256 60.53 -11.88 -39.75
C ASN K 256 59.90 -12.91 -40.68
N THR K 257 60.25 -12.85 -41.97
CA THR K 257 59.67 -13.76 -42.98
C THR K 257 60.71 -14.64 -43.65
N LEU L 3 33.14 43.83 5.46
CA LEU L 3 33.81 42.70 4.75
C LEU L 3 33.14 42.39 3.42
N ILE L 4 33.96 42.20 2.39
CA ILE L 4 33.46 41.91 1.03
C ILE L 4 33.85 40.50 0.57
N LEU L 5 32.84 39.74 0.14
CA LEU L 5 33.01 38.38 -0.39
C LEU L 5 33.06 38.40 -1.91
N CYS L 6 34.18 37.95 -2.47
CA CYS L 6 34.36 37.91 -3.93
C CYS L 6 34.33 36.48 -4.49
N ILE L 7 33.48 36.29 -5.49
CA ILE L 7 33.20 34.96 -6.05
C ILE L 7 33.54 34.93 -7.53
N ASP L 8 34.36 33.95 -7.91
CA ASP L 8 34.79 33.76 -9.29
C ASP L 8 34.31 32.39 -9.78
N VAL L 9 33.37 32.42 -10.73
CA VAL L 9 32.82 31.20 -11.33
C VAL L 9 33.71 30.72 -12.48
N GLY L 10 34.33 29.56 -12.30
CA GLY L 10 35.14 28.95 -13.35
C GLY L 10 34.43 27.78 -13.99
N ASN L 11 35.14 27.04 -14.84
CA ASN L 11 34.60 25.84 -15.47
C ASN L 11 34.65 24.62 -14.55
N SER L 12 35.74 24.50 -13.80
CA SER L 12 35.93 23.38 -12.89
C SER L 12 35.54 23.74 -11.45
N HIS L 13 36.11 24.84 -10.95
CA HIS L 13 35.87 25.26 -9.57
C HIS L 13 35.37 26.70 -9.43
N ILE L 14 34.35 26.88 -8.59
CA ILE L 14 33.85 28.19 -8.17
C ILE L 14 34.74 28.70 -7.02
N TYR L 15 35.66 29.58 -7.36
CA TYR L 15 36.65 30.08 -6.41
C TYR L 15 36.10 31.29 -5.67
N GLY L 16 36.36 31.35 -4.37
CA GLY L 16 35.82 32.40 -3.53
C GLY L 16 36.77 32.87 -2.45
N GLY L 17 36.69 34.16 -2.16
CA GLY L 17 37.52 34.77 -1.11
C GLY L 17 36.76 35.90 -0.44
N VAL L 18 37.18 36.21 0.78
CA VAL L 18 36.58 37.31 1.55
C VAL L 18 37.65 38.27 2.04
N PHE L 19 37.51 39.53 1.63
CA PHE L 19 38.50 40.57 1.91
C PHE L 19 38.22 41.30 3.23
N ASP L 20 39.24 41.38 4.08
CA ASP L 20 39.22 42.28 5.21
C ASP L 20 39.89 43.58 4.76
N GLY L 21 39.12 44.38 4.02
CA GLY L 21 39.62 45.62 3.44
C GLY L 21 40.49 45.36 2.23
N ASP L 22 41.79 45.15 2.48
CA ASP L 22 42.78 45.01 1.42
C ASP L 22 43.22 43.56 1.24
N GLU L 23 43.21 42.81 2.33
CA GLU L 23 43.75 41.44 2.37
C GLU L 23 42.64 40.39 2.45
N ILE L 24 42.92 39.20 1.92
CA ILE L 24 42.01 38.06 2.02
C ILE L 24 42.20 37.35 3.36
N LYS L 25 41.14 37.30 4.15
CA LYS L 25 41.17 36.65 5.46
C LYS L 25 41.03 35.13 5.34
N LEU L 26 40.04 34.69 4.57
CA LEU L 26 39.86 33.26 4.28
C LEU L 26 39.49 33.02 2.82
N ARG L 27 39.94 31.89 2.28
CA ARG L 27 39.60 31.47 0.92
C ARG L 27 39.06 30.05 0.85
N PHE L 28 38.18 29.82 -0.11
CA PHE L 28 37.51 28.54 -0.30
C PHE L 28 37.22 28.22 -1.75
N ARG L 29 36.93 26.96 -2.02
CA ARG L 29 36.68 26.45 -3.35
C ARG L 29 35.47 25.51 -3.38
N HIS L 30 34.67 25.61 -4.45
CA HIS L 30 33.48 24.81 -4.66
C HIS L 30 33.55 24.33 -6.11
N THR L 31 33.00 23.16 -6.41
CA THR L 31 33.00 22.65 -7.79
C THR L 31 31.92 23.36 -8.62
N SER L 32 32.23 23.68 -9.88
CA SER L 32 31.25 24.26 -10.80
C SER L 32 30.31 23.19 -11.35
N LYS L 33 29.08 23.16 -10.86
CA LYS L 33 28.12 22.12 -11.19
C LYS L 33 26.66 22.62 -11.13
N VAL L 34 25.71 21.69 -11.15
CA VAL L 34 24.28 22.02 -11.06
C VAL L 34 23.82 22.17 -9.61
N SER L 35 23.45 23.40 -9.26
CA SER L 35 23.08 23.78 -7.89
C SER L 35 21.98 24.84 -7.88
N THR L 36 21.03 24.69 -6.95
CA THR L 36 19.96 25.68 -6.79
C THR L 36 20.42 26.77 -5.82
N SER L 37 19.58 27.79 -5.62
CA SER L 37 19.91 28.91 -4.74
C SER L 37 20.04 28.48 -3.28
N ASP L 38 19.28 27.46 -2.91
CA ASP L 38 19.32 26.94 -1.55
C ASP L 38 20.58 26.11 -1.29
N GLU L 39 21.01 25.37 -2.29
CA GLU L 39 22.26 24.59 -2.23
C GLU L 39 23.49 25.48 -2.12
N LEU L 40 23.52 26.51 -2.96
CA LEU L 40 24.60 27.50 -2.98
C LEU L 40 24.69 28.31 -1.69
N GLY L 41 23.54 28.78 -1.20
CA GLY L 41 23.46 29.57 0.03
C GLY L 41 23.81 28.81 1.29
N ILE L 42 23.51 27.51 1.31
CA ILE L 42 23.87 26.64 2.43
C ILE L 42 25.38 26.41 2.48
N PHE L 43 25.99 26.11 1.34
CA PHE L 43 27.45 26.08 1.23
C PHE L 43 28.07 27.42 1.64
N LEU L 44 27.56 28.52 1.08
CA LEU L 44 28.07 29.88 1.34
C LEU L 44 28.00 30.37 2.77
N LYS L 45 26.86 30.16 3.43
CA LYS L 45 26.72 30.50 4.84
C LYS L 45 27.52 29.57 5.75
N SER L 46 27.65 28.30 5.36
CA SER L 46 28.34 27.30 6.18
C SER L 46 29.85 27.43 6.10
N VAL L 47 30.38 27.65 4.89
CA VAL L 47 31.84 27.70 4.65
C VAL L 47 32.52 28.90 5.31
N LEU L 48 31.74 29.95 5.59
CA LEU L 48 32.24 31.07 6.36
C LEU L 48 32.20 30.70 7.84
N ARG L 49 31.06 30.18 8.28
CA ARG L 49 30.79 29.85 9.69
C ARG L 49 31.74 28.81 10.27
N GLU L 50 32.09 27.81 9.47
CA GLU L 50 33.02 26.75 9.90
C GLU L 50 34.48 27.23 9.92
N ASN L 51 34.74 28.38 9.30
CA ASN L 51 36.09 28.96 9.22
C ASN L 51 36.32 30.16 10.13
N ASN L 52 35.54 30.22 11.22
CA ASN L 52 35.56 31.33 12.19
C ASN L 52 35.23 32.70 11.58
N CYS L 53 34.09 32.75 10.90
CA CYS L 53 33.61 33.97 10.24
C CYS L 53 32.09 33.91 10.17
N SER L 54 31.42 34.69 11.02
CA SER L 54 29.96 34.74 10.98
C SER L 54 29.49 35.39 9.69
N PRO L 55 28.56 34.73 8.96
CA PRO L 55 28.07 35.17 7.65
C PRO L 55 27.42 36.55 7.64
N GLU L 56 27.10 37.07 8.83
CA GLU L 56 26.40 38.34 9.02
C GLU L 56 27.38 39.52 9.06
N THR L 57 28.68 39.22 9.15
CA THR L 57 29.74 40.23 9.04
C THR L 57 29.91 40.66 7.57
N ILE L 58 29.50 39.79 6.65
CA ILE L 58 29.60 40.05 5.22
C ILE L 58 28.56 41.10 4.79
N ARG L 59 29.05 42.22 4.27
CA ARG L 59 28.21 43.35 3.90
C ARG L 59 28.15 43.53 2.39
N LYS L 60 29.21 43.08 1.70
CA LYS L 60 29.26 43.16 0.25
C LYS L 60 29.59 41.82 -0.42
N ILE L 61 28.96 41.59 -1.57
CA ILE L 61 29.22 40.41 -2.39
C ILE L 61 29.43 40.86 -3.84
N ALA L 62 30.52 40.38 -4.46
CA ALA L 62 30.80 40.68 -5.86
C ALA L 62 31.14 39.43 -6.67
N ILE L 63 30.47 39.26 -7.81
CA ILE L 63 30.55 38.03 -8.60
C ILE L 63 31.08 38.25 -10.04
N CYS L 64 32.17 37.56 -10.35
CA CYS L 64 32.67 37.44 -11.71
C CYS L 64 32.40 36.03 -12.22
N SER L 65 31.83 35.92 -13.40
CA SER L 65 31.37 34.62 -13.90
C SER L 65 31.67 34.37 -15.38
N VAL L 66 32.05 33.13 -15.68
CA VAL L 66 32.28 32.71 -17.05
C VAL L 66 31.26 31.65 -17.47
N VAL L 67 30.59 31.06 -16.48
CA VAL L 67 29.54 30.07 -16.74
C VAL L 67 28.17 30.66 -16.43
N PRO L 68 27.33 30.84 -17.47
CA PRO L 68 26.01 31.48 -17.34
C PRO L 68 24.96 30.60 -16.65
N GLN L 69 25.18 29.29 -16.65
CA GLN L 69 24.24 28.34 -16.05
C GLN L 69 24.27 28.26 -14.53
N VAL L 70 25.18 29.03 -13.93
CA VAL L 70 25.26 29.16 -12.47
C VAL L 70 24.77 30.55 -12.03
N ASP L 71 24.68 31.48 -12.98
CA ASP L 71 24.49 32.91 -12.71
C ASP L 71 23.18 33.36 -12.05
N TYR L 72 22.08 32.67 -12.33
CA TYR L 72 20.78 33.03 -11.73
C TYR L 72 20.67 32.55 -10.27
N SER L 73 21.00 31.28 -10.04
CA SER L 73 20.89 30.68 -8.71
C SER L 73 21.93 31.17 -7.71
N LEU L 74 23.07 31.64 -8.22
CA LEU L 74 24.13 32.23 -7.38
C LEU L 74 23.80 33.65 -6.96
N ARG L 75 23.12 34.38 -7.85
CA ARG L 75 22.59 35.70 -7.54
C ARG L 75 21.48 35.56 -6.51
N SER L 76 20.58 34.61 -6.77
CA SER L 76 19.40 34.36 -5.94
C SER L 76 19.74 33.74 -4.58
N ALA L 77 20.91 33.12 -4.48
CA ALA L 77 21.45 32.63 -3.20
C ALA L 77 21.83 33.78 -2.26
N CYS L 78 22.41 34.83 -2.82
CA CYS L 78 22.86 35.98 -2.04
C CYS L 78 21.70 36.85 -1.51
N VAL L 79 20.62 36.97 -2.30
CA VAL L 79 19.46 37.79 -1.90
C VAL L 79 18.57 37.12 -0.85
N LYS L 80 18.62 35.77 -0.82
CA LYS L 80 17.81 34.99 0.12
CA LYS L 80 17.81 34.99 0.12
C LYS L 80 18.58 34.72 1.41
N TYR L 81 19.88 34.47 1.29
CA TYR L 81 20.70 34.04 2.43
C TYR L 81 21.58 35.12 3.06
N PHE L 82 21.69 36.27 2.40
CA PHE L 82 22.50 37.37 2.94
C PHE L 82 21.77 38.71 2.89
N SER L 83 20.67 38.76 2.13
CA SER L 83 19.91 39.99 1.80
C SER L 83 20.75 41.04 1.05
N ILE L 84 21.71 40.55 0.27
CA ILE L 84 22.62 41.38 -0.51
C ILE L 84 22.38 41.11 -1.99
N ASP L 85 22.15 42.16 -2.76
CA ASP L 85 22.15 42.09 -4.21
C ASP L 85 23.60 42.27 -4.68
N PRO L 86 24.21 41.19 -5.22
CA PRO L 86 25.64 41.20 -5.53
C PRO L 86 26.01 42.05 -6.73
N PHE L 87 27.27 42.50 -6.78
CA PHE L 87 27.80 43.20 -7.94
C PHE L 87 28.14 42.16 -9.02
N LEU L 88 27.57 42.36 -10.21
CA LEU L 88 27.83 41.48 -11.34
C LEU L 88 28.72 42.15 -12.38
N LEU L 89 29.99 41.71 -12.43
CA LEU L 89 30.90 42.08 -13.51
C LEU L 89 30.39 41.44 -14.79
N GLN L 90 29.67 42.21 -15.59
CA GLN L 90 28.99 41.70 -16.77
C GLN L 90 29.18 42.63 -17.97
N ALA L 91 28.11 42.83 -18.73
CA ALA L 91 28.13 43.70 -19.89
C ALA L 91 27.71 45.12 -19.53
N GLY L 92 28.62 46.07 -19.72
CA GLY L 92 28.31 47.49 -19.57
C GLY L 92 28.95 48.21 -18.40
N VAL L 93 29.33 47.47 -17.36
CA VAL L 93 29.88 48.06 -16.12
C VAL L 93 31.24 48.75 -16.31
N LYS L 94 31.60 49.61 -15.36
CA LYS L 94 32.85 50.36 -15.43
C LYS L 94 34.07 49.48 -15.14
N THR L 95 34.80 49.14 -16.20
CA THR L 95 36.04 48.35 -16.11
C THR L 95 37.25 49.29 -16.02
N GLY L 96 37.18 50.39 -16.77
CA GLY L 96 38.24 51.40 -16.80
C GLY L 96 39.34 51.12 -17.81
N LEU L 97 39.05 50.24 -18.77
CA LEU L 97 40.03 49.88 -19.81
C LEU L 97 39.48 49.77 -21.24
N ASN L 98 40.41 49.67 -22.18
CA ASN L 98 40.11 49.66 -23.63
C ASN L 98 40.16 48.26 -24.22
N ILE L 99 38.98 47.73 -24.58
CA ILE L 99 38.87 46.39 -25.17
C ILE L 99 39.07 46.46 -26.69
N LYS L 100 40.08 45.73 -27.18
CA LYS L 100 40.43 45.72 -28.61
C LYS L 100 39.98 44.46 -29.36
N TYR L 101 38.96 43.78 -28.84
CA TYR L 101 38.36 42.64 -29.52
C TYR L 101 37.40 43.10 -30.62
N ARG L 102 36.98 42.16 -31.47
CA ARG L 102 35.90 42.41 -32.44
C ARG L 102 34.62 42.64 -31.66
N ASN L 103 34.16 41.60 -30.97
CA ASN L 103 33.03 41.68 -30.06
C ASN L 103 33.56 41.80 -28.62
N PRO L 104 33.36 42.96 -27.98
CA PRO L 104 33.87 43.24 -26.62
C PRO L 104 33.25 42.40 -25.51
N VAL L 105 32.06 41.84 -25.75
CA VAL L 105 31.37 41.01 -24.75
C VAL L 105 31.77 39.53 -24.84
N GLU L 106 32.51 39.17 -25.89
CA GLU L 106 33.07 37.82 -26.04
C GLU L 106 34.22 37.55 -25.07
N VAL L 107 34.90 38.62 -24.65
CA VAL L 107 35.90 38.57 -23.58
C VAL L 107 35.23 38.07 -22.31
N GLY L 108 35.87 37.11 -21.64
CA GLY L 108 35.35 36.55 -20.40
C GLY L 108 35.50 37.53 -19.24
N ALA L 109 34.66 37.35 -18.22
CA ALA L 109 34.70 38.18 -17.01
C ALA L 109 35.96 37.96 -16.19
N ASP L 110 36.54 36.77 -16.30
CA ASP L 110 37.80 36.43 -15.63
C ASP L 110 38.99 37.16 -16.25
N ARG L 111 38.95 37.34 -17.56
CA ARG L 111 39.99 38.04 -18.32
C ARG L 111 39.98 39.55 -18.06
N ILE L 112 38.80 40.11 -17.81
CA ILE L 112 38.62 41.51 -17.45
C ILE L 112 39.09 41.77 -16.01
N ALA L 113 38.67 40.91 -15.08
CA ALA L 113 39.05 40.99 -13.66
C ALA L 113 40.57 40.87 -13.44
N ASN L 114 41.21 39.98 -14.21
CA ASN L 114 42.67 39.84 -14.18
C ASN L 114 43.39 41.08 -14.72
N ALA L 115 42.86 41.64 -15.81
CA ALA L 115 43.42 42.83 -16.46
C ALA L 115 43.27 44.10 -15.63
N ILE L 116 42.18 44.18 -14.87
CA ILE L 116 41.93 45.29 -13.94
C ILE L 116 42.94 45.29 -12.79
N ALA L 117 43.12 44.14 -12.14
CA ALA L 117 43.98 44.01 -10.96
C ALA L 117 45.47 44.18 -11.22
N ALA L 118 45.94 43.62 -12.35
CA ALA L 118 47.35 43.66 -12.72
C ALA L 118 47.82 45.07 -13.04
N THR L 119 46.94 45.84 -13.68
CA THR L 119 47.24 47.24 -14.03
C THR L 119 47.18 48.17 -12.82
N HIS L 120 46.50 47.73 -11.75
CA HIS L 120 46.40 48.51 -10.51
C HIS L 120 47.67 48.42 -9.69
N SER L 121 48.18 47.20 -9.50
CA SER L 121 49.38 46.97 -8.71
C SER L 121 50.66 47.37 -9.45
N PHE L 122 50.59 47.37 -10.77
CA PHE L 122 51.72 47.70 -11.63
C PHE L 122 51.27 48.70 -12.71
N PRO L 123 51.26 50.00 -12.34
CA PRO L 123 50.49 51.09 -12.96
C PRO L 123 50.90 51.50 -14.39
N ASN L 124 52.15 51.92 -14.58
CA ASN L 124 52.59 52.44 -15.87
C ASN L 124 53.39 51.43 -16.69
N GLN L 125 52.95 50.18 -16.70
CA GLN L 125 53.68 49.10 -17.36
C GLN L 125 52.84 48.30 -18.35
N ASN L 126 53.48 47.82 -19.40
CA ASN L 126 52.90 46.85 -20.32
C ASN L 126 52.94 45.48 -19.66
N ILE L 127 51.84 44.73 -19.77
CA ILE L 127 51.68 43.48 -19.00
C ILE L 127 51.20 42.28 -19.85
N ILE L 128 51.90 41.16 -19.73
CA ILE L 128 51.39 39.85 -20.15
C ILE L 128 50.94 39.09 -18.90
N VAL L 129 49.65 38.83 -18.79
CA VAL L 129 49.12 38.01 -17.70
C VAL L 129 48.84 36.58 -18.18
N ILE L 130 49.52 35.62 -17.55
CA ILE L 130 49.26 34.19 -17.82
C ILE L 130 48.44 33.57 -16.70
N ASP L 131 47.29 33.02 -17.05
CA ASP L 131 46.53 32.19 -16.12
C ASP L 131 46.84 30.73 -16.43
N PHE L 132 47.26 30.01 -15.40
CA PHE L 132 47.48 28.57 -15.48
C PHE L 132 46.32 27.87 -14.76
N GLY L 133 45.14 27.91 -15.37
CA GLY L 133 43.93 27.32 -14.79
C GLY L 133 43.36 26.19 -15.61
N THR L 134 42.06 26.25 -15.89
CA THR L 134 41.35 25.27 -16.74
C THR L 134 41.90 25.32 -18.17
N ALA L 135 42.10 26.54 -18.64
CA ALA L 135 42.84 26.80 -19.86
C ALA L 135 44.10 27.52 -19.47
N THR L 136 45.08 27.56 -20.38
CA THR L 136 46.23 28.42 -20.19
C THR L 136 46.07 29.63 -21.10
N THR L 137 45.75 30.78 -20.49
CA THR L 137 45.43 32.00 -21.23
C THR L 137 46.51 33.07 -21.11
N PHE L 138 46.81 33.71 -22.24
CA PHE L 138 47.80 34.76 -22.32
C PHE L 138 47.08 36.02 -22.77
N CYS L 139 47.28 37.13 -22.04
CA CYS L 139 46.61 38.41 -22.36
C CYS L 139 47.56 39.58 -22.40
N ALA L 140 47.61 40.25 -23.55
CA ALA L 140 48.39 41.47 -23.73
C ALA L 140 47.62 42.71 -23.29
N ILE L 141 48.12 43.37 -22.26
CA ILE L 141 47.58 44.65 -21.79
C ILE L 141 48.69 45.69 -21.83
N SER L 142 48.44 46.79 -22.53
CA SER L 142 49.44 47.86 -22.67
C SER L 142 49.55 48.73 -21.42
N HIS L 143 50.46 49.69 -21.46
CA HIS L 143 50.67 50.67 -20.37
C HIS L 143 49.52 51.69 -20.28
N LYS L 144 48.77 51.82 -21.37
CA LYS L 144 47.65 52.76 -21.48
C LYS L 144 46.30 52.14 -21.17
N LYS L 145 46.30 51.13 -20.28
CA LYS L 145 45.10 50.39 -19.88
CA LYS L 145 45.11 50.36 -19.89
C LYS L 145 44.28 49.93 -21.09
N ALA L 146 44.93 49.15 -21.96
CA ALA L 146 44.30 48.66 -23.19
C ALA L 146 44.50 47.17 -23.37
N TYR L 147 43.42 46.41 -23.17
CA TYR L 147 43.39 44.98 -23.42
C TYR L 147 43.41 44.74 -24.93
N LEU L 148 44.61 44.51 -25.45
CA LEU L 148 44.84 44.30 -26.89
C LEU L 148 44.34 42.93 -27.36
N GLY L 149 44.34 41.96 -26.45
CA GLY L 149 43.91 40.59 -26.76
C GLY L 149 44.92 39.57 -26.30
N GLY L 150 44.95 38.41 -26.96
CA GLY L 150 45.96 37.40 -26.69
C GLY L 150 45.72 36.02 -27.26
N ALA L 151 45.86 35.01 -26.41
CA ALA L 151 45.78 33.61 -26.83
C ALA L 151 45.20 32.69 -25.73
N ILE L 152 44.59 31.58 -26.17
CA ILE L 152 44.08 30.57 -25.25
C ILE L 152 44.48 29.15 -25.67
N LEU L 153 45.35 28.57 -24.86
CA LEU L 153 45.81 27.18 -24.97
C LEU L 153 44.96 26.30 -24.06
N PRO L 154 44.99 24.97 -24.25
CA PRO L 154 44.39 24.14 -23.21
C PRO L 154 45.27 24.08 -21.96
N GLY L 155 44.66 23.90 -20.80
CA GLY L 155 45.37 23.87 -19.53
C GLY L 155 46.14 22.59 -19.34
N LEU L 156 46.92 22.52 -18.26
CA LEU L 156 47.76 21.35 -18.01
C LEU L 156 46.93 20.13 -17.63
N ARG L 157 45.85 20.36 -16.90
CA ARG L 157 44.92 19.31 -16.50
C ARG L 157 44.16 18.76 -17.70
N LEU L 158 43.61 19.66 -18.53
CA LEU L 158 42.85 19.28 -19.72
C LEU L 158 43.65 18.48 -20.75
N SER L 159 44.91 18.87 -20.93
CA SER L 159 45.79 18.25 -21.91
C SER L 159 46.21 16.84 -21.51
N ALA L 160 46.51 16.67 -20.22
CA ALA L 160 46.88 15.37 -19.67
C ALA L 160 45.68 14.42 -19.57
N ASP L 161 44.48 14.98 -19.44
CA ASP L 161 43.24 14.20 -19.36
C ASP L 161 42.69 13.78 -20.72
N ALA L 162 42.92 14.60 -21.75
CA ALA L 162 42.49 14.28 -23.12
C ALA L 162 43.33 13.17 -23.75
N LEU L 163 44.57 13.02 -23.26
CA LEU L 163 45.45 11.93 -23.67
C LEU L 163 44.98 10.57 -23.16
N SER L 164 44.50 10.54 -21.92
CA SER L 164 43.99 9.30 -21.31
C SER L 164 42.57 8.95 -21.75
N LYS L 165 41.83 9.96 -22.23
CA LYS L 165 40.42 9.82 -22.60
C LYS L 165 40.22 9.04 -23.91
N ASN L 166 41.07 9.33 -24.90
CA ASN L 166 40.88 8.83 -26.27
C ASN L 166 41.89 7.79 -26.75
N THR L 167 42.82 7.40 -25.89
CA THR L 167 43.83 6.39 -26.25
C THR L 167 43.36 4.95 -25.96
N VAL L 173 46.96 11.50 -15.22
CA VAL L 173 48.32 11.47 -14.70
C VAL L 173 48.58 12.69 -13.80
N GLU L 174 49.52 12.56 -12.86
CA GLU L 174 49.80 13.62 -11.89
C GLU L 174 50.86 14.60 -12.43
N ILE L 175 50.50 15.87 -12.46
CA ILE L 175 51.36 16.91 -13.05
C ILE L 175 52.49 17.31 -12.10
N ILE L 176 53.68 16.77 -12.36
CA ILE L 176 54.87 17.04 -11.55
C ILE L 176 55.96 17.75 -12.36
N LYS L 177 56.89 18.39 -11.66
CA LYS L 177 58.05 19.03 -12.28
C LYS L 177 59.03 17.97 -12.79
N THR L 178 59.02 17.77 -14.09
CA THR L 178 59.88 16.75 -14.73
C THR L 178 61.28 17.26 -14.96
N GLU L 179 62.25 16.39 -14.72
CA GLU L 179 63.66 16.72 -14.92
CA GLU L 179 63.67 16.70 -14.90
C GLU L 179 64.19 16.10 -16.20
N SER L 180 63.50 15.07 -16.67
CA SER L 180 63.85 14.38 -17.92
C SER L 180 62.88 14.72 -19.05
N VAL L 181 63.38 14.61 -20.27
CA VAL L 181 62.54 14.67 -21.46
C VAL L 181 62.43 13.30 -22.12
N VAL L 182 63.43 12.45 -21.86
CA VAL L 182 63.46 11.08 -22.35
C VAL L 182 62.82 10.19 -21.29
N GLY L 183 61.52 9.98 -21.41
CA GLY L 183 60.78 9.14 -20.47
C GLY L 183 61.00 7.66 -20.74
N ARG L 184 61.36 6.91 -19.70
CA ARG L 184 61.59 5.47 -19.83
C ARG L 184 60.33 4.65 -19.48
N SER L 185 59.22 5.38 -19.29
CA SER L 185 57.91 4.78 -19.10
CA SER L 185 57.90 4.81 -19.05
C SER L 185 56.86 5.62 -19.82
N THR L 186 55.70 5.04 -20.07
CA THR L 186 54.60 5.76 -20.73
C THR L 186 53.98 6.82 -19.82
N ILE L 187 54.08 6.61 -18.51
CA ILE L 187 53.70 7.60 -17.49
C ILE L 187 54.68 8.78 -17.52
N GLU L 188 55.96 8.49 -17.69
CA GLU L 188 57.00 9.52 -17.73
C GLU L 188 56.94 10.38 -19.00
N SER L 189 56.64 9.76 -20.13
CA SER L 189 56.53 10.45 -21.43
C SER L 189 55.37 11.45 -21.54
N ILE L 190 54.26 11.21 -20.83
CA ILE L 190 53.15 12.15 -20.80
C ILE L 190 53.47 13.34 -19.88
N GLN L 191 54.16 13.06 -18.77
CA GLN L 191 54.55 14.08 -17.80
C GLN L 191 55.68 14.99 -18.31
N SER L 192 56.61 14.41 -19.07
CA SER L 192 57.66 15.17 -19.76
C SER L 192 57.06 15.99 -20.89
N GLY L 193 55.94 15.50 -21.43
CA GLY L 193 55.20 16.17 -22.50
C GLY L 193 54.56 17.49 -22.09
N VAL L 194 53.62 17.43 -21.15
CA VAL L 194 52.86 18.64 -20.72
C VAL L 194 53.70 19.70 -20.00
N TYR L 195 54.81 19.29 -19.40
CA TYR L 195 55.68 20.23 -18.71
C TYR L 195 56.52 21.02 -19.70
N TYR L 196 57.36 20.31 -20.46
CA TYR L 196 58.28 20.95 -21.39
C TYR L 196 57.60 21.49 -22.64
N GLY L 197 56.41 20.97 -22.93
CA GLY L 197 55.64 21.40 -24.08
C GLY L 197 54.73 22.58 -23.82
N VAL L 198 54.64 22.99 -22.55
CA VAL L 198 53.95 24.23 -22.21
C VAL L 198 54.97 25.28 -21.75
N LEU L 199 56.11 24.82 -21.23
CA LEU L 199 57.24 25.69 -20.89
C LEU L 199 57.79 26.37 -22.14
N GLY L 200 57.70 25.65 -23.27
CA GLY L 200 58.11 26.18 -24.56
C GLY L 200 56.96 26.80 -25.34
N ALA L 201 55.73 26.44 -24.97
CA ALA L 201 54.54 27.12 -25.47
C ALA L 201 54.46 28.53 -24.91
N CYS L 202 54.90 28.69 -23.68
CA CYS L 202 54.97 29.99 -23.02
C CYS L 202 56.06 30.87 -23.63
N LYS L 203 57.24 30.31 -23.84
CA LYS L 203 58.35 31.01 -24.50
C LYS L 203 57.98 31.48 -25.89
N GLU L 204 57.22 30.65 -26.60
CA GLU L 204 56.73 30.98 -27.93
C GLU L 204 55.59 31.97 -27.90
N LEU L 205 54.76 31.94 -26.86
CA LEU L 205 53.73 32.95 -26.73
C LEU L 205 54.24 34.28 -26.16
N ILE L 206 54.97 34.24 -25.03
CA ILE L 206 55.55 35.44 -24.39
C ILE L 206 56.35 36.33 -25.36
N GLN L 207 57.15 35.72 -26.23
CA GLN L 207 58.02 36.46 -27.15
C GLN L 207 57.39 36.86 -28.48
N ARG L 208 56.43 36.09 -28.97
CA ARG L 208 55.74 36.44 -30.23
C ARG L 208 54.70 37.54 -30.02
N ILE L 209 54.12 37.60 -28.81
CA ILE L 209 53.24 38.71 -28.42
C ILE L 209 54.09 39.97 -28.16
N HIS L 210 55.28 39.77 -27.59
CA HIS L 210 56.23 40.83 -27.24
C HIS L 210 56.51 41.83 -28.37
N HIS L 211 56.44 41.34 -29.61
CA HIS L 211 56.65 42.16 -30.81
C HIS L 211 55.34 42.51 -31.52
N GLU L 212 54.34 41.62 -31.43
CA GLU L 212 53.05 41.86 -32.06
C GLU L 212 52.16 42.84 -31.30
N ALA L 213 52.45 43.05 -30.02
CA ALA L 213 51.58 43.88 -29.16
C ALA L 213 52.30 45.07 -28.54
N PHE L 214 53.62 44.99 -28.42
CA PHE L 214 54.40 46.06 -27.78
C PHE L 214 55.60 46.48 -28.63
N ASN L 215 55.66 45.98 -29.86
CA ASN L 215 56.84 46.04 -30.76
C ASN L 215 58.25 45.95 -30.15
N GLY L 216 58.38 45.20 -29.06
CA GLY L 216 59.68 44.98 -28.41
C GLY L 216 59.96 45.75 -27.13
N ASP L 217 58.94 46.43 -26.60
CA ASP L 217 59.10 47.32 -25.43
C ASP L 217 59.29 46.59 -24.10
N GLN L 218 59.49 47.37 -23.03
CA GLN L 218 59.69 46.84 -21.68
C GLN L 218 58.37 46.36 -21.07
N ILE L 219 58.32 45.07 -20.73
CA ILE L 219 57.09 44.46 -20.24
C ILE L 219 57.24 43.78 -18.87
N LEU L 220 56.09 43.51 -18.25
CA LEU L 220 56.03 42.72 -17.03
C LEU L 220 55.18 41.49 -17.28
N ILE L 221 55.63 40.35 -16.74
CA ILE L 221 54.94 39.08 -16.92
C ILE L 221 54.40 38.58 -15.59
N LEU L 222 53.08 38.63 -15.43
CA LEU L 222 52.42 38.10 -14.24
C LEU L 222 51.82 36.72 -14.51
N ALA L 223 51.97 35.82 -13.54
CA ALA L 223 51.36 34.50 -13.62
C ALA L 223 50.48 34.22 -12.41
N THR L 224 49.38 33.51 -12.67
CA THR L 224 48.38 33.20 -11.66
C THR L 224 47.79 31.80 -11.90
N GLY L 225 47.04 31.29 -10.93
CA GLY L 225 46.40 29.98 -11.05
C GLY L 225 46.98 28.94 -10.11
N GLY L 226 46.73 27.66 -10.42
CA GLY L 226 47.22 26.54 -9.61
C GLY L 226 48.49 25.90 -10.17
N PHE L 227 48.58 25.87 -11.50
CA PHE L 227 49.74 25.29 -12.18
C PHE L 227 50.83 26.34 -12.46
N ALA L 228 50.67 27.51 -11.87
CA ALA L 228 51.59 28.63 -12.08
C ALA L 228 52.91 28.46 -11.33
N SER L 229 52.84 27.75 -10.20
CA SER L 229 53.97 27.56 -9.30
C SER L 229 55.08 26.75 -9.96
N LEU L 230 54.70 25.76 -10.75
CA LEU L 230 55.63 24.78 -11.33
C LEU L 230 56.59 25.33 -12.39
N PHE L 231 56.54 26.64 -12.63
CA PHE L 231 57.43 27.31 -13.59
C PHE L 231 58.18 28.51 -12.98
N ASP L 232 58.33 28.52 -11.66
CA ASP L 232 58.99 29.62 -10.96
C ASP L 232 60.52 29.50 -11.01
N LYS L 233 61.01 28.28 -11.26
CA LYS L 233 62.43 28.01 -11.37
C LYS L 233 63.04 28.54 -12.67
N GLN L 234 62.35 28.28 -13.80
CA GLN L 234 62.87 28.54 -15.14
C GLN L 234 63.15 30.01 -15.49
N GLY L 235 62.57 30.93 -14.72
CA GLY L 235 62.70 32.37 -15.00
C GLY L 235 61.86 32.74 -16.21
N LEU L 236 60.58 32.39 -16.14
CA LEU L 236 59.65 32.57 -17.25
C LEU L 236 58.78 33.81 -17.05
N TYR L 237 58.26 33.97 -15.85
CA TYR L 237 57.47 35.13 -15.44
C TYR L 237 58.15 35.85 -14.27
N ASP L 238 57.79 37.11 -14.08
CA ASP L 238 58.36 37.92 -12.99
C ASP L 238 57.65 37.69 -11.67
N HIS L 239 56.33 37.86 -11.65
CA HIS L 239 55.55 37.76 -10.40
C HIS L 239 54.55 36.63 -10.43
N LEU L 240 54.49 35.90 -9.31
CA LEU L 240 53.42 34.95 -9.06
C LEU L 240 52.43 35.60 -8.08
N VAL L 241 51.28 36.01 -8.61
CA VAL L 241 50.18 36.54 -7.78
C VAL L 241 48.99 35.60 -7.91
N PRO L 242 48.76 34.73 -6.89
CA PRO L 242 47.72 33.70 -6.97
C PRO L 242 46.29 34.22 -6.85
N ASP L 243 46.11 35.41 -6.28
CA ASP L 243 44.78 35.94 -6.00
C ASP L 243 44.37 37.06 -6.94
N LEU L 244 45.02 37.14 -8.09
CA LEU L 244 44.82 38.24 -9.05
C LEU L 244 43.36 38.43 -9.50
N VAL L 245 42.67 37.33 -9.76
CA VAL L 245 41.27 37.39 -10.20
C VAL L 245 40.35 37.96 -9.12
N LEU L 246 40.57 37.58 -7.85
CA LEU L 246 39.76 38.03 -6.72
C LEU L 246 39.98 39.51 -6.36
N GLN L 247 41.24 39.95 -6.48
CA GLN L 247 41.63 41.37 -6.35
C GLN L 247 40.83 42.26 -7.29
N GLY L 248 40.68 41.82 -8.54
CA GLY L 248 40.04 42.60 -9.59
C GLY L 248 38.52 42.50 -9.70
N ILE L 249 37.90 41.63 -8.90
CA ILE L 249 36.44 41.62 -8.73
C ILE L 249 36.09 42.67 -7.67
N ARG L 250 36.93 42.71 -6.63
CA ARG L 250 36.88 43.71 -5.55
C ARG L 250 37.09 45.13 -6.11
N LEU L 251 38.07 45.26 -7.02
CA LEU L 251 38.38 46.51 -7.69
C LEU L 251 37.27 46.98 -8.64
N ALA L 252 36.66 46.05 -9.36
CA ALA L 252 35.56 46.36 -10.28
C ALA L 252 34.29 46.76 -9.52
N ALA L 253 34.15 46.24 -8.30
CA ALA L 253 33.05 46.60 -7.41
C ALA L 253 33.28 47.98 -6.79
N MET L 254 34.55 48.35 -6.67
CA MET L 254 34.99 49.60 -6.05
C MET L 254 34.74 50.78 -6.99
N MET L 255 34.99 50.56 -8.28
CA MET L 255 34.76 51.55 -9.33
C MET L 255 33.27 51.71 -9.62
N ASN L 256 32.49 50.72 -9.21
CA ASN L 256 31.04 50.72 -9.44
C ASN L 256 30.25 50.86 -8.14
N THR L 257 30.88 51.46 -7.14
CA THR L 257 30.28 51.61 -5.81
C THR L 257 29.25 52.76 -5.77
C1 GOL M . -29.30 13.98 12.12
O1 GOL M . -28.32 12.99 12.35
C2 GOL M . -30.48 13.37 11.36
O2 GOL M . -31.30 14.41 10.88
C3 GOL M . -31.29 12.46 12.28
O3 GOL M . -32.62 12.36 11.83
C1 GOL N . -32.92 5.35 31.24
O1 GOL N . -31.92 5.02 30.30
C2 GOL N . -34.14 4.49 30.99
O2 GOL N . -35.32 5.26 31.19
C3 GOL N . -34.12 3.29 31.93
O3 GOL N . -35.17 3.36 32.88
C1 GOL O . -17.11 14.32 23.02
O1 GOL O . -17.39 14.85 21.74
C2 GOL O . -18.35 13.70 23.65
O2 GOL O . -19.39 13.56 22.72
C3 GOL O . -18.85 14.56 24.80
O3 GOL O . -17.92 14.57 25.86
C1 GOL P . -36.61 -1.45 28.80
O1 GOL P . -37.70 -0.80 29.42
C2 GOL P . -35.87 -2.29 29.83
O2 GOL P . -36.47 -3.57 29.90
C3 GOL P . -34.40 -2.42 29.47
O3 GOL P . -33.61 -1.93 30.53
C1 GOL Q . -31.89 4.22 35.51
O1 GOL Q . -30.93 5.15 35.04
C2 GOL Q . -32.91 4.97 36.36
O2 GOL Q . -32.92 4.42 37.65
C3 GOL Q . -34.29 4.82 35.72
O3 GOL Q . -35.11 5.92 36.04
C1 GOL R . -40.43 -55.30 13.53
O1 GOL R . -41.27 -55.92 14.49
C2 GOL R . -41.22 -54.28 12.74
O2 GOL R . -42.43 -53.97 13.41
C3 GOL R . -41.55 -54.84 11.35
O3 GOL R . -42.17 -53.84 10.58
C1 GOL S . -19.42 -29.63 7.86
O1 GOL S . -18.02 -29.67 7.67
C2 GOL S . -19.88 -28.18 7.80
O2 GOL S . -19.80 -27.55 9.07
C3 GOL S . -21.31 -28.11 7.26
O3 GOL S . -21.30 -27.33 6.08
C1 GOL T . 7.18 21.20 -28.60
O1 GOL T . 6.33 20.29 -29.26
C2 GOL T . 6.34 22.26 -27.87
O2 GOL T . 5.50 22.91 -28.80
C3 GOL T . 7.25 23.29 -27.23
O3 GOL T . 7.57 22.90 -25.90
C1 GOL U . 6.96 16.62 -15.06
O1 GOL U . 7.74 17.49 -14.28
C2 GOL U . 7.30 15.18 -14.72
O2 GOL U . 8.59 14.87 -15.20
C3 GOL U . 6.29 14.25 -15.37
O3 GOL U . 5.28 13.93 -14.42
C1 GOL V . 29.61 -2.91 -25.59
O1 GOL V . 30.96 -2.73 -25.99
C2 GOL V . 29.50 -3.85 -24.40
O2 GOL V . 30.26 -5.03 -24.62
C3 GOL V . 29.96 -3.17 -23.12
O3 GOL V . 29.47 -3.89 -22.01
C1 GOL W . 49.66 22.16 -27.41
O1 GOL W . 50.32 20.95 -27.74
C2 GOL W . 50.09 22.66 -26.03
O2 GOL W . 51.42 23.13 -26.06
C3 GOL W . 49.90 21.58 -24.97
O3 GOL W . 48.57 21.65 -24.50
#